data_8CLL
#
_entry.id   8CLL
#
_cell.length_a   1.00
_cell.length_b   1.00
_cell.length_c   1.00
_cell.angle_alpha   90.00
_cell.angle_beta   90.00
_cell.angle_gamma   90.00
#
_symmetry.space_group_name_H-M   'P 1'
#
loop_
_entity.id
_entity.type
_entity.pdbx_description
1 polymer 'General transcription factor 3C polypeptide 1'
2 polymer 'General transcription factor 3C polypeptide 4'
3 polymer 'General transcription factor 3C polypeptide 2'
4 non-polymer 'ZINC ION'
#
loop_
_entity_poly.entity_id
_entity_poly.type
_entity_poly.pdbx_seq_one_letter_code
_entity_poly.pdbx_strand_id
1 'polypeptide(L)'
;MDALESLLDEVALEGLDGLCLPALWSRLETRVPPFPLPLEPCTQEFLWRALATHPGISFYEEPRERPDLQLQDRYEEIDL
ETGILESRRDPVALEDVYPIHMILENKDGIQGSCRYFKERKNITNDIRTKSLQPRCTMVEAFDRWGKKLIIVASQAMRYR
ALIGQEGDPDLKLPDFSYCILERLGRSRWQGELQRDLHTTAFKVDAGKLHYHRKILNKNGLITMQSHVIRLPTGAQQHSI
LLLLNRFHVDRRSKYDILMEKLSVMLSTRTNHIETLGKLREELGLCERTFKRLYQYMLNAGLAKVVSLRLQEIHPECGPC
KTKKGTDVMVRCLKLLKEFKRNDHDDDEDEEVISKTVPPVDIVFERDMLTQTYDLIERRGTKGISQAEIRVAMNVGKLEA
RMLCRLLQRFKVVKGFMEDEGRQRTTKYISCVFAEESDLSRQYQREKARSELLTTVSLASMQEESLLPEGEDTFLSESDS
EEERSSSKRRGRGSQKDTRASANLRPKTQPHHSTPTKGGWKVVNLHPLKKQPPSFPGAAEERACQSLASRDSLLDTSSVS
EPNVSFVSHCADSNSGDIAVIEEVRMENPKESSSSLKTGRHSSGQDKPHETYRLLKRRNLIIEAVTNLRLIESLFTIQKM
IMDQEKQEGVSTKCCKKSIVRLVRNLSEEGLLRLYRTTVIQDGIKKKVDLVVHPSMDQNDPLVRSAIEQVRFRISNSSTA
NRVKTSQPPVPQGEAEEDSQGKEGPSGSGDSQLSASSRSESGRMKKSDNKMGITPLRNYHPIVVPGLGRSLGFLPKMPRL
RVVHMFLWYLIYGHPASNTVEKPSFISERRTIKQESGRAGVRPSSSGSAWEACSEAPSKGSQDGVTWEAEVELATETVYV
DDASWMRYIPPIPVHRDFGFGWALVSDILLCLPLSIFIQIVQVSYKVDNLEEFLNDPLKKHTLIRFLPRPIRQQLLYKRR
YIFSVVENLQRLCYMGLLQFGPTEKFQDKDQVFIFLKKNAVIVDTTICDPHYNLARSSRPFERRLYVLNSMQDVENYWFD
LQCVCLNTPLGVVRCPRVRKNSSTDQGSDEEGSLQKEQESAMDKHNLERKCAMLEYTTGSREVVDEGLIPGDGLGAAGLD
SSFYGHLKRNWIWTSYIINQAKKENTAAENGLTVRLQTFLSKRPMPLSARGNSRLNIWGEARVGSELCAGWEEQFEVDRE
PSLDRNRRVRGGKSQKRKRLKKDPGKKIKRKKKGEFPGEKSKRLRYHDEADQSALQRMTRLRVTWSMQEDGLLVLCRIAS
NVLNTKVKGPFVTWQVVRDILHATFEESLDKTSHSVGRRARYIVKNPQAYLNYKVCLAEVYQDKALVGDFMNRRGDYDDP
KVCANEFKEFVEKLKEKFSSALRNSNLEIPDTLQELFARYRVLAIGDEKDQTRKEDELNSVDDIHFLVLQNLIQSTLALS
DSQMKSYQSFQTFRLYREYKDHVLVKAFMECQKRSLVNRRRVNHTLGPKKNRALPFVPMSYQLSQTYYRIFTWRFPSTIC
TESFQFLDRMRAAGKLDQPDRFSFKDQDNNEPTNDMVAFSLDGPGGNCVAVLTLFSLGLISVDVRIPEQIIVVDSSMVEN
EVIKSLGKDGSLEDDEDEEDDLDEGVGGKRRSMEVKPAQASHTNYLLMRGYYSPGIVSTRNLNPNDSIVVNSCQMKFQLR
CTPVPARLRPAAAPLEELTMGTSCLPDTFTKLINPQENTCSLEEFVLQLELSGYSPEDLTAALEILEAIIATGCFGIDKE
ELRRRFSALEKAGGGRTRTFADCIQALLEQHQVLEVGGNTARLVAMGSAWPWLLHSVRLKDREDADIQREDPQARPLEGS
SSEDSPPEGQAPPSHSPRGTKRRASWASENGETDAEGTQMTPAKRPALQDSNLAPSLGPGAEDGAEAQAPSPPPALEDTA
AAGAAQEDQEGVGEFSSPGQEQLSGQAQPPEGSEDPRGFTESFGAANISQAARERDCESVCFIGRPWRVVDGHLNLPVCK
GMMEAMLYHIMTRPGIPESSLLRHYQGVLQPVAVLELLQGLESLGCIRKRWLRKPRPVSLFSTPVVEEVEVPSSLDESPM
AFYEPTLDCTLRLGRVFPHEVNWNKWIHLGGGSGGGSGGSLEVLFQGPGSGSDYKDDDDKGDYKDDDDKGDYKDDDDK
;
A,F
2 'polypeptide(L)'
;MNTADQARVGPADDGPAPSGEEEGEGGGEAGGKEPAADAAPGPSAAFRLMVTRREPAVKLQYAVSGLEPLAWSEDHRVSV
STARSIAVLELICDVHNPGQDLVIHRTSVPAPLNSCLLKVGSKTEVAECKEKFAASKDPTVSQTFMLDRVFNPEGKALPP
MRGFKYTSWSPMGCDANGRCLLAALTMDNRLTIQANLNRLQWVQLVDLTEIYGERLYETSYRLSKNEAPEGNLGDFAEFQ
RRHSMQTPVRMEWSGICTTQQVKHNNECRDVGSVLLAVLFENGNIAVWQFQLPFVGKESISSCNTIESGITSPSVLFWWE
YEHNNRKMSGLIVGSAFGPIKILPVNLKAVKGYFTLRQPVILWKEMDQLPVHSIKCVPLYHPYQKCSCSLVVAARGSYVF
WCLLLISKAGLNVHNSHVTGLHSLPIVSMTADKQNGTVYTCSSDGKVRQLIPIFTDVALKFEHQLIKLSDVFGSVRTHGI
AVSPCGAYLAIITTEGMINGLHPVNKNYQVQFVTLKTFEEAAAQLLESSVQNLFKQVDLIDLVRWKILKDKHIPQFLQEA
LEKKIESSGVTYFWRFKLFLLRILYQSMQKTPSEALWKPTHEDSKILLVDSPGMGNADDEQQEEGTSSKQVVKQGLQERS
KEGDVEEPTDDSLPTTGDAGGREPMEEKLLEIQGKIEAVEMHLTREHMKRVLGEVYLHTWITENTSIPTRGLCNFLMSDE
EYDDRTARVLIGHISKKMNKQTFPEHCSLCKEILPFTDRKQAVCSNGHIWLRCFLTYQSCQSLIYRRCLLHDSIARHPAP
EDPDWIKRLLQSPCPFCDSPVF
;
B,G
3 'polypeptide(L)'
;MHHHHHHENLYFQGMDTCGVGYVALGEAGPVGNMTVVDSPGQEVLNQLDVKTSSEMTSAEASVEMSLPTPLPGFEDSPDQ
RRLPPEQESLSRLEQPDLSSEMSKVSKPRASKPGRKRGGRTRKGPKRPQQPNPPSAPLVPGLLDQSNPLSTPMPKKRGRK
SKAELLLLKLSKDLDRPESQSPKRPPEDFETPSGERPRRRAAQVALLYLQELAEELSTALPAPVSCPEGPKVSSPTKPKK
IRQPAACPGGEEVDGAPRDEDFFLQVEAEDVEESEGPSESSSEPEPVVPRSTPRGSTSGKQKPHCRGMAPNGLPNHIMAP
VWKCLHLTKDFREQKHSYWEFAEWIPLAWKWHLLSELEAAPYLPQEEKSPLFSVQREGLPEDGTLYRINRFSSITAHPER
WDVSFFTGGPLWALDWCPVPEGAGASQYVALFSSPDMNETHPLSQLHSGPGLLQLWGLGTLQQESCPGNRAHFVYGIACD
NGCIWDLKFCPSGAWELPGTPRKAPLLPRLGLLALACSDGKVLLFSLPHPEALLAQQPPDAVKPAIYKVQCVATLQVGSM
QATDPSECGQCLSLAWMPTRPHQHLAAGYYNGMVVFWNLPTNSPLQRIRLSDGSLKLYPFQCFLAHDQAVRTLQWCKANS
HFLVSAGSDRKIKFWDLRRPYEPINSIKRFLSTELAWLLPYNGVTVAQDNCYASYGLCGIHYIDAGYLGFKAYFTAPRKG
TVWSLSGSDWLGTIAAGDISGELIAAILPDMALNPINVKRPVERRFPIYKADLIPYQDSPEGPDHSSASSGVPNPPKART
YTETVNHHYLLFQDTDLGSFHDLLRREPMLRMQEGEGHSQLCLDRLQLEAIHKVRFSPNLDSYGWLVSGGQSGLVRIHFV
RGLASPLGHRMQLESRAHFNAMFQPSSPTRRPGFSPTSHRLLPTP
;
C,H
#
# COMPACT_ATOMS: atom_id res chain seq x y z
N MET A 1 66.17 -4.68 55.02
CA MET A 1 65.77 -5.35 53.80
C MET A 1 66.80 -6.44 53.45
N ASP A 2 66.34 -7.47 52.74
CA ASP A 2 67.22 -8.54 52.29
C ASP A 2 68.40 -7.98 51.50
N ALA A 3 69.58 -8.57 51.75
CA ALA A 3 70.77 -8.26 50.98
C ALA A 3 70.54 -8.48 49.49
N LEU A 4 70.05 -9.68 49.12
CA LEU A 4 69.88 -10.01 47.71
C LEU A 4 68.74 -9.23 47.08
N GLU A 5 67.69 -8.91 47.85
CA GLU A 5 66.72 -7.92 47.42
C GLU A 5 67.42 -6.59 47.11
N SER A 6 68.24 -6.11 48.04
CA SER A 6 68.93 -4.84 47.82
C SER A 6 69.94 -4.91 46.68
N LEU A 7 70.55 -6.08 46.46
CA LEU A 7 71.39 -6.26 45.30
C LEU A 7 70.62 -6.02 44.01
N LEU A 8 69.50 -6.72 43.84
CA LEU A 8 68.67 -6.55 42.64
C LEU A 8 68.10 -5.13 42.55
N ASP A 9 67.70 -4.56 43.68
CA ASP A 9 67.24 -3.17 43.71
C ASP A 9 68.29 -2.21 43.16
N GLU A 10 69.55 -2.36 43.57
CA GLU A 10 70.60 -1.49 43.06
C GLU A 10 70.80 -1.66 41.55
N VAL A 11 70.70 -2.89 41.05
CA VAL A 11 70.73 -3.08 39.60
C VAL A 11 69.50 -2.47 38.94
N ALA A 12 68.31 -2.78 39.46
CA ALA A 12 67.07 -2.32 38.86
C ALA A 12 66.85 -0.81 38.98
N LEU A 13 67.53 -0.13 39.90
CA LEU A 13 67.43 1.32 39.97
C LEU A 13 68.26 2.06 38.94
N GLU A 14 69.27 1.43 38.33
CA GLU A 14 69.77 1.99 37.09
C GLU A 14 68.83 1.67 35.93
N GLY A 15 68.99 2.46 34.86
CA GLY A 15 68.17 2.31 33.67
C GLY A 15 68.55 1.18 32.75
N LEU A 16 67.99 1.27 31.54
CA LEU A 16 68.33 0.38 30.42
C LEU A 16 69.82 0.36 30.11
N ASP A 17 70.57 1.37 30.52
CA ASP A 17 72.02 1.35 30.42
C ASP A 17 72.70 0.55 31.52
N GLY A 18 71.99 0.22 32.60
CA GLY A 18 72.46 -0.67 33.65
C GLY A 18 73.78 -0.27 34.30
N LEU A 19 74.44 -1.28 34.88
CA LEU A 19 75.67 -1.12 35.64
C LEU A 19 76.79 -1.96 35.05
N CYS A 20 78.00 -1.40 35.06
CA CYS A 20 79.21 -2.21 35.06
C CYS A 20 79.47 -2.77 36.45
N LEU A 21 80.30 -3.81 36.51
CA LEU A 21 80.69 -4.39 37.80
C LEU A 21 81.30 -3.38 38.77
N PRO A 22 82.29 -2.57 38.40
CA PRO A 22 82.79 -1.55 39.34
C PRO A 22 81.74 -0.53 39.74
N ALA A 23 80.82 -0.20 38.82
CA ALA A 23 79.69 0.65 39.16
C ALA A 23 78.77 -0.01 40.18
N LEU A 24 78.50 -1.31 40.01
CA LEU A 24 77.71 -2.04 40.99
C LEU A 24 78.37 -2.01 42.38
N TRP A 25 79.66 -2.32 42.44
CA TRP A 25 80.38 -2.22 43.71
C TRP A 25 80.30 -0.81 44.27
N SER A 26 80.49 0.20 43.43
CA SER A 26 80.34 1.59 43.85
C SER A 26 78.94 1.88 44.38
N ARG A 27 77.92 1.41 43.66
CA ARG A 27 76.54 1.59 44.11
C ARG A 27 76.29 0.90 45.46
N LEU A 28 76.76 -0.34 45.60
CA LEU A 28 76.61 -1.03 46.88
C LEU A 28 77.34 -0.31 48.00
N GLU A 29 78.56 0.15 47.73
CA GLU A 29 79.29 0.93 48.73
C GLU A 29 78.58 2.23 49.08
N THR A 30 78.00 2.91 48.10
CA THR A 30 77.33 4.18 48.35
C THR A 30 75.90 4.04 48.82
N ARG A 31 75.38 2.83 48.99
CA ARG A 31 73.97 2.66 49.28
C ARG A 31 73.58 3.31 50.60
N VAL A 32 72.40 3.90 50.64
CA VAL A 32 71.70 4.25 51.88
C VAL A 32 70.32 3.61 51.82
N PRO A 33 69.90 2.86 52.84
CA PRO A 33 70.67 2.30 53.98
C PRO A 33 71.87 1.45 53.56
N PRO A 34 72.84 1.26 54.46
CA PRO A 34 74.07 0.55 54.08
C PRO A 34 73.78 -0.88 53.63
N PHE A 35 74.51 -1.30 52.60
CA PHE A 35 74.35 -2.65 52.09
C PHE A 35 74.77 -3.66 53.16
N PRO A 36 73.91 -4.61 53.51
CA PRO A 36 74.15 -5.42 54.73
C PRO A 36 75.35 -6.33 54.64
N LEU A 37 75.85 -6.64 53.44
CA LEU A 37 76.87 -7.65 53.26
C LEU A 37 78.18 -7.00 52.85
N PRO A 38 79.28 -7.25 53.57
CA PRO A 38 80.55 -6.60 53.25
C PRO A 38 81.12 -7.12 51.94
N LEU A 39 81.54 -6.19 51.09
CA LEU A 39 82.16 -6.57 49.82
C LEU A 39 83.53 -7.18 50.03
N GLU A 40 83.74 -8.32 49.39
CA GLU A 40 84.96 -9.11 49.45
C GLU A 40 85.05 -9.90 48.15
N PRO A 41 86.24 -10.38 47.78
CA PRO A 41 86.32 -11.20 46.56
C PRO A 41 85.39 -12.40 46.58
N CYS A 42 85.28 -13.07 47.73
CA CYS A 42 84.32 -14.15 47.88
C CYS A 42 82.88 -13.63 47.79
N THR A 43 82.62 -12.49 48.44
CA THR A 43 81.32 -11.84 48.32
C THR A 43 81.02 -11.44 46.89
N GLN A 44 81.97 -10.81 46.21
CA GLN A 44 81.73 -10.36 44.83
C GLN A 44 81.49 -11.54 43.89
N GLU A 45 82.18 -12.66 44.12
CA GLU A 45 81.84 -13.89 43.42
C GLU A 45 80.45 -14.39 43.80
N PHE A 46 80.14 -14.40 45.10
CA PHE A 46 78.83 -14.85 45.56
C PHE A 46 77.70 -13.98 45.02
N LEU A 47 77.87 -12.66 45.06
CA LEU A 47 76.88 -11.76 44.47
C LEU A 47 76.81 -11.89 42.95
N TRP A 48 77.95 -12.08 42.29
CA TRP A 48 77.95 -12.39 40.87
C TRP A 48 77.17 -13.66 40.54
N ARG A 49 77.35 -14.71 41.32
CA ARG A 49 76.56 -15.93 41.13
C ARG A 49 75.07 -15.69 41.35
N ALA A 50 74.73 -14.89 42.36
CA ALA A 50 73.32 -14.52 42.55
C ALA A 50 72.76 -13.78 41.35
N LEU A 51 73.52 -12.85 40.79
CA LEU A 51 73.11 -12.13 39.58
C LEU A 51 73.06 -13.06 38.37
N ALA A 52 74.09 -13.88 38.17
CA ALA A 52 74.10 -14.83 37.07
C ALA A 52 72.93 -15.80 37.12
N THR A 53 72.57 -16.27 38.32
CA THR A 53 71.47 -17.22 38.48
C THR A 53 70.09 -16.56 38.45
N HIS A 54 70.00 -15.24 38.24
CA HIS A 54 68.66 -14.64 38.27
C HIS A 54 68.12 -14.48 36.85
N PRO A 55 66.92 -15.00 36.59
CA PRO A 55 66.42 -15.06 35.21
C PRO A 55 66.10 -13.70 34.60
N GLY A 56 65.71 -12.73 35.41
CA GLY A 56 65.32 -11.42 34.92
C GLY A 56 66.50 -10.48 34.73
N ILE A 57 67.60 -10.78 35.43
CA ILE A 57 68.87 -10.13 35.16
C ILE A 57 69.38 -10.56 33.78
N SER A 58 69.99 -9.63 33.07
CA SER A 58 70.46 -9.85 31.71
C SER A 58 71.81 -9.16 31.54
N PHE A 59 72.55 -9.60 30.52
CA PHE A 59 73.95 -9.25 30.36
C PHE A 59 74.23 -8.81 28.93
N TYR A 60 74.99 -7.71 28.80
CA TYR A 60 75.37 -7.15 27.51
C TYR A 60 76.88 -6.94 27.49
N GLU A 61 77.45 -7.01 26.30
CA GLU A 61 78.77 -6.44 26.03
C GLU A 61 78.58 -5.07 25.39
N GLU A 62 79.08 -4.04 26.06
CA GLU A 62 79.04 -2.68 25.53
C GLU A 62 80.24 -2.43 24.62
N PRO A 63 80.05 -1.64 23.56
CA PRO A 63 81.15 -1.36 22.63
C PRO A 63 82.28 -0.56 23.24
N ARG A 64 82.15 -0.11 24.49
CA ARG A 64 83.16 0.72 25.15
C ARG A 64 83.23 0.31 26.61
N GLU A 65 84.45 0.40 27.17
CA GLU A 65 84.62 0.38 28.62
C GLU A 65 84.06 1.66 29.23
N ARG A 66 82.95 1.53 29.93
CA ARG A 66 82.25 2.69 30.48
C ARG A 66 83.09 3.40 31.53
N PRO A 67 83.07 4.74 31.56
CA PRO A 67 83.64 5.46 32.71
C PRO A 67 82.91 5.10 34.00
N ASP A 68 83.66 5.05 35.09
CA ASP A 68 83.06 4.75 36.38
C ASP A 68 82.29 5.95 36.93
N LEU A 69 81.40 5.65 37.88
CA LEU A 69 80.48 6.62 38.45
C LEU A 69 81.21 7.70 39.25
N GLN A 70 80.77 8.95 39.07
CA GLN A 70 81.10 10.02 39.99
C GLN A 70 80.29 9.87 41.28
N LEU A 71 80.91 10.24 42.40
CA LEU A 71 80.22 10.25 43.68
C LEU A 71 79.15 11.33 43.70
N GLN A 72 77.90 10.93 43.95
CA GLN A 72 76.72 11.67 43.51
C GLN A 72 76.23 12.68 44.55
N ASP A 73 76.80 12.68 45.75
CA ASP A 73 76.34 13.59 46.79
C ASP A 73 76.53 15.06 46.39
N ARG A 74 75.62 15.91 46.86
CA ARG A 74 75.64 17.32 46.55
C ARG A 74 75.35 18.15 47.79
N TYR A 98 75.20 9.94 33.42
CA TYR A 98 74.97 9.31 32.13
C TYR A 98 74.48 10.31 31.10
N PRO A 99 74.91 10.15 29.85
CA PRO A 99 74.21 10.80 28.73
C PRO A 99 72.91 10.09 28.44
N ILE A 100 71.81 10.84 28.46
CA ILE A 100 70.51 10.26 28.11
C ILE A 100 70.41 10.10 26.61
N HIS A 101 69.72 9.02 26.20
CA HIS A 101 69.56 8.61 24.80
C HIS A 101 68.26 7.82 24.74
N MET A 102 67.15 8.56 24.65
CA MET A 102 65.82 7.97 24.83
C MET A 102 65.53 6.94 23.75
N ILE A 103 64.98 5.81 24.18
CA ILE A 103 64.46 4.78 23.29
C ILE A 103 62.96 4.95 23.21
N LEU A 104 62.44 5.10 21.99
CA LEU A 104 61.10 5.65 21.78
C LEU A 104 60.25 4.69 20.97
N GLU A 105 58.99 4.54 21.39
CA GLU A 105 57.99 3.74 20.68
C GLU A 105 58.48 2.33 20.37
N ASN A 106 59.29 1.76 21.25
CA ASN A 106 59.84 0.43 21.01
C ASN A 106 58.69 -0.59 20.92
N LYS A 107 58.74 -1.43 19.89
CA LYS A 107 57.65 -2.36 19.63
C LYS A 107 57.53 -3.48 20.66
N ASP A 108 58.59 -3.76 21.42
CA ASP A 108 58.47 -4.66 22.56
C ASP A 108 58.00 -3.95 23.82
N GLY A 109 57.84 -2.63 23.76
CA GLY A 109 57.36 -1.84 24.87
C GLY A 109 58.39 -1.52 25.94
N ILE A 110 59.64 -1.93 25.76
CA ILE A 110 60.68 -1.59 26.71
C ILE A 110 61.08 -0.13 26.54
N GLN A 111 61.42 0.52 27.64
CA GLN A 111 61.59 1.97 27.67
C GLN A 111 62.83 2.31 28.48
N GLY A 112 63.34 3.51 28.24
CA GLY A 112 64.48 4.04 28.94
C GLY A 112 65.47 4.70 28.01
N SER A 113 66.63 5.04 28.54
CA SER A 113 67.75 5.57 27.78
C SER A 113 68.89 4.56 27.73
N CYS A 114 69.46 4.38 26.55
CA CYS A 114 70.71 3.63 26.42
C CYS A 114 71.39 4.07 25.13
N ARG A 115 72.59 4.64 25.26
CA ARG A 115 73.32 5.18 24.12
C ARG A 115 73.73 4.08 23.13
N TYR A 116 74.06 2.89 23.64
CA TYR A 116 74.47 1.78 22.80
C TYR A 116 73.36 0.75 22.57
N PHE A 117 72.10 1.16 22.75
CA PHE A 117 70.98 0.21 22.76
C PHE A 117 70.98 -0.67 21.51
N LYS A 118 71.26 -0.08 20.35
CA LYS A 118 71.31 -0.81 19.09
C LYS A 118 72.69 -1.36 18.78
N GLU A 119 73.67 -1.19 19.69
CA GLU A 119 75.06 -1.44 19.34
C GLU A 119 75.72 -2.40 20.32
N ARG A 120 75.29 -2.39 21.57
CA ARG A 120 75.67 -3.45 22.50
C ARG A 120 75.05 -4.79 22.06
N LYS A 121 75.67 -5.87 22.53
CA LYS A 121 75.23 -7.22 22.21
C LYS A 121 75.02 -8.03 23.48
N ASN A 122 74.00 -8.87 23.47
CA ASN A 122 73.74 -9.78 24.59
C ASN A 122 74.80 -10.89 24.65
N ILE A 123 75.24 -11.20 25.87
CA ILE A 123 76.24 -12.23 26.12
C ILE A 123 75.71 -13.18 27.19
N THR A 124 74.38 -13.17 27.38
CA THR A 124 73.74 -13.93 28.45
C THR A 124 74.06 -15.42 28.35
N ASN A 125 73.77 -16.03 27.20
CA ASN A 125 74.06 -17.45 27.01
C ASN A 125 75.54 -17.77 27.12
N ASP A 126 76.42 -16.78 26.93
CA ASP A 126 77.85 -16.98 27.13
C ASP A 126 78.23 -16.94 28.60
N ILE A 127 77.55 -16.11 29.38
CA ILE A 127 77.79 -16.04 30.82
C ILE A 127 77.10 -17.18 31.56
N ARG A 128 75.97 -17.66 31.08
CA ARG A 128 75.23 -18.67 31.85
C ARG A 128 74.52 -19.62 30.90
N THR A 129 74.26 -20.82 31.41
CA THR A 129 73.44 -21.82 30.74
C THR A 129 71.98 -21.39 30.72
N LYS A 130 71.17 -22.15 29.97
CA LYS A 130 69.73 -21.98 30.02
C LYS A 130 69.16 -22.27 31.40
N SER A 131 69.81 -23.15 32.16
CA SER A 131 69.50 -23.32 33.58
C SER A 131 70.10 -22.23 34.46
N LEU A 132 70.62 -21.15 33.88
CA LEU A 132 71.19 -20.01 34.59
C LEU A 132 72.43 -20.37 35.42
N GLN A 133 73.00 -21.55 35.23
CA GLN A 133 74.24 -21.89 35.91
C GLN A 133 75.36 -21.00 35.39
N PRO A 134 76.17 -20.41 36.27
CA PRO A 134 77.22 -19.48 35.79
C PRO A 134 78.31 -20.23 35.04
N ARG A 135 78.56 -19.77 33.81
CA ARG A 135 79.67 -20.30 33.02
C ARG A 135 80.99 -19.63 33.35
N CYS A 136 80.95 -18.39 33.85
CA CYS A 136 82.15 -17.65 34.21
C CYS A 136 82.03 -17.15 35.65
N THR A 137 83.17 -17.08 36.33
CA THR A 137 83.25 -16.35 37.58
C THR A 137 83.29 -14.85 37.32
N MET A 138 83.10 -14.09 38.40
CA MET A 138 83.17 -12.63 38.34
C MET A 138 84.50 -12.16 37.75
N VAL A 139 85.61 -12.68 38.27
CA VAL A 139 86.93 -12.29 37.78
C VAL A 139 87.16 -12.78 36.35
N GLU A 140 86.64 -13.96 35.99
CA GLU A 140 86.73 -14.41 34.61
C GLU A 140 85.98 -13.48 33.66
N ALA A 141 84.74 -13.13 34.01
CA ALA A 141 83.94 -12.23 33.18
C ALA A 141 84.56 -10.84 33.12
N PHE A 142 84.99 -10.30 34.26
CA PHE A 142 85.59 -8.97 34.27
C PHE A 142 86.96 -8.94 33.60
N ASP A 143 87.71 -10.05 33.67
CA ASP A 143 88.93 -10.13 32.85
C ASP A 143 88.60 -10.18 31.37
N ARG A 144 87.61 -10.99 30.98
CA ARG A 144 87.25 -11.11 29.57
C ARG A 144 86.73 -9.79 29.00
N TRP A 145 85.92 -9.05 29.75
CA TRP A 145 85.23 -7.89 29.21
C TRP A 145 85.56 -6.56 29.88
N GLY A 146 86.06 -6.56 31.11
CA GLY A 146 86.18 -5.32 31.85
C GLY A 146 84.87 -4.56 31.91
N LYS A 147 84.95 -3.23 31.80
CA LYS A 147 83.76 -2.38 31.78
C LYS A 147 82.98 -2.45 30.46
N LYS A 148 83.24 -3.40 29.56
CA LYS A 148 82.27 -3.70 28.51
C LYS A 148 81.11 -4.53 29.02
N LEU A 149 81.32 -5.28 30.10
CA LEU A 149 80.28 -6.10 30.70
C LEU A 149 79.26 -5.22 31.41
N ILE A 150 78.03 -5.21 30.91
CA ILE A 150 76.94 -4.46 31.51
C ILE A 150 75.90 -5.43 32.06
N ILE A 151 75.44 -5.16 33.27
CA ILE A 151 74.31 -5.86 33.88
C ILE A 151 73.09 -4.95 33.82
N VAL A 152 72.00 -5.46 33.26
CA VAL A 152 70.76 -4.72 33.09
C VAL A 152 69.60 -5.56 33.58
N ALA A 153 68.69 -4.94 34.33
CA ALA A 153 67.47 -5.60 34.77
C ALA A 153 66.36 -5.45 33.75
N SER A 154 65.56 -6.50 33.61
CA SER A 154 64.46 -6.53 32.66
C SER A 154 63.47 -5.39 32.92
N GLN A 155 62.69 -5.07 31.88
CA GLN A 155 61.73 -3.96 31.92
C GLN A 155 60.81 -4.04 33.14
N ALA A 156 60.32 -5.23 33.46
CA ALA A 156 59.47 -5.39 34.64
C ALA A 156 60.22 -5.06 35.91
N MET A 157 61.47 -5.49 36.03
CA MET A 157 62.28 -5.19 37.21
C MET A 157 62.56 -3.69 37.31
N ARG A 158 63.05 -3.08 36.23
CA ARG A 158 63.32 -1.64 36.23
C ARG A 158 62.08 -0.82 36.55
N TYR A 159 60.96 -1.13 35.91
CA TYR A 159 59.74 -0.34 36.15
C TYR A 159 59.22 -0.52 37.57
N ARG A 160 59.26 -1.74 38.09
CA ARG A 160 58.90 -1.98 39.49
C ARG A 160 59.77 -1.16 40.44
N ALA A 161 61.08 -1.10 40.19
CA ALA A 161 61.97 -0.31 41.04
C ALA A 161 61.64 1.18 41.00
N LEU A 162 61.11 1.67 39.89
CA LEU A 162 60.63 3.05 39.84
C LEU A 162 59.27 3.21 40.52
N ILE A 163 58.33 2.31 40.22
CA ILE A 163 57.00 2.39 40.79
C ILE A 163 57.03 2.22 42.31
N GLY A 164 57.86 1.31 42.79
CA GLY A 164 57.68 0.75 44.11
C GLY A 164 56.59 -0.31 44.13
N GLN A 165 56.23 -0.71 45.35
CA GLN A 165 55.23 -1.75 45.52
C GLN A 165 53.79 -1.25 45.32
N GLU A 166 53.50 0.00 45.68
CA GLU A 166 52.11 0.43 45.85
C GLU A 166 51.51 1.06 44.60
N GLY A 167 52.31 1.45 43.62
CA GLY A 167 51.81 1.94 42.35
C GLY A 167 51.49 0.84 41.36
N ASP A 168 50.99 1.26 40.20
CA ASP A 168 50.22 0.39 39.32
C ASP A 168 51.04 0.02 38.10
N PRO A 169 51.35 -1.27 37.91
CA PRO A 169 52.08 -1.70 36.71
C PRO A 169 51.29 -1.57 35.43
N ASP A 170 49.96 -1.41 35.50
CA ASP A 170 49.17 -1.13 34.31
C ASP A 170 49.38 0.27 33.75
N LEU A 171 50.03 1.16 34.50
CA LEU A 171 50.30 2.49 33.98
C LEU A 171 51.30 2.41 32.84
N LYS A 172 50.95 3.05 31.72
CA LYS A 172 51.87 3.22 30.59
C LYS A 172 52.13 4.71 30.44
N LEU A 173 53.39 5.08 30.51
CA LEU A 173 53.75 6.49 30.44
C LEU A 173 54.18 6.88 29.04
N PRO A 174 54.06 8.16 28.69
CA PRO A 174 54.87 8.71 27.61
C PRO A 174 56.35 8.46 27.84
N ASP A 175 57.05 8.11 26.76
CA ASP A 175 58.45 7.68 26.87
C ASP A 175 59.32 8.80 27.44
N PHE A 176 59.00 10.05 27.12
CA PHE A 176 59.67 11.18 27.74
C PHE A 176 59.52 11.18 29.26
N SER A 177 58.29 10.97 29.74
CA SER A 177 58.02 10.90 31.17
C SER A 177 58.68 9.69 31.84
N TYR A 178 58.78 8.56 31.15
CA TYR A 178 59.54 7.43 31.67
C TYR A 178 61.04 7.75 31.78
N CYS A 179 61.59 8.44 30.80
CA CYS A 179 62.99 8.86 30.88
C CYS A 179 63.23 9.83 32.04
N ILE A 180 62.26 10.69 32.34
CA ILE A 180 62.34 11.51 33.55
C ILE A 180 62.45 10.65 34.79
N LEU A 181 61.57 9.65 34.94
CA LEU A 181 61.66 8.75 36.09
C LEU A 181 63.01 8.04 36.15
N GLU A 182 63.48 7.52 35.02
CA GLU A 182 64.71 6.75 35.00
C GLU A 182 65.91 7.60 35.40
N ARG A 183 65.92 8.86 34.97
CA ARG A 183 66.93 9.80 35.45
C ARG A 183 66.84 10.01 36.96
N LEU A 184 65.64 10.31 37.46
CA LEU A 184 65.42 10.47 38.90
C LEU A 184 65.70 9.20 39.67
N GLY A 185 65.25 8.05 39.16
CA GLY A 185 65.43 6.79 39.88
C GLY A 185 66.89 6.46 40.15
N ARG A 186 67.74 6.53 39.13
CA ARG A 186 69.15 6.28 39.35
C ARG A 186 69.80 7.32 40.25
N SER A 187 69.26 8.55 40.27
CA SER A 187 69.79 9.59 41.14
C SER A 187 69.44 9.41 42.62
N ARG A 188 68.60 8.42 42.95
CA ARG A 188 68.37 8.02 44.34
C ARG A 188 68.07 9.18 45.29
N TRP A 189 68.60 9.10 46.51
CA TRP A 189 68.38 10.14 47.52
C TRP A 189 68.86 11.52 47.10
N GLN A 190 69.79 11.59 46.14
CA GLN A 190 70.32 12.88 45.72
C GLN A 190 69.41 13.61 44.74
N GLY A 191 68.63 12.88 43.96
CA GLY A 191 67.65 13.48 43.08
C GLY A 191 68.25 14.32 41.97
N GLU A 192 67.38 15.08 41.32
CA GLU A 192 67.77 15.97 40.22
C GLU A 192 67.04 17.30 40.37
N LEU A 193 67.63 18.34 39.78
CA LEU A 193 67.04 19.66 39.75
C LEU A 193 66.35 19.90 38.40
N GLN A 194 65.10 20.36 38.44
CA GLN A 194 64.35 20.66 37.23
C GLN A 194 65.09 21.65 36.34
N ARG A 195 65.81 22.59 36.95
CA ARG A 195 66.76 23.44 36.24
C ARG A 195 67.69 22.64 35.33
N ASP A 196 68.45 21.72 35.93
CA ASP A 196 69.47 20.98 35.18
C ASP A 196 68.88 19.96 34.23
N LEU A 197 67.70 19.39 34.55
CA LEU A 197 67.06 18.47 33.63
C LEU A 197 66.75 19.11 32.28
N HIS A 198 66.04 20.25 32.29
CA HIS A 198 65.72 20.89 31.01
C HIS A 198 66.95 21.56 30.39
N THR A 199 67.77 22.22 31.20
CA THR A 199 68.92 22.95 30.66
C THR A 199 69.96 21.99 30.06
N THR A 200 70.19 20.86 30.70
CA THR A 200 71.44 20.15 30.45
C THR A 200 71.24 18.68 30.09
N ALA A 201 70.32 17.99 30.77
CA ALA A 201 70.05 16.59 30.43
C ALA A 201 69.20 16.47 29.18
N PHE A 202 67.97 17.00 29.21
CA PHE A 202 67.07 16.87 28.08
C PHE A 202 67.32 17.93 27.02
N LYS A 203 67.88 19.08 27.40
CA LYS A 203 68.12 20.20 26.49
C LYS A 203 66.83 20.66 25.80
N VAL A 204 65.86 21.05 26.63
CA VAL A 204 64.55 21.49 26.18
C VAL A 204 64.14 22.70 27.00
N ASP A 205 63.11 23.40 26.52
CA ASP A 205 62.50 24.44 27.32
C ASP A 205 61.81 23.88 28.55
N ALA A 206 61.79 24.69 29.63
CA ALA A 206 61.23 24.26 30.90
C ALA A 206 59.77 23.84 30.77
N GLY A 207 59.02 24.52 29.90
CA GLY A 207 57.63 24.13 29.66
C GLY A 207 57.48 22.74 29.06
N LYS A 208 58.43 22.33 28.22
CA LYS A 208 58.36 20.99 27.64
C LYS A 208 58.59 19.92 28.69
N LEU A 209 59.57 20.13 29.57
CA LEU A 209 59.76 19.25 30.72
C LEU A 209 58.57 19.30 31.66
N HIS A 210 58.14 20.51 32.04
CA HIS A 210 57.01 20.67 32.95
C HIS A 210 55.76 19.94 32.48
N TYR A 211 55.44 20.06 31.19
CA TYR A 211 54.28 19.34 30.64
C TYR A 211 54.42 17.84 30.80
N HIS A 212 55.59 17.28 30.48
CA HIS A 212 55.83 15.86 30.69
C HIS A 212 56.08 15.46 32.14
N ARG A 213 56.39 16.42 33.01
CA ARG A 213 56.47 16.12 34.44
C ARG A 213 55.10 16.06 35.11
N LYS A 214 54.16 16.89 34.66
CA LYS A 214 52.84 16.98 35.28
C LYS A 214 52.14 15.63 35.41
N ILE A 215 52.28 14.75 34.40
CA ILE A 215 51.71 13.41 34.51
C ILE A 215 52.29 12.65 35.68
N LEU A 216 53.59 12.82 35.96
CA LEU A 216 54.19 12.13 37.10
C LEU A 216 53.68 12.66 38.43
N ASN A 217 53.37 13.95 38.51
CA ASN A 217 52.65 14.49 39.66
C ASN A 217 51.21 13.99 39.71
N LYS A 218 50.56 13.88 38.55
CA LYS A 218 49.16 13.46 38.53
C LYS A 218 49.00 12.02 39.03
N ASN A 219 49.83 11.11 38.53
CA ASN A 219 49.87 9.76 39.09
C ASN A 219 50.61 9.68 40.42
N GLY A 220 51.36 10.72 40.79
CA GLY A 220 51.90 10.82 42.13
C GLY A 220 53.19 10.07 42.39
N LEU A 221 53.98 9.82 41.35
CA LEU A 221 55.21 9.03 41.48
C LEU A 221 56.38 9.83 42.04
N ILE A 222 56.33 11.17 41.96
CA ILE A 222 57.46 12.01 42.30
C ILE A 222 57.00 13.14 43.21
N THR A 223 57.97 13.77 43.86
CA THR A 223 57.74 14.83 44.83
C THR A 223 58.51 16.08 44.44
N MET A 224 57.92 17.24 44.72
CA MET A 224 58.49 18.53 44.39
C MET A 224 59.13 19.12 45.65
N GLN A 225 60.40 19.48 45.54
CA GLN A 225 61.13 20.11 46.64
C GLN A 225 61.67 21.46 46.18
N SER A 226 61.35 22.51 46.95
CA SER A 226 62.07 23.76 46.85
C SER A 226 63.48 23.61 47.39
N HIS A 227 64.46 24.06 46.62
CA HIS A 227 65.86 23.81 46.90
C HIS A 227 66.65 25.05 46.53
N VAL A 228 67.77 25.27 47.22
CA VAL A 228 68.62 26.43 46.98
C VAL A 228 69.99 25.94 46.53
N ILE A 229 70.38 26.32 45.31
CA ILE A 229 71.77 26.20 44.88
C ILE A 229 72.59 27.28 45.57
N ARG A 230 73.78 26.91 46.04
CA ARG A 230 74.79 27.90 46.40
C ARG A 230 75.95 27.80 45.43
N LEU A 231 76.24 28.91 44.76
CA LEU A 231 77.22 28.96 43.69
C LEU A 231 78.63 29.14 44.25
N PRO A 232 79.65 28.74 43.49
CA PRO A 232 81.03 29.02 43.92
C PRO A 232 81.34 30.51 43.95
N THR A 233 80.53 31.34 43.30
CA THR A 233 80.60 32.79 43.44
C THR A 233 80.09 33.24 44.81
N GLY A 234 79.40 32.37 45.55
CA GLY A 234 78.85 32.70 46.84
C GLY A 234 77.41 33.17 46.82
N ALA A 235 76.85 33.44 45.65
CA ALA A 235 75.42 33.71 45.53
C ALA A 235 74.63 32.41 45.75
N GLN A 236 73.34 32.58 46.01
CA GLN A 236 72.44 31.44 46.18
C GLN A 236 71.25 31.57 45.24
N GLN A 237 70.77 30.44 44.74
CA GLN A 237 69.73 30.41 43.73
C GLN A 237 68.74 29.29 44.03
N HIS A 238 67.45 29.63 43.91
CA HIS A 238 66.38 28.65 44.02
C HIS A 238 66.40 27.65 42.86
N SER A 239 65.96 26.43 43.14
CA SER A 239 65.63 25.47 42.10
C SER A 239 64.64 24.46 42.67
N ILE A 240 63.92 23.79 41.78
CA ILE A 240 63.10 22.63 42.14
C ILE A 240 63.95 21.37 42.13
N LEU A 241 64.10 20.75 43.30
CA LEU A 241 64.55 19.38 43.41
C LEU A 241 63.40 18.40 43.16
N LEU A 242 63.66 17.37 42.37
CA LEU A 242 62.71 16.28 42.16
C LEU A 242 63.25 15.02 42.83
N LEU A 243 62.40 14.33 43.58
CA LEU A 243 62.76 13.04 44.19
C LEU A 243 61.66 12.02 43.94
N LEU A 244 62.07 10.82 43.55
CA LEU A 244 61.16 9.68 43.51
C LEU A 244 60.67 9.33 44.92
N ASN A 245 59.41 8.88 45.00
CA ASN A 245 58.75 8.68 46.29
C ASN A 245 59.59 7.82 47.24
N ARG A 246 60.26 6.81 46.70
CA ARG A 246 61.14 5.96 47.52
C ARG A 246 62.21 6.77 48.26
N PHE A 247 62.57 7.95 47.75
CA PHE A 247 63.73 8.69 48.22
C PHE A 247 63.39 10.06 48.75
N HIS A 248 62.11 10.37 48.94
CA HIS A 248 61.70 11.67 49.45
C HIS A 248 62.12 11.84 50.90
N VAL A 249 62.86 12.92 51.17
CA VAL A 249 63.23 13.37 52.50
C VAL A 249 63.25 14.90 52.45
N ASP A 250 62.44 15.54 53.30
CA ASP A 250 62.24 16.98 53.20
C ASP A 250 63.47 17.75 53.66
N ARG A 251 64.03 18.56 52.76
CA ARG A 251 65.16 19.42 53.08
C ARG A 251 64.70 20.64 53.86
N ARG A 252 65.57 21.11 54.76
CA ARG A 252 65.35 22.35 55.49
C ARG A 252 66.16 23.49 54.87
N SER A 253 65.79 24.71 55.26
CA SER A 253 66.44 25.91 54.75
C SER A 253 66.69 26.91 55.88
N THR A 356 30.38 32.05 34.85
CA THR A 356 29.17 32.13 35.67
C THR A 356 27.91 32.09 34.82
N VAL A 357 28.10 31.90 33.51
CA VAL A 357 26.95 31.72 32.62
C VAL A 357 26.20 30.45 33.00
N PRO A 358 24.88 30.50 33.15
CA PRO A 358 24.14 29.30 33.56
C PRO A 358 24.23 28.22 32.51
N PRO A 359 24.32 26.96 32.92
CA PRO A 359 24.41 25.87 31.95
C PRO A 359 23.13 25.71 31.14
N VAL A 360 23.27 25.08 29.99
CA VAL A 360 22.15 24.74 29.12
C VAL A 360 21.81 23.28 29.33
N ASP A 361 20.58 23.01 29.72
CA ASP A 361 20.00 21.68 29.53
C ASP A 361 19.67 21.48 28.05
N ILE A 362 20.35 20.53 27.42
CA ILE A 362 20.13 20.28 25.99
C ILE A 362 18.67 19.90 25.78
N VAL A 363 18.01 20.61 24.88
CA VAL A 363 16.62 20.34 24.55
C VAL A 363 16.55 19.29 23.45
N PHE A 364 15.41 18.57 23.43
CA PHE A 364 15.21 17.52 22.45
C PHE A 364 15.07 18.09 21.04
N GLU A 365 14.29 19.15 20.90
CA GLU A 365 13.74 19.55 19.60
C GLU A 365 14.69 20.39 18.76
N ARG A 366 15.92 20.62 19.19
CA ARG A 366 16.86 21.46 18.44
C ARG A 366 18.22 20.79 18.38
N ASP A 367 18.87 20.90 17.21
CA ASP A 367 20.20 20.35 17.02
C ASP A 367 21.21 21.12 17.86
N MET A 368 22.40 20.53 17.99
CA MET A 368 23.46 21.11 18.82
C MET A 368 23.99 22.44 18.28
N LEU A 369 23.99 22.65 16.97
CA LEU A 369 24.37 23.96 16.44
C LEU A 369 23.34 25.03 16.80
N THR A 370 22.05 24.75 16.59
CA THR A 370 21.01 25.70 16.94
C THR A 370 21.05 26.06 18.41
N GLN A 371 21.18 25.06 19.29
CA GLN A 371 21.28 25.31 20.72
C GLN A 371 22.52 26.11 21.08
N THR A 372 23.65 25.86 20.41
CA THR A 372 24.86 26.59 20.72
C THR A 372 24.84 28.02 20.18
N TYR A 373 24.29 28.23 18.99
CA TYR A 373 24.10 29.59 18.49
C TYR A 373 23.19 30.41 19.41
N ASP A 374 22.10 29.81 19.87
CA ASP A 374 21.18 30.50 20.79
C ASP A 374 21.88 30.91 22.08
N LEU A 375 22.76 30.05 22.61
CA LEU A 375 23.56 30.45 23.77
C LEU A 375 24.41 31.68 23.47
N ILE A 376 25.08 31.70 22.33
CA ILE A 376 25.93 32.84 21.99
C ILE A 376 25.08 34.09 21.74
N GLU A 377 23.93 33.94 21.10
CA GLU A 377 23.04 35.08 20.91
C GLU A 377 22.44 35.56 22.23
N ARG A 378 22.16 34.65 23.16
CA ARG A 378 21.74 35.08 24.50
C ARG A 378 22.85 35.84 25.21
N ARG A 379 24.11 35.46 24.99
CA ARG A 379 25.23 36.22 25.52
C ARG A 379 25.39 37.55 24.78
N GLY A 380 25.28 37.53 23.46
CA GLY A 380 25.36 38.75 22.67
C GLY A 380 26.70 39.47 22.80
N THR A 381 26.62 40.81 22.86
CA THR A 381 27.81 41.65 22.76
C THR A 381 28.88 41.33 23.80
N LYS A 382 28.48 40.85 24.98
CA LYS A 382 29.49 40.44 25.96
C LYS A 382 30.16 39.12 25.61
N GLY A 383 29.57 38.35 24.69
CA GLY A 383 30.22 37.16 24.16
C GLY A 383 30.41 36.05 25.18
N ILE A 384 31.08 34.99 24.71
CA ILE A 384 31.40 33.83 25.52
C ILE A 384 32.68 33.20 24.98
N SER A 385 33.48 32.62 25.87
CA SER A 385 34.68 31.91 25.44
C SER A 385 34.35 30.47 25.06
N GLN A 386 35.25 29.85 24.31
CA GLN A 386 35.14 28.42 24.02
C GLN A 386 35.15 27.58 25.29
N ALA A 387 35.96 27.96 26.28
CA ALA A 387 35.97 27.24 27.55
C ALA A 387 34.64 27.32 28.27
N GLU A 388 34.00 28.49 28.25
CA GLU A 388 32.70 28.63 28.90
C GLU A 388 31.57 28.03 28.06
N ILE A 389 31.72 27.98 26.73
CA ILE A 389 30.85 27.15 25.91
C ILE A 389 30.95 25.70 26.34
N ARG A 390 32.17 25.18 26.48
CA ARG A 390 32.37 23.80 26.90
C ARG A 390 31.67 23.51 28.22
N VAL A 391 31.89 24.37 29.22
CA VAL A 391 31.27 24.17 30.53
C VAL A 391 29.76 24.27 30.43
N ALA A 392 29.25 25.28 29.72
CA ALA A 392 27.81 25.47 29.64
C ALA A 392 27.12 24.36 28.85
N MET A 393 27.78 23.83 27.82
CA MET A 393 27.17 22.75 27.04
C MET A 393 27.42 21.36 27.59
N ASN A 394 28.35 21.21 28.54
CA ASN A 394 28.69 19.91 29.12
C ASN A 394 29.16 18.96 28.02
N VAL A 395 30.25 19.36 27.36
CA VAL A 395 30.83 18.63 26.23
C VAL A 395 32.34 18.56 26.43
N GLY A 396 32.98 17.71 25.64
CA GLY A 396 34.43 17.64 25.65
C GLY A 396 35.10 18.83 25.00
N LYS A 397 36.41 18.93 25.23
CA LYS A 397 37.18 20.07 24.73
C LYS A 397 37.17 20.16 23.21
N LEU A 398 37.49 19.06 22.54
CA LEU A 398 37.46 19.04 21.08
C LEU A 398 36.04 19.19 20.54
N GLU A 399 35.04 18.67 21.27
CA GLU A 399 33.66 18.82 20.85
C GLU A 399 33.20 20.27 20.91
N ALA A 400 33.54 20.98 21.97
CA ALA A 400 33.32 22.43 22.01
C ALA A 400 34.13 23.17 20.94
N ARG A 401 35.36 22.72 20.68
CA ARG A 401 36.16 23.32 19.61
C ARG A 401 35.49 23.18 18.24
N MET A 402 34.93 22.01 17.94
CA MET A 402 34.20 21.82 16.69
C MET A 402 32.98 22.73 16.60
N LEU A 403 32.19 22.81 17.67
CA LEU A 403 31.05 23.72 17.68
C LEU A 403 31.43 25.16 17.39
N CYS A 404 32.51 25.65 17.99
CA CYS A 404 32.98 26.99 17.68
C CYS A 404 33.41 27.13 16.23
N ARG A 405 34.27 26.22 15.76
CA ARG A 405 34.79 26.31 14.39
C ARG A 405 33.68 26.24 13.34
N LEU A 406 32.66 25.42 13.57
CA LEU A 406 31.54 25.37 12.63
C LEU A 406 30.77 26.69 12.59
N LEU A 407 30.47 27.25 13.76
CA LEU A 407 29.74 28.51 13.78
C LEU A 407 30.58 29.66 13.23
N GLN A 408 31.90 29.58 13.33
CA GLN A 408 32.77 30.45 12.56
C GLN A 408 32.67 30.16 11.07
N ARG A 409 32.70 28.88 10.69
CA ARG A 409 32.74 28.51 9.28
C ARG A 409 31.43 28.81 8.57
N PHE A 410 30.29 28.67 9.25
CA PHE A 410 29.04 29.22 8.73
C PHE A 410 28.96 30.74 8.82
N LYS A 411 29.95 31.38 9.44
CA LYS A 411 30.02 32.84 9.57
C LYS A 411 28.78 33.42 10.26
N VAL A 412 28.12 32.62 11.08
CA VAL A 412 27.07 33.15 11.96
C VAL A 412 27.63 33.68 13.27
N VAL A 413 28.86 33.32 13.63
CA VAL A 413 29.51 33.79 14.84
C VAL A 413 30.92 34.27 14.47
N LYS A 414 31.37 35.32 15.14
CA LYS A 414 32.72 35.85 14.95
C LYS A 414 33.46 35.85 16.29
N GLY A 415 34.76 35.55 16.23
CA GLY A 415 35.62 35.54 17.39
C GLY A 415 36.42 36.83 17.55
N PHE A 416 36.57 37.26 18.81
CA PHE A 416 37.32 38.45 19.16
C PHE A 416 38.34 38.09 20.23
N MET A 417 39.52 38.67 20.12
CA MET A 417 40.63 38.39 21.03
C MET A 417 40.50 39.19 22.32
N GLU A 418 40.92 38.57 23.42
CA GLU A 418 40.99 39.25 24.71
C GLU A 418 42.14 38.65 25.51
N ASP A 419 43.14 39.49 25.81
CA ASP A 419 44.27 39.10 26.66
C ASP A 419 43.78 38.89 28.08
N GLU A 420 43.82 37.64 28.55
CA GLU A 420 43.39 37.29 29.89
C GLU A 420 44.39 36.33 30.52
N GLY A 421 44.78 36.62 31.76
CA GLY A 421 45.76 35.81 32.47
C GLY A 421 47.11 35.72 31.78
N ARG A 422 47.41 34.57 31.19
CA ARG A 422 48.65 34.37 30.47
C ARG A 422 48.51 34.46 28.96
N GLN A 423 47.28 34.50 28.43
CA GLN A 423 47.03 34.28 27.02
C GLN A 423 45.99 35.25 26.51
N ARG A 424 46.13 35.61 25.23
CA ARG A 424 45.03 36.22 24.49
C ARG A 424 43.97 35.18 24.18
N THR A 425 42.96 35.08 25.05
CA THR A 425 41.83 34.20 24.80
C THR A 425 40.98 34.75 23.64
N THR A 426 40.17 33.86 23.08
CA THR A 426 39.16 34.22 22.10
C THR A 426 37.77 34.13 22.72
N LYS A 427 36.97 35.17 22.51
CA LYS A 427 35.56 35.17 22.84
C LYS A 427 34.75 35.40 21.58
N TYR A 428 33.57 34.78 21.53
CA TYR A 428 32.80 34.66 20.31
C TYR A 428 31.50 35.45 20.39
N ILE A 429 31.12 36.07 19.29
CA ILE A 429 29.91 36.87 19.19
C ILE A 429 29.23 36.55 17.87
N SER A 430 27.90 36.48 17.89
CA SER A 430 27.15 36.28 16.66
C SER A 430 27.08 37.58 15.84
N CYS A 431 27.05 37.41 14.51
CA CYS A 431 27.11 38.53 13.58
C CYS A 431 25.86 39.41 13.61
N VAL A 432 24.86 39.10 14.43
CA VAL A 432 23.80 40.07 14.66
C VAL A 432 24.32 41.28 15.42
N PHE A 433 25.32 41.09 16.28
CA PHE A 433 25.83 42.16 17.11
C PHE A 433 27.03 42.85 16.46
N MET B 50 28.25 4.48 60.85
CA MET B 50 29.07 3.28 60.74
C MET B 50 29.90 3.29 59.45
N VAL B 51 29.27 3.60 58.33
CA VAL B 51 29.94 3.63 57.04
C VAL B 51 30.81 4.88 56.93
N THR B 52 32.12 4.68 56.79
CA THR B 52 33.07 5.75 56.52
C THR B 52 34.08 5.23 55.51
N ARG B 53 34.56 6.11 54.63
CA ARG B 53 35.54 5.71 53.66
C ARG B 53 36.91 5.59 54.32
N ARG B 54 37.63 4.52 53.98
CA ARG B 54 39.07 4.48 54.18
C ARG B 54 39.79 5.32 53.13
N GLU B 55 40.96 5.83 53.51
CA GLU B 55 41.54 6.97 52.80
C GLU B 55 41.95 6.71 51.35
N PRO B 56 42.57 5.59 50.98
CA PRO B 56 43.00 5.43 49.57
C PRO B 56 41.91 4.90 48.66
N ALA B 57 41.64 5.65 47.59
CA ALA B 57 40.88 5.16 46.44
C ALA B 57 41.86 4.73 45.34
N VAL B 58 41.81 3.46 44.96
CA VAL B 58 42.73 2.92 43.95
C VAL B 58 42.19 3.26 42.57
N LYS B 59 42.90 4.11 41.83
CA LYS B 59 42.53 4.41 40.46
C LYS B 59 42.87 3.26 39.53
N LEU B 60 41.96 2.95 38.61
CA LEU B 60 42.16 1.96 37.57
C LEU B 60 42.40 2.63 36.22
N GLN B 61 43.35 2.09 35.45
CA GLN B 61 43.72 2.69 34.18
C GLN B 61 42.69 2.47 33.09
N TYR B 62 41.89 1.40 33.19
CA TYR B 62 41.06 0.96 32.07
C TYR B 62 39.63 0.69 32.56
N ALA B 63 38.73 0.54 31.59
CA ALA B 63 37.33 0.29 31.90
C ALA B 63 37.16 -1.04 32.62
N VAL B 64 36.35 -1.04 33.68
CA VAL B 64 35.97 -2.28 34.34
C VAL B 64 35.05 -3.07 33.43
N SER B 65 35.16 -4.40 33.50
CA SER B 65 34.73 -5.25 32.40
C SER B 65 34.10 -6.53 32.92
N GLY B 66 33.06 -6.98 32.22
CA GLY B 66 32.53 -8.33 32.36
C GLY B 66 31.56 -8.54 33.50
N LEU B 67 31.35 -9.83 33.81
CA LEU B 67 30.39 -10.24 34.83
C LEU B 67 30.93 -9.99 36.24
N GLU B 68 30.11 -9.37 37.07
CA GLU B 68 30.30 -9.22 38.52
C GLU B 68 31.77 -8.94 38.87
N PRO B 69 32.32 -7.83 38.41
CA PRO B 69 33.77 -7.74 38.16
C PRO B 69 34.65 -7.61 39.39
N LEU B 70 34.09 -7.43 40.58
CA LEU B 70 34.89 -7.27 41.80
C LEU B 70 34.77 -8.50 42.68
N ALA B 71 35.90 -9.00 43.16
CA ALA B 71 35.98 -10.14 44.06
C ALA B 71 37.03 -9.92 45.13
N TRP B 72 36.76 -10.40 46.34
CA TRP B 72 37.72 -10.35 47.45
C TRP B 72 37.98 -11.78 47.91
N SER B 73 39.22 -12.23 47.77
CA SER B 73 39.60 -13.61 48.06
C SER B 73 39.88 -13.82 49.55
N GLU B 74 39.84 -15.10 49.94
CA GLU B 74 40.22 -15.51 51.28
C GLU B 74 41.65 -15.10 51.61
N ASP B 75 42.49 -14.92 50.59
CA ASP B 75 43.88 -14.52 50.76
C ASP B 75 44.00 -13.01 50.94
N HIS B 76 42.87 -12.32 51.11
CA HIS B 76 42.80 -10.87 51.26
C HIS B 76 43.34 -10.13 50.04
N ARG B 77 43.33 -10.77 48.87
CA ARG B 77 43.63 -10.11 47.62
C ARG B 77 42.33 -9.78 46.90
N VAL B 78 42.18 -8.52 46.49
CA VAL B 78 41.08 -8.09 45.64
C VAL B 78 41.52 -8.15 44.19
N SER B 79 40.59 -8.48 43.30
CA SER B 79 40.85 -8.46 41.86
C SER B 79 39.70 -7.76 41.15
N VAL B 80 40.04 -6.95 40.15
CA VAL B 80 39.07 -6.27 39.31
C VAL B 80 39.28 -6.73 37.88
N SER B 81 38.30 -7.46 37.35
CA SER B 81 38.37 -7.86 35.95
C SER B 81 38.19 -6.64 35.05
N THR B 82 39.13 -6.44 34.13
CA THR B 82 39.30 -5.15 33.49
C THR B 82 39.53 -5.39 32.00
N ALA B 83 39.26 -4.36 31.19
CA ALA B 83 39.25 -4.51 29.75
C ALA B 83 40.61 -4.87 29.17
N ARG B 84 41.71 -4.61 29.87
CA ARG B 84 43.04 -4.97 29.39
C ARG B 84 43.84 -5.82 30.35
N SER B 85 43.32 -6.13 31.53
CA SER B 85 44.10 -6.75 32.58
C SER B 85 43.13 -7.26 33.64
N ILE B 86 43.67 -7.89 34.67
CA ILE B 86 43.04 -7.93 35.99
C ILE B 86 43.92 -7.16 36.95
N ALA B 87 43.38 -6.12 37.57
CA ALA B 87 44.10 -5.45 38.64
C ALA B 87 43.94 -6.30 39.90
N VAL B 88 45.05 -6.61 40.56
CA VAL B 88 45.02 -7.35 41.80
C VAL B 88 45.57 -6.49 42.93
N LEU B 89 44.77 -6.33 43.98
CA LEU B 89 45.13 -5.52 45.14
C LEU B 89 45.22 -6.46 46.33
N GLU B 90 46.37 -6.50 46.98
CA GLU B 90 46.52 -7.29 48.20
C GLU B 90 46.75 -6.36 49.39
N LEU B 91 45.97 -6.57 50.44
CA LEU B 91 45.94 -5.68 51.60
C LEU B 91 46.97 -6.14 52.62
N ILE B 92 47.96 -5.30 52.90
CA ILE B 92 49.04 -5.63 53.81
C ILE B 92 48.84 -4.84 55.10
N CYS B 93 48.86 -5.55 56.22
CA CYS B 93 48.85 -4.95 57.56
C CYS B 93 50.24 -4.42 57.92
N ASP B 94 50.74 -3.51 57.09
CA ASP B 94 52.16 -3.16 57.07
C ASP B 94 52.60 -2.64 58.44
N VAL B 95 53.58 -3.32 59.03
CA VAL B 95 54.17 -2.94 60.31
C VAL B 95 55.41 -2.06 60.17
N HIS B 96 55.92 -1.87 58.96
CA HIS B 96 57.15 -1.12 58.74
C HIS B 96 56.96 0.38 58.60
N ASN B 97 55.74 0.87 58.40
CA ASN B 97 55.55 2.27 58.07
C ASN B 97 54.42 2.85 58.91
N PRO B 98 54.48 4.16 59.21
CA PRO B 98 53.42 4.81 59.98
C PRO B 98 52.19 5.21 59.18
N GLY B 99 52.19 5.02 57.86
CA GLY B 99 51.08 5.51 57.05
C GLY B 99 49.75 4.88 57.43
N GLN B 100 48.81 5.72 57.86
CA GLN B 100 47.55 5.23 58.41
C GLN B 100 46.65 4.59 57.37
N ASP B 101 46.91 4.82 56.08
CA ASP B 101 46.08 4.29 55.01
C ASP B 101 46.04 2.77 55.05
N LEU B 102 45.19 2.20 54.21
CA LEU B 102 45.39 0.84 53.73
C LEU B 102 46.67 0.81 52.89
N VAL B 103 47.59 -0.08 53.25
CA VAL B 103 48.77 -0.31 52.43
C VAL B 103 48.44 -1.39 51.42
N ILE B 104 48.25 -0.98 50.18
CA ILE B 104 47.84 -1.86 49.09
C ILE B 104 49.04 -2.05 48.17
N HIS B 105 49.43 -3.30 47.95
CA HIS B 105 50.39 -3.63 46.90
C HIS B 105 49.63 -4.03 45.65
N ARG B 106 50.11 -3.58 44.50
CA ARG B 106 49.40 -3.77 43.24
C ARG B 106 50.21 -4.54 42.23
N THR B 107 49.50 -5.34 41.43
CA THR B 107 50.05 -6.08 40.31
C THR B 107 48.92 -6.34 39.35
N SER B 108 49.24 -6.84 38.16
CA SER B 108 48.17 -7.17 37.23
C SER B 108 48.51 -8.38 36.38
N VAL B 109 47.47 -9.13 36.02
CA VAL B 109 47.51 -10.18 35.01
C VAL B 109 47.29 -9.54 33.65
N PRO B 110 48.18 -9.73 32.67
CA PRO B 110 47.91 -9.17 31.34
C PRO B 110 46.83 -9.94 30.61
N ALA B 111 46.08 -9.21 29.79
CA ALA B 111 45.22 -9.86 28.81
C ALA B 111 46.04 -10.63 27.79
N PRO B 112 45.64 -11.85 27.44
CA PRO B 112 46.36 -12.61 26.41
C PRO B 112 46.36 -11.87 25.09
N LEU B 113 47.51 -11.91 24.40
CA LEU B 113 47.64 -11.21 23.13
C LEU B 113 47.13 -12.01 21.94
N ASN B 114 46.84 -13.30 22.12
CA ASN B 114 46.39 -14.16 21.03
C ASN B 114 44.91 -14.47 21.16
N SER B 115 44.14 -14.14 20.13
CA SER B 115 42.70 -14.33 20.16
C SER B 115 42.36 -15.82 20.14
N CYS B 116 41.56 -16.26 21.11
CA CYS B 116 41.27 -17.67 21.30
C CYS B 116 40.22 -18.13 20.30
N LEU B 117 40.56 -19.13 19.49
CA LEU B 117 39.61 -19.77 18.59
C LEU B 117 39.29 -21.16 19.13
N LEU B 118 38.00 -21.43 19.31
CA LEU B 118 37.55 -22.77 19.66
C LEU B 118 37.75 -23.75 18.51
N LYS B 119 38.28 -24.93 18.83
CA LYS B 119 38.47 -25.98 17.84
C LYS B 119 37.14 -26.67 17.55
N VAL B 120 36.66 -26.55 16.31
CA VAL B 120 35.43 -27.22 15.88
C VAL B 120 35.66 -28.19 14.73
N GLY B 121 36.88 -28.31 14.24
CA GLY B 121 37.16 -29.21 13.15
C GLY B 121 38.59 -29.03 12.65
N SER B 122 38.88 -29.68 11.54
CA SER B 122 40.14 -29.44 10.85
C SER B 122 40.10 -28.09 10.14
N LYS B 123 41.29 -27.47 10.06
CA LYS B 123 41.39 -26.09 9.59
C LYS B 123 40.70 -25.89 8.24
N THR B 124 40.97 -26.77 7.28
CA THR B 124 40.40 -26.63 5.94
C THR B 124 38.89 -26.85 5.94
N GLU B 125 38.41 -27.80 6.75
CA GLU B 125 36.96 -28.01 6.86
C GLU B 125 36.27 -26.81 7.51
N VAL B 126 36.84 -26.30 8.60
CA VAL B 126 36.27 -25.12 9.25
C VAL B 126 36.27 -23.90 8.32
N ALA B 127 37.39 -23.67 7.63
CA ALA B 127 37.48 -22.52 6.72
C ALA B 127 36.43 -22.57 5.62
N GLU B 128 36.15 -23.76 5.08
CA GLU B 128 35.09 -23.89 4.08
C GLU B 128 33.71 -23.69 4.70
N CYS B 129 33.47 -24.22 5.90
CA CYS B 129 32.19 -24.02 6.57
C CYS B 129 31.94 -22.55 6.91
N LYS B 130 32.94 -21.85 7.45
CA LYS B 130 32.77 -20.43 7.72
C LYS B 130 32.45 -19.63 6.47
N GLU B 131 33.14 -19.93 5.36
CA GLU B 131 32.82 -19.26 4.10
C GLU B 131 31.41 -19.60 3.63
N LYS B 132 30.99 -20.85 3.79
CA LYS B 132 29.61 -21.23 3.47
C LYS B 132 28.60 -20.39 4.24
N PHE B 133 28.72 -20.35 5.57
CA PHE B 133 27.72 -19.65 6.38
C PHE B 133 27.75 -18.15 6.15
N ALA B 134 28.94 -17.58 5.97
CA ALA B 134 29.03 -16.16 5.60
C ALA B 134 28.40 -15.88 4.24
N ALA B 135 28.65 -16.75 3.25
CA ALA B 135 28.12 -16.52 1.91
C ALA B 135 26.65 -16.86 1.77
N SER B 136 26.06 -17.57 2.74
CA SER B 136 24.67 -18.00 2.64
C SER B 136 23.74 -16.83 2.33
N LYS B 137 22.80 -17.08 1.42
CA LYS B 137 21.84 -16.08 0.98
C LYS B 137 20.71 -15.85 1.97
N ASP B 138 20.46 -16.80 2.86
CA ASP B 138 19.45 -16.62 3.90
C ASP B 138 19.92 -15.56 4.88
N PRO B 139 19.12 -14.52 5.12
CA PRO B 139 19.46 -13.54 6.17
C PRO B 139 19.68 -14.15 7.55
N THR B 140 18.87 -15.14 7.94
CA THR B 140 18.98 -15.69 9.29
C THR B 140 20.32 -16.40 9.50
N VAL B 141 20.67 -17.33 8.63
CA VAL B 141 21.96 -18.02 8.73
C VAL B 141 23.12 -17.04 8.61
N SER B 142 23.10 -16.18 7.59
CA SER B 142 24.23 -15.30 7.33
C SER B 142 24.48 -14.30 8.45
N GLN B 143 23.43 -13.66 8.96
CA GLN B 143 23.62 -12.69 10.04
C GLN B 143 23.81 -13.34 11.41
N THR B 144 23.22 -14.51 11.68
CA THR B 144 23.56 -15.22 12.90
C THR B 144 25.03 -15.62 12.97
N PHE B 145 25.61 -16.01 11.84
CA PHE B 145 27.05 -16.24 11.79
C PHE B 145 27.84 -14.95 11.97
N MET B 146 27.56 -13.94 11.15
CA MET B 146 28.39 -12.74 11.15
C MET B 146 28.28 -11.93 12.43
N LEU B 147 27.16 -12.02 13.16
CA LEU B 147 27.02 -11.23 14.37
C LEU B 147 27.51 -11.94 15.62
N ASP B 148 27.31 -13.25 15.74
CA ASP B 148 27.64 -13.96 16.97
C ASP B 148 29.16 -14.06 17.09
N ARG B 149 29.72 -13.30 18.04
CA ARG B 149 31.17 -13.20 18.20
C ARG B 149 31.83 -14.51 18.61
N VAL B 150 31.07 -15.50 19.08
CA VAL B 150 31.65 -16.80 19.38
C VAL B 150 32.22 -17.43 18.12
N PHE B 151 31.59 -17.19 16.97
CA PHE B 151 32.12 -17.66 15.69
C PHE B 151 33.22 -16.77 15.15
N ASN B 152 33.33 -15.53 15.64
CA ASN B 152 34.20 -14.50 15.06
C ASN B 152 35.03 -13.84 16.16
N PRO B 153 35.90 -14.58 16.83
CA PRO B 153 36.66 -13.98 17.94
C PRO B 153 37.59 -12.87 17.51
N GLU B 154 38.14 -12.93 16.31
CA GLU B 154 38.83 -11.79 15.71
C GLU B 154 38.44 -11.68 14.25
N GLY B 155 38.38 -10.45 13.75
CA GLY B 155 38.02 -10.22 12.37
C GLY B 155 38.68 -9.00 11.77
N LYS B 156 38.24 -8.62 10.57
CA LYS B 156 38.85 -7.50 9.87
C LYS B 156 38.63 -6.18 10.60
N ALA B 157 37.37 -5.78 10.77
CA ALA B 157 37.05 -4.57 11.51
C ALA B 157 36.65 -4.81 12.96
N LEU B 158 36.19 -6.01 13.30
CA LEU B 158 35.70 -6.26 14.64
C LEU B 158 36.80 -6.02 15.67
N PRO B 159 36.50 -5.37 16.78
CA PRO B 159 37.50 -5.18 17.83
C PRO B 159 37.85 -6.50 18.48
N PRO B 160 39.14 -6.75 18.72
CA PRO B 160 39.52 -7.95 19.49
C PRO B 160 39.04 -7.85 20.93
N MET B 161 38.26 -8.84 21.35
CA MET B 161 37.64 -8.86 22.67
C MET B 161 38.45 -9.73 23.62
N ARG B 162 39.69 -9.31 23.83
CA ARG B 162 40.68 -10.06 24.59
C ARG B 162 40.69 -9.74 26.08
N GLY B 163 39.94 -8.74 26.53
CA GLY B 163 39.81 -8.48 27.95
C GLY B 163 39.13 -9.62 28.70
N PHE B 164 38.98 -9.43 30.00
CA PHE B 164 38.55 -10.50 30.91
C PHE B 164 37.07 -10.41 31.22
N LYS B 165 36.40 -11.56 31.10
CA LYS B 165 34.98 -11.70 31.39
C LYS B 165 34.69 -11.89 32.87
N TYR B 166 35.43 -12.79 33.52
CA TYR B 166 35.16 -13.19 34.89
C TYR B 166 36.41 -13.77 35.52
N THR B 167 36.43 -13.76 36.85
CA THR B 167 37.52 -14.28 37.65
C THR B 167 36.97 -14.92 38.90
N SER B 168 37.66 -15.96 39.37
CA SER B 168 37.23 -16.66 40.57
C SER B 168 38.45 -17.17 41.31
N TRP B 169 38.60 -16.73 42.56
CA TRP B 169 39.70 -17.15 43.41
C TRP B 169 39.46 -18.56 43.94
N SER B 170 40.51 -19.37 43.95
CA SER B 170 40.48 -20.64 44.66
C SER B 170 40.47 -20.40 46.16
N PRO B 171 40.22 -21.44 46.96
CA PRO B 171 40.55 -21.38 48.39
C PRO B 171 42.04 -21.21 48.62
N MET B 172 42.39 -20.83 49.85
CA MET B 172 43.78 -20.84 50.28
C MET B 172 44.39 -22.23 50.19
N GLY B 173 45.71 -22.26 49.99
CA GLY B 173 46.45 -23.51 49.91
C GLY B 173 46.44 -24.22 48.58
N CYS B 174 45.74 -23.68 47.57
CA CYS B 174 45.70 -24.32 46.26
C CYS B 174 46.98 -24.09 45.47
N ASP B 175 47.70 -23.01 45.73
CA ASP B 175 48.83 -22.64 44.89
C ASP B 175 50.01 -23.58 45.14
N ALA B 176 51.09 -23.37 44.39
CA ALA B 176 52.34 -24.05 44.68
C ALA B 176 52.85 -23.69 46.07
N ASN B 177 52.65 -22.45 46.48
CA ASN B 177 52.83 -22.02 47.86
C ASN B 177 51.49 -22.10 48.58
N GLY B 178 51.49 -21.65 49.84
CA GLY B 178 50.28 -21.61 50.64
C GLY B 178 49.22 -20.63 50.16
N ARG B 179 49.49 -19.88 49.10
CA ARG B 179 48.57 -18.86 48.62
C ARG B 179 47.44 -19.52 47.80
N CYS B 180 46.64 -18.71 47.12
CA CYS B 180 45.50 -19.19 46.35
C CYS B 180 45.68 -18.89 44.87
N LEU B 181 45.01 -19.68 44.04
CA LEU B 181 45.05 -19.56 42.59
C LEU B 181 43.97 -18.59 42.12
N LEU B 182 44.18 -18.04 40.92
CA LEU B 182 43.18 -17.22 40.25
C LEU B 182 42.74 -17.90 38.95
N ALA B 183 41.47 -18.28 38.88
CA ALA B 183 40.86 -18.61 37.61
C ALA B 183 40.45 -17.33 36.88
N ALA B 184 40.72 -17.28 35.57
CA ALA B 184 40.50 -16.06 34.81
C ALA B 184 40.01 -16.40 33.40
N LEU B 185 38.89 -15.82 33.00
CA LEU B 185 38.25 -16.14 31.74
C LEU B 185 38.20 -14.89 30.88
N THR B 186 38.80 -14.95 29.69
CA THR B 186 38.71 -13.84 28.76
C THR B 186 37.33 -13.82 28.09
N MET B 187 37.01 -12.67 27.50
CA MET B 187 35.75 -12.55 26.76
C MET B 187 35.77 -13.35 25.46
N ASP B 188 36.93 -13.59 24.87
CA ASP B 188 37.02 -14.58 23.79
C ASP B 188 37.21 -16.01 24.29
N ASN B 189 36.77 -16.31 25.52
CA ASN B 189 36.58 -17.66 26.03
C ASN B 189 37.86 -18.42 26.33
N ARG B 190 39.00 -17.74 26.47
CA ARG B 190 40.21 -18.41 26.94
C ARG B 190 40.13 -18.55 28.45
N LEU B 191 39.84 -19.76 28.93
CA LEU B 191 39.88 -20.05 30.35
C LEU B 191 41.30 -20.41 30.80
N THR B 192 41.86 -19.59 31.68
CA THR B 192 43.23 -19.76 32.15
C THR B 192 43.23 -19.89 33.66
N ILE B 193 44.21 -20.61 34.19
CA ILE B 193 44.53 -20.59 35.62
C ILE B 193 45.84 -19.84 35.83
N GLN B 194 45.82 -18.89 36.76
CA GLN B 194 46.93 -17.97 36.99
C GLN B 194 47.40 -18.10 38.43
N ALA B 195 48.71 -17.92 38.64
CA ALA B 195 49.27 -17.88 39.98
C ALA B 195 50.44 -16.92 40.00
N ASN B 196 50.81 -16.49 41.21
CA ASN B 196 51.78 -15.43 41.45
C ASN B 196 52.96 -15.98 42.22
N LEU B 197 53.86 -16.66 41.51
CA LEU B 197 54.87 -17.48 42.18
C LEU B 197 55.90 -16.59 42.89
N ASN B 198 56.65 -15.81 42.12
CA ASN B 198 57.34 -14.68 42.70
C ASN B 198 56.37 -13.52 42.89
N ARG B 199 56.80 -12.52 43.66
CA ARG B 199 55.92 -11.40 43.98
C ARG B 199 55.55 -10.60 42.73
N LEU B 200 56.50 -10.42 41.80
CA LEU B 200 56.26 -9.55 40.66
C LEU B 200 55.29 -10.15 39.67
N GLN B 201 55.63 -11.32 39.11
CA GLN B 201 54.98 -11.83 37.91
C GLN B 201 53.77 -12.70 38.22
N TRP B 202 52.78 -12.61 37.33
CA TRP B 202 51.71 -13.59 37.20
C TRP B 202 52.02 -14.46 35.99
N VAL B 203 51.93 -15.78 36.16
CA VAL B 203 52.22 -16.73 35.08
C VAL B 203 51.04 -17.65 34.87
N GLN B 204 50.77 -17.98 33.61
CA GLN B 204 49.71 -18.90 33.25
C GLN B 204 50.16 -20.33 33.57
N LEU B 205 49.54 -20.94 34.57
CA LEU B 205 49.85 -22.32 34.90
C LEU B 205 49.29 -23.30 33.88
N VAL B 206 48.09 -23.04 33.35
CA VAL B 206 47.52 -23.88 32.30
C VAL B 206 46.48 -23.06 31.54
N ASP B 207 46.23 -23.45 30.29
CA ASP B 207 45.07 -23.01 29.52
C ASP B 207 44.13 -24.20 29.36
N LEU B 208 42.93 -24.09 29.95
CA LEU B 208 41.96 -25.19 29.93
C LEU B 208 41.11 -25.23 28.68
N THR B 209 40.98 -24.10 27.97
CA THR B 209 40.31 -24.11 26.66
C THR B 209 41.16 -24.79 25.60
N GLU B 210 42.48 -24.65 25.70
CA GLU B 210 43.40 -25.43 24.86
C GLU B 210 43.24 -26.93 25.08
N ILE B 211 43.19 -27.35 26.34
CA ILE B 211 43.03 -28.78 26.63
C ILE B 211 41.65 -29.29 26.22
N TYR B 212 40.58 -28.63 26.69
CA TYR B 212 39.25 -29.20 26.54
C TYR B 212 38.82 -29.28 25.08
N GLY B 213 39.20 -28.31 24.27
CA GLY B 213 38.92 -28.39 22.84
C GLY B 213 39.62 -29.55 22.17
N GLU B 214 40.83 -29.88 22.62
CA GLU B 214 41.53 -31.06 22.14
C GLU B 214 40.86 -32.36 22.56
N ARG B 215 40.44 -32.46 23.82
CA ARG B 215 39.70 -33.64 24.28
C ARG B 215 38.41 -33.87 23.49
N LEU B 216 37.67 -32.81 23.20
CA LEU B 216 36.48 -32.98 22.36
C LEU B 216 36.83 -33.40 20.94
N TYR B 217 37.86 -32.80 20.34
CA TYR B 217 38.27 -33.23 19.00
C TYR B 217 38.71 -34.69 18.99
N GLU B 218 39.43 -35.11 20.03
CA GLU B 218 39.80 -36.51 20.23
C GLU B 218 38.60 -37.43 20.50
N THR B 219 37.38 -36.91 20.59
CA THR B 219 36.19 -37.75 20.73
C THR B 219 35.07 -37.32 19.79
N SER B 220 35.43 -36.62 18.71
CA SER B 220 34.49 -36.12 17.70
C SER B 220 33.27 -35.42 18.31
N TYR B 221 33.52 -34.59 19.33
CA TYR B 221 32.50 -33.71 19.90
C TYR B 221 31.29 -34.45 20.46
N ARG B 222 31.44 -35.68 20.91
CA ARG B 222 30.39 -36.29 21.72
C ARG B 222 30.98 -37.11 22.85
N LEU B 223 30.31 -37.07 24.00
CA LEU B 223 30.79 -37.75 25.20
C LEU B 223 30.68 -39.27 25.07
N SER B 224 29.60 -39.76 24.48
CA SER B 224 29.46 -41.17 24.11
C SER B 224 29.28 -41.28 22.60
N LYS B 225 30.17 -42.04 21.96
CA LYS B 225 30.17 -42.14 20.49
C LYS B 225 28.86 -42.73 19.98
N ASN B 226 28.34 -43.74 20.67
CA ASN B 226 27.11 -44.41 20.26
C ASN B 226 25.86 -43.60 20.61
N GLU B 227 25.95 -42.71 21.60
CA GLU B 227 24.78 -41.95 22.03
C GLU B 227 24.39 -40.91 20.99
N ALA B 228 25.36 -40.28 20.33
CA ALA B 228 25.09 -39.46 19.15
C ALA B 228 26.29 -39.50 18.21
N PRO B 229 26.19 -40.26 17.12
CA PRO B 229 27.25 -40.25 16.10
C PRO B 229 27.50 -38.86 15.54
N GLU B 230 28.71 -38.66 15.03
CA GLU B 230 29.20 -37.35 14.64
C GLU B 230 28.34 -36.74 13.53
N GLY B 231 27.76 -35.57 13.83
CA GLY B 231 27.01 -34.84 12.83
C GLY B 231 27.92 -34.01 11.93
N ASN B 232 27.45 -33.77 10.71
CA ASN B 232 28.26 -33.06 9.73
C ASN B 232 28.42 -31.59 10.13
N LEU B 233 29.67 -31.13 10.18
CA LEU B 233 29.97 -29.74 10.50
C LEU B 233 29.33 -28.76 9.53
N GLY B 234 29.01 -29.19 8.31
CA GLY B 234 28.32 -28.31 7.38
C GLY B 234 26.91 -27.93 7.80
N ASP B 235 26.33 -28.62 8.77
CA ASP B 235 25.04 -28.22 9.32
C ASP B 235 25.25 -27.11 10.36
N PHE B 236 24.66 -25.94 10.10
CA PHE B 236 24.88 -24.78 10.95
C PHE B 236 24.46 -25.05 12.40
N ALA B 237 23.42 -25.86 12.59
CA ALA B 237 23.02 -26.25 13.95
C ALA B 237 24.11 -27.08 14.63
N GLU B 238 24.79 -27.94 13.88
CA GLU B 238 25.89 -28.72 14.44
C GLU B 238 27.16 -27.90 14.57
N PHE B 239 27.44 -27.03 13.59
CA PHE B 239 28.51 -26.06 13.72
C PHE B 239 28.34 -25.22 14.98
N GLN B 240 27.17 -24.60 15.15
CA GLN B 240 26.87 -23.83 16.35
C GLN B 240 26.99 -24.66 17.63
N ARG B 241 26.47 -25.89 17.61
CA ARG B 241 26.57 -26.75 18.79
C ARG B 241 28.00 -27.02 19.21
N ARG B 242 28.89 -27.31 18.25
CA ARG B 242 30.29 -27.55 18.58
C ARG B 242 30.96 -26.33 19.20
N HIS B 243 30.42 -25.14 19.01
CA HIS B 243 30.83 -23.99 19.81
C HIS B 243 30.13 -23.95 21.16
N SER B 244 28.81 -24.08 21.18
CA SER B 244 28.03 -23.94 22.41
C SER B 244 28.45 -24.94 23.48
N MET B 245 28.78 -26.16 23.10
CA MET B 245 29.22 -27.16 24.07
C MET B 245 30.57 -26.86 24.70
N GLN B 246 31.30 -25.87 24.20
CA GLN B 246 32.63 -25.56 24.75
C GLN B 246 32.85 -24.05 24.84
N THR B 247 31.78 -23.28 25.02
CA THR B 247 31.88 -21.86 25.32
C THR B 247 31.64 -21.67 26.81
N PRO B 248 32.67 -21.38 27.61
CA PRO B 248 32.47 -21.25 29.06
C PRO B 248 31.65 -20.03 29.40
N VAL B 249 30.69 -20.21 30.32
CA VAL B 249 29.92 -19.12 30.88
C VAL B 249 30.58 -18.59 32.15
N ARG B 250 30.66 -19.43 33.18
CA ARG B 250 31.22 -19.04 34.46
C ARG B 250 31.85 -20.27 35.11
N MET B 251 32.71 -20.03 36.10
CA MET B 251 33.41 -21.11 36.79
C MET B 251 33.54 -20.77 38.28
N GLU B 252 33.57 -21.82 39.10
CA GLU B 252 33.75 -21.66 40.54
C GLU B 252 34.52 -22.85 41.09
N TRP B 253 35.25 -22.59 42.18
CA TRP B 253 36.05 -23.60 42.86
C TRP B 253 35.26 -24.23 44.00
N SER B 254 35.42 -25.54 44.18
CA SER B 254 34.92 -26.20 45.37
C SER B 254 35.74 -25.80 46.59
N GLY B 255 35.30 -26.27 47.76
CA GLY B 255 36.18 -26.36 48.91
C GLY B 255 37.35 -27.29 48.67
N ILE B 256 38.25 -27.30 49.66
CA ILE B 256 39.38 -28.22 49.64
C ILE B 256 38.88 -29.62 49.97
N CYS B 257 39.05 -30.56 49.03
CA CYS B 257 38.84 -31.97 49.30
C CYS B 257 40.10 -32.59 49.89
N THR B 258 39.90 -33.64 50.68
CA THR B 258 41.01 -34.37 51.29
C THR B 258 40.71 -35.87 51.34
N VAL B 271 46.23 -36.29 50.90
CA VAL B 271 46.54 -35.39 49.80
C VAL B 271 45.34 -34.48 49.52
N GLY B 272 45.59 -33.19 49.38
CA GLY B 272 44.52 -32.25 49.10
C GLY B 272 44.09 -32.27 47.64
N SER B 273 42.83 -31.87 47.43
CA SER B 273 42.29 -31.74 46.08
C SER B 273 41.27 -30.62 46.07
N VAL B 274 41.05 -30.05 44.89
CA VAL B 274 40.01 -29.05 44.68
C VAL B 274 39.38 -29.29 43.31
N LEU B 275 38.08 -28.99 43.23
CA LEU B 275 37.32 -29.14 41.99
C LEU B 275 37.03 -27.76 41.41
N LEU B 276 37.23 -27.62 40.09
CA LEU B 276 36.76 -26.47 39.33
C LEU B 276 35.65 -26.92 38.40
N ALA B 277 34.46 -26.35 38.58
CA ALA B 277 33.34 -26.57 37.66
C ALA B 277 33.28 -25.43 36.66
N VAL B 278 33.24 -25.77 35.38
CA VAL B 278 33.06 -24.80 34.30
C VAL B 278 31.69 -25.01 33.67
N LEU B 279 30.91 -23.94 33.58
CA LEU B 279 29.57 -24.00 33.01
C LEU B 279 29.60 -23.49 31.57
N PHE B 280 29.02 -24.25 30.65
CA PHE B 280 29.00 -23.88 29.23
C PHE B 280 27.62 -23.40 28.78
N GLU B 281 27.63 -22.66 27.67
CA GLU B 281 26.40 -22.19 27.05
C GLU B 281 25.40 -23.31 26.78
N ASN B 282 25.90 -24.51 26.49
CA ASN B 282 25.06 -25.67 26.21
C ASN B 282 24.44 -26.25 27.47
N GLY B 283 24.79 -25.77 28.65
CA GLY B 283 24.36 -26.41 29.87
C GLY B 283 25.16 -27.64 30.24
N ASN B 284 26.16 -28.00 29.46
CA ASN B 284 27.20 -28.89 29.93
C ASN B 284 27.98 -28.23 31.05
N ILE B 285 28.43 -29.03 32.00
CA ILE B 285 29.39 -28.61 33.01
C ILE B 285 30.57 -29.57 32.99
N ALA B 286 31.77 -29.05 32.83
CA ALA B 286 32.99 -29.81 33.02
C ALA B 286 33.49 -29.59 34.44
N VAL B 287 33.61 -30.66 35.19
CA VAL B 287 34.25 -30.62 36.51
C VAL B 287 35.69 -31.08 36.35
N TRP B 288 36.62 -30.14 36.50
CA TRP B 288 38.03 -30.49 36.62
C TRP B 288 38.34 -30.88 38.06
N GLN B 289 39.12 -31.94 38.22
CA GLN B 289 39.71 -32.28 39.51
C GLN B 289 41.19 -31.98 39.48
N PHE B 290 41.65 -31.19 40.44
CA PHE B 290 43.06 -30.84 40.57
C PHE B 290 43.65 -31.50 41.80
N GLN B 291 44.85 -32.06 41.64
CA GLN B 291 45.65 -32.49 42.76
C GLN B 291 46.39 -31.29 43.35
N LEU B 292 46.53 -31.29 44.68
CA LEU B 292 47.18 -30.17 45.33
C LEU B 292 48.51 -30.58 45.94
N PRO B 293 49.48 -29.66 46.01
CA PRO B 293 49.48 -28.29 45.47
C PRO B 293 49.48 -28.25 43.94
N PHE B 294 48.70 -27.35 43.36
CA PHE B 294 48.59 -27.25 41.91
C PHE B 294 49.83 -26.57 41.35
N VAL B 295 50.46 -27.19 40.35
CA VAL B 295 51.71 -26.66 39.83
C VAL B 295 51.66 -26.55 38.31
N GLY B 296 50.65 -27.11 37.69
CA GLY B 296 50.56 -27.09 36.24
C GLY B 296 49.71 -28.23 35.72
N LYS B 297 49.80 -28.42 34.40
CA LYS B 297 49.05 -29.48 33.71
C LYS B 297 49.27 -30.85 34.32
N GLU B 298 50.46 -31.09 34.87
CA GLU B 298 50.74 -32.34 35.57
C GLU B 298 49.76 -32.61 36.70
N SER B 299 49.23 -31.56 37.34
CA SER B 299 48.30 -31.72 38.45
C SER B 299 46.86 -31.99 38.03
N ILE B 300 46.53 -31.95 36.74
CA ILE B 300 45.16 -32.17 36.31
C ILE B 300 44.86 -33.67 36.40
N SER B 301 44.04 -34.04 37.39
CA SER B 301 43.76 -35.45 37.65
C SER B 301 42.68 -36.03 36.76
N SER B 302 41.60 -35.29 36.52
CA SER B 302 40.57 -35.74 35.59
C SER B 302 39.74 -34.54 35.12
N CYS B 303 38.95 -34.77 34.07
CA CYS B 303 38.01 -33.78 33.56
C CYS B 303 36.72 -34.48 33.14
N ASN B 304 35.70 -34.40 33.99
CA ASN B 304 34.47 -35.16 33.85
C ASN B 304 33.34 -34.20 33.50
N THR B 305 32.67 -34.44 32.39
CA THR B 305 31.61 -33.58 31.90
C THR B 305 30.25 -34.16 32.23
N ILE B 306 29.36 -33.30 32.76
CA ILE B 306 28.00 -33.67 33.10
C ILE B 306 27.05 -32.74 32.33
N GLU B 307 25.83 -33.21 32.12
CA GLU B 307 24.82 -32.44 31.43
C GLU B 307 23.74 -32.02 32.42
N SER B 308 23.54 -30.71 32.55
CA SER B 308 22.59 -30.19 33.53
C SER B 308 21.14 -30.40 33.11
N GLY B 309 20.87 -30.36 31.80
CA GLY B 309 19.52 -30.30 31.31
C GLY B 309 18.87 -28.93 31.44
N ILE B 310 19.50 -28.00 32.15
CA ILE B 310 19.04 -26.62 32.17
C ILE B 310 19.29 -25.99 30.80
N THR B 311 18.35 -25.17 30.35
CA THR B 311 18.57 -24.35 29.17
C THR B 311 19.14 -22.98 29.56
N SER B 312 19.96 -22.43 28.65
CA SER B 312 20.58 -21.11 28.77
C SER B 312 21.12 -20.84 30.17
N PRO B 313 21.98 -21.70 30.70
CA PRO B 313 22.43 -21.55 32.09
C PRO B 313 23.26 -20.29 32.26
N SER B 314 23.28 -19.81 33.50
CA SER B 314 23.81 -18.47 33.76
C SER B 314 24.91 -18.43 34.81
N VAL B 315 24.83 -19.24 35.86
CA VAL B 315 25.69 -19.08 37.02
C VAL B 315 25.84 -20.43 37.73
N LEU B 316 27.00 -20.63 38.35
CA LEU B 316 27.25 -21.74 39.25
C LEU B 316 27.54 -21.25 40.66
N PHE B 317 27.23 -22.10 41.64
CA PHE B 317 27.94 -22.10 42.91
C PHE B 317 27.97 -23.53 43.43
N TRP B 318 28.93 -23.81 44.30
CA TRP B 318 29.00 -25.12 44.95
C TRP B 318 28.20 -25.08 46.24
N TRP B 319 27.05 -25.77 46.25
CA TRP B 319 26.40 -26.07 47.52
C TRP B 319 27.19 -27.17 48.20
N GLU B 320 27.60 -26.93 49.45
CA GLU B 320 28.54 -27.82 50.11
C GLU B 320 28.35 -27.70 51.61
N TYR B 321 28.02 -28.81 52.27
CA TYR B 321 27.26 -28.77 53.51
C TYR B 321 27.60 -30.02 54.31
N GLU B 322 27.38 -29.94 55.62
CA GLU B 322 27.67 -31.05 56.51
C GLU B 322 26.55 -31.24 57.51
N HIS B 323 26.22 -32.51 57.79
CA HIS B 323 25.22 -32.83 58.79
C HIS B 323 25.58 -34.16 59.43
N ASN B 324 25.77 -34.14 60.75
CA ASN B 324 26.39 -35.22 61.52
C ASN B 324 27.71 -35.62 60.86
N ASN B 325 27.94 -36.90 60.59
CA ASN B 325 29.13 -37.35 59.85
C ASN B 325 29.08 -37.00 58.36
N ARG B 326 27.89 -36.80 57.80
CA ARG B 326 27.75 -36.73 56.36
C ARG B 326 28.32 -35.43 55.81
N LYS B 327 29.16 -35.54 54.78
CA LYS B 327 29.57 -34.42 53.96
C LYS B 327 28.79 -34.45 52.65
N MET B 328 27.97 -33.43 52.42
CA MET B 328 27.12 -33.31 51.25
C MET B 328 27.64 -32.19 50.35
N SER B 329 27.68 -32.44 49.04
CA SER B 329 27.91 -31.35 48.12
C SER B 329 27.22 -31.62 46.78
N GLY B 330 26.83 -30.53 46.12
CA GLY B 330 26.33 -30.57 44.76
C GLY B 330 26.40 -29.18 44.17
N LEU B 331 26.44 -29.12 42.84
CA LEU B 331 26.36 -27.84 42.17
C LEU B 331 24.95 -27.27 42.25
N ILE B 332 24.84 -25.98 42.57
CA ILE B 332 23.62 -25.22 42.38
C ILE B 332 23.76 -24.37 41.12
N VAL B 333 22.78 -24.44 40.23
CA VAL B 333 22.89 -23.90 38.89
C VAL B 333 21.65 -23.06 38.60
N GLY B 334 21.84 -21.92 37.96
CA GLY B 334 20.75 -21.02 37.65
C GLY B 334 20.73 -20.66 36.18
N SER B 335 19.54 -20.54 35.63
CA SER B 335 19.35 -20.19 34.23
C SER B 335 19.20 -18.68 34.05
N ALA B 336 19.52 -18.21 32.84
CA ALA B 336 19.16 -16.86 32.43
C ALA B 336 17.65 -16.67 32.28
N PHE B 337 16.88 -17.74 32.13
CA PHE B 337 15.43 -17.65 32.13
C PHE B 337 14.81 -17.85 33.50
N GLY B 338 15.61 -18.02 34.56
CA GLY B 338 15.13 -17.79 35.90
C GLY B 338 14.95 -18.96 36.86
N PRO B 339 14.81 -20.20 36.42
CA PRO B 339 14.75 -21.30 37.39
C PRO B 339 16.10 -21.58 38.01
N ILE B 340 16.06 -22.20 39.19
CA ILE B 340 17.26 -22.52 39.96
C ILE B 340 17.17 -23.98 40.41
N LYS B 341 18.23 -24.74 40.18
CA LYS B 341 18.25 -26.17 40.45
C LYS B 341 19.59 -26.55 41.05
N ILE B 342 19.59 -27.59 41.90
CA ILE B 342 20.81 -28.19 42.42
C ILE B 342 21.08 -29.50 41.69
N LEU B 343 22.32 -29.65 41.20
CA LEU B 343 22.71 -30.87 40.53
C LEU B 343 23.56 -31.72 41.45
N PRO B 344 23.28 -33.02 41.59
CA PRO B 344 24.18 -33.93 42.30
C PRO B 344 25.39 -34.28 41.43
N VAL B 345 26.56 -33.77 41.82
CA VAL B 345 27.81 -34.20 41.22
C VAL B 345 28.34 -35.40 42.02
N ASN B 346 28.34 -36.58 41.40
CA ASN B 346 28.92 -37.78 41.98
C ASN B 346 30.29 -38.10 41.43
N LEU B 347 30.72 -37.42 40.37
CA LEU B 347 31.92 -37.79 39.60
C LEU B 347 33.17 -37.21 40.27
N LYS B 348 33.53 -37.79 41.40
CA LYS B 348 34.72 -37.36 42.12
C LYS B 348 35.39 -38.58 42.74
N ALA B 349 36.68 -38.42 43.05
CA ALA B 349 37.49 -39.51 43.59
C ALA B 349 37.36 -39.66 45.10
N VAL B 350 37.15 -38.58 45.84
CA VAL B 350 37.35 -38.62 47.29
C VAL B 350 36.26 -39.44 47.95
N LYS B 351 36.67 -40.20 48.97
CA LYS B 351 35.76 -41.11 49.67
C LYS B 351 34.95 -40.41 50.76
N GLY B 352 35.44 -39.27 51.28
CA GLY B 352 34.78 -38.62 52.39
C GLY B 352 33.50 -37.90 52.02
N TYR B 353 33.36 -37.52 50.75
CA TYR B 353 32.19 -36.79 50.30
C TYR B 353 31.04 -37.73 49.95
N PHE B 354 29.83 -37.16 49.98
CA PHE B 354 28.63 -37.76 49.43
C PHE B 354 27.91 -36.71 48.61
N THR B 355 27.02 -37.15 47.74
CA THR B 355 26.36 -36.28 46.78
C THR B 355 24.85 -36.45 46.86
N LEU B 356 24.14 -35.41 46.44
CA LEU B 356 22.70 -35.35 46.66
C LEU B 356 21.99 -36.52 46.00
N ARG B 357 20.95 -37.01 46.66
CA ARG B 357 20.29 -38.25 46.22
C ARG B 357 19.57 -38.06 44.89
N GLN B 358 19.03 -36.86 44.64
CA GLN B 358 18.30 -36.56 43.43
C GLN B 358 18.43 -35.08 43.16
N PRO B 359 18.38 -34.64 41.90
CA PRO B 359 18.30 -33.20 41.64
C PRO B 359 17.05 -32.61 42.27
N VAL B 360 17.22 -31.46 42.91
CA VAL B 360 16.12 -30.73 43.53
C VAL B 360 16.06 -29.34 42.93
N ILE B 361 14.84 -28.83 42.77
CA ILE B 361 14.59 -27.53 42.14
C ILE B 361 14.17 -26.53 43.22
N LEU B 362 14.87 -25.40 43.27
CA LEU B 362 14.65 -24.37 44.27
C LEU B 362 13.67 -23.29 43.81
N TRP B 363 13.75 -22.91 42.54
CA TRP B 363 12.75 -22.04 41.92
C TRP B 363 12.41 -22.56 40.54
N LYS B 364 11.11 -22.62 40.27
CA LYS B 364 10.58 -23.30 39.08
C LYS B 364 9.97 -22.36 38.05
N GLU B 365 9.76 -21.08 38.37
CA GLU B 365 8.69 -20.33 37.74
C GLU B 365 9.04 -19.80 36.35
N MET B 366 10.29 -19.88 35.92
CA MET B 366 10.66 -19.52 34.55
C MET B 366 10.27 -18.09 34.19
N ASP B 367 10.32 -17.18 35.17
CA ASP B 367 9.79 -15.82 35.00
C ASP B 367 10.69 -14.92 34.16
N GLN B 368 11.81 -15.44 33.65
CA GLN B 368 12.80 -14.71 32.86
C GLN B 368 13.49 -13.59 33.61
N LEU B 369 13.34 -13.49 34.93
CA LEU B 369 14.32 -12.73 35.69
C LEU B 369 15.64 -13.50 35.70
N PRO B 370 16.70 -12.98 35.09
CA PRO B 370 17.97 -13.73 35.07
C PRO B 370 18.54 -13.89 36.47
N VAL B 371 18.99 -15.11 36.78
CA VAL B 371 19.75 -15.36 38.00
C VAL B 371 21.16 -14.83 37.78
N HIS B 372 21.42 -13.60 38.22
CA HIS B 372 22.65 -12.92 37.87
C HIS B 372 23.83 -13.32 38.75
N SER B 373 23.57 -13.64 40.02
CA SER B 373 24.62 -14.11 40.92
C SER B 373 24.00 -15.01 41.97
N ILE B 374 24.79 -15.97 42.44
CA ILE B 374 24.41 -16.85 43.54
C ILE B 374 25.51 -16.81 44.60
N LYS B 375 25.11 -16.88 45.86
CA LYS B 375 26.00 -17.06 46.99
C LYS B 375 25.34 -17.99 47.98
N CYS B 376 26.13 -18.68 48.78
CA CYS B 376 25.55 -19.42 49.90
C CYS B 376 26.52 -19.40 51.08
N VAL B 377 25.95 -19.57 52.27
CA VAL B 377 26.67 -19.43 53.53
C VAL B 377 26.19 -20.51 54.50
N PRO B 378 27.06 -21.12 55.28
CA PRO B 378 26.59 -22.00 56.35
C PRO B 378 26.03 -21.21 57.52
N LEU B 379 24.97 -21.72 58.13
CA LEU B 379 24.43 -21.16 59.36
C LEU B 379 24.02 -22.28 60.30
N TYR B 380 24.36 -22.14 61.58
CA TYR B 380 23.73 -22.91 62.65
C TYR B 380 22.40 -22.25 63.00
N HIS B 381 21.30 -22.89 62.63
CA HIS B 381 19.98 -22.36 62.96
C HIS B 381 19.68 -22.59 64.45
N PRO B 382 19.35 -21.55 65.20
CA PRO B 382 19.22 -21.69 66.66
C PRO B 382 17.99 -22.47 67.09
N TYR B 383 16.81 -22.12 66.55
CA TYR B 383 15.59 -22.78 66.98
C TYR B 383 15.51 -24.21 66.47
N GLN B 384 15.95 -24.46 65.24
CA GLN B 384 16.06 -25.83 64.74
C GLN B 384 17.28 -26.55 65.28
N LYS B 385 18.14 -25.85 66.03
CA LYS B 385 19.22 -26.46 66.80
C LYS B 385 20.11 -27.35 65.93
N CYS B 386 20.40 -26.89 64.71
CA CYS B 386 21.08 -27.78 63.78
C CYS B 386 21.81 -26.97 62.72
N SER B 387 22.75 -27.63 62.06
CA SER B 387 23.39 -27.11 60.86
C SER B 387 22.39 -26.96 59.72
N CYS B 388 22.37 -25.77 59.13
CA CYS B 388 21.59 -25.53 57.93
C CYS B 388 22.42 -24.70 56.95
N SER B 389 21.89 -24.52 55.75
CA SER B 389 22.56 -23.75 54.70
C SER B 389 21.60 -22.76 54.08
N LEU B 390 22.05 -21.52 53.94
CA LEU B 390 21.27 -20.48 53.29
C LEU B 390 21.81 -20.24 51.89
N VAL B 391 20.92 -20.30 50.90
CA VAL B 391 21.23 -19.90 49.53
C VAL B 391 20.59 -18.55 49.27
N VAL B 392 21.36 -17.63 48.69
CA VAL B 392 20.81 -16.38 48.17
C VAL B 392 21.21 -16.25 46.71
N ALA B 393 20.31 -15.70 45.91
CA ALA B 393 20.56 -15.49 44.49
C ALA B 393 19.96 -14.17 44.06
N ALA B 394 20.72 -13.39 43.30
CA ALA B 394 20.21 -12.15 42.74
C ALA B 394 19.38 -12.46 41.50
N ARG B 395 18.09 -12.14 41.55
CA ARG B 395 17.17 -12.41 40.45
C ARG B 395 16.56 -11.09 40.01
N GLY B 396 17.09 -10.53 38.94
CA GLY B 396 16.75 -9.18 38.53
C GLY B 396 17.04 -8.16 39.60
N SER B 397 15.99 -7.47 40.07
CA SER B 397 16.12 -6.51 41.16
C SER B 397 15.74 -7.10 42.51
N TYR B 398 15.35 -8.36 42.56
CA TYR B 398 14.98 -9.03 43.80
C TYR B 398 16.14 -9.91 44.26
N VAL B 399 16.10 -10.29 45.53
CA VAL B 399 16.96 -11.35 46.04
C VAL B 399 16.09 -12.55 46.37
N PHE B 400 16.29 -13.64 45.65
CA PHE B 400 15.76 -14.94 46.05
C PHE B 400 16.59 -15.46 47.21
N TRP B 401 15.94 -15.94 48.26
CA TRP B 401 16.63 -16.66 49.32
C TRP B 401 15.95 -17.99 49.55
N CYS B 402 16.77 -19.00 49.83
CA CYS B 402 16.28 -20.35 50.11
C CYS B 402 17.14 -20.96 51.21
N LEU B 403 16.49 -21.51 52.23
CA LEU B 403 17.18 -22.12 53.35
C LEU B 403 17.03 -23.63 53.26
N LEU B 404 18.16 -24.33 53.27
CA LEU B 404 18.22 -25.78 53.14
C LEU B 404 18.58 -26.37 54.49
N LEU B 405 17.79 -27.33 54.95
CA LEU B 405 17.92 -27.86 56.30
C LEU B 405 17.63 -29.35 56.23
N ILE B 406 18.68 -30.16 56.37
CA ILE B 406 18.53 -31.61 56.36
C ILE B 406 17.90 -32.10 57.65
N SER B 407 16.95 -33.01 57.52
CA SER B 407 16.31 -33.66 58.65
C SER B 407 15.87 -35.06 58.20
N LYS B 408 15.11 -35.74 59.06
CA LYS B 408 14.55 -37.04 58.67
C LYS B 408 13.69 -36.94 57.43
N ALA B 409 13.12 -35.76 57.15
CA ALA B 409 12.40 -35.52 55.91
C ALA B 409 13.33 -35.34 54.70
N GLY B 410 14.64 -35.50 54.88
CA GLY B 410 15.59 -35.09 53.87
C GLY B 410 15.81 -33.60 53.85
N LEU B 411 15.90 -33.01 52.66
CA LEU B 411 15.88 -31.55 52.55
C LEU B 411 14.52 -31.01 52.94
N ASN B 412 14.44 -30.37 54.10
CA ASN B 412 13.41 -29.36 54.32
C ASN B 412 13.81 -28.08 53.60
N VAL B 413 12.86 -27.45 52.91
CA VAL B 413 13.18 -26.32 52.05
C VAL B 413 12.16 -25.22 52.25
N HIS B 414 12.64 -23.99 52.37
CA HIS B 414 11.82 -22.80 52.40
C HIS B 414 12.42 -21.78 51.44
N ASN B 415 11.55 -20.99 50.80
CA ASN B 415 12.05 -19.96 49.89
C ASN B 415 11.08 -18.79 49.84
N SER B 416 11.61 -17.64 49.47
CA SER B 416 10.81 -16.43 49.24
C SER B 416 11.68 -15.44 48.47
N HIS B 417 11.05 -14.37 48.00
CA HIS B 417 11.75 -13.19 47.51
C HIS B 417 11.64 -12.03 48.49
N VAL B 418 12.77 -11.58 49.03
CA VAL B 418 12.82 -10.29 49.69
C VAL B 418 12.76 -9.19 48.64
N THR B 419 11.94 -8.17 48.90
CA THR B 419 11.32 -7.40 47.84
C THR B 419 11.48 -5.90 48.12
N GLY B 420 11.50 -5.11 47.05
CA GLY B 420 11.61 -3.66 47.15
C GLY B 420 13.01 -3.14 47.35
N LEU B 421 14.03 -3.98 47.16
CA LEU B 421 15.40 -3.58 47.46
C LEU B 421 15.87 -2.45 46.54
N HIS B 422 15.60 -2.55 45.25
CA HIS B 422 16.15 -1.63 44.26
C HIS B 422 15.13 -1.33 43.17
N SER B 423 15.33 -0.18 42.53
CA SER B 423 14.54 0.24 41.39
C SER B 423 15.22 -0.10 40.07
N LEU B 424 16.26 -0.91 40.12
CA LEU B 424 17.01 -1.35 38.95
C LEU B 424 17.56 -2.73 39.25
N PRO B 425 17.98 -3.48 38.23
CA PRO B 425 18.58 -4.80 38.49
C PRO B 425 19.78 -4.70 39.42
N ILE B 426 19.96 -5.76 40.21
CA ILE B 426 21.19 -5.95 40.97
C ILE B 426 22.35 -6.17 40.02
N VAL B 427 23.45 -5.48 40.26
CA VAL B 427 24.64 -5.61 39.44
C VAL B 427 25.77 -6.36 40.15
N SER B 428 25.74 -6.45 41.49
CA SER B 428 26.61 -7.38 42.19
C SER B 428 26.07 -7.65 43.58
N MET B 429 26.54 -8.75 44.15
CA MET B 429 26.12 -9.20 45.47
C MET B 429 27.30 -9.92 46.12
N THR B 430 27.44 -9.77 47.43
CA THR B 430 28.32 -10.61 48.22
C THR B 430 27.70 -10.86 49.58
N ALA B 431 28.12 -11.96 50.20
CA ALA B 431 27.60 -12.37 51.50
C ALA B 431 28.74 -12.55 52.49
N ASP B 432 28.50 -12.16 53.74
CA ASP B 432 29.40 -12.50 54.84
C ASP B 432 29.29 -13.99 55.11
N LYS B 433 30.38 -14.73 54.86
CA LYS B 433 30.36 -16.18 55.02
C LYS B 433 30.19 -16.61 56.48
N GLN B 434 30.50 -15.74 57.44
CA GLN B 434 30.32 -16.08 58.84
C GLN B 434 28.91 -15.74 59.34
N ASN B 435 28.42 -14.55 59.02
CA ASN B 435 27.17 -14.06 59.57
C ASN B 435 25.98 -14.25 58.64
N GLY B 436 26.22 -14.49 57.36
CA GLY B 436 25.14 -14.53 56.39
C GLY B 436 24.55 -13.18 56.04
N THR B 437 25.15 -12.09 56.51
CA THR B 437 24.77 -10.77 56.05
C THR B 437 24.99 -10.65 54.54
N VAL B 438 24.01 -10.10 53.85
CA VAL B 438 24.09 -9.95 52.40
C VAL B 438 24.14 -8.47 52.07
N TYR B 439 24.83 -8.14 50.98
CA TYR B 439 24.88 -6.80 50.44
C TYR B 439 24.54 -6.86 48.96
N THR B 440 23.79 -5.87 48.48
CA THR B 440 23.37 -5.84 47.08
C THR B 440 23.45 -4.41 46.57
N CYS B 441 23.61 -4.28 45.26
CA CYS B 441 24.08 -3.05 44.66
C CYS B 441 23.55 -2.91 43.24
N SER B 442 23.40 -1.66 42.80
CA SER B 442 22.89 -1.39 41.46
C SER B 442 23.55 -0.13 40.91
N SER B 443 23.51 0.02 39.59
CA SER B 443 24.23 1.07 38.88
C SER B 443 23.68 2.47 39.13
N ASP B 444 22.64 2.62 39.95
CA ASP B 444 22.22 3.91 40.46
C ASP B 444 22.97 4.34 41.70
N GLY B 445 23.85 3.48 42.22
CA GLY B 445 24.69 3.81 43.34
C GLY B 445 24.13 3.43 44.69
N LYS B 446 22.90 2.93 44.74
CA LYS B 446 22.34 2.45 45.99
C LYS B 446 22.97 1.14 46.38
N VAL B 447 23.33 1.02 47.66
CA VAL B 447 23.83 -0.23 48.22
C VAL B 447 23.03 -0.50 49.48
N ARG B 448 22.60 -1.74 49.65
CA ARG B 448 21.63 -2.06 50.69
C ARG B 448 22.13 -3.25 51.49
N GLN B 449 22.33 -3.02 52.79
CA GLN B 449 22.69 -4.10 53.70
C GLN B 449 21.44 -4.88 54.06
N LEU B 450 21.59 -6.19 54.19
CA LEU B 450 20.46 -7.11 54.20
C LEU B 450 20.80 -8.21 55.20
N ILE B 451 20.12 -8.20 56.33
CA ILE B 451 20.48 -8.98 57.51
C ILE B 451 19.51 -10.14 57.64
N PRO B 452 19.98 -11.39 57.73
CA PRO B 452 19.10 -12.50 58.08
C PRO B 452 18.77 -12.49 59.57
N ILE B 453 17.49 -12.65 59.88
CA ILE B 453 17.04 -12.83 61.26
C ILE B 453 16.37 -14.19 61.34
N PHE B 454 16.90 -15.04 62.21
CA PHE B 454 16.33 -16.37 62.39
C PHE B 454 14.90 -16.29 62.93
N THR B 455 14.08 -17.24 62.50
CA THR B 455 12.69 -17.34 62.90
C THR B 455 12.44 -18.80 63.26
N ASP B 456 11.39 -19.04 64.06
CA ASP B 456 11.13 -20.37 64.59
C ASP B 456 11.17 -21.45 63.51
N VAL B 457 10.70 -21.12 62.30
CA VAL B 457 11.08 -21.84 61.10
C VAL B 457 11.66 -20.88 60.07
N ALA B 458 12.74 -21.31 59.42
CA ALA B 458 13.43 -20.59 58.34
C ALA B 458 13.82 -19.18 58.81
N LEU B 459 13.73 -18.17 57.94
CA LEU B 459 14.26 -16.84 58.20
C LEU B 459 13.20 -15.80 57.88
N LYS B 460 13.44 -14.59 58.38
CA LYS B 460 12.96 -13.37 57.76
C LYS B 460 14.14 -12.45 57.54
N PHE B 461 14.08 -11.68 56.46
CA PHE B 461 15.16 -10.76 56.12
C PHE B 461 14.74 -9.31 56.41
N GLU B 462 15.66 -8.56 57.01
CA GLU B 462 15.49 -7.12 57.22
C GLU B 462 16.67 -6.41 56.58
N HIS B 463 16.40 -5.22 56.02
CA HIS B 463 17.41 -4.54 55.22
C HIS B 463 17.40 -3.05 55.52
N GLN B 464 18.53 -2.40 55.20
CA GLN B 464 18.70 -0.97 55.40
C GLN B 464 19.66 -0.43 54.34
N LEU B 465 19.32 0.72 53.76
CA LEU B 465 20.20 1.38 52.81
C LEU B 465 21.43 1.95 53.51
N ILE B 466 22.58 1.90 52.84
CA ILE B 466 23.76 2.67 53.22
C ILE B 466 23.97 3.82 52.25
N LYS B 467 24.06 5.04 52.81
CA LYS B 467 24.03 6.29 52.05
C LYS B 467 25.40 6.62 51.46
N LEU B 468 25.76 5.92 50.38
CA LEU B 468 27.07 6.16 49.77
C LEU B 468 27.25 7.60 49.31
N SER B 469 26.17 8.30 49.00
CA SER B 469 26.25 9.73 48.69
C SER B 469 26.90 10.52 49.82
N ASP B 470 26.73 10.09 51.06
CA ASP B 470 27.34 10.74 52.22
C ASP B 470 28.85 10.52 52.32
N VAL B 471 29.42 9.58 51.58
CA VAL B 471 30.86 9.37 51.62
C VAL B 471 31.51 9.66 50.27
N PHE B 472 30.75 9.51 49.18
CA PHE B 472 31.29 9.66 47.84
C PHE B 472 30.58 10.72 46.99
N GLY B 473 29.47 11.28 47.45
CA GLY B 473 28.63 12.04 46.55
C GLY B 473 27.93 11.17 45.52
N SER B 474 27.48 11.82 44.45
CA SER B 474 26.81 11.11 43.37
C SER B 474 27.77 10.14 42.71
N VAL B 475 27.34 8.87 42.64
CA VAL B 475 28.23 7.78 42.28
C VAL B 475 27.44 6.70 41.56
N ARG B 476 28.09 6.04 40.60
CA ARG B 476 27.63 4.76 40.09
C ARG B 476 28.49 3.66 40.71
N THR B 477 27.85 2.59 41.14
CA THR B 477 28.56 1.47 41.74
C THR B 477 28.48 0.25 40.82
N HIS B 478 29.63 -0.22 40.35
CA HIS B 478 29.70 -1.28 39.37
C HIS B 478 29.92 -2.65 39.99
N GLY B 479 30.22 -2.73 41.28
CA GLY B 479 30.53 -3.97 41.94
C GLY B 479 30.87 -3.76 43.39
N ILE B 480 30.54 -4.73 44.24
CA ILE B 480 30.93 -4.71 45.65
C ILE B 480 31.55 -6.05 46.01
N ALA B 481 32.37 -6.04 47.07
CA ALA B 481 32.91 -7.26 47.65
C ALA B 481 33.12 -7.06 49.13
N VAL B 482 32.45 -7.89 49.94
CA VAL B 482 32.69 -7.93 51.37
C VAL B 482 34.01 -8.64 51.65
N SER B 483 34.82 -8.05 52.53
CA SER B 483 36.10 -8.64 52.89
C SER B 483 35.88 -9.95 53.64
N PRO B 484 36.89 -10.82 53.70
CA PRO B 484 36.67 -12.19 54.20
C PRO B 484 36.08 -12.26 55.60
N CYS B 485 36.40 -11.33 56.48
CA CYS B 485 35.77 -11.27 57.80
C CYS B 485 34.76 -10.14 57.93
N GLY B 486 34.33 -9.56 56.82
CA GLY B 486 33.28 -8.56 56.87
C GLY B 486 33.71 -7.20 57.37
N ALA B 487 35.02 -6.94 57.49
CA ALA B 487 35.46 -5.66 58.02
C ALA B 487 35.28 -4.54 57.00
N TYR B 488 35.56 -4.80 55.73
CA TYR B 488 35.51 -3.79 54.70
C TYR B 488 34.59 -4.22 53.56
N LEU B 489 33.99 -3.21 52.93
CA LEU B 489 33.32 -3.36 51.64
C LEU B 489 34.15 -2.62 50.60
N ALA B 490 34.70 -3.35 49.65
CA ALA B 490 35.27 -2.72 48.46
C ALA B 490 34.18 -2.42 47.45
N ILE B 491 34.27 -1.24 46.83
CA ILE B 491 33.28 -0.77 45.87
C ILE B 491 34.01 -0.20 44.67
N ILE B 492 33.60 -0.61 43.47
CA ILE B 492 34.00 0.06 42.25
C ILE B 492 33.08 1.26 42.05
N THR B 493 33.65 2.44 41.92
CA THR B 493 32.88 3.66 41.83
C THR B 493 33.20 4.44 40.56
N THR B 494 32.18 5.14 40.05
CA THR B 494 32.30 5.96 38.86
C THR B 494 31.49 7.22 39.07
N GLU B 495 31.86 8.29 38.36
CA GLU B 495 31.14 9.55 38.45
C GLU B 495 29.66 9.35 38.14
N GLY B 496 28.80 9.88 39.01
CA GLY B 496 27.37 9.72 38.87
C GLY B 496 26.68 10.90 38.20
N MET B 497 25.36 10.79 38.12
CA MET B 497 24.54 11.89 37.60
C MET B 497 24.65 13.10 38.51
N ILE B 498 25.10 14.22 37.95
CA ILE B 498 25.11 15.50 38.67
C ILE B 498 23.74 16.14 38.47
N ASN B 499 22.79 15.76 39.33
CA ASN B 499 21.44 16.31 39.33
C ASN B 499 20.80 16.30 37.94
N GLY B 500 20.84 15.14 37.29
CA GLY B 500 20.32 15.00 35.96
C GLY B 500 21.25 15.39 34.82
N LEU B 501 22.50 15.74 35.10
CA LEU B 501 23.51 15.90 34.08
C LEU B 501 24.50 14.74 34.15
N HIS B 502 24.84 14.20 32.98
CA HIS B 502 25.84 13.14 32.91
C HIS B 502 27.25 13.70 33.13
N PRO B 503 28.15 12.89 33.69
CA PRO B 503 29.56 13.28 33.72
C PRO B 503 30.21 13.19 32.36
N VAL B 504 31.08 14.16 32.06
CA VAL B 504 31.78 14.18 30.78
C VAL B 504 32.89 13.12 30.75
N ASN B 505 33.64 13.00 31.84
CA ASN B 505 34.76 12.06 31.94
C ASN B 505 34.41 10.92 32.89
N LYS B 506 34.69 9.70 32.45
CA LYS B 506 34.38 8.49 33.19
C LYS B 506 35.68 7.86 33.68
N ASN B 507 35.79 7.67 34.99
CA ASN B 507 36.95 7.03 35.59
C ASN B 507 36.50 6.05 36.67
N TYR B 508 37.14 4.89 36.71
CA TYR B 508 36.79 3.83 37.65
C TYR B 508 37.78 3.80 38.80
N GLN B 509 37.26 3.78 40.02
CA GLN B 509 38.09 3.73 41.22
C GLN B 509 37.54 2.69 42.17
N VAL B 510 38.42 1.85 42.72
CA VAL B 510 38.07 0.96 43.81
C VAL B 510 38.12 1.75 45.12
N GLN B 511 37.03 1.72 45.88
CA GLN B 511 36.96 2.45 47.14
C GLN B 511 36.50 1.53 48.26
N PHE B 512 37.07 1.72 49.44
CA PHE B 512 36.85 0.84 50.59
C PHE B 512 36.11 1.61 51.66
N VAL B 513 35.08 0.99 52.27
CA VAL B 513 34.35 1.61 53.36
C VAL B 513 34.30 0.67 54.56
N THR B 514 34.38 1.27 55.76
CA THR B 514 34.31 0.52 57.01
C THR B 514 32.91 -0.07 57.22
N LEU B 515 32.85 -1.37 57.49
CA LEU B 515 31.61 -1.98 57.94
C LEU B 515 31.52 -2.17 59.45
N LYS B 516 32.65 -2.35 60.13
CA LYS B 516 32.65 -2.67 61.56
C LYS B 516 33.43 -1.61 62.34
N THR B 517 33.00 -1.39 63.58
CA THR B 517 33.72 -0.49 64.47
C THR B 517 34.95 -1.17 65.05
N PHE B 518 35.87 -0.33 65.55
CA PHE B 518 37.07 -0.82 66.22
C PHE B 518 36.74 -1.78 67.36
N GLU B 519 35.74 -1.42 68.17
CA GLU B 519 35.37 -2.28 69.30
C GLU B 519 34.85 -3.64 68.84
N GLU B 520 34.10 -3.67 67.74
CA GLU B 520 33.69 -4.96 67.17
C GLU B 520 34.87 -5.74 66.63
N ALA B 521 35.81 -5.07 65.97
CA ALA B 521 37.00 -5.73 65.46
C ALA B 521 37.86 -6.30 66.59
N ALA B 522 38.07 -5.53 67.64
CA ALA B 522 38.77 -6.02 68.82
C ALA B 522 38.07 -7.23 69.43
N ALA B 523 36.75 -7.15 69.61
CA ALA B 523 36.00 -8.29 70.15
C ALA B 523 36.13 -9.53 69.28
N GLN B 524 35.97 -9.38 67.96
CA GLN B 524 36.06 -10.53 67.07
C GLN B 524 37.48 -11.07 66.93
N LEU B 525 38.50 -10.26 67.22
CA LEU B 525 39.86 -10.77 67.33
C LEU B 525 40.09 -11.47 68.68
N LEU B 526 39.68 -10.83 69.77
CA LEU B 526 39.89 -11.39 71.10
C LEU B 526 39.13 -12.71 71.25
N GLU B 527 37.87 -12.75 70.82
CA GLU B 527 37.05 -13.96 70.90
C GLU B 527 37.16 -14.83 69.65
N SER B 528 38.21 -14.63 68.84
CA SER B 528 38.34 -15.29 67.55
C SER B 528 38.25 -16.81 67.69
N SER B 529 37.44 -17.42 66.82
CA SER B 529 37.41 -18.88 66.71
C SER B 529 38.57 -19.42 65.87
N VAL B 530 38.93 -18.71 64.81
CA VAL B 530 40.02 -19.18 63.94
C VAL B 530 41.37 -19.03 64.62
N GLN B 531 41.54 -18.01 65.46
CA GLN B 531 42.81 -17.74 66.15
C GLN B 531 44.00 -17.76 65.19
N ASN B 532 43.83 -17.10 64.04
CA ASN B 532 44.91 -16.88 63.09
C ASN B 532 44.84 -15.43 62.64
N LEU B 533 45.99 -14.74 62.70
CA LEU B 533 46.01 -13.32 62.34
C LEU B 533 45.85 -13.09 60.84
N PHE B 534 46.45 -13.93 60.01
CA PHE B 534 46.41 -13.66 58.57
C PHE B 534 45.00 -13.69 58.03
N LYS B 535 44.20 -14.67 58.45
CA LYS B 535 42.80 -14.72 58.04
C LYS B 535 42.00 -13.50 58.47
N GLN B 536 42.43 -12.79 59.52
CA GLN B 536 41.67 -11.68 60.08
C GLN B 536 42.29 -10.31 59.80
N VAL B 537 43.22 -10.20 58.85
CA VAL B 537 43.95 -8.94 58.70
C VAL B 537 43.07 -7.77 58.30
N ASP B 538 41.87 -8.03 57.75
CA ASP B 538 40.91 -6.95 57.54
C ASP B 538 40.40 -6.40 58.86
N LEU B 539 40.14 -7.28 59.83
CA LEU B 539 39.84 -6.84 61.19
C LEU B 539 41.05 -6.21 61.85
N ILE B 540 42.23 -6.81 61.65
CA ILE B 540 43.46 -6.28 62.22
C ILE B 540 43.74 -4.87 61.71
N ASP B 541 43.42 -4.60 60.44
CA ASP B 541 43.63 -3.25 59.92
C ASP B 541 42.81 -2.20 60.66
N LEU B 542 41.60 -2.56 61.12
CA LEU B 542 40.85 -1.63 61.97
C LEU B 542 41.55 -1.35 63.29
N VAL B 543 42.15 -2.38 63.90
CA VAL B 543 42.94 -2.18 65.11
C VAL B 543 44.17 -1.33 64.83
N ARG B 544 44.90 -1.67 63.77
CA ARG B 544 46.05 -0.87 63.34
C ARG B 544 45.68 0.59 63.07
N TRP B 545 44.55 0.82 62.40
CA TRP B 545 44.12 2.18 62.10
C TRP B 545 43.85 2.99 63.37
N LYS B 546 43.21 2.37 64.36
CA LYS B 546 42.98 3.04 65.64
C LYS B 546 44.29 3.42 66.34
N ILE B 547 45.24 2.51 66.39
CA ILE B 547 46.51 2.77 67.08
C ILE B 547 47.31 3.86 66.37
N LEU B 548 47.46 3.76 65.06
CA LEU B 548 48.19 4.79 64.33
C LEU B 548 47.48 6.15 64.39
N LYS B 549 46.17 6.15 64.58
CA LYS B 549 45.47 7.42 64.74
C LYS B 549 45.66 8.01 66.13
N ASP B 550 45.58 7.18 67.18
CA ASP B 550 45.54 7.68 68.55
C ASP B 550 46.81 7.39 69.34
N LYS B 551 47.80 6.75 68.73
CA LYS B 551 49.13 6.55 69.30
C LYS B 551 49.11 5.81 70.64
N HIS B 552 48.05 5.06 70.94
CA HIS B 552 48.05 4.24 72.13
C HIS B 552 47.18 3.02 71.89
N ILE B 553 47.45 1.95 72.65
CA ILE B 553 46.56 0.80 72.70
C ILE B 553 45.36 1.10 73.59
N PRO B 554 44.14 0.99 73.09
CA PRO B 554 42.96 1.21 73.95
C PRO B 554 42.91 0.19 75.08
N GLN B 555 42.65 0.69 76.29
CA GLN B 555 43.01 -0.07 77.49
C GLN B 555 42.24 -1.38 77.60
N PHE B 556 40.96 -1.38 77.19
CA PHE B 556 40.17 -2.61 77.25
C PHE B 556 40.74 -3.71 76.36
N LEU B 557 41.34 -3.35 75.23
CA LEU B 557 42.04 -4.34 74.42
C LEU B 557 43.26 -4.88 75.15
N GLN B 558 44.02 -4.00 75.80
CA GLN B 558 45.15 -4.41 76.61
C GLN B 558 44.70 -5.30 77.77
N GLU B 559 43.69 -4.86 78.52
CA GLU B 559 43.18 -5.65 79.64
C GLU B 559 42.70 -7.03 79.18
N ALA B 560 41.91 -7.08 78.11
CA ALA B 560 41.42 -8.35 77.60
C ALA B 560 42.53 -9.25 77.10
N LEU B 561 43.49 -8.67 76.36
CA LEU B 561 44.63 -9.46 75.89
C LEU B 561 45.47 -10.01 77.03
N GLU B 562 45.75 -9.18 78.03
CA GLU B 562 46.42 -9.66 79.24
C GLU B 562 45.62 -10.79 79.88
N LYS B 563 44.30 -10.63 80.00
CA LYS B 563 43.47 -11.68 80.56
C LYS B 563 43.50 -12.95 79.70
N LYS B 564 43.50 -12.80 78.38
CA LYS B 564 43.64 -13.96 77.51
C LYS B 564 45.01 -14.61 77.65
N ILE B 565 46.07 -13.80 77.71
CA ILE B 565 47.41 -14.34 77.93
C ILE B 565 47.51 -15.00 79.29
N GLU B 566 46.92 -14.38 80.31
CA GLU B 566 46.91 -14.97 81.65
C GLU B 566 46.11 -16.26 81.66
N SER B 567 44.89 -16.24 81.12
CA SER B 567 44.00 -17.39 81.24
C SER B 567 44.32 -18.49 80.23
N SER B 568 44.86 -18.13 79.07
CA SER B 568 45.08 -19.16 78.05
C SER B 568 46.51 -19.16 77.50
N GLY B 569 47.08 -18.00 77.22
CA GLY B 569 48.49 -17.92 76.86
C GLY B 569 48.86 -18.54 75.53
N VAL B 570 47.87 -18.95 74.74
CA VAL B 570 48.16 -19.58 73.45
C VAL B 570 48.82 -18.58 72.52
N THR B 571 49.73 -19.08 71.68
CA THR B 571 50.66 -18.25 70.92
C THR B 571 49.96 -17.24 70.02
N TYR B 572 48.71 -17.50 69.62
CA TYR B 572 47.91 -16.52 68.91
C TYR B 572 47.89 -15.17 69.62
N PHE B 573 47.69 -15.16 70.94
CA PHE B 573 47.67 -13.90 71.67
C PHE B 573 49.06 -13.28 71.81
N TRP B 574 50.10 -14.11 71.91
CA TRP B 574 51.47 -13.58 71.89
C TRP B 574 51.82 -12.99 70.53
N ARG B 575 51.35 -13.61 69.45
CA ARG B 575 51.47 -12.99 68.13
C ARG B 575 50.68 -11.69 68.05
N PHE B 576 49.50 -11.65 68.65
CA PHE B 576 48.71 -10.43 68.70
C PHE B 576 49.40 -9.33 69.51
N LYS B 577 50.01 -9.69 70.64
CA LYS B 577 50.85 -8.75 71.38
C LYS B 577 51.98 -8.18 70.54
N LEU B 578 52.74 -9.05 69.85
CA LEU B 578 53.82 -8.58 68.99
C LEU B 578 53.33 -7.60 67.94
N PHE B 579 52.19 -7.87 67.30
CA PHE B 579 51.64 -6.94 66.33
C PHE B 579 51.30 -5.59 66.97
N LEU B 580 50.53 -5.62 68.06
CA LEU B 580 50.13 -4.39 68.73
C LEU B 580 51.32 -3.54 69.17
N LEU B 581 52.34 -4.18 69.74
CA LEU B 581 53.54 -3.45 70.14
C LEU B 581 54.28 -2.85 68.95
N ARG B 582 54.38 -3.59 67.84
CA ARG B 582 55.04 -3.06 66.65
C ARG B 582 54.29 -1.90 66.01
N ILE B 583 52.96 -1.95 65.97
CA ILE B 583 52.21 -0.78 65.49
C ILE B 583 52.34 0.39 66.46
N LEU B 584 52.32 0.11 67.77
CA LEU B 584 52.54 1.16 68.76
C LEU B 584 53.89 1.82 68.58
N TYR B 585 54.94 1.02 68.39
CA TYR B 585 56.27 1.53 68.10
C TYR B 585 56.28 2.41 66.85
N GLN B 586 55.59 1.98 65.79
CA GLN B 586 55.41 2.83 64.62
C GLN B 586 54.68 4.13 64.95
N SER B 587 53.62 4.06 65.76
CA SER B 587 52.73 5.19 65.96
C SER B 587 53.45 6.41 66.53
N MET B 588 54.41 6.20 67.43
CA MET B 588 55.19 7.31 67.96
C MET B 588 56.42 7.63 67.11
N GLN B 589 56.16 7.84 65.81
CA GLN B 589 57.19 8.19 64.83
C GLN B 589 58.34 7.18 64.80
N LYS B 590 57.99 5.89 64.83
CA LYS B 590 58.96 4.81 64.69
C LYS B 590 60.14 4.92 65.64
N GLU B 663 64.99 12.02 74.70
CA GLU B 663 63.58 12.39 74.87
C GLU B 663 62.76 11.21 75.38
N PRO B 664 61.72 11.49 76.16
CA PRO B 664 60.88 10.39 76.68
C PRO B 664 60.19 9.59 75.59
N MET B 665 59.92 10.20 74.44
CA MET B 665 59.43 9.44 73.30
C MET B 665 60.44 8.38 72.85
N GLU B 666 61.74 8.72 72.89
CA GLU B 666 62.76 7.74 72.58
C GLU B 666 62.89 6.71 73.70
N GLU B 667 62.77 7.14 74.95
CA GLU B 667 62.73 6.21 76.07
C GLU B 667 61.57 5.24 75.95
N LYS B 668 60.39 5.72 75.52
CA LYS B 668 59.26 4.84 75.26
C LYS B 668 59.54 3.92 74.08
N LEU B 669 60.11 4.45 73.00
CA LEU B 669 60.52 3.62 71.88
C LEU B 669 61.49 2.52 72.30
N LEU B 670 62.50 2.87 73.10
CA LEU B 670 63.44 1.87 73.60
C LEU B 670 62.75 0.85 74.50
N GLU B 671 61.85 1.31 75.37
CA GLU B 671 61.09 0.39 76.22
C GLU B 671 60.22 -0.56 75.40
N ILE B 672 59.43 -0.01 74.48
CA ILE B 672 58.59 -0.85 73.62
C ILE B 672 59.41 -1.79 72.76
N GLN B 673 60.55 -1.32 72.26
CA GLN B 673 61.48 -2.21 71.58
C GLN B 673 61.98 -3.33 72.50
N GLY B 674 62.19 -3.02 73.77
CA GLY B 674 62.49 -4.07 74.73
C GLY B 674 61.38 -5.08 74.90
N LYS B 675 60.13 -4.60 74.97
CA LYS B 675 58.99 -5.51 75.02
C LYS B 675 58.87 -6.34 73.74
N ILE B 676 59.07 -5.71 72.58
CA ILE B 676 59.08 -6.45 71.32
C ILE B 676 60.15 -7.54 71.34
N GLU B 677 61.37 -7.19 71.76
CA GLU B 677 62.43 -8.19 71.90
C GLU B 677 62.04 -9.29 72.88
N ALA B 678 61.40 -8.94 74.00
CA ALA B 678 60.95 -9.94 74.96
C ALA B 678 59.92 -10.89 74.35
N VAL B 679 58.94 -10.37 73.62
CA VAL B 679 57.94 -11.23 73.00
C VAL B 679 58.48 -11.93 71.75
N GLU B 680 59.44 -11.32 71.05
CA GLU B 680 60.22 -12.05 70.07
C GLU B 680 60.87 -13.28 70.69
N MET B 681 61.52 -13.11 71.84
CA MET B 681 62.17 -14.22 72.52
C MET B 681 61.18 -15.30 72.95
N HIS B 682 60.02 -14.88 73.46
CA HIS B 682 58.96 -15.83 73.81
C HIS B 682 58.53 -16.68 72.62
N LEU B 683 58.17 -16.04 71.50
CA LEU B 683 57.75 -16.79 70.32
C LEU B 683 58.86 -17.66 69.75
N THR B 684 60.11 -17.22 69.85
CA THR B 684 61.24 -18.08 69.46
C THR B 684 61.32 -19.32 70.35
N ARG B 685 61.25 -19.13 71.67
CA ARG B 685 61.30 -20.24 72.61
C ARG B 685 60.16 -21.24 72.36
N GLU B 686 58.95 -20.73 72.19
CA GLU B 686 57.80 -21.61 71.93
C GLU B 686 57.96 -22.40 70.64
N HIS B 687 58.41 -21.74 69.56
CA HIS B 687 58.65 -22.47 68.32
C HIS B 687 59.81 -23.46 68.43
N MET B 688 60.90 -23.05 69.08
CA MET B 688 61.99 -24.00 69.36
C MET B 688 61.51 -25.21 70.14
N LYS B 689 60.60 -25.01 71.09
CA LYS B 689 60.02 -26.15 71.82
C LYS B 689 59.31 -27.13 70.89
N ARG B 690 58.55 -26.64 69.93
CA ARG B 690 57.98 -27.52 68.90
C ARG B 690 59.07 -28.21 68.09
N VAL B 691 60.00 -27.43 67.54
CA VAL B 691 61.06 -27.99 66.71
C VAL B 691 61.86 -29.05 67.47
N LEU B 692 62.30 -28.71 68.69
CA LEU B 692 63.08 -29.65 69.48
C LEU B 692 62.29 -30.90 69.83
N GLY B 693 61.00 -30.74 70.14
CA GLY B 693 60.15 -31.90 70.34
C GLY B 693 59.95 -32.74 69.08
N GLU B 694 59.76 -32.08 67.94
CA GLU B 694 59.63 -32.80 66.68
C GLU B 694 60.89 -33.61 66.36
N VAL B 695 62.06 -33.00 66.52
CA VAL B 695 63.32 -33.73 66.37
C VAL B 695 63.40 -34.91 67.33
N TYR B 696 62.92 -34.73 68.57
CA TYR B 696 62.96 -35.81 69.54
C TYR B 696 62.00 -36.94 69.18
N LEU B 697 60.78 -36.60 68.75
CA LEU B 697 59.78 -37.63 68.51
C LEU B 697 60.08 -38.45 67.25
N HIS B 698 60.66 -37.84 66.23
CA HIS B 698 61.06 -38.60 65.05
C HIS B 698 62.45 -39.22 65.22
N THR B 699 62.85 -39.97 64.19
CA THR B 699 64.18 -40.58 64.14
C THR B 699 65.28 -39.52 64.13
N TRP B 700 66.25 -39.69 65.03
CA TRP B 700 67.41 -38.82 65.09
C TRP B 700 68.26 -38.98 63.83
N ILE B 701 68.48 -37.89 63.11
CA ILE B 701 69.41 -37.86 61.99
C ILE B 701 70.81 -37.68 62.57
N THR B 702 71.59 -38.77 62.58
CA THR B 702 72.89 -38.75 63.24
C THR B 702 73.83 -37.72 62.64
N GLU B 703 73.68 -37.41 61.34
CA GLU B 703 74.48 -36.39 60.70
C GLU B 703 74.03 -34.97 61.06
N ASN B 704 72.96 -34.81 61.83
CA ASN B 704 72.51 -33.49 62.29
C ASN B 704 72.25 -32.56 61.11
N THR B 705 71.82 -33.14 59.98
CA THR B 705 71.97 -32.51 58.68
C THR B 705 71.22 -31.19 58.57
N SER B 706 70.00 -31.12 59.11
CA SER B 706 69.10 -30.03 58.80
C SER B 706 68.67 -29.19 59.99
N ILE B 707 69.14 -29.50 61.19
CA ILE B 707 68.80 -28.70 62.38
C ILE B 707 70.06 -28.49 63.21
N PRO B 708 70.31 -27.27 63.70
CA PRO B 708 71.42 -27.05 64.64
C PRO B 708 71.09 -27.51 66.06
N THR B 709 70.83 -28.81 66.20
CA THR B 709 70.12 -29.33 67.36
C THR B 709 70.82 -28.98 68.67
N ARG B 710 72.15 -29.12 68.70
CA ARG B 710 72.91 -28.73 69.89
C ARG B 710 72.93 -27.21 70.07
N GLY B 711 72.96 -26.46 68.97
CA GLY B 711 72.78 -25.02 69.06
C GLY B 711 71.45 -24.62 69.69
N LEU B 712 70.37 -25.32 69.31
CA LEU B 712 69.08 -25.11 69.96
C LEU B 712 69.15 -25.45 71.45
N CYS B 713 69.77 -26.59 71.79
CA CYS B 713 69.94 -26.96 73.19
C CYS B 713 70.72 -25.90 73.95
N ASN B 714 71.81 -25.40 73.36
CA ASN B 714 72.55 -24.29 73.95
C ASN B 714 71.65 -23.07 74.12
N PHE B 715 70.91 -22.71 73.07
CA PHE B 715 69.99 -21.58 73.14
C PHE B 715 68.93 -21.78 74.22
N LEU B 716 68.53 -23.02 74.47
CA LEU B 716 67.56 -23.34 75.53
C LEU B 716 68.21 -23.62 76.89
N MET B 717 69.52 -23.46 77.02
CA MET B 717 70.16 -23.36 78.32
C MET B 717 70.85 -22.02 78.56
N SER B 718 70.86 -21.14 77.57
CA SER B 718 71.58 -19.87 77.66
C SER B 718 71.24 -19.08 78.93
N ASP B 719 69.96 -19.02 79.30
CA ASP B 719 69.49 -18.08 80.31
C ASP B 719 68.79 -18.79 81.45
N GLU B 720 68.99 -18.25 82.66
CA GLU B 720 68.32 -18.72 83.88
C GLU B 720 66.83 -18.42 83.89
N GLU B 721 66.34 -17.60 82.95
CA GLU B 721 64.90 -17.36 82.82
C GLU B 721 64.14 -18.61 82.43
N TYR B 722 64.84 -19.63 81.91
CA TYR B 722 64.21 -20.82 81.36
C TYR B 722 63.70 -21.72 82.50
N ASP B 723 62.62 -21.24 83.13
CA ASP B 723 61.94 -21.95 84.20
C ASP B 723 61.14 -23.16 83.70
N ASP B 724 60.95 -23.29 82.40
CA ASP B 724 60.15 -24.37 81.82
C ASP B 724 60.90 -25.68 82.02
N ARG B 725 60.48 -26.44 83.04
CA ARG B 725 61.06 -27.75 83.31
C ARG B 725 60.92 -28.72 82.14
N THR B 726 59.83 -28.60 81.38
CA THR B 726 59.62 -29.51 80.25
C THR B 726 60.67 -29.30 79.17
N ALA B 727 60.98 -28.04 78.84
CA ALA B 727 62.08 -27.76 77.92
C ALA B 727 63.42 -28.18 78.51
N ARG B 728 63.63 -27.91 79.80
CA ARG B 728 64.89 -28.26 80.46
C ARG B 728 65.15 -29.77 80.47
N VAL B 729 64.11 -30.58 80.73
CA VAL B 729 64.28 -32.03 80.59
C VAL B 729 64.38 -32.43 79.12
N LEU B 730 63.64 -31.75 78.23
CA LEU B 730 63.68 -32.09 76.81
C LEU B 730 65.05 -31.88 76.19
N ILE B 731 65.75 -30.80 76.56
CA ILE B 731 67.14 -30.67 76.12
C ILE B 731 68.02 -31.76 76.73
N GLY B 732 67.67 -32.25 77.91
CA GLY B 732 68.35 -33.43 78.43
C GLY B 732 68.07 -34.66 77.58
N HIS B 733 66.80 -34.92 77.28
CA HIS B 733 66.43 -36.05 76.43
C HIS B 733 67.07 -35.97 75.06
N ILE B 734 67.05 -34.79 74.44
CA ILE B 734 67.72 -34.60 73.15
C ILE B 734 69.22 -34.78 73.28
N SER B 735 69.86 -34.11 74.25
CA SER B 735 71.31 -34.26 74.39
C SER B 735 71.71 -35.68 74.77
N LYS B 736 70.82 -36.46 75.38
CA LYS B 736 71.06 -37.89 75.50
C LYS B 736 70.92 -38.58 74.14
N LYS B 737 69.88 -38.24 73.39
CA LYS B 737 69.63 -38.87 72.10
C LYS B 737 70.62 -38.42 71.02
N MET B 738 71.07 -37.17 71.07
CA MET B 738 71.99 -36.66 70.06
C MET B 738 73.30 -37.42 70.03
N ASN B 739 73.96 -37.38 68.87
CA ASN B 739 75.33 -37.82 68.72
C ASN B 739 76.29 -36.89 69.46
N LYS B 740 77.36 -37.47 69.98
CA LYS B 740 78.45 -36.69 70.55
C LYS B 740 79.33 -36.03 69.48
N GLN B 741 79.32 -36.54 68.25
CA GLN B 741 79.99 -35.86 67.15
C GLN B 741 79.34 -34.51 66.86
N THR B 742 80.19 -33.54 66.52
CA THR B 742 79.76 -32.14 66.43
C THR B 742 78.80 -31.93 65.26
N PHE B 743 79.17 -32.41 64.07
CA PHE B 743 78.48 -32.15 62.81
C PHE B 743 78.10 -30.67 62.68
N PRO B 744 79.08 -29.77 62.63
CA PRO B 744 78.77 -28.34 62.59
C PRO B 744 78.27 -27.90 61.23
N GLU B 745 77.54 -26.78 61.25
CA GLU B 745 77.24 -26.04 60.04
C GLU B 745 78.45 -25.22 59.61
N HIS B 746 78.72 -25.20 58.30
CA HIS B 746 79.83 -24.43 57.76
C HIS B 746 79.30 -23.24 56.98
N CYS B 747 80.01 -22.11 57.13
CA CYS B 747 79.92 -20.98 56.21
C CYS B 747 80.52 -21.37 54.85
N SER B 748 79.66 -21.51 53.85
CA SER B 748 80.05 -22.11 52.57
C SER B 748 81.12 -21.29 51.84
N LEU B 749 81.16 -19.97 52.04
CA LEU B 749 82.23 -19.18 51.46
C LEU B 749 83.58 -19.43 52.10
N CYS B 750 83.62 -20.09 53.26
CA CYS B 750 84.82 -20.21 54.07
C CYS B 750 85.14 -21.65 54.47
N LYS B 751 84.21 -22.59 54.30
CA LYS B 751 84.37 -23.95 54.81
C LYS B 751 84.72 -23.92 56.30
N GLU B 752 84.02 -23.06 57.02
CA GLU B 752 84.35 -22.66 58.39
C GLU B 752 83.08 -22.76 59.23
N ILE B 753 83.24 -23.20 60.47
CA ILE B 753 82.08 -23.41 61.33
C ILE B 753 81.31 -22.12 61.55
N LEU B 754 80.00 -22.26 61.75
CA LEU B 754 79.13 -21.15 62.15
C LEU B 754 78.55 -21.44 63.52
N PRO B 755 79.15 -20.91 64.59
CA PRO B 755 78.57 -21.06 65.92
C PRO B 755 77.21 -20.38 66.01
N PHE B 756 76.31 -20.99 66.79
CA PHE B 756 74.93 -20.53 66.92
C PHE B 756 74.85 -19.25 67.74
N THR B 757 75.27 -18.14 67.15
CA THR B 757 75.71 -16.97 67.88
C THR B 757 74.55 -16.06 68.27
N ASP B 758 73.54 -15.94 67.42
CA ASP B 758 72.50 -14.95 67.61
C ASP B 758 71.16 -15.51 67.15
N ARG B 759 70.09 -14.84 67.59
CA ARG B 759 68.74 -15.23 67.23
C ARG B 759 68.47 -15.04 65.74
N LYS B 760 68.92 -13.91 65.19
CA LYS B 760 68.52 -13.50 63.84
C LYS B 760 69.50 -13.90 62.75
N GLN B 761 70.75 -14.20 63.07
CA GLN B 761 71.74 -14.40 62.02
C GLN B 761 72.92 -15.19 62.57
N ALA B 762 73.72 -15.71 61.63
CA ALA B 762 75.00 -16.34 61.93
C ALA B 762 76.12 -15.58 61.23
N VAL B 763 77.29 -15.57 61.86
CA VAL B 763 78.43 -14.80 61.37
C VAL B 763 79.68 -15.67 61.44
N CYS B 764 80.46 -15.67 60.37
CA CYS B 764 81.71 -16.42 60.31
C CYS B 764 82.86 -15.60 60.89
N SER B 765 84.02 -16.24 61.00
CA SER B 765 85.19 -15.57 61.58
C SER B 765 85.68 -14.40 60.71
N ASN B 766 85.52 -14.49 59.39
CA ASN B 766 85.80 -13.34 58.53
C ASN B 766 84.76 -12.24 58.69
N GLY B 767 83.70 -12.46 59.45
CA GLY B 767 82.71 -11.46 59.77
C GLY B 767 81.62 -11.25 58.75
N HIS B 768 81.63 -11.98 57.64
CA HIS B 768 80.49 -11.92 56.74
C HIS B 768 79.39 -12.86 57.24
N ILE B 769 78.16 -12.58 56.82
CA ILE B 769 76.97 -12.93 57.60
C ILE B 769 76.03 -13.76 56.73
N TRP B 770 75.35 -14.70 57.38
CA TRP B 770 74.27 -15.47 56.77
C TRP B 770 72.98 -15.24 57.57
N LEU B 771 71.88 -15.09 56.85
CA LEU B 771 70.56 -14.97 57.45
C LEU B 771 70.09 -16.29 58.05
N ARG B 772 69.17 -16.18 58.98
CA ARG B 772 68.66 -17.31 59.75
C ARG B 772 67.28 -17.70 59.23
N CYS B 773 67.08 -18.99 58.98
CA CYS B 773 65.75 -19.55 58.79
C CYS B 773 64.98 -19.55 60.11
N PHE B 774 63.88 -18.81 60.17
CA PHE B 774 63.08 -18.79 61.39
C PHE B 774 62.24 -20.05 61.59
N LEU B 775 62.13 -20.92 60.58
CA LEU B 775 61.41 -22.16 60.75
C LEU B 775 62.25 -23.29 61.32
N THR B 776 63.53 -23.35 60.97
CA THR B 776 64.39 -24.47 61.35
C THR B 776 65.71 -24.03 61.97
N TYR B 777 65.99 -22.73 62.03
CA TYR B 777 67.22 -22.15 62.56
C TYR B 777 68.47 -22.59 61.80
N GLN B 778 68.31 -23.32 60.70
CA GLN B 778 69.42 -23.48 59.78
C GLN B 778 69.75 -22.13 59.16
N SER B 779 70.98 -21.99 58.67
CA SER B 779 71.31 -20.77 57.94
C SER B 779 70.83 -20.85 56.49
N CYS B 780 70.44 -19.70 55.94
CA CYS B 780 69.92 -19.61 54.58
C CYS B 780 71.05 -19.20 53.65
N GLN B 781 71.84 -20.18 53.23
CA GLN B 781 73.01 -19.92 52.39
C GLN B 781 72.72 -20.11 50.91
N SER B 782 71.54 -20.60 50.55
CA SER B 782 71.14 -20.69 49.16
C SER B 782 71.05 -19.30 48.53
N LEU B 783 71.24 -19.26 47.20
CA LEU B 783 71.08 -18.03 46.45
C LEU B 783 69.64 -17.55 46.35
N ILE B 784 68.68 -18.35 46.81
CA ILE B 784 67.29 -17.92 46.90
C ILE B 784 66.66 -18.53 48.15
N TYR B 785 65.80 -17.77 48.81
CA TYR B 785 65.18 -18.19 50.06
C TYR B 785 63.83 -17.50 50.19
N ARG B 786 62.98 -18.06 51.07
CA ARG B 786 61.56 -17.72 51.10
C ARG B 786 61.33 -16.64 52.14
N ARG B 787 60.74 -15.53 51.71
CA ARG B 787 60.58 -14.33 52.51
C ARG B 787 59.12 -14.15 52.89
N CYS B 788 58.87 -13.94 54.19
CA CYS B 788 57.50 -13.72 54.64
C CYS B 788 56.91 -12.48 53.98
N LEU B 789 55.59 -12.52 53.80
CA LEU B 789 54.84 -11.42 53.22
C LEU B 789 55.15 -10.08 53.87
N LEU B 790 55.36 -10.06 55.19
CA LEU B 790 55.68 -8.86 55.93
C LEU B 790 57.18 -8.55 55.97
N HIS B 791 58.00 -9.35 55.30
CA HIS B 791 59.46 -9.26 55.40
C HIS B 791 59.95 -9.37 56.84
N ASP B 792 59.08 -9.86 57.73
CA ASP B 792 59.40 -10.02 59.14
C ASP B 792 60.28 -11.24 59.40
N SER B 793 60.32 -12.19 58.48
CA SER B 793 61.02 -13.44 58.75
C SER B 793 61.33 -14.15 57.43
N ILE B 794 62.24 -15.13 57.52
CA ILE B 794 62.84 -15.81 56.38
C ILE B 794 62.68 -17.30 56.57
N ALA B 795 62.56 -18.04 55.48
CA ALA B 795 62.50 -19.49 55.55
C ALA B 795 63.31 -20.14 54.43
N ARG B 796 63.90 -21.29 54.75
CA ARG B 796 64.64 -22.08 53.77
C ARG B 796 63.69 -22.80 52.82
N HIS B 797 64.16 -23.05 51.61
CA HIS B 797 63.46 -23.97 50.72
C HIS B 797 63.57 -25.40 51.23
N PRO B 798 62.48 -26.17 51.19
CA PRO B 798 62.56 -27.60 51.51
C PRO B 798 63.37 -28.36 50.47
N ALA B 799 64.44 -29.02 50.92
CA ALA B 799 65.28 -29.77 50.00
C ALA B 799 64.80 -31.21 49.90
N PRO B 800 65.12 -31.89 48.79
CA PRO B 800 64.85 -33.34 48.72
C PRO B 800 65.55 -34.15 49.80
N GLU B 801 66.62 -33.65 50.38
CA GLU B 801 67.30 -34.33 51.48
C GLU B 801 66.61 -34.11 52.82
N ASP B 802 65.72 -33.14 52.94
CA ASP B 802 64.97 -32.99 54.17
C ASP B 802 63.94 -34.10 54.30
N PRO B 803 63.75 -34.65 55.51
CA PRO B 803 62.65 -35.59 55.72
C PRO B 803 61.29 -34.92 55.68
N ASP B 804 60.28 -35.77 55.50
CA ASP B 804 58.88 -35.34 55.38
C ASP B 804 58.46 -34.42 56.54
N TRP B 805 58.78 -34.80 57.78
CA TRP B 805 58.38 -33.98 58.92
C TRP B 805 59.08 -32.63 58.96
N ILE B 806 60.30 -32.53 58.43
CA ILE B 806 60.91 -31.21 58.27
C ILE B 806 60.29 -30.48 57.09
N LYS B 807 60.00 -31.18 56.00
CA LYS B 807 59.27 -30.59 54.88
C LYS B 807 57.90 -30.07 55.31
N ARG B 808 57.22 -30.80 56.20
CA ARG B 808 55.96 -30.32 56.77
C ARG B 808 56.18 -29.13 57.71
N LEU B 809 57.28 -29.14 58.47
CA LEU B 809 57.62 -27.99 59.30
C LEU B 809 57.98 -26.76 58.47
N LEU B 810 58.65 -26.96 57.34
CA LEU B 810 58.97 -25.85 56.44
C LEU B 810 57.74 -25.28 55.74
N GLN B 811 56.71 -26.09 55.52
CA GLN B 811 55.44 -25.61 54.96
C GLN B 811 54.53 -25.07 56.06
N SER B 812 54.95 -23.96 56.66
CA SER B 812 54.22 -23.39 57.78
C SER B 812 54.39 -21.88 57.80
N PRO B 813 53.41 -21.13 58.30
CA PRO B 813 53.56 -19.68 58.49
C PRO B 813 54.66 -19.34 59.49
N CYS B 814 55.05 -18.06 59.49
CA CYS B 814 56.12 -17.61 60.37
C CYS B 814 55.74 -17.79 61.83
N PRO B 815 56.74 -17.85 62.71
CA PRO B 815 56.46 -17.74 64.16
C PRO B 815 55.90 -16.40 64.58
N PHE B 816 56.32 -15.31 63.92
CA PHE B 816 56.00 -13.96 64.37
C PHE B 816 54.70 -13.44 63.75
N CYS B 817 54.62 -13.44 62.43
CA CYS B 817 53.38 -13.14 61.73
C CYS B 817 52.81 -14.42 61.15
N ASP B 818 51.51 -14.62 61.33
CA ASP B 818 50.88 -15.92 61.07
C ASP B 818 50.53 -16.10 59.60
N SER B 819 51.42 -15.68 58.71
CA SER B 819 51.08 -15.34 57.33
C SER B 819 52.09 -15.99 56.39
N PRO B 820 51.81 -16.00 55.09
CA PRO B 820 52.59 -16.84 54.17
C PRO B 820 54.06 -16.46 54.14
N VAL B 821 54.92 -17.49 54.16
CA VAL B 821 56.35 -17.30 54.00
C VAL B 821 56.79 -17.33 52.54
N PHE B 822 55.87 -17.61 51.61
CA PHE B 822 56.19 -17.94 50.23
C PHE B 822 57.17 -19.11 50.15
N HIS C 304 26.62 -9.45 -12.58
CA HIS C 304 26.25 -8.16 -13.12
C HIS C 304 25.12 -8.30 -14.14
N CYS C 305 24.31 -7.24 -14.28
CA CYS C 305 23.32 -7.15 -15.33
C CYS C 305 23.36 -5.77 -15.96
N ARG C 306 23.32 -5.73 -17.29
CA ARG C 306 23.43 -4.51 -18.06
C ARG C 306 22.06 -3.96 -18.45
N GLY C 307 22.08 -2.80 -19.09
CA GLY C 307 20.89 -2.19 -19.65
C GLY C 307 20.09 -1.40 -18.64
N MET C 308 19.07 -0.72 -19.17
CA MET C 308 18.23 0.20 -18.42
C MET C 308 16.87 -0.45 -18.14
N ALA C 309 16.42 -0.39 -16.89
CA ALA C 309 15.06 -0.79 -16.58
C ALA C 309 14.08 0.20 -17.20
N PRO C 310 12.84 -0.22 -17.46
CA PRO C 310 11.85 0.71 -18.01
C PRO C 310 11.53 1.91 -17.12
N ASN C 311 11.86 1.85 -15.83
CA ASN C 311 11.74 3.03 -14.98
C ASN C 311 12.88 4.01 -15.12
N GLY C 312 13.87 3.72 -15.97
CA GLY C 312 14.99 4.61 -16.21
C GLY C 312 16.15 4.50 -15.25
N LEU C 313 16.08 3.58 -14.27
CA LEU C 313 17.31 3.28 -13.54
C LEU C 313 18.01 2.07 -14.16
N PRO C 314 19.34 2.03 -14.10
CA PRO C 314 20.05 0.83 -14.53
C PRO C 314 19.60 -0.40 -13.75
N ASN C 315 19.61 -1.54 -14.44
CA ASN C 315 19.16 -2.79 -13.83
C ASN C 315 20.02 -3.18 -12.62
N HIS C 316 21.33 -2.95 -12.68
CA HIS C 316 22.17 -3.26 -11.52
C HIS C 316 21.89 -2.36 -10.33
N ILE C 317 21.40 -1.15 -10.57
CA ILE C 317 20.94 -0.32 -9.46
C ILE C 317 19.63 -0.84 -8.88
N MET C 318 18.73 -1.33 -9.74
CA MET C 318 17.43 -1.80 -9.27
C MET C 318 17.45 -3.23 -8.75
N ALA C 319 18.37 -4.06 -9.22
CA ALA C 319 18.36 -5.48 -8.86
C ALA C 319 18.35 -5.73 -7.35
N PRO C 320 19.08 -4.99 -6.51
CA PRO C 320 18.86 -5.12 -5.06
C PRO C 320 17.44 -4.80 -4.62
N VAL C 321 16.83 -3.75 -5.19
CA VAL C 321 15.45 -3.38 -4.83
C VAL C 321 14.48 -4.51 -5.14
N TRP C 322 14.65 -5.19 -6.28
CA TRP C 322 13.78 -6.31 -6.60
C TRP C 322 14.06 -7.51 -5.68
N LYS C 323 15.33 -7.79 -5.41
CA LYS C 323 15.68 -8.88 -4.52
C LYS C 323 15.10 -8.70 -3.12
N CYS C 324 15.07 -7.47 -2.61
CA CYS C 324 14.58 -7.20 -1.26
C CYS C 324 13.12 -7.59 -1.05
N LEU C 325 12.32 -7.58 -2.11
CA LEU C 325 10.94 -8.06 -2.01
C LEU C 325 10.90 -9.54 -1.62
N HIS C 326 11.68 -10.37 -2.30
CA HIS C 326 11.67 -11.81 -2.05
C HIS C 326 12.17 -12.13 -0.64
N LEU C 327 13.27 -11.53 -0.22
CA LEU C 327 13.82 -11.78 1.11
C LEU C 327 12.86 -11.37 2.22
N THR C 328 12.17 -10.25 2.07
CA THR C 328 11.18 -9.84 3.06
C THR C 328 9.99 -10.78 3.10
N LYS C 329 9.51 -11.22 1.93
CA LYS C 329 8.37 -12.14 1.88
C LYS C 329 8.68 -13.46 2.58
N ASP C 330 9.83 -14.05 2.29
CA ASP C 330 10.27 -15.26 2.97
C ASP C 330 10.37 -15.08 4.47
N PHE C 331 10.89 -13.94 4.93
CA PHE C 331 10.92 -13.65 6.36
C PHE C 331 9.53 -13.59 6.96
N ARG C 332 8.64 -12.79 6.39
CA ARG C 332 7.33 -12.58 6.98
C ARG C 332 6.48 -13.85 6.97
N GLU C 333 6.62 -14.69 5.94
CA GLU C 333 5.97 -16.00 5.97
C GLU C 333 6.39 -16.82 7.18
N GLN C 334 7.67 -16.78 7.53
CA GLN C 334 8.22 -17.60 8.61
C GLN C 334 8.08 -16.97 9.99
N LYS C 335 8.18 -15.65 10.11
CA LYS C 335 8.47 -15.04 11.40
C LYS C 335 7.54 -13.91 11.81
N HIS C 336 6.54 -13.56 11.01
CA HIS C 336 5.38 -12.85 11.53
C HIS C 336 4.25 -13.84 11.75
N SER C 337 3.17 -13.35 12.36
CA SER C 337 2.05 -14.22 12.67
C SER C 337 0.73 -13.47 12.53
N TYR C 338 -0.34 -14.24 12.36
CA TYR C 338 -1.65 -13.71 12.05
C TYR C 338 -2.44 -13.27 13.27
N TRP C 339 -2.15 -13.79 14.46
CA TRP C 339 -2.87 -13.38 15.65
C TRP C 339 -1.99 -13.52 16.89
N GLU C 340 -1.88 -12.44 17.66
CA GLU C 340 -1.15 -12.45 18.91
C GLU C 340 -1.90 -11.62 19.95
N PHE C 341 -1.59 -11.87 21.22
CA PHE C 341 -2.21 -11.17 22.35
C PHE C 341 -3.73 -11.28 22.32
N ALA C 342 -4.23 -12.51 22.22
CA ALA C 342 -5.66 -12.75 22.04
C ALA C 342 -6.50 -12.20 23.19
N GLU C 343 -5.92 -12.05 24.38
CA GLU C 343 -6.66 -11.46 25.50
C GLU C 343 -6.87 -9.96 25.35
N TRP C 344 -5.96 -9.26 24.67
CA TRP C 344 -5.97 -7.80 24.65
C TRP C 344 -6.85 -7.23 23.54
N ILE C 345 -8.09 -7.69 23.46
CA ILE C 345 -9.06 -7.10 22.53
C ILE C 345 -9.69 -5.87 23.16
N PRO C 346 -9.85 -4.77 22.40
CA PRO C 346 -10.37 -3.53 22.98
C PRO C 346 -11.78 -3.69 23.53
N LEU C 347 -12.04 -3.03 24.66
CA LEU C 347 -13.36 -2.99 25.26
C LEU C 347 -13.91 -1.58 25.19
N ALA C 348 -15.10 -1.44 24.61
CA ALA C 348 -15.68 -0.13 24.31
C ALA C 348 -15.90 0.73 25.55
N TRP C 349 -16.26 0.11 26.68
CA TRP C 349 -16.49 0.86 27.92
C TRP C 349 -15.23 1.49 28.48
N LYS C 350 -14.05 1.12 28.00
CA LYS C 350 -12.81 1.79 28.35
C LYS C 350 -12.52 3.02 27.52
N TRP C 351 -13.36 3.35 26.53
CA TRP C 351 -13.16 4.48 25.64
C TRP C 351 -14.22 5.56 25.87
N HIS C 352 -13.95 6.42 26.86
CA HIS C 352 -14.83 7.52 27.20
C HIS C 352 -14.57 8.70 26.27
N LEU C 353 -15.58 9.06 25.48
CA LEU C 353 -15.46 10.18 24.55
C LEU C 353 -15.55 11.51 25.28
N LEU C 354 -14.53 12.34 25.13
CA LEU C 354 -14.56 13.72 25.63
C LEU C 354 -15.44 14.59 24.73
N SER C 355 -16.21 15.47 25.36
CA SER C 355 -16.78 16.61 24.65
C SER C 355 -15.69 17.56 24.15
N GLU C 356 -16.09 18.45 23.23
CA GLU C 356 -15.21 19.52 22.78
C GLU C 356 -14.75 20.39 23.95
N LEU C 357 -15.61 20.61 24.93
CA LEU C 357 -15.22 21.34 26.13
C LEU C 357 -14.12 20.61 26.88
N GLU C 358 -14.26 19.30 27.05
CA GLU C 358 -13.23 18.50 27.70
C GLU C 358 -11.98 18.33 26.83
N ALA C 359 -12.15 18.30 25.51
CA ALA C 359 -11.01 18.06 24.62
C ALA C 359 -10.10 19.27 24.46
N ALA C 360 -10.66 20.48 24.50
CA ALA C 360 -9.89 21.68 24.17
C ALA C 360 -8.54 21.81 24.87
N PRO C 361 -8.38 21.46 26.16
CA PRO C 361 -7.03 21.50 26.76
C PRO C 361 -6.05 20.52 26.14
N TYR C 362 -6.53 19.41 25.60
CA TYR C 362 -5.67 18.44 24.92
C TYR C 362 -5.40 18.79 23.46
N LEU C 363 -6.25 19.57 22.82
CA LEU C 363 -6.06 19.86 21.41
C LEU C 363 -4.78 20.68 21.19
N PRO C 364 -4.02 20.37 20.14
CA PRO C 364 -2.88 21.22 19.76
C PRO C 364 -3.32 22.64 19.44
N GLN C 365 -2.52 23.60 19.88
CA GLN C 365 -2.98 24.98 20.01
C GLN C 365 -3.10 25.71 18.68
N GLU C 366 -2.46 25.25 17.60
CA GLU C 366 -2.65 25.88 16.30
C GLU C 366 -3.93 25.39 15.65
N GLU C 367 -4.89 26.29 15.47
CA GLU C 367 -6.11 25.98 14.73
C GLU C 367 -5.95 26.03 13.22
N LYS C 368 -4.92 26.71 12.69
CA LYS C 368 -4.73 26.84 11.26
C LYS C 368 -3.28 26.64 10.87
N SER C 369 -3.07 26.00 9.71
CA SER C 369 -1.73 25.75 9.21
C SER C 369 -1.01 27.07 8.91
N PRO C 370 0.32 27.03 8.76
CA PRO C 370 1.00 28.06 7.97
C PRO C 370 0.49 28.08 6.54
N LEU C 371 0.60 29.25 5.91
CA LEU C 371 0.29 29.35 4.49
C LEU C 371 1.32 28.55 3.70
N PHE C 372 0.86 27.86 2.66
CA PHE C 372 1.78 27.10 1.82
C PHE C 372 1.26 27.04 0.39
N SER C 373 2.16 26.66 -0.51
CA SER C 373 1.79 26.26 -1.86
C SER C 373 2.56 25.00 -2.22
N VAL C 374 2.05 24.29 -3.23
CA VAL C 374 2.65 23.05 -3.70
C VAL C 374 2.95 23.19 -5.19
N GLN C 375 4.13 22.75 -5.58
CA GLN C 375 4.55 22.76 -6.98
C GLN C 375 5.00 21.36 -7.36
N ARG C 376 4.80 21.00 -8.62
CA ARG C 376 5.10 19.65 -9.09
C ARG C 376 5.88 19.71 -10.39
N GLU C 377 6.96 18.93 -10.45
CA GLU C 377 7.81 18.89 -11.64
C GLU C 377 6.99 18.52 -12.87
N GLY C 378 7.02 19.40 -13.88
CA GLY C 378 6.31 19.19 -15.13
C GLY C 378 4.87 19.65 -15.16
N LEU C 379 4.33 20.12 -14.05
CA LEU C 379 3.03 20.78 -14.04
C LEU C 379 3.21 22.27 -13.92
N PRO C 380 2.54 23.07 -14.77
CA PRO C 380 2.58 24.52 -14.59
C PRO C 380 2.16 24.90 -13.19
N GLU C 381 2.91 25.83 -12.59
CA GLU C 381 2.85 26.04 -11.15
C GLU C 381 1.48 26.56 -10.71
N ASP C 382 1.02 26.06 -9.56
CA ASP C 382 -0.26 26.45 -8.99
C ASP C 382 -0.14 27.84 -8.38
N GLY C 383 0.70 27.99 -7.35
CA GLY C 383 0.96 29.26 -6.71
C GLY C 383 -0.14 29.83 -5.85
N THR C 384 -1.32 29.22 -5.81
CA THR C 384 -2.33 29.65 -4.84
C THR C 384 -1.85 29.31 -3.44
N LEU C 385 -2.09 30.22 -2.50
CA LEU C 385 -1.74 30.00 -1.11
C LEU C 385 -2.88 29.26 -0.41
N TYR C 386 -2.62 28.01 -0.07
CA TYR C 386 -3.52 27.23 0.77
C TYR C 386 -3.32 27.62 2.23
N ARG C 387 -4.39 27.48 3.01
CA ARG C 387 -4.27 27.53 4.47
C ARG C 387 -5.44 26.78 5.06
N ILE C 388 -5.16 25.72 5.80
CA ILE C 388 -6.13 24.71 6.16
C ILE C 388 -6.20 24.58 7.68
N ASN C 389 -7.37 24.24 8.18
CA ASN C 389 -7.58 24.15 9.62
C ASN C 389 -6.89 22.93 10.19
N ARG C 390 -6.69 22.97 11.51
CA ARG C 390 -6.38 21.78 12.27
C ARG C 390 -7.34 20.65 11.95
N PHE C 391 -6.78 19.46 11.67
CA PHE C 391 -7.53 18.28 11.25
C PHE C 391 -8.17 18.41 9.87
N SER C 392 -7.70 19.32 9.03
CA SER C 392 -8.17 19.44 7.67
C SER C 392 -7.14 18.86 6.72
N SER C 393 -7.60 18.11 5.73
CA SER C 393 -6.78 17.60 4.64
C SER C 393 -7.16 18.26 3.32
N ILE C 394 -6.16 18.68 2.55
CA ILE C 394 -6.40 18.94 1.15
C ILE C 394 -6.70 17.62 0.44
N THR C 395 -7.31 17.74 -0.74
CA THR C 395 -7.60 16.56 -1.55
C THR C 395 -6.37 16.12 -2.32
N ALA C 396 -6.26 14.80 -2.52
CA ALA C 396 -5.16 14.23 -3.29
C ALA C 396 -5.11 14.87 -4.67
N HIS C 397 -3.89 15.10 -5.16
CA HIS C 397 -3.72 15.42 -6.56
C HIS C 397 -4.24 14.27 -7.41
N PRO C 398 -5.06 14.53 -8.43
CA PRO C 398 -5.74 13.44 -9.15
C PRO C 398 -4.81 12.42 -9.79
N GLU C 399 -3.58 12.79 -10.13
CA GLU C 399 -2.66 11.86 -10.78
C GLU C 399 -1.45 11.49 -9.94
N ARG C 400 -0.87 12.43 -9.19
CA ARG C 400 0.31 12.15 -8.39
C ARG C 400 -0.04 11.75 -6.96
N TRP C 401 -1.29 11.92 -6.55
CA TRP C 401 -1.85 11.35 -5.33
C TRP C 401 -1.16 11.82 -4.06
N ASP C 402 -0.30 12.83 -4.11
CA ASP C 402 0.24 13.38 -2.88
C ASP C 402 -0.87 14.02 -2.07
N VAL C 403 -0.80 13.88 -0.75
CA VAL C 403 -1.82 14.37 0.16
C VAL C 403 -1.14 15.14 1.28
N SER C 404 -1.77 16.24 1.72
CA SER C 404 -1.23 17.05 2.79
C SER C 404 -2.33 17.39 3.77
N PHE C 405 -2.01 17.33 5.07
CA PHE C 405 -2.99 17.63 6.10
C PHE C 405 -2.24 18.16 7.32
N PHE C 406 -2.96 18.92 8.13
CA PHE C 406 -2.37 19.68 9.23
C PHE C 406 -2.73 19.07 10.57
N THR C 407 -1.73 18.86 11.42
CA THR C 407 -1.87 18.16 12.68
C THR C 407 -2.03 19.09 13.88
N GLY C 408 -1.99 20.41 13.66
CA GLY C 408 -2.20 21.38 14.72
C GLY C 408 -1.00 21.69 15.59
N GLY C 409 0.16 21.11 15.30
CA GLY C 409 1.36 21.36 16.05
C GLY C 409 2.55 20.83 15.28
N PRO C 410 3.75 20.87 15.86
CA PRO C 410 4.90 20.28 15.17
C PRO C 410 4.94 18.78 15.39
N LEU C 411 5.14 18.03 14.30
CA LEU C 411 5.05 16.58 14.32
C LEU C 411 6.29 15.96 14.96
N TRP C 412 6.08 15.10 15.95
CA TRP C 412 7.20 14.52 16.69
C TRP C 412 7.17 13.00 16.85
N ALA C 413 6.07 12.32 16.52
CA ALA C 413 6.11 10.87 16.40
C ALA C 413 5.16 10.40 15.31
N LEU C 414 5.50 9.27 14.70
CA LEU C 414 4.82 8.81 13.50
C LEU C 414 5.15 7.35 13.21
N ASP C 415 4.13 6.50 13.04
CA ASP C 415 4.33 5.16 12.52
C ASP C 415 3.08 4.72 11.76
N TRP C 416 3.29 3.86 10.76
CA TRP C 416 2.19 3.22 10.06
C TRP C 416 1.57 2.12 10.91
N CYS C 417 0.26 1.97 10.81
CA CYS C 417 -0.40 0.78 11.36
C CYS C 417 -0.08 -0.43 10.49
N PRO C 418 0.43 -1.51 11.07
CA PRO C 418 0.86 -2.68 10.28
C PRO C 418 -0.33 -3.52 9.84
N VAL C 419 -0.52 -3.60 8.53
CA VAL C 419 -1.67 -4.30 7.93
C VAL C 419 -1.17 -5.61 7.36
N PRO C 420 -1.78 -6.75 7.69
CA PRO C 420 -1.19 -8.04 7.30
C PRO C 420 -1.11 -8.18 5.80
N GLU C 421 -0.10 -8.92 5.35
CA GLU C 421 0.21 -9.02 3.93
C GLU C 421 -0.99 -9.54 3.16
N GLY C 422 -1.47 -8.72 2.21
CA GLY C 422 -2.59 -9.09 1.37
C GLY C 422 -3.95 -8.61 1.85
N ALA C 423 -4.02 -8.05 3.06
CA ALA C 423 -5.32 -7.75 3.65
C ALA C 423 -6.06 -6.66 2.89
N GLY C 424 -5.34 -5.73 2.27
CA GLY C 424 -5.98 -4.65 1.55
C GLY C 424 -6.75 -3.70 2.43
N ALA C 425 -6.40 -3.62 3.71
CA ALA C 425 -7.21 -2.89 4.69
C ALA C 425 -7.15 -1.39 4.42
N SER C 426 -7.92 -0.64 5.21
CA SER C 426 -7.66 0.77 5.40
C SER C 426 -6.28 0.98 6.03
N GLN C 427 -5.57 2.00 5.54
CA GLN C 427 -4.18 2.24 5.90
C GLN C 427 -4.12 3.50 6.75
N TYR C 428 -3.52 3.40 7.93
CA TYR C 428 -3.54 4.47 8.91
C TYR C 428 -2.11 4.86 9.29
N VAL C 429 -1.96 6.08 9.76
CA VAL C 429 -0.81 6.48 10.56
C VAL C 429 -1.29 6.94 11.91
N ALA C 430 -0.60 6.50 12.96
CA ALA C 430 -0.78 7.05 14.29
C ALA C 430 0.36 8.02 14.56
N LEU C 431 0.04 9.17 15.13
CA LEU C 431 1.04 10.21 15.26
C LEU C 431 0.81 11.01 16.53
N PHE C 432 1.85 11.71 16.95
CA PHE C 432 1.80 12.69 18.01
C PHE C 432 2.34 14.01 17.47
N SER C 433 1.71 15.11 17.89
CA SER C 433 2.13 16.44 17.49
C SER C 433 2.14 17.35 18.71
N SER C 434 3.26 18.06 18.91
CA SER C 434 3.49 18.72 20.18
C SER C 434 2.46 19.84 20.40
N PRO C 435 2.15 20.15 21.66
CA PRO C 435 1.14 21.18 21.94
C PRO C 435 1.46 22.57 21.39
N ASP C 436 2.73 22.90 21.14
CA ASP C 436 3.09 24.25 20.76
C ASP C 436 4.17 24.23 19.69
N MET C 437 4.10 25.19 18.77
CA MET C 437 5.04 25.24 17.66
C MET C 437 6.44 25.68 18.09
N ASN C 438 6.56 26.45 19.18
CA ASN C 438 7.85 27.01 19.58
C ASN C 438 8.36 26.53 20.93
N GLU C 439 7.50 25.99 21.79
CA GLU C 439 7.95 25.46 23.06
C GLU C 439 8.82 24.23 22.86
N THR C 440 9.82 24.06 23.72
CA THR C 440 10.79 22.98 23.60
C THR C 440 11.18 22.51 24.99
N HIS C 441 11.43 21.20 25.11
CA HIS C 441 11.46 20.52 26.39
C HIS C 441 12.86 20.02 26.74
N PRO C 442 13.36 20.34 27.93
CA PRO C 442 14.69 19.87 28.33
C PRO C 442 14.71 18.37 28.60
N LEU C 443 15.73 17.70 28.07
CA LEU C 443 15.84 16.25 28.20
C LEU C 443 15.88 15.79 29.65
N SER C 444 16.55 16.55 30.52
CA SER C 444 16.73 16.13 31.91
C SER C 444 15.44 16.02 32.71
N GLN C 445 14.32 16.54 32.22
CA GLN C 445 13.15 16.77 33.05
C GLN C 445 11.99 15.91 32.58
N LEU C 446 11.20 15.41 33.54
CA LEU C 446 9.98 14.69 33.25
C LEU C 446 8.87 15.68 32.95
N HIS C 447 8.61 15.92 31.65
CA HIS C 447 7.72 17.01 31.25
C HIS C 447 6.31 16.80 31.79
N SER C 448 5.72 15.63 31.52
CA SER C 448 4.42 15.22 32.06
C SER C 448 3.28 16.18 31.73
N GLY C 449 3.43 17.05 30.72
CA GLY C 449 2.33 17.88 30.29
C GLY C 449 1.40 17.18 29.33
N PRO C 450 0.10 17.46 29.44
CA PRO C 450 -0.90 16.75 28.64
C PRO C 450 -0.77 17.03 27.15
N GLY C 451 -1.14 16.03 26.35
CA GLY C 451 -1.07 16.12 24.91
C GLY C 451 -1.96 15.07 24.27
N LEU C 452 -2.01 15.10 22.94
CA LEU C 452 -2.96 14.29 22.17
C LEU C 452 -2.23 13.36 21.22
N LEU C 453 -2.39 12.06 21.42
CA LEU C 453 -2.12 11.09 20.37
C LEU C 453 -3.21 11.14 19.30
N GLN C 454 -2.80 11.08 18.04
CA GLN C 454 -3.71 11.19 16.91
C GLN C 454 -3.63 9.94 16.06
N LEU C 455 -4.77 9.51 15.52
CA LEU C 455 -4.84 8.46 14.51
C LEU C 455 -5.45 9.03 13.24
N TRP C 456 -4.71 8.98 12.14
CA TRP C 456 -5.17 9.49 10.85
C TRP C 456 -5.34 8.36 9.86
N GLY C 457 -6.57 8.17 9.39
CA GLY C 457 -6.81 7.24 8.30
C GLY C 457 -6.47 7.87 6.97
N LEU C 458 -5.64 7.17 6.18
CA LEU C 458 -5.25 7.64 4.86
C LEU C 458 -6.12 7.03 3.75
N GLY C 459 -7.32 6.59 4.09
CA GLY C 459 -8.10 5.77 3.17
C GLY C 459 -7.54 4.36 3.09
N THR C 460 -7.34 3.88 1.87
CA THR C 460 -6.85 2.54 1.64
C THR C 460 -5.74 2.45 0.59
N LEU C 461 -5.43 3.53 -0.11
CA LEU C 461 -4.27 3.64 -0.99
C LEU C 461 -4.30 2.62 -2.13
N GLN C 462 -5.46 2.03 -2.40
CA GLN C 462 -5.64 1.24 -3.62
C GLN C 462 -5.69 2.15 -4.83
N GLN C 463 -5.22 1.62 -5.98
CA GLN C 463 -5.08 2.43 -7.18
C GLN C 463 -6.36 3.17 -7.53
N GLU C 464 -7.51 2.48 -7.46
CA GLU C 464 -8.77 3.14 -7.75
C GLU C 464 -9.13 4.20 -6.72
N SER C 465 -8.60 4.07 -5.50
CA SER C 465 -8.94 4.97 -4.39
C SER C 465 -8.05 6.19 -4.29
N CYS C 466 -6.88 6.20 -4.95
CA CYS C 466 -5.92 7.27 -4.76
C CYS C 466 -6.38 8.62 -5.30
N PRO C 467 -6.96 8.71 -6.51
CA PRO C 467 -7.54 9.99 -6.92
C PRO C 467 -8.71 10.37 -6.03
N GLY C 468 -8.74 11.65 -5.65
CA GLY C 468 -9.79 12.14 -4.78
C GLY C 468 -9.74 11.65 -3.35
N ASN C 469 -8.66 11.00 -2.96
CA ASN C 469 -8.47 10.57 -1.58
C ASN C 469 -8.27 11.76 -0.65
N ARG C 470 -8.51 11.53 0.64
CA ARG C 470 -8.25 12.48 1.70
C ARG C 470 -7.77 11.72 2.93
N ALA C 471 -7.06 12.42 3.80
CA ALA C 471 -6.74 11.89 5.12
C ALA C 471 -7.78 12.32 6.14
N HIS C 472 -8.36 11.35 6.84
CA HIS C 472 -9.43 11.59 7.79
C HIS C 472 -8.93 11.34 9.21
N PHE C 473 -9.05 12.35 10.08
CA PHE C 473 -8.73 12.20 11.49
C PHE C 473 -9.79 11.38 12.20
N VAL C 474 -9.63 10.05 12.20
CA VAL C 474 -10.72 9.18 12.65
C VAL C 474 -10.96 9.30 14.16
N TYR C 475 -9.90 9.38 14.96
CA TYR C 475 -10.01 9.75 16.37
C TYR C 475 -8.64 10.04 16.94
N GLY C 476 -8.62 10.55 18.17
CA GLY C 476 -7.39 10.67 18.92
C GLY C 476 -7.58 10.28 20.38
N ILE C 477 -6.47 10.07 21.07
CA ILE C 477 -6.46 9.71 22.49
C ILE C 477 -5.83 10.83 23.31
N ALA C 478 -6.59 11.35 24.26
CA ALA C 478 -6.08 12.30 25.25
C ALA C 478 -5.07 11.63 26.17
N CYS C 479 -3.82 12.08 26.12
CA CYS C 479 -2.75 11.50 26.92
C CYS C 479 -2.32 12.48 28.02
N ASP C 480 -2.33 12.01 29.27
CA ASP C 480 -1.82 12.80 30.38
C ASP C 480 -0.32 12.66 30.56
N ASN C 481 0.27 11.55 30.12
CA ASN C 481 1.64 11.19 30.46
C ASN C 481 2.70 11.91 29.62
N GLY C 482 2.57 13.22 29.49
CA GLY C 482 3.56 14.01 28.77
C GLY C 482 3.48 13.86 27.26
N CYS C 483 4.36 14.61 26.59
CA CYS C 483 4.56 14.46 25.16
C CYS C 483 5.18 13.11 24.82
N ILE C 484 4.96 12.68 23.58
CA ILE C 484 5.36 11.36 23.10
C ILE C 484 6.54 11.52 22.17
N TRP C 485 7.63 10.79 22.44
CA TRP C 485 8.84 10.87 21.63
C TRP C 485 8.97 9.76 20.59
N ASP C 486 8.28 8.64 20.76
CA ASP C 486 8.34 7.57 19.78
C ASP C 486 7.05 6.76 19.80
N LEU C 487 6.70 6.23 18.63
CA LEU C 487 5.52 5.39 18.46
C LEU C 487 5.93 4.14 17.71
N LYS C 488 5.54 2.97 18.23
CA LYS C 488 5.74 1.71 17.52
C LYS C 488 4.51 0.84 17.70
N PHE C 489 4.04 0.25 16.60
CA PHE C 489 3.01 -0.76 16.66
C PHE C 489 3.61 -2.14 16.88
N CYS C 490 2.82 -3.03 17.50
CA CYS C 490 3.13 -4.45 17.50
C CYS C 490 3.30 -4.93 16.07
N PRO C 491 4.49 -5.36 15.66
CA PRO C 491 4.81 -5.44 14.23
C PRO C 491 3.93 -6.40 13.44
N SER C 492 3.26 -7.35 14.09
CA SER C 492 2.34 -8.24 13.39
C SER C 492 1.37 -8.83 14.39
N GLY C 493 0.33 -9.48 13.85
CA GLY C 493 -0.60 -10.26 14.65
C GLY C 493 -1.58 -9.48 15.49
N ALA C 494 -1.45 -8.15 15.55
CA ALA C 494 -2.43 -7.33 16.27
C ALA C 494 -3.71 -7.14 15.47
N TRP C 495 -3.60 -6.96 14.15
CA TRP C 495 -4.74 -6.62 13.32
C TRP C 495 -5.69 -7.81 13.17
N GLU C 496 -6.98 -7.49 13.06
CA GLU C 496 -8.00 -8.43 12.62
C GLU C 496 -8.99 -7.68 11.75
N LEU C 497 -9.81 -8.44 11.02
CA LEU C 497 -10.75 -7.85 10.07
C LEU C 497 -11.70 -6.88 10.79
N PRO C 498 -11.97 -5.71 10.21
CA PRO C 498 -12.97 -4.81 10.80
C PRO C 498 -14.36 -5.42 10.85
N GLY C 499 -14.69 -6.30 9.90
CA GLY C 499 -15.90 -7.07 9.87
C GLY C 499 -15.94 -8.29 10.77
N THR C 500 -14.96 -8.44 11.65
CA THR C 500 -14.94 -9.60 12.53
C THR C 500 -16.14 -9.55 13.47
N PRO C 501 -16.93 -10.62 13.55
CA PRO C 501 -18.03 -10.66 14.54
C PRO C 501 -17.47 -10.77 15.95
N ARG C 502 -17.84 -9.80 16.79
CA ARG C 502 -17.48 -9.82 18.19
C ARG C 502 -18.64 -9.34 19.04
N LYS C 503 -18.65 -9.76 20.30
CA LYS C 503 -19.69 -9.37 21.24
C LYS C 503 -19.67 -7.86 21.47
N ALA C 504 -20.83 -7.33 21.86
CA ALA C 504 -21.03 -5.88 21.91
C ALA C 504 -19.99 -5.13 22.73
N PRO C 505 -19.45 -5.65 23.85
CA PRO C 505 -18.43 -4.87 24.55
C PRO C 505 -17.10 -4.84 23.82
N LEU C 506 -16.78 -5.88 23.06
CA LEU C 506 -15.52 -5.93 22.36
C LEU C 506 -15.60 -5.16 21.05
N LEU C 507 -14.45 -4.74 20.55
CA LEU C 507 -14.36 -4.07 19.26
C LEU C 507 -13.27 -4.74 18.44
N PRO C 508 -13.50 -4.95 17.14
CA PRO C 508 -12.43 -5.50 16.29
C PRO C 508 -11.17 -4.66 16.37
N ARG C 509 -10.05 -5.34 16.67
CA ARG C 509 -8.82 -4.65 17.00
C ARG C 509 -8.09 -4.19 15.74
N LEU C 510 -7.78 -2.89 15.69
CA LEU C 510 -6.93 -2.36 14.62
C LEU C 510 -5.46 -2.67 14.87
N GLY C 511 -4.98 -2.49 16.10
CA GLY C 511 -3.57 -2.72 16.36
C GLY C 511 -3.26 -2.64 17.84
N LEU C 512 -2.00 -2.91 18.15
CA LEU C 512 -1.40 -2.58 19.44
C LEU C 512 -0.33 -1.52 19.23
N LEU C 513 -0.35 -0.49 20.07
CA LEU C 513 0.52 0.67 19.92
C LEU C 513 1.21 0.95 21.25
N ALA C 514 2.51 1.19 21.20
CA ALA C 514 3.31 1.52 22.38
C ALA C 514 3.89 2.91 22.24
N LEU C 515 3.85 3.67 23.34
CA LEU C 515 4.22 5.08 23.36
C LEU C 515 5.44 5.28 24.24
N ALA C 516 6.44 5.99 23.72
CA ALA C 516 7.55 6.49 24.52
C ALA C 516 7.17 7.86 25.08
N CYS C 517 6.65 7.88 26.31
CA CYS C 517 6.28 9.13 26.94
C CYS C 517 7.50 9.86 27.51
N SER C 518 7.47 11.19 27.38
CA SER C 518 8.35 12.06 28.15
C SER C 518 8.19 11.92 29.66
N ASP C 519 7.07 11.38 30.13
CA ASP C 519 6.92 11.07 31.55
C ASP C 519 7.77 9.89 32.02
N GLY C 520 8.59 9.31 31.15
CA GLY C 520 9.51 8.27 31.57
C GLY C 520 8.89 6.89 31.71
N LYS C 521 7.71 6.66 31.14
CA LYS C 521 7.05 5.38 31.17
C LYS C 521 6.45 5.12 29.80
N VAL C 522 6.15 3.85 29.52
CA VAL C 522 5.64 3.42 28.23
C VAL C 522 4.18 3.02 28.38
N LEU C 523 3.33 3.55 27.49
CA LEU C 523 1.92 3.25 27.47
C LEU C 523 1.63 2.32 26.31
N LEU C 524 0.90 1.24 26.57
CA LEU C 524 0.57 0.24 25.58
C LEU C 524 -0.94 0.22 25.37
N PHE C 525 -1.37 0.56 24.17
CA PHE C 525 -2.79 0.67 23.82
C PHE C 525 -3.14 -0.37 22.78
N SER C 526 -4.35 -0.91 22.86
CA SER C 526 -4.97 -1.63 21.75
C SER C 526 -5.96 -0.72 21.06
N LEU C 527 -5.77 -0.52 19.76
CA LEU C 527 -6.64 0.37 18.98
C LEU C 527 -7.83 -0.40 18.43
N PRO C 528 -9.06 0.05 18.68
CA PRO C 528 -10.21 -0.47 17.95
C PRO C 528 -10.27 0.10 16.55
N HIS C 529 -10.88 -0.67 15.65
CA HIS C 529 -11.28 -0.12 14.36
C HIS C 529 -12.27 1.04 14.56
N PRO C 530 -12.15 2.11 13.79
CA PRO C 530 -13.01 3.29 14.01
C PRO C 530 -14.50 3.01 13.86
N GLU C 531 -14.87 2.19 12.87
CA GLU C 531 -16.28 1.88 12.62
C GLU C 531 -16.97 1.33 13.86
N ALA C 532 -16.28 0.49 14.62
CA ALA C 532 -16.86 -0.07 15.83
C ALA C 532 -17.07 0.97 16.91
N LEU C 533 -16.12 1.93 17.04
CA LEU C 533 -16.35 3.07 17.92
C LEU C 533 -17.56 3.90 17.45
N LEU C 534 -17.60 4.25 16.17
CA LEU C 534 -18.70 5.07 15.66
C LEU C 534 -20.04 4.35 15.75
N ALA C 535 -20.04 3.02 15.70
CA ALA C 535 -21.28 2.29 15.97
C ALA C 535 -21.66 2.32 17.45
N GLN C 536 -20.66 2.39 18.33
CA GLN C 536 -20.95 2.56 19.76
C GLN C 536 -21.27 4.02 20.08
N GLN C 537 -20.58 4.95 19.44
CA GLN C 537 -20.74 6.37 19.75
C GLN C 537 -22.13 6.86 19.38
N PRO C 538 -22.74 7.71 20.21
CA PRO C 538 -23.95 8.42 19.79
C PRO C 538 -23.68 9.32 18.60
N PRO C 539 -24.53 9.27 17.58
CA PRO C 539 -24.24 10.00 16.33
C PRO C 539 -24.23 11.51 16.46
N ASP C 540 -24.82 12.06 17.53
CA ASP C 540 -24.78 13.50 17.79
C ASP C 540 -23.42 14.00 18.23
N ALA C 541 -22.49 13.12 18.61
CA ALA C 541 -21.21 13.55 19.15
C ALA C 541 -20.31 14.16 18.08
N VAL C 542 -19.34 14.94 18.55
CA VAL C 542 -18.37 15.62 17.69
C VAL C 542 -17.49 14.59 17.00
N LYS C 543 -17.38 14.68 15.67
CA LYS C 543 -16.74 13.67 14.84
C LYS C 543 -15.21 13.68 14.95
N PRO C 544 -14.56 14.85 15.14
CA PRO C 544 -13.18 14.82 15.67
C PRO C 544 -13.09 14.25 17.07
N ALA C 545 -13.43 12.97 17.21
CA ALA C 545 -13.64 12.36 18.52
C ALA C 545 -12.33 12.24 19.28
N ILE C 546 -12.30 12.78 20.49
CA ILE C 546 -11.13 12.73 21.38
C ILE C 546 -11.51 11.87 22.57
N TYR C 547 -10.81 10.75 22.76
CA TYR C 547 -11.14 9.81 23.81
C TYR C 547 -10.11 9.87 24.94
N LYS C 548 -10.60 9.84 26.17
CA LYS C 548 -9.81 9.40 27.33
C LYS C 548 -9.82 7.88 27.34
N VAL C 549 -8.66 7.27 27.10
CA VAL C 549 -8.54 5.82 26.94
C VAL C 549 -7.75 5.24 28.10
N GLN C 550 -8.31 4.20 28.72
CA GLN C 550 -7.57 3.46 29.72
C GLN C 550 -6.51 2.60 29.05
N CYS C 551 -5.29 2.64 29.59
CA CYS C 551 -4.21 1.85 29.03
C CYS C 551 -4.52 0.36 29.12
N VAL C 552 -3.99 -0.40 28.17
CA VAL C 552 -3.92 -1.85 28.35
C VAL C 552 -2.89 -2.19 29.42
N ALA C 553 -1.68 -1.67 29.27
CA ALA C 553 -0.63 -1.83 30.25
C ALA C 553 0.17 -0.54 30.32
N THR C 554 0.69 -0.25 31.52
CA THR C 554 1.64 0.83 31.73
C THR C 554 2.99 0.22 32.14
N LEU C 555 4.03 0.56 31.39
CA LEU C 555 5.33 -0.08 31.52
C LEU C 555 6.30 0.93 32.10
N GLN C 556 6.89 0.59 33.25
CA GLN C 556 7.75 1.53 33.94
C GLN C 556 8.86 0.78 34.67
N VAL C 557 9.98 1.47 34.86
CA VAL C 557 11.17 0.90 35.47
C VAL C 557 11.05 0.92 36.99
N GLY C 558 11.19 -0.24 37.61
CA GLY C 558 11.00 -0.33 39.04
C GLY C 558 10.88 -1.77 39.49
N SER C 559 10.36 -1.94 40.70
CA SER C 559 10.12 -3.26 41.27
C SER C 559 8.91 -3.17 42.19
N MET C 560 8.35 -4.32 42.52
CA MET C 560 7.37 -4.37 43.61
C MET C 560 7.97 -3.76 44.87
N GLN C 561 7.21 -2.85 45.48
CA GLN C 561 7.63 -2.12 46.68
C GLN C 561 8.87 -1.26 46.45
N ALA C 562 9.25 -0.98 45.21
CA ALA C 562 10.34 -0.06 44.95
C ALA C 562 9.92 1.38 45.25
N THR C 563 10.18 1.82 46.47
CA THR C 563 9.75 3.16 46.89
C THR C 563 10.47 4.27 46.12
N ASP C 564 11.74 4.08 45.78
CA ASP C 564 12.52 5.14 45.14
C ASP C 564 12.19 5.23 43.65
N PRO C 565 11.63 6.35 43.18
CA PRO C 565 11.39 6.50 41.74
C PRO C 565 12.69 6.43 40.94
N SER C 566 12.64 5.70 39.83
CA SER C 566 13.85 5.43 39.05
C SER C 566 14.44 6.70 38.46
N GLU C 567 15.76 6.75 38.42
CA GLU C 567 16.54 7.85 37.84
C GLU C 567 16.49 7.89 36.33
N CYS C 568 15.83 6.94 35.68
CA CYS C 568 15.94 6.75 34.23
C CYS C 568 15.50 7.96 33.42
N GLY C 569 14.65 8.82 33.97
CA GLY C 569 14.22 9.99 33.22
C GLY C 569 13.32 9.64 32.04
N GLN C 570 13.34 10.50 31.03
CA GLN C 570 12.49 10.32 29.85
C GLN C 570 12.82 9.03 29.11
N CYS C 571 11.77 8.38 28.60
CA CYS C 571 11.92 7.35 27.58
C CYS C 571 12.07 8.01 26.21
N LEU C 572 12.97 7.48 25.39
CA LEU C 572 13.37 8.18 24.18
C LEU C 572 13.35 7.34 22.90
N SER C 573 13.31 6.02 22.98
CA SER C 573 13.15 5.21 21.77
C SER C 573 12.65 3.83 22.14
N LEU C 574 11.88 3.23 21.22
CA LEU C 574 11.31 1.91 21.40
C LEU C 574 11.78 0.98 20.29
N ALA C 575 11.86 -0.31 20.61
CA ALA C 575 11.87 -1.35 19.59
C ALA C 575 11.01 -2.51 20.07
N TRP C 576 10.10 -2.97 19.22
CA TRP C 576 9.43 -4.24 19.45
C TRP C 576 10.29 -5.39 18.97
N MET C 577 10.17 -6.53 19.65
CA MET C 577 10.84 -7.74 19.19
C MET C 577 10.37 -8.09 17.78
N PRO C 578 11.24 -8.07 16.78
CA PRO C 578 10.76 -8.07 15.39
C PRO C 578 10.18 -9.39 14.94
N THR C 579 10.27 -10.44 15.76
CA THR C 579 9.84 -11.78 15.38
C THR C 579 8.81 -12.31 16.36
N ARG C 580 7.95 -13.18 15.83
CA ARG C 580 6.95 -13.95 16.56
C ARG C 580 7.52 -14.52 17.85
N PRO C 581 6.77 -14.47 18.97
CA PRO C 581 5.46 -13.84 19.19
C PRO C 581 5.53 -12.39 19.67
N HIS C 582 6.58 -11.62 19.31
CA HIS C 582 6.69 -10.20 19.67
C HIS C 582 6.58 -9.97 21.19
N GLN C 583 7.01 -10.96 21.98
CA GLN C 583 6.72 -10.92 23.42
C GLN C 583 7.49 -9.83 24.16
N HIS C 584 8.64 -9.37 23.64
CA HIS C 584 9.45 -8.38 24.32
C HIS C 584 9.35 -7.01 23.66
N LEU C 585 9.32 -5.98 24.51
CA LEU C 585 9.43 -4.58 24.11
C LEU C 585 10.62 -3.96 24.83
N ALA C 586 11.50 -3.31 24.07
CA ALA C 586 12.69 -2.65 24.60
C ALA C 586 12.56 -1.14 24.47
N ALA C 587 13.05 -0.41 25.47
CA ALA C 587 13.05 1.05 25.44
C ALA C 587 14.37 1.63 25.89
N GLY C 588 14.79 2.70 25.22
CA GLY C 588 15.96 3.46 25.63
C GLY C 588 15.57 4.63 26.54
N TYR C 589 16.46 4.95 27.48
CA TYR C 589 16.14 5.92 28.52
C TYR C 589 17.21 7.00 28.55
N TYR C 590 16.85 8.15 29.13
CA TYR C 590 17.79 9.27 29.24
C TYR C 590 19.01 8.91 30.08
N ASN C 591 18.84 8.12 31.13
CA ASN C 591 20.05 7.77 31.88
C ASN C 591 20.98 6.80 31.13
N GLY C 592 20.69 6.45 29.88
CA GLY C 592 21.55 5.57 29.11
C GLY C 592 21.24 4.10 29.22
N MET C 593 20.22 3.72 29.98
CA MET C 593 19.86 2.32 30.07
C MET C 593 19.02 1.89 28.88
N VAL C 594 19.03 0.60 28.60
CA VAL C 594 18.05 -0.06 27.74
C VAL C 594 17.28 -1.05 28.60
N VAL C 595 15.96 -1.03 28.47
CA VAL C 595 15.07 -1.73 29.39
C VAL C 595 14.08 -2.57 28.59
N PHE C 596 13.84 -3.80 29.06
CA PHE C 596 13.06 -4.79 28.34
C PHE C 596 11.89 -5.25 29.21
N TRP C 597 10.69 -5.25 28.64
CA TRP C 597 9.52 -5.81 29.30
C TRP C 597 9.04 -7.04 28.54
N ASN C 598 8.72 -8.09 29.29
CA ASN C 598 8.15 -9.31 28.73
C ASN C 598 6.63 -9.20 28.85
N LEU C 599 5.98 -8.78 27.77
CA LEU C 599 4.58 -8.37 27.86
C LEU C 599 3.62 -9.48 28.31
N PRO C 600 3.76 -10.73 27.89
CA PRO C 600 2.89 -11.79 28.43
C PRO C 600 3.10 -12.14 29.90
N THR C 601 4.02 -11.50 30.61
CA THR C 601 4.51 -12.05 31.87
C THR C 601 3.39 -12.21 32.90
N ASN C 602 3.19 -13.46 33.33
CA ASN C 602 2.29 -13.77 34.43
C ASN C 602 2.89 -13.44 35.79
N SER C 603 4.20 -13.36 35.90
CA SER C 603 4.87 -13.42 37.19
C SER C 603 4.43 -12.29 38.12
N PRO C 604 4.00 -12.60 39.34
CA PRO C 604 3.67 -11.56 40.31
C PRO C 604 4.84 -10.65 40.68
N LEU C 605 6.06 -10.98 40.26
CA LEU C 605 7.21 -10.11 40.47
C LEU C 605 7.38 -9.06 39.40
N GLN C 606 6.77 -9.23 38.23
CA GLN C 606 6.87 -8.26 37.15
C GLN C 606 5.55 -7.57 36.83
N ARG C 607 4.45 -8.30 36.90
CA ARG C 607 3.13 -7.79 36.54
C ARG C 607 2.32 -7.52 37.79
N ILE C 608 1.66 -6.37 37.84
CA ILE C 608 0.58 -6.12 38.78
C ILE C 608 -0.52 -5.33 38.06
N ARG C 609 -1.76 -5.54 38.49
CA ARG C 609 -2.92 -4.93 37.87
C ARG C 609 -3.47 -3.80 38.73
N LEU C 610 -3.66 -2.64 38.13
CA LEU C 610 -4.22 -1.49 38.82
C LEU C 610 -5.71 -1.68 39.06
N SER C 611 -6.26 -0.85 39.95
CA SER C 611 -7.65 -0.99 40.37
C SER C 611 -8.63 -0.82 39.21
N ASP C 612 -8.25 -0.07 38.19
CA ASP C 612 -9.07 0.04 36.99
C ASP C 612 -8.93 -1.15 36.06
N GLY C 613 -8.06 -2.11 36.38
CA GLY C 613 -7.83 -3.27 35.55
C GLY C 613 -6.72 -3.14 34.53
N SER C 614 -6.14 -1.96 34.36
CA SER C 614 -4.96 -1.85 33.51
C SER C 614 -3.76 -2.48 34.19
N LEU C 615 -2.82 -2.95 33.39
CA LEU C 615 -1.60 -3.55 33.93
C LEU C 615 -0.55 -2.49 34.23
N LYS C 616 0.26 -2.76 35.25
CA LYS C 616 1.57 -2.15 35.41
C LYS C 616 2.62 -3.25 35.29
N LEU C 617 3.58 -3.05 34.38
CA LEU C 617 4.66 -4.01 34.16
C LEU C 617 5.99 -3.39 34.54
N TYR C 618 6.74 -4.08 35.39
CA TYR C 618 8.15 -3.84 35.63
C TYR C 618 9.02 -4.69 34.71
N PRO C 619 10.23 -4.25 34.39
CA PRO C 619 11.06 -4.98 33.43
C PRO C 619 11.66 -6.25 34.02
N PHE C 620 12.04 -7.16 33.12
CA PHE C 620 12.78 -8.34 33.51
C PHE C 620 14.29 -8.17 33.37
N GLN C 621 14.75 -7.30 32.48
CA GLN C 621 16.18 -7.10 32.29
C GLN C 621 16.46 -5.65 31.93
N CYS C 622 17.55 -5.10 32.47
CA CYS C 622 18.08 -3.82 32.07
C CYS C 622 19.60 -3.92 31.98
N PHE C 623 20.20 -3.04 31.17
CA PHE C 623 21.64 -2.83 31.23
C PHE C 623 21.96 -1.39 30.85
N LEU C 624 23.06 -0.88 31.41
CA LEU C 624 23.53 0.47 31.12
C LEU C 624 24.30 0.47 29.81
N ALA C 625 23.55 0.57 28.71
CA ALA C 625 24.15 0.45 27.39
C ALA C 625 25.04 1.64 27.06
N HIS C 626 24.67 2.85 27.49
CA HIS C 626 25.33 4.05 27.05
C HIS C 626 25.69 4.95 28.23
N ASP C 627 26.69 5.80 28.00
CA ASP C 627 27.10 6.83 28.93
C ASP C 627 26.15 8.02 28.95
N GLN C 628 25.18 8.07 28.04
CA GLN C 628 24.25 9.19 27.91
C GLN C 628 22.98 8.67 27.26
N ALA C 629 21.99 9.54 27.14
CA ALA C 629 20.67 9.16 26.63
C ALA C 629 20.77 8.30 25.37
N VAL C 630 19.98 7.23 25.36
CA VAL C 630 19.87 6.30 24.23
C VAL C 630 18.90 6.91 23.23
N ARG C 631 19.42 7.52 22.17
CA ARG C 631 18.58 8.19 21.18
C ARG C 631 17.86 7.23 20.25
N THR C 632 18.33 6.00 20.09
CA THR C 632 17.68 5.08 19.17
C THR C 632 17.89 3.64 19.62
N LEU C 633 16.89 2.81 19.42
CA LEU C 633 17.04 1.36 19.36
C LEU C 633 16.63 0.86 17.98
N GLN C 634 17.36 -0.12 17.47
CA GLN C 634 16.89 -0.93 16.37
C GLN C 634 17.15 -2.39 16.72
N TRP C 635 16.17 -3.25 16.48
CA TRP C 635 16.27 -4.65 16.84
C TRP C 635 16.42 -5.48 15.57
N CYS C 636 17.36 -6.41 15.58
CA CYS C 636 17.62 -7.23 14.40
C CYS C 636 16.41 -8.08 14.04
N LYS C 637 16.00 -8.01 12.78
CA LYS C 637 14.91 -8.86 12.30
C LYS C 637 15.38 -10.29 12.03
N ALA C 638 16.55 -10.43 11.40
CA ALA C 638 17.04 -11.74 10.99
C ALA C 638 17.35 -12.64 12.18
N ASN C 639 17.76 -12.07 13.30
CA ASN C 639 17.95 -12.85 14.52
C ASN C 639 17.74 -11.91 15.70
N SER C 640 16.68 -12.13 16.46
CA SER C 640 16.29 -11.24 17.54
C SER C 640 17.14 -11.35 18.80
N HIS C 641 18.24 -12.11 18.78
CA HIS C 641 19.19 -12.00 19.89
C HIS C 641 20.02 -10.73 19.84
N PHE C 642 20.08 -10.07 18.68
CA PHE C 642 20.94 -8.92 18.48
C PHE C 642 20.15 -7.63 18.37
N LEU C 643 20.71 -6.56 18.93
CA LEU C 643 20.08 -5.25 18.98
C LEU C 643 21.19 -4.22 18.75
N VAL C 644 20.83 -3.09 18.16
CA VAL C 644 21.77 -2.00 18.00
C VAL C 644 21.18 -0.74 18.61
N SER C 645 22.05 0.14 19.08
CA SER C 645 21.61 1.37 19.74
C SER C 645 22.60 2.49 19.43
N ALA C 646 22.11 3.72 19.52
CA ALA C 646 22.96 4.90 19.41
C ALA C 646 22.51 5.91 20.45
N GLY C 647 23.44 6.79 20.81
CA GLY C 647 23.24 7.65 21.97
C GLY C 647 23.95 8.97 21.82
N SER C 648 23.67 9.87 22.77
CA SER C 648 24.29 11.18 22.76
C SER C 648 25.78 11.14 23.05
N ASP C 649 26.30 10.00 23.49
CA ASP C 649 27.74 9.77 23.53
C ASP C 649 28.30 9.39 22.17
N ARG C 650 27.45 9.38 21.14
CA ARG C 650 27.82 9.24 19.73
C ARG C 650 28.65 7.99 19.44
N LYS C 651 28.38 6.91 20.16
CA LYS C 651 28.82 5.58 19.77
C LYS C 651 27.60 4.77 19.33
N ILE C 652 27.72 4.09 18.19
CA ILE C 652 26.81 3.01 17.82
C ILE C 652 27.32 1.71 18.41
N LYS C 653 26.50 1.08 19.26
CA LYS C 653 26.86 -0.15 19.93
C LYS C 653 25.95 -1.27 19.45
N PHE C 654 26.55 -2.33 18.88
CA PHE C 654 25.81 -3.53 18.52
C PHE C 654 25.83 -4.46 19.72
N TRP C 655 24.65 -4.98 20.10
CA TRP C 655 24.53 -5.77 21.31
C TRP C 655 24.11 -7.19 20.97
N ASP C 656 24.49 -8.12 21.84
CA ASP C 656 23.95 -9.48 21.86
C ASP C 656 23.21 -9.64 23.18
N LEU C 657 21.88 -9.74 23.10
CA LEU C 657 21.06 -9.64 24.30
C LEU C 657 21.18 -10.88 25.19
N ARG C 658 21.83 -11.94 24.72
CA ARG C 658 22.22 -13.04 25.59
C ARG C 658 23.40 -12.68 26.48
N ARG C 659 24.21 -11.71 26.07
CA ARG C 659 25.50 -11.40 26.70
C ARG C 659 25.66 -9.89 26.79
N PRO C 660 24.88 -9.25 27.67
CA PRO C 660 24.71 -7.80 27.61
C PRO C 660 25.87 -7.00 28.18
N TYR C 661 26.89 -7.65 28.73
CA TYR C 661 28.00 -6.94 29.38
C TYR C 661 29.02 -6.40 28.41
N GLU C 662 28.96 -6.78 27.14
CA GLU C 662 29.97 -6.43 26.16
C GLU C 662 29.31 -6.37 24.79
N PRO C 663 29.36 -5.23 24.12
CA PRO C 663 28.80 -5.15 22.77
C PRO C 663 29.62 -5.97 21.76
N ILE C 664 28.89 -6.53 20.80
CA ILE C 664 29.52 -7.19 19.65
C ILE C 664 30.52 -6.27 18.98
N ASN C 665 30.14 -5.00 18.79
CA ASN C 665 31.02 -4.01 18.19
C ASN C 665 30.57 -2.63 18.64
N SER C 666 31.53 -1.76 18.92
CA SER C 666 31.27 -0.36 19.18
C SER C 666 32.07 0.48 18.19
N ILE C 667 31.37 1.31 17.42
CA ILE C 667 31.99 2.17 16.43
C ILE C 667 31.65 3.61 16.79
N LYS C 668 32.69 4.42 17.03
CA LYS C 668 32.52 5.82 17.36
C LYS C 668 32.23 6.64 16.10
N ARG C 669 31.34 7.62 16.23
CA ARG C 669 30.79 8.32 15.08
C ARG C 669 30.44 9.74 15.51
N PHE C 670 29.79 10.47 14.62
CA PHE C 670 29.13 11.73 14.95
C PHE C 670 27.83 11.47 15.71
N LEU C 671 27.34 12.53 16.35
CA LEU C 671 26.15 12.45 17.19
C LEU C 671 24.97 11.94 16.38
N SER C 672 24.44 10.78 16.77
CA SER C 672 23.58 9.99 15.89
C SER C 672 22.12 10.10 16.31
N THR C 673 21.26 10.47 15.36
CA THR C 673 19.88 10.86 15.61
C THR C 673 18.88 9.73 15.38
N GLU C 674 19.08 8.92 14.34
CA GLU C 674 18.29 7.72 14.13
C GLU C 674 19.11 6.69 13.38
N LEU C 675 18.72 5.42 13.54
CA LEU C 675 19.33 4.31 12.84
C LEU C 675 18.25 3.57 12.04
N ALA C 676 18.67 2.96 10.94
CA ALA C 676 17.84 2.01 10.22
C ALA C 676 18.63 0.72 10.02
N TRP C 677 17.95 -0.41 10.17
CA TRP C 677 18.56 -1.72 9.94
C TRP C 677 17.64 -2.53 9.03
N LEU C 678 17.93 -2.51 7.73
CA LEU C 678 17.17 -3.26 6.75
C LEU C 678 17.47 -4.75 6.88
N LEU C 679 16.43 -5.58 6.86
CA LEU C 679 16.55 -7.04 6.97
C LEU C 679 17.70 -7.65 6.19
N PRO C 680 17.89 -7.37 4.89
CA PRO C 680 18.88 -8.13 4.13
C PRO C 680 20.31 -7.83 4.50
N TYR C 681 20.60 -6.71 5.15
CA TYR C 681 21.96 -6.20 5.27
C TYR C 681 22.45 -6.29 6.71
N ASN C 682 23.72 -6.67 6.85
CA ASN C 682 24.31 -6.90 8.17
C ASN C 682 24.47 -5.60 8.97
N GLY C 683 24.76 -4.50 8.30
CA GLY C 683 25.05 -3.24 8.97
C GLY C 683 23.83 -2.38 9.24
N VAL C 684 24.13 -1.14 9.63
CA VAL C 684 23.14 -0.17 10.07
C VAL C 684 23.42 1.14 9.36
N THR C 685 22.36 1.85 8.97
CA THR C 685 22.48 3.15 8.32
C THR C 685 22.16 4.25 9.31
N VAL C 686 23.03 5.26 9.38
CA VAL C 686 23.06 6.21 10.48
C VAL C 686 22.71 7.60 9.95
N ALA C 687 21.72 8.23 10.57
CA ALA C 687 21.48 9.66 10.39
C ALA C 687 22.21 10.41 11.48
N GLN C 688 22.73 11.59 11.13
CA GLN C 688 23.71 12.26 11.98
C GLN C 688 23.37 13.73 12.14
N ASP C 689 23.59 14.25 13.34
CA ASP C 689 23.82 15.67 13.55
C ASP C 689 25.23 16.05 13.11
N ASN C 690 25.36 17.24 12.53
CA ASN C 690 26.60 17.71 11.94
C ASN C 690 27.53 18.40 12.94
N CYS C 691 27.07 18.64 14.17
CA CYS C 691 27.80 19.49 15.10
C CYS C 691 29.24 19.02 15.35
N TYR C 692 29.53 17.73 15.17
CA TYR C 692 30.88 17.22 15.35
C TYR C 692 31.48 16.66 14.08
N ALA C 693 30.78 16.79 12.95
CA ALA C 693 31.23 16.15 11.72
C ALA C 693 32.41 16.88 11.11
N SER C 694 33.33 16.11 10.52
CA SER C 694 34.29 16.69 9.60
C SER C 694 33.54 17.34 8.44
N TYR C 695 33.81 18.62 8.21
CA TYR C 695 32.90 19.46 7.46
C TYR C 695 32.71 18.95 6.03
N GLY C 696 31.45 18.87 5.62
CA GLY C 696 31.05 18.30 4.34
C GLY C 696 30.95 16.80 4.31
N LEU C 697 31.45 16.09 5.31
CA LEU C 697 31.31 14.64 5.38
C LEU C 697 30.10 14.21 6.20
N CYS C 698 29.31 15.15 6.71
CA CYS C 698 28.06 14.83 7.37
C CYS C 698 27.01 14.36 6.37
N GLY C 699 25.88 13.91 6.92
CA GLY C 699 24.85 13.23 6.16
C GLY C 699 24.69 11.80 6.62
N ILE C 700 24.42 10.91 5.67
CA ILE C 700 23.93 9.57 5.95
C ILE C 700 25.01 8.57 5.57
N HIS C 701 25.30 7.64 6.46
CA HIS C 701 26.31 6.61 6.24
C HIS C 701 25.70 5.26 6.55
N TYR C 702 26.06 4.25 5.77
CA TYR C 702 25.78 2.86 6.11
C TYR C 702 27.04 2.25 6.72
N ILE C 703 26.88 1.57 7.84
CA ILE C 703 28.00 1.13 8.67
C ILE C 703 27.88 -0.37 8.87
N ASP C 704 28.85 -1.13 8.36
CA ASP C 704 28.85 -2.57 8.55
C ASP C 704 28.98 -2.91 10.02
N ALA C 705 28.28 -3.96 10.46
CA ALA C 705 28.46 -4.45 11.81
C ALA C 705 29.86 -4.99 12.06
N GLY C 706 30.61 -5.31 11.02
CA GLY C 706 32.06 -5.33 11.12
C GLY C 706 32.73 -6.56 10.55
N TYR C 707 31.96 -7.63 10.34
CA TYR C 707 32.55 -8.86 9.83
C TYR C 707 33.06 -8.69 8.40
N LEU C 708 32.29 -8.00 7.57
CA LEU C 708 32.72 -7.76 6.20
C LEU C 708 33.84 -6.72 6.14
N GLY C 709 33.81 -5.74 7.04
CA GLY C 709 34.96 -4.90 7.27
C GLY C 709 35.10 -3.76 6.29
N PHE C 710 34.07 -3.48 5.50
CA PHE C 710 34.11 -2.37 4.57
C PHE C 710 34.18 -1.03 5.30
N LYS C 711 34.69 -0.03 4.62
CA LYS C 711 34.53 1.35 5.04
C LYS C 711 33.05 1.73 5.06
N ALA C 712 32.71 2.71 5.90
CA ALA C 712 31.36 3.25 5.91
C ALA C 712 31.00 3.79 4.53
N TYR C 713 29.85 3.38 4.02
CA TYR C 713 29.39 3.82 2.70
C TYR C 713 28.69 5.16 2.85
N PHE C 714 29.30 6.22 2.31
CA PHE C 714 28.82 7.59 2.43
C PHE C 714 27.68 7.78 1.43
N THR C 715 26.51 7.23 1.78
CA THR C 715 25.41 7.12 0.84
C THR C 715 24.85 8.48 0.41
N ALA C 716 24.81 9.46 1.32
CA ALA C 716 24.29 10.76 0.94
C ALA C 716 24.90 11.90 1.76
N PRO C 717 25.75 12.73 1.15
CA PRO C 717 26.17 13.97 1.83
C PRO C 717 25.00 14.89 2.11
N ARG C 718 25.02 15.50 3.29
CA ARG C 718 24.05 16.51 3.67
C ARG C 718 24.76 17.60 4.47
N LYS C 719 24.33 18.84 4.29
CA LYS C 719 24.83 19.93 5.14
C LYS C 719 24.07 19.98 6.46
N GLY C 720 22.75 19.93 6.40
CA GLY C 720 21.94 19.94 7.60
C GLY C 720 21.87 18.60 8.31
N THR C 721 21.42 18.66 9.56
CA THR C 721 21.27 17.46 10.37
C THR C 721 20.02 16.70 9.90
N VAL C 722 20.20 15.44 9.52
CA VAL C 722 19.07 14.56 9.24
C VAL C 722 18.36 14.23 10.55
N TRP C 723 17.11 14.67 10.67
CA TRP C 723 16.33 14.44 11.88
C TRP C 723 15.75 13.03 11.95
N SER C 724 15.47 12.40 10.82
CA SER C 724 14.86 11.09 10.87
C SER C 724 15.17 10.31 9.61
N LEU C 725 15.11 8.98 9.75
CA LEU C 725 15.53 8.04 8.74
C LEU C 725 14.54 6.89 8.73
N SER C 726 14.28 6.33 7.55
CA SER C 726 13.43 5.16 7.47
C SER C 726 13.83 4.27 6.31
N GLY C 727 14.03 2.99 6.60
CA GLY C 727 14.18 1.99 5.55
C GLY C 727 12.86 1.35 5.22
N SER C 728 12.71 0.93 3.96
CA SER C 728 11.68 -0.01 3.56
C SER C 728 12.32 -1.35 3.23
N ASP C 729 11.97 -2.38 4.01
CA ASP C 729 12.46 -3.72 3.73
C ASP C 729 11.92 -4.26 2.41
N TRP C 730 10.70 -3.88 2.05
CA TRP C 730 10.15 -4.25 0.75
C TRP C 730 10.96 -3.64 -0.40
N LEU C 731 11.28 -2.36 -0.29
CA LEU C 731 12.00 -1.68 -1.35
C LEU C 731 13.52 -1.85 -1.26
N GLY C 732 14.06 -2.10 -0.08
CA GLY C 732 15.50 -2.03 0.06
C GLY C 732 16.06 -0.63 -0.11
N THR C 733 15.27 0.38 0.23
CA THR C 733 15.65 1.77 0.02
C THR C 733 15.41 2.53 1.32
N ILE C 734 16.03 3.70 1.42
CA ILE C 734 15.99 4.48 2.65
C ILE C 734 15.65 5.93 2.33
N ALA C 735 14.95 6.59 3.25
CA ALA C 735 14.54 7.98 3.09
C ALA C 735 14.76 8.76 4.38
N ALA C 736 15.00 10.07 4.23
CA ALA C 736 15.63 10.85 5.29
C ALA C 736 15.17 12.30 5.26
N GLY C 737 14.70 12.79 6.40
CA GLY C 737 14.22 14.16 6.53
C GLY C 737 15.25 15.06 7.19
N ASP C 738 15.35 16.30 6.71
CA ASP C 738 16.44 17.19 7.05
C ASP C 738 15.88 18.54 7.50
N ILE C 739 16.64 19.24 8.36
CA ILE C 739 16.37 20.65 8.63
C ILE C 739 16.56 21.51 7.39
N SER C 740 17.39 21.07 6.44
CA SER C 740 17.49 21.76 5.17
C SER C 740 16.17 21.71 4.38
N GLY C 741 15.26 20.83 4.77
CA GLY C 741 13.93 20.79 4.22
C GLY C 741 13.76 19.89 3.01
N GLU C 742 14.85 19.35 2.45
CA GLU C 742 14.70 18.25 1.52
C GLU C 742 14.20 17.00 2.25
N LEU C 743 13.41 16.22 1.53
CA LEU C 743 13.30 14.79 1.77
C LEU C 743 14.11 14.07 0.70
N ILE C 744 15.09 13.29 1.14
CA ILE C 744 15.94 12.52 0.25
C ILE C 744 15.59 11.05 0.39
N ALA C 745 15.61 10.32 -0.71
CA ALA C 745 15.58 8.87 -0.70
C ALA C 745 16.74 8.35 -1.52
N ALA C 746 17.21 7.16 -1.15
CA ALA C 746 18.40 6.59 -1.78
C ALA C 746 18.29 5.07 -1.81
N ILE C 747 18.93 4.48 -2.80
CA ILE C 747 18.93 3.03 -2.99
C ILE C 747 20.28 2.48 -2.54
N LEU C 748 20.24 1.48 -1.67
CA LEU C 748 21.51 0.90 -1.25
C LEU C 748 21.95 -0.18 -2.24
N PRO C 749 23.25 -0.24 -2.54
CA PRO C 749 23.77 -1.40 -3.27
C PRO C 749 23.59 -2.69 -2.48
N ASP C 750 23.93 -3.80 -3.14
CA ASP C 750 24.00 -5.08 -2.45
C ASP C 750 25.15 -5.06 -1.45
N MET C 751 24.85 -4.73 -0.20
CA MET C 751 25.86 -4.49 0.83
C MET C 751 26.62 -5.74 1.23
N ALA C 752 26.26 -6.92 0.72
CA ALA C 752 27.12 -8.08 0.82
C ALA C 752 28.36 -7.96 -0.04
N LEU C 753 28.44 -6.93 -0.89
CA LEU C 753 29.57 -6.68 -1.77
C LEU C 753 30.16 -5.32 -1.44
N ASN C 754 31.46 -5.18 -1.66
CA ASN C 754 32.21 -4.03 -1.17
C ASN C 754 31.67 -2.74 -1.78
N PRO C 755 31.17 -1.80 -0.97
CA PRO C 755 30.59 -0.56 -1.51
C PRO C 755 31.57 0.33 -2.25
N ILE C 756 32.88 0.17 -2.08
CA ILE C 756 33.81 0.98 -2.86
C ILE C 756 33.69 0.72 -4.35
N ASN C 757 33.06 -0.39 -4.75
CA ASN C 757 32.78 -0.61 -6.16
C ASN C 757 31.71 0.34 -6.70
N VAL C 758 30.96 1.01 -5.82
CA VAL C 758 30.06 2.11 -6.24
C VAL C 758 30.93 3.32 -6.53
N LYS C 759 31.15 3.60 -7.81
CA LYS C 759 32.04 4.70 -8.21
C LYS C 759 31.43 6.07 -7.94
N ARG C 760 30.10 6.22 -8.00
CA ARG C 760 29.45 7.50 -7.70
C ARG C 760 28.03 7.30 -7.18
N PRO C 761 27.85 7.30 -5.86
CA PRO C 761 26.52 7.09 -5.27
C PRO C 761 25.47 8.14 -5.66
N VAL C 762 25.87 9.28 -6.24
CA VAL C 762 24.91 10.27 -6.72
C VAL C 762 23.96 9.70 -7.77
N GLU C 763 24.35 8.65 -8.48
CA GLU C 763 23.43 7.99 -9.41
C GLU C 763 22.31 7.23 -8.72
N ARG C 764 22.40 7.01 -7.41
CA ARG C 764 21.48 6.13 -6.69
C ARG C 764 20.57 6.86 -5.71
N ARG C 765 20.51 8.19 -5.76
CA ARG C 765 19.64 8.96 -4.87
C ARG C 765 18.84 9.99 -5.66
N PHE C 766 17.73 10.43 -5.09
CA PHE C 766 16.91 11.48 -5.68
C PHE C 766 16.19 12.25 -4.59
N PRO C 767 15.90 13.53 -4.82
CA PRO C 767 15.07 14.33 -3.90
C PRO C 767 13.59 14.11 -4.15
N ILE C 768 12.86 13.69 -3.12
CA ILE C 768 11.42 13.59 -3.28
C ILE C 768 10.77 14.96 -3.31
N TYR C 769 11.13 15.84 -2.38
CA TYR C 769 10.73 17.24 -2.46
C TYR C 769 11.70 18.08 -1.65
N LYS C 770 11.63 19.40 -1.85
CA LYS C 770 12.24 20.36 -0.93
C LYS C 770 11.18 21.34 -0.44
N ALA C 771 11.18 21.61 0.86
CA ALA C 771 10.39 22.68 1.45
C ALA C 771 11.23 23.95 1.63
N ASP C 772 10.72 25.06 1.11
CA ASP C 772 11.35 26.37 1.24
C ASP C 772 10.38 27.33 1.92
N LEU C 773 10.93 28.34 2.58
CA LEU C 773 10.18 29.53 2.96
C LEU C 773 10.38 30.62 1.91
N ILE C 774 9.27 31.17 1.42
CA ILE C 774 9.29 32.29 0.49
C ILE C 774 8.75 33.52 1.22
N PRO C 775 9.45 34.66 1.19
CA PRO C 775 9.05 35.81 2.01
C PRO C 775 7.92 36.62 1.40
N TYR C 776 6.88 35.95 0.90
CA TYR C 776 5.88 36.59 0.05
C TYR C 776 6.53 37.37 -1.09
N ARG C 799 12.00 35.99 16.41
CA ARG C 799 12.23 34.58 16.14
C ARG C 799 11.16 33.71 16.78
N THR C 800 10.04 33.55 16.10
CA THR C 800 8.99 32.65 16.55
C THR C 800 8.08 32.33 15.37
N TYR C 801 7.20 31.34 15.58
CA TYR C 801 6.29 30.88 14.53
C TYR C 801 5.48 32.03 13.94
N THR C 802 4.84 32.82 14.80
CA THR C 802 4.00 33.92 14.33
C THR C 802 4.81 34.93 13.53
N GLU C 803 5.96 35.37 14.07
CA GLU C 803 6.82 36.28 13.34
C GLU C 803 7.41 35.67 12.07
N THR C 804 7.38 34.35 11.94
CA THR C 804 7.76 33.70 10.69
C THR C 804 6.63 33.70 9.68
N VAL C 805 5.48 33.12 10.05
CA VAL C 805 4.38 32.95 9.11
C VAL C 805 3.80 34.29 8.66
N ASN C 806 3.85 35.30 9.52
CA ASN C 806 3.42 36.64 9.12
C ASN C 806 4.25 37.21 7.98
N HIS C 807 5.43 36.63 7.71
CA HIS C 807 6.32 37.15 6.68
C HIS C 807 6.78 36.11 5.67
N HIS C 808 6.44 34.83 5.84
CA HIS C 808 6.88 33.80 4.92
C HIS C 808 5.78 32.77 4.70
N TYR C 809 5.82 32.10 3.55
CA TYR C 809 5.00 30.94 3.29
C TYR C 809 5.86 29.78 2.78
N LEU C 810 5.43 28.57 3.09
CA LEU C 810 6.10 27.34 2.69
C LEU C 810 5.80 27.01 1.23
N LEU C 811 6.85 26.74 0.46
CA LEU C 811 6.71 26.22 -0.90
C LEU C 811 7.22 24.78 -0.92
N PHE C 812 6.34 23.85 -1.28
CA PHE C 812 6.72 22.45 -1.47
C PHE C 812 6.83 22.18 -2.97
N GLN C 813 8.02 21.76 -3.41
CA GLN C 813 8.26 21.42 -4.80
C GLN C 813 8.65 19.96 -4.93
N ASP C 814 7.84 19.18 -5.64
CA ASP C 814 7.93 17.73 -5.68
C ASP C 814 8.51 17.29 -7.02
N THR C 815 9.33 16.23 -6.99
CA THR C 815 9.79 15.63 -8.23
C THR C 815 8.68 14.80 -8.88
N ASP C 816 8.83 14.56 -10.18
CA ASP C 816 8.08 13.55 -10.90
C ASP C 816 8.58 12.16 -10.53
N LEU C 817 7.89 11.51 -9.59
CA LEU C 817 8.29 10.21 -9.08
C LEU C 817 8.03 9.08 -10.07
N GLY C 818 7.34 9.35 -11.18
CA GLY C 818 6.92 8.28 -12.08
C GLY C 818 8.05 7.56 -12.78
N SER C 819 9.14 8.26 -13.07
CA SER C 819 10.31 7.58 -13.61
C SER C 819 11.56 8.40 -13.32
N PHE C 820 12.70 7.73 -13.42
CA PHE C 820 14.00 8.35 -13.18
C PHE C 820 14.78 8.60 -14.47
N HIS C 821 14.10 8.65 -15.61
CA HIS C 821 14.73 9.12 -16.84
C HIS C 821 15.22 10.56 -16.67
N ASP C 822 16.37 10.85 -17.29
CA ASP C 822 16.96 12.18 -17.32
C ASP C 822 17.23 12.75 -15.93
N LEU C 823 17.27 11.88 -14.93
CA LEU C 823 17.27 12.31 -13.53
C LEU C 823 18.39 13.30 -13.25
N LEU C 824 19.62 12.95 -13.65
CA LEU C 824 20.78 13.79 -13.40
C LEU C 824 20.81 15.06 -14.23
N ARG C 825 19.82 15.26 -15.10
CA ARG C 825 19.64 16.53 -15.80
C ARG C 825 18.43 17.31 -15.32
N ARG C 826 17.44 16.64 -14.75
CA ARG C 826 16.24 17.30 -14.27
C ARG C 826 16.55 18.24 -13.11
N GLU C 827 15.86 19.38 -13.11
CA GLU C 827 16.21 20.47 -12.20
C GLU C 827 16.21 20.08 -10.72
N PRO C 828 15.29 19.25 -10.21
CA PRO C 828 15.40 18.84 -8.80
C PRO C 828 16.73 18.21 -8.40
N MET C 829 17.37 17.44 -9.28
CA MET C 829 18.71 16.94 -8.96
C MET C 829 19.73 18.07 -8.99
N LEU C 830 19.68 18.93 -10.00
CA LEU C 830 20.59 20.08 -10.05
C LEU C 830 20.41 21.00 -8.86
N ARG C 831 19.17 21.13 -8.37
CA ARG C 831 18.95 21.83 -7.10
C ARG C 831 19.52 21.06 -5.92
N MET C 832 19.23 19.77 -5.83
CA MET C 832 19.73 18.96 -4.70
C MET C 832 21.24 18.95 -4.64
N GLN C 833 21.92 18.93 -5.79
CA GLN C 833 23.37 19.03 -5.81
C GLN C 833 23.92 20.38 -5.38
N GLU C 834 23.04 21.37 -5.16
CA GLU C 834 23.43 22.55 -4.41
C GLU C 834 23.02 22.49 -2.94
N GLY C 835 22.03 21.65 -2.61
CA GLY C 835 21.75 21.35 -1.21
C GLY C 835 22.89 20.61 -0.54
N GLU C 836 23.39 19.56 -1.19
CA GLU C 836 24.68 19.00 -0.81
C GLU C 836 25.80 20.01 -0.99
N GLY C 837 26.73 20.02 -0.04
CA GLY C 837 27.97 20.78 -0.17
C GLY C 837 27.83 22.29 -0.07
N HIS C 838 27.06 22.89 -0.98
CA HIS C 838 27.00 24.34 -1.08
C HIS C 838 26.09 24.95 -0.01
N SER C 839 24.98 24.30 0.32
CA SER C 839 23.91 24.93 1.07
C SER C 839 24.39 25.50 2.40
N GLN C 840 24.22 26.80 2.57
CA GLN C 840 24.53 27.50 3.81
C GLN C 840 23.37 27.33 4.78
N LEU C 841 23.62 26.70 5.92
CA LEU C 841 22.55 26.32 6.83
C LEU C 841 21.95 27.54 7.52
N CYS C 842 20.62 27.62 7.52
CA CYS C 842 19.90 28.60 8.30
C CYS C 842 19.98 28.30 9.78
N LEU C 843 20.20 29.36 10.58
CA LEU C 843 20.20 29.24 12.04
C LEU C 843 19.53 30.40 12.74
N ASP C 844 18.84 31.28 12.01
CA ASP C 844 18.41 32.58 12.51
C ASP C 844 16.90 32.71 12.60
N ARG C 845 16.15 31.62 12.39
CA ARG C 845 14.70 31.62 12.45
C ARG C 845 14.23 30.23 12.88
N LEU C 846 12.92 29.98 12.74
CA LEU C 846 12.31 28.79 13.34
C LEU C 846 12.75 27.46 12.73
N GLN C 847 13.40 27.46 11.56
CA GLN C 847 13.58 26.23 10.79
C GLN C 847 12.25 25.58 10.41
N LEU C 848 11.27 26.41 10.04
CA LEU C 848 9.90 25.96 9.88
C LEU C 848 9.76 24.86 8.83
N GLU C 849 10.68 24.80 7.87
CA GLU C 849 10.70 23.76 6.86
C GLU C 849 11.25 22.41 7.34
N ALA C 850 11.76 22.30 8.56
CA ALA C 850 12.44 21.07 8.99
C ALA C 850 11.49 19.88 9.01
N ILE C 851 11.95 18.76 8.42
CA ILE C 851 11.21 17.50 8.37
C ILE C 851 11.68 16.61 9.52
N HIS C 852 10.85 16.51 10.57
CA HIS C 852 11.23 15.76 11.76
C HIS C 852 11.04 14.24 11.67
N LYS C 853 10.12 13.74 10.83
CA LYS C 853 9.93 12.29 10.74
C LYS C 853 9.66 11.84 9.30
N VAL C 854 10.10 10.62 9.00
CA VAL C 854 9.84 9.94 7.74
C VAL C 854 9.54 8.48 8.05
N ARG C 855 8.55 7.91 7.33
CA ARG C 855 8.23 6.48 7.46
C ARG C 855 7.78 5.92 6.12
N PHE C 856 8.54 5.01 5.54
CA PHE C 856 7.98 4.12 4.52
C PHE C 856 6.91 3.22 5.14
N SER C 857 5.95 2.83 4.30
CA SER C 857 4.95 1.85 4.73
C SER C 857 5.59 0.49 4.96
N PRO C 858 5.33 -0.17 6.10
CA PRO C 858 5.77 -1.55 6.29
C PRO C 858 4.86 -2.57 5.63
N ASN C 859 3.76 -2.14 5.04
CA ASN C 859 2.68 -3.01 4.59
C ASN C 859 2.87 -3.32 3.12
N LEU C 860 2.70 -4.58 2.74
CA LEU C 860 2.88 -4.96 1.34
C LEU C 860 1.89 -4.23 0.44
N ASP C 861 0.63 -4.18 0.83
CA ASP C 861 -0.29 -3.20 0.28
C ASP C 861 0.10 -1.79 0.74
N SER C 862 0.32 -0.89 -0.23
CA SER C 862 0.87 0.46 -0.04
C SER C 862 2.38 0.49 0.17
N TYR C 863 3.10 -0.60 -0.14
CA TYR C 863 4.51 -0.70 0.23
C TYR C 863 5.35 0.42 -0.37
N GLY C 864 4.92 1.02 -1.47
CA GLY C 864 5.60 2.14 -2.07
C GLY C 864 5.16 3.51 -1.60
N TRP C 865 4.35 3.58 -0.56
CA TRP C 865 3.91 4.87 -0.01
C TRP C 865 4.82 5.34 1.11
N LEU C 866 4.92 6.65 1.26
CA LEU C 866 5.76 7.27 2.27
C LEU C 866 5.02 8.43 2.91
N VAL C 867 5.21 8.60 4.21
CA VAL C 867 4.68 9.74 4.94
C VAL C 867 5.81 10.52 5.59
N SER C 868 5.63 11.85 5.68
CA SER C 868 6.65 12.74 6.19
C SER C 868 5.99 13.96 6.81
N GLY C 869 6.73 14.63 7.70
CA GLY C 869 6.25 15.86 8.31
C GLY C 869 7.24 16.38 9.31
N GLY C 870 6.91 17.53 9.90
CA GLY C 870 7.78 18.13 10.90
C GLY C 870 7.35 19.47 11.47
N GLN C 871 8.27 20.45 11.44
CA GLN C 871 8.05 21.71 12.14
C GLN C 871 6.91 22.52 11.52
N SER C 872 6.63 22.31 10.25
CA SER C 872 5.46 22.92 9.63
C SER C 872 4.15 22.37 10.16
N GLY C 873 4.20 21.23 10.85
CA GLY C 873 3.01 20.53 11.27
C GLY C 873 2.22 19.92 10.16
N LEU C 874 2.54 20.21 8.90
CA LEU C 874 1.91 19.55 7.77
C LEU C 874 2.51 18.17 7.61
N VAL C 875 1.67 17.15 7.62
CA VAL C 875 2.04 15.90 6.97
C VAL C 875 1.99 16.09 5.47
N ARG C 876 2.90 15.44 4.76
CA ARG C 876 2.76 15.24 3.33
C ARG C 876 3.00 13.77 3.01
N ILE C 877 2.26 13.27 2.04
CA ILE C 877 2.32 11.87 1.63
C ILE C 877 2.72 11.82 0.17
N HIS C 878 3.47 10.79 -0.20
CA HIS C 878 3.91 10.60 -1.58
C HIS C 878 3.83 9.12 -1.94
N PHE C 879 3.73 8.86 -3.23
CA PHE C 879 3.86 7.52 -3.78
C PHE C 879 5.08 7.49 -4.69
N VAL C 880 6.07 6.67 -4.34
CA VAL C 880 7.29 6.56 -5.13
C VAL C 880 7.04 5.65 -6.32
N ARG C 881 6.19 6.13 -7.23
CA ARG C 881 5.69 5.38 -8.38
C ARG C 881 6.80 4.65 -9.14
N GLY C 882 7.99 5.22 -9.19
CA GLY C 882 9.11 4.61 -9.90
C GLY C 882 9.66 3.34 -9.29
N LEU C 883 9.42 3.09 -8.01
CA LEU C 883 9.92 1.87 -7.40
C LEU C 883 8.90 0.75 -7.29
N ALA C 884 7.61 1.07 -7.21
CA ALA C 884 6.59 0.04 -7.40
C ALA C 884 6.76 -0.62 -8.77
N SER C 885 6.64 -1.94 -8.79
CA SER C 885 7.24 -2.73 -9.87
C SER C 885 6.35 -3.93 -10.16
N PRO C 886 6.60 -4.62 -11.29
CA PRO C 886 5.91 -5.89 -11.56
C PRO C 886 5.97 -6.94 -10.46
N LEU C 887 7.11 -7.07 -9.78
CA LEU C 887 7.18 -7.98 -8.65
C LEU C 887 6.30 -7.51 -7.49
N GLY C 888 6.21 -6.20 -7.28
CA GLY C 888 5.28 -5.69 -6.29
C GLY C 888 3.84 -6.06 -6.59
N HIS C 889 3.43 -5.91 -7.86
CA HIS C 889 2.08 -6.27 -8.27
C HIS C 889 1.85 -7.77 -8.20
N ARG C 890 2.77 -8.56 -8.76
CA ARG C 890 2.74 -10.01 -8.63
C ARG C 890 2.59 -10.44 -7.17
N MET C 891 3.42 -9.88 -6.29
CA MET C 891 3.42 -10.29 -4.88
C MET C 891 2.14 -9.88 -4.17
N GLN C 892 1.64 -8.67 -4.42
CA GLN C 892 0.37 -8.23 -3.85
C GLN C 892 -0.78 -9.14 -4.23
N LEU C 893 -0.86 -9.55 -5.50
CA LEU C 893 -1.98 -10.39 -5.93
C LEU C 893 -1.90 -11.81 -5.36
N GLU C 894 -0.72 -12.43 -5.36
CA GLU C 894 -0.58 -13.74 -4.75
C GLU C 894 -0.91 -13.73 -3.27
N SER C 895 -0.47 -12.68 -2.55
CA SER C 895 -0.81 -12.53 -1.14
C SER C 895 -2.29 -12.23 -0.94
N ARG C 896 -2.88 -11.42 -1.83
CA ARG C 896 -4.32 -11.19 -1.79
C ARG C 896 -5.14 -12.47 -1.95
N ALA C 897 -4.76 -13.32 -2.90
CA ALA C 897 -5.46 -14.59 -3.09
C ALA C 897 -5.37 -15.49 -1.87
N HIS C 898 -4.17 -15.63 -1.29
CA HIS C 898 -3.99 -16.43 -0.09
C HIS C 898 -4.75 -15.87 1.10
N PHE C 899 -4.65 -14.56 1.33
CA PHE C 899 -5.40 -13.92 2.41
C PHE C 899 -6.90 -14.13 2.28
N ASN C 900 -7.45 -13.90 1.08
CA ASN C 900 -8.87 -14.15 0.86
C ASN C 900 -9.24 -15.62 1.02
N ALA C 901 -8.31 -16.53 0.77
CA ALA C 901 -8.56 -17.94 1.06
C ALA C 901 -8.53 -18.23 2.55
N MET C 902 -7.81 -17.43 3.34
CA MET C 902 -7.70 -17.67 4.78
C MET C 902 -8.84 -17.06 5.59
N PHE C 903 -9.26 -15.84 5.27
CA PHE C 903 -10.30 -15.15 6.02
C PHE C 903 -11.51 -14.90 5.12
N GLN C 904 -12.66 -15.42 5.51
CA GLN C 904 -13.89 -15.34 4.72
C GLN C 904 -15.09 -15.18 5.64
N MET D 1 -67.52 21.89 -37.95
CA MET D 1 -66.21 22.49 -37.74
C MET D 1 -66.33 24.01 -37.68
N ASP D 2 -65.40 24.66 -36.99
CA ASP D 2 -65.40 26.11 -36.87
C ASP D 2 -65.36 26.78 -38.24
N ALA D 3 -66.05 27.92 -38.33
CA ALA D 3 -66.09 28.70 -39.58
C ALA D 3 -64.71 29.22 -39.95
N LEU D 4 -64.03 29.88 -39.02
CA LEU D 4 -62.72 30.46 -39.31
C LEU D 4 -61.66 29.38 -39.55
N GLU D 5 -61.77 28.25 -38.88
CA GLU D 5 -60.97 27.09 -39.25
C GLU D 5 -61.26 26.65 -40.68
N SER D 6 -62.55 26.54 -41.03
CA SER D 6 -62.92 26.08 -42.37
C SER D 6 -62.47 27.06 -43.45
N LEU D 7 -62.40 28.35 -43.13
CA LEU D 7 -61.83 29.31 -44.08
C LEU D 7 -60.38 28.97 -44.41
N LEU D 8 -59.54 28.85 -43.38
CA LEU D 8 -58.14 28.54 -43.58
C LEU D 8 -57.95 27.16 -44.22
N ASP D 9 -58.78 26.20 -43.82
CA ASP D 9 -58.75 24.86 -44.42
C ASP D 9 -58.98 24.91 -45.93
N GLU D 10 -59.97 25.69 -46.39
CA GLU D 10 -60.22 25.79 -47.82
C GLU D 10 -59.08 26.48 -48.57
N VAL D 11 -58.39 27.43 -47.93
CA VAL D 11 -57.16 27.97 -48.54
C VAL D 11 -56.10 26.89 -48.64
N ALA D 12 -55.85 26.18 -47.54
CA ALA D 12 -54.83 25.14 -47.50
C ALA D 12 -55.19 23.92 -48.35
N LEU D 13 -56.44 23.76 -48.76
CA LEU D 13 -56.81 22.69 -49.67
C LEU D 13 -56.52 22.98 -51.14
N GLU D 14 -56.30 24.24 -51.52
CA GLU D 14 -55.67 24.48 -52.81
C GLU D 14 -54.20 24.09 -52.78
N GLY D 15 -53.63 23.95 -53.97
CA GLY D 15 -52.20 23.76 -54.10
C GLY D 15 -51.42 25.03 -53.79
N LEU D 16 -50.11 24.93 -54.05
CA LEU D 16 -49.20 26.06 -53.92
C LEU D 16 -49.57 27.23 -54.82
N ASP D 17 -50.43 27.04 -55.81
CA ASP D 17 -50.96 28.16 -56.59
C ASP D 17 -52.14 28.86 -55.94
N GLY D 18 -52.77 28.27 -54.92
CA GLY D 18 -53.72 28.99 -54.09
C GLY D 18 -54.96 29.54 -54.79
N LEU D 19 -55.57 30.53 -54.12
CA LEU D 19 -56.82 31.14 -54.53
C LEU D 19 -56.65 32.62 -54.84
N CYS D 20 -57.40 33.10 -55.82
CA CYS D 20 -57.78 34.50 -55.88
C CYS D 20 -59.01 34.76 -55.01
N LEU D 21 -59.24 36.02 -54.69
CA LEU D 21 -60.36 36.39 -53.82
C LEU D 21 -61.72 35.90 -54.31
N PRO D 22 -62.12 36.11 -55.57
CA PRO D 22 -63.43 35.57 -56.01
C PRO D 22 -63.50 34.06 -56.01
N ALA D 23 -62.39 33.37 -56.29
CA ALA D 23 -62.37 31.92 -56.15
C ALA D 23 -62.52 31.49 -54.70
N LEU D 24 -61.87 32.20 -53.78
CA LEU D 24 -62.05 31.92 -52.35
C LEU D 24 -63.50 32.02 -51.93
N TRP D 25 -64.17 33.13 -52.27
CA TRP D 25 -65.59 33.25 -51.98
C TRP D 25 -66.40 32.15 -52.65
N SER D 26 -66.05 31.82 -53.90
CA SER D 26 -66.69 30.71 -54.61
C SER D 26 -66.46 29.38 -53.90
N ARG D 27 -65.27 29.17 -53.32
CA ARG D 27 -65.04 27.97 -52.53
C ARG D 27 -65.94 27.94 -51.30
N LEU D 28 -65.97 29.03 -50.53
CA LEU D 28 -66.85 29.09 -49.37
C LEU D 28 -68.32 28.87 -49.75
N GLU D 29 -68.73 29.46 -50.89
CA GLU D 29 -70.09 29.24 -51.38
C GLU D 29 -70.34 27.80 -51.77
N THR D 30 -69.33 27.12 -52.30
CA THR D 30 -69.48 25.74 -52.77
C THR D 30 -69.08 24.70 -51.73
N ARG D 31 -68.56 25.12 -50.58
CA ARG D 31 -68.09 24.18 -49.56
C ARG D 31 -69.23 23.26 -49.12
N VAL D 32 -68.87 22.01 -48.85
CA VAL D 32 -69.75 21.07 -48.17
C VAL D 32 -69.02 20.55 -46.94
N PRO D 33 -69.60 20.68 -45.73
CA PRO D 33 -70.78 21.48 -45.36
C PRO D 33 -70.66 22.96 -45.69
N PRO D 34 -71.77 23.66 -45.88
CA PRO D 34 -71.71 25.07 -46.29
C PRO D 34 -71.07 25.95 -45.22
N PHE D 35 -70.43 27.02 -45.67
CA PHE D 35 -69.85 27.99 -44.77
C PHE D 35 -70.94 28.63 -43.92
N PRO D 36 -70.80 28.65 -42.59
CA PRO D 36 -71.94 29.04 -41.74
C PRO D 36 -72.30 30.51 -41.84
N LEU D 37 -71.31 31.39 -41.95
CA LEU D 37 -71.55 32.82 -41.96
C LEU D 37 -72.10 33.29 -43.31
N PRO D 38 -72.79 34.44 -43.33
CA PRO D 38 -73.50 34.85 -44.55
C PRO D 38 -72.59 35.23 -45.70
N LEU D 39 -71.30 35.46 -45.46
CA LEU D 39 -70.36 35.91 -46.49
C LEU D 39 -70.81 37.22 -47.16
N GLU D 40 -71.59 38.02 -46.44
CA GLU D 40 -71.81 39.39 -46.88
C GLU D 40 -70.47 40.13 -46.98
N PRO D 41 -70.29 41.00 -47.97
CA PRO D 41 -69.02 41.74 -48.08
C PRO D 41 -68.61 42.45 -46.79
N CYS D 42 -69.58 42.92 -46.00
CA CYS D 42 -69.28 43.51 -44.70
C CYS D 42 -68.58 42.54 -43.76
N THR D 43 -68.90 41.25 -43.83
CA THR D 43 -68.14 40.26 -43.07
C THR D 43 -66.99 39.63 -43.84
N GLN D 44 -67.02 39.69 -45.19
CA GLN D 44 -65.83 39.27 -45.95
C GLN D 44 -64.62 40.10 -45.57
N GLU D 45 -64.81 41.39 -45.26
CA GLU D 45 -63.73 42.20 -44.70
C GLU D 45 -63.21 41.58 -43.40
N PHE D 46 -64.11 41.13 -42.53
CA PHE D 46 -63.70 40.49 -41.29
C PHE D 46 -62.95 39.19 -41.54
N LEU D 47 -63.42 38.40 -42.51
CA LEU D 47 -62.71 37.20 -42.92
C LEU D 47 -61.36 37.55 -43.57
N TRP D 48 -61.31 38.63 -44.34
CA TRP D 48 -60.04 39.14 -44.86
C TRP D 48 -59.06 39.53 -43.75
N ARG D 49 -59.55 40.18 -42.70
CA ARG D 49 -58.68 40.47 -41.56
C ARG D 49 -58.17 39.20 -40.90
N ALA D 50 -58.99 38.15 -40.87
CA ALA D 50 -58.50 36.85 -40.40
C ALA D 50 -57.33 36.35 -41.26
N LEU D 51 -57.51 36.34 -42.59
CA LEU D 51 -56.44 35.91 -43.48
C LEU D 51 -55.20 36.80 -43.34
N ALA D 52 -55.38 38.10 -43.22
CA ALA D 52 -54.24 39.00 -43.03
C ALA D 52 -53.52 38.73 -41.71
N THR D 53 -54.28 38.62 -40.61
CA THR D 53 -53.66 38.43 -39.31
C THR D 53 -53.06 37.04 -39.11
N HIS D 54 -53.50 36.05 -39.86
CA HIS D 54 -52.97 34.70 -39.70
C HIS D 54 -51.57 34.58 -40.31
N PRO D 55 -50.54 34.30 -39.52
CA PRO D 55 -49.16 34.33 -40.04
C PRO D 55 -48.86 33.23 -41.04
N GLY D 56 -49.57 32.10 -40.98
CA GLY D 56 -49.36 31.02 -41.91
C GLY D 56 -49.95 31.22 -43.29
N ILE D 57 -50.85 32.19 -43.44
CA ILE D 57 -51.28 32.62 -44.76
C ILE D 57 -50.25 33.57 -45.36
N SER D 58 -50.08 33.49 -46.68
CA SER D 58 -49.13 34.30 -47.42
C SER D 58 -49.78 34.76 -48.72
N PHE D 59 -49.22 35.82 -49.30
CA PHE D 59 -49.85 36.54 -50.40
C PHE D 59 -48.83 36.82 -51.50
N TYR D 60 -49.24 36.60 -52.74
CA TYR D 60 -48.40 36.78 -53.91
C TYR D 60 -49.12 37.62 -54.94
N GLU D 61 -48.36 38.46 -55.65
CA GLU D 61 -48.77 39.02 -56.94
C GLU D 61 -48.16 38.16 -58.05
N GLU D 62 -49.01 37.45 -58.78
CA GLU D 62 -48.59 36.63 -59.90
C GLU D 62 -48.57 37.45 -61.19
N PRO D 63 -47.77 37.03 -62.18
CA PRO D 63 -47.55 37.86 -63.37
C PRO D 63 -48.79 38.06 -64.23
N ARG D 64 -49.86 37.32 -63.97
CA ARG D 64 -51.08 37.42 -64.77
C ARG D 64 -52.30 37.25 -63.86
N GLU D 65 -53.37 37.95 -64.21
CA GLU D 65 -54.67 37.69 -63.59
C GLU D 65 -55.15 36.29 -63.93
N ARG D 66 -55.26 35.44 -62.91
CA ARG D 66 -55.73 34.08 -63.11
C ARG D 66 -57.19 34.09 -63.55
N PRO D 67 -57.59 33.18 -64.44
CA PRO D 67 -59.02 33.00 -64.73
C PRO D 67 -59.83 32.70 -63.48
N ASP D 68 -61.06 33.19 -63.47
CA ASP D 68 -61.99 32.93 -62.37
C ASP D 68 -62.34 31.45 -62.28
N LEU D 69 -62.79 31.06 -61.09
CA LEU D 69 -62.97 29.65 -60.75
C LEU D 69 -64.04 29.00 -61.62
N GLN D 70 -63.67 27.89 -62.26
CA GLN D 70 -64.60 27.03 -62.99
C GLN D 70 -64.80 25.76 -62.18
N LEU D 71 -66.06 25.38 -61.97
CA LEU D 71 -66.37 24.34 -60.98
C LEU D 71 -66.38 22.93 -61.55
N GLN D 72 -66.71 22.77 -62.83
CA GLN D 72 -66.94 21.44 -63.42
C GLN D 72 -67.92 20.62 -62.57
N ASP D 73 -68.93 21.29 -62.03
CA ASP D 73 -69.68 20.78 -60.89
C ASP D 73 -70.33 19.43 -61.21
N ARG D 74 -69.94 18.41 -60.46
CA ARG D 74 -70.60 17.10 -60.52
C ARG D 74 -72.08 17.22 -60.16
N TYR D 98 -56.06 25.76 -63.01
CA TYR D 98 -55.05 25.04 -62.22
C TYR D 98 -54.27 24.02 -63.04
N PRO D 99 -53.48 24.50 -64.00
CA PRO D 99 -52.57 23.59 -64.71
C PRO D 99 -51.45 23.13 -63.80
N ILE D 100 -51.08 21.86 -63.94
CA ILE D 100 -50.07 21.26 -63.07
C ILE D 100 -48.69 21.70 -63.53
N HIS D 101 -47.95 22.36 -62.63
CA HIS D 101 -46.56 22.73 -62.86
C HIS D 101 -45.80 22.44 -61.55
N MET D 102 -45.13 21.30 -61.51
CA MET D 102 -44.57 20.78 -60.27
C MET D 102 -43.23 21.43 -59.93
N ILE D 103 -43.02 21.67 -58.64
CA ILE D 103 -41.77 22.20 -58.10
C ILE D 103 -41.03 21.06 -57.41
N LEU D 104 -39.79 20.81 -57.83
CA LEU D 104 -39.10 19.56 -57.54
C LEU D 104 -37.79 19.83 -56.82
N GLU D 105 -37.42 18.91 -55.92
CA GLU D 105 -36.14 18.93 -55.21
C GLU D 105 -35.89 20.25 -54.50
N ASN D 106 -36.95 20.87 -53.98
CA ASN D 106 -36.86 22.22 -53.45
C ASN D 106 -35.97 22.25 -52.21
N LYS D 107 -35.03 23.20 -52.18
CA LYS D 107 -34.08 23.28 -51.07
C LYS D 107 -34.74 23.69 -49.76
N ASP D 108 -35.84 24.42 -49.80
CA ASP D 108 -36.63 24.68 -48.60
C ASP D 108 -37.62 23.58 -48.29
N GLY D 109 -37.73 22.57 -49.14
CA GLY D 109 -38.67 21.48 -48.96
C GLY D 109 -40.11 21.80 -49.26
N ILE D 110 -40.43 23.00 -49.74
CA ILE D 110 -41.80 23.33 -50.10
C ILE D 110 -42.13 22.73 -51.47
N GLN D 111 -43.34 22.20 -51.60
CA GLN D 111 -43.69 21.32 -52.70
C GLN D 111 -45.06 21.69 -53.23
N GLY D 112 -45.32 21.30 -54.48
CA GLY D 112 -46.64 21.41 -55.04
C GLY D 112 -46.60 21.96 -56.46
N SER D 113 -47.74 22.51 -56.87
CA SER D 113 -48.02 22.87 -58.25
C SER D 113 -48.21 24.38 -58.37
N CYS D 114 -47.39 25.00 -59.22
CA CYS D 114 -47.58 26.42 -59.53
C CYS D 114 -46.79 26.81 -60.77
N ARG D 115 -47.50 27.41 -61.73
CA ARG D 115 -46.88 27.90 -62.97
C ARG D 115 -45.88 29.01 -62.70
N TYR D 116 -46.19 29.91 -61.76
CA TYR D 116 -45.44 31.15 -61.58
C TYR D 116 -44.57 31.15 -60.33
N PHE D 117 -44.32 29.98 -59.75
CA PHE D 117 -43.64 29.88 -58.47
C PHE D 117 -42.33 30.66 -58.45
N LYS D 118 -41.56 30.58 -59.55
CA LYS D 118 -40.29 31.28 -59.64
C LYS D 118 -40.44 32.74 -60.06
N GLU D 119 -41.66 33.19 -60.35
CA GLU D 119 -41.88 34.48 -61.00
C GLU D 119 -42.80 35.41 -60.23
N ARG D 120 -43.78 34.88 -59.50
CA ARG D 120 -44.67 35.72 -58.71
C ARG D 120 -43.93 36.41 -57.57
N LYS D 121 -44.45 37.56 -57.16
CA LYS D 121 -43.86 38.40 -56.12
C LYS D 121 -44.64 38.24 -54.82
N ASN D 122 -43.93 37.93 -53.74
CA ASN D 122 -44.52 37.93 -52.40
C ASN D 122 -44.83 39.36 -51.96
N ILE D 123 -46.10 39.61 -51.63
CA ILE D 123 -46.60 40.93 -51.27
C ILE D 123 -47.12 40.97 -49.83
N THR D 124 -46.78 39.98 -49.01
CA THR D 124 -47.25 39.92 -47.63
C THR D 124 -46.99 41.22 -46.87
N ASN D 125 -45.76 41.74 -46.96
CA ASN D 125 -45.43 42.98 -46.24
C ASN D 125 -46.18 44.19 -46.78
N ASP D 126 -46.68 44.12 -48.01
CA ASP D 126 -47.55 45.19 -48.51
C ASP D 126 -48.97 45.06 -47.98
N ILE D 127 -49.42 43.84 -47.72
CA ILE D 127 -50.76 43.62 -47.20
C ILE D 127 -50.81 43.71 -45.67
N ARG D 128 -49.74 43.34 -44.97
CA ARG D 128 -49.76 43.37 -43.52
C ARG D 128 -48.39 43.79 -42.98
N THR D 129 -48.42 44.37 -41.79
CA THR D 129 -47.22 44.65 -41.03
C THR D 129 -46.56 43.37 -40.53
N LYS D 130 -45.32 43.52 -40.05
CA LYS D 130 -44.66 42.43 -39.35
C LYS D 130 -45.38 42.09 -38.03
N SER D 131 -46.10 43.05 -37.46
CA SER D 131 -47.05 42.76 -36.39
C SER D 131 -48.36 42.18 -36.89
N LEU D 132 -48.43 41.76 -38.16
CA LEU D 132 -49.56 41.08 -38.77
C LEU D 132 -50.83 41.92 -38.81
N GLN D 133 -50.75 43.21 -38.50
CA GLN D 133 -51.89 44.09 -38.70
C GLN D 133 -52.15 44.28 -40.19
N PRO D 134 -53.40 44.21 -40.64
CA PRO D 134 -53.69 44.42 -42.06
C PRO D 134 -53.43 45.87 -42.46
N ARG D 135 -52.70 46.04 -43.57
CA ARG D 135 -52.47 47.35 -44.14
C ARG D 135 -53.54 47.78 -45.15
N CYS D 136 -54.27 46.82 -45.73
CA CYS D 136 -55.31 47.11 -46.69
C CYS D 136 -56.60 46.42 -46.27
N THR D 137 -57.73 47.06 -46.55
CA THR D 137 -58.99 46.33 -46.61
C THR D 137 -59.02 45.37 -47.82
N MET D 138 -59.97 44.44 -47.76
CA MET D 138 -60.17 43.48 -48.86
C MET D 138 -60.46 44.19 -50.18
N VAL D 139 -61.35 45.18 -50.15
CA VAL D 139 -61.67 45.93 -51.36
C VAL D 139 -60.47 46.72 -51.87
N GLU D 140 -59.67 47.28 -50.97
CA GLU D 140 -58.44 47.94 -51.39
C GLU D 140 -57.46 46.96 -52.01
N ALA D 141 -57.33 45.76 -51.42
CA ALA D 141 -56.45 44.75 -51.99
C ALA D 141 -56.91 44.29 -53.37
N PHE D 142 -58.20 44.02 -53.53
CA PHE D 142 -58.71 43.63 -54.84
C PHE D 142 -58.66 44.78 -55.84
N ASP D 143 -58.84 46.02 -55.38
CA ASP D 143 -58.61 47.17 -56.24
C ASP D 143 -57.14 47.31 -56.63
N ARG D 144 -56.24 47.07 -55.67
CA ARG D 144 -54.81 47.20 -55.93
C ARG D 144 -54.28 46.14 -56.89
N TRP D 145 -54.87 44.94 -56.90
CA TRP D 145 -54.30 43.83 -57.66
C TRP D 145 -55.28 43.05 -58.52
N GLY D 146 -56.59 43.17 -58.31
CA GLY D 146 -57.52 42.27 -58.96
C GLY D 146 -57.15 40.81 -58.80
N LYS D 147 -57.29 40.03 -59.87
CA LYS D 147 -56.93 38.62 -59.86
C LYS D 147 -55.43 38.37 -59.96
N LYS D 148 -54.59 39.40 -59.80
CA LYS D 148 -53.17 39.14 -59.58
C LYS D 148 -52.88 38.78 -58.13
N LEU D 149 -53.71 39.22 -57.20
CA LEU D 149 -53.59 38.84 -55.80
C LEU D 149 -53.92 37.37 -55.63
N ILE D 150 -52.97 36.60 -55.09
CA ILE D 150 -53.12 35.17 -54.91
C ILE D 150 -52.78 34.82 -53.47
N ILE D 151 -53.61 34.00 -52.84
CA ILE D 151 -53.51 33.65 -51.42
C ILE D 151 -53.11 32.18 -51.32
N VAL D 152 -52.02 31.93 -50.59
CA VAL D 152 -51.42 30.60 -50.47
C VAL D 152 -51.16 30.33 -48.99
N ALA D 153 -51.46 29.10 -48.56
CA ALA D 153 -51.16 28.67 -47.20
C ALA D 153 -49.81 27.96 -47.10
N SER D 154 -49.18 28.11 -45.93
CA SER D 154 -47.91 27.45 -45.62
C SER D 154 -47.96 25.95 -45.89
N GLN D 155 -46.78 25.40 -46.19
CA GLN D 155 -46.62 23.97 -46.45
C GLN D 155 -47.16 23.10 -45.33
N ALA D 156 -46.92 23.49 -44.07
CA ALA D 156 -47.45 22.76 -42.93
C ALA D 156 -48.98 22.74 -42.92
N MET D 157 -49.61 23.87 -43.18
CA MET D 157 -51.07 23.92 -43.22
C MET D 157 -51.61 23.10 -44.38
N ARG D 158 -51.02 23.27 -45.58
CA ARG D 158 -51.44 22.50 -46.74
C ARG D 158 -51.29 20.99 -46.50
N TYR D 159 -50.12 20.56 -46.02
CA TYR D 159 -49.90 19.13 -45.82
C TYR D 159 -50.82 18.56 -44.74
N ARG D 160 -51.01 19.29 -43.64
CA ARG D 160 -51.99 18.90 -42.63
C ARG D 160 -53.40 18.81 -43.20
N ALA D 161 -53.79 19.79 -44.01
CA ALA D 161 -55.12 19.78 -44.63
C ALA D 161 -55.33 18.62 -45.59
N LEU D 162 -54.26 18.04 -46.14
CA LEU D 162 -54.43 16.84 -46.95
C LEU D 162 -54.56 15.58 -46.09
N ILE D 163 -53.62 15.37 -45.16
CA ILE D 163 -53.58 14.13 -44.40
C ILE D 163 -54.57 14.10 -43.24
N GLY D 164 -55.11 15.25 -42.84
CA GLY D 164 -55.98 15.31 -41.69
C GLY D 164 -55.22 15.16 -40.38
N GLN D 165 -55.99 15.16 -39.28
CA GLN D 165 -55.38 15.07 -37.96
C GLN D 165 -54.69 13.72 -37.73
N GLU D 166 -55.24 12.65 -38.29
CA GLU D 166 -54.65 11.32 -38.11
C GLU D 166 -53.45 11.06 -39.01
N GLY D 167 -53.12 11.99 -39.90
CA GLY D 167 -52.02 11.76 -40.83
C GLY D 167 -50.66 12.03 -40.20
N ASP D 168 -49.69 11.19 -40.59
CA ASP D 168 -48.32 11.28 -40.11
C ASP D 168 -47.59 12.42 -40.83
N PRO D 169 -47.25 13.50 -40.12
CA PRO D 169 -46.51 14.60 -40.76
C PRO D 169 -45.05 14.29 -41.05
N ASP D 170 -44.49 13.24 -40.47
CA ASP D 170 -43.11 12.84 -40.75
C ASP D 170 -42.98 12.05 -42.04
N LEU D 171 -44.09 11.67 -42.68
CA LEU D 171 -44.04 11.06 -44.00
C LEU D 171 -43.59 12.08 -45.04
N LYS D 172 -42.47 11.79 -45.70
CA LYS D 172 -42.00 12.55 -46.85
C LYS D 172 -42.30 11.73 -48.10
N LEU D 173 -43.06 12.32 -49.02
CA LEU D 173 -43.48 11.68 -50.25
C LEU D 173 -42.61 12.08 -51.42
N PRO D 174 -42.59 11.28 -52.48
CA PRO D 174 -42.11 11.79 -53.77
C PRO D 174 -42.89 13.00 -54.21
N ASP D 175 -42.18 13.93 -54.87
CA ASP D 175 -42.76 15.22 -55.22
C ASP D 175 -43.99 15.07 -56.10
N PHE D 176 -43.96 14.10 -57.02
CA PHE D 176 -45.14 13.81 -57.84
C PHE D 176 -46.32 13.37 -56.97
N SER D 177 -46.07 12.47 -56.03
CA SER D 177 -47.13 11.96 -55.14
C SER D 177 -47.76 13.06 -54.29
N TYR D 178 -46.98 14.04 -53.83
CA TYR D 178 -47.59 15.18 -53.15
C TYR D 178 -48.41 16.06 -54.09
N CYS D 179 -47.95 16.28 -55.31
CA CYS D 179 -48.73 17.02 -56.28
C CYS D 179 -50.04 16.32 -56.62
N ILE D 180 -49.99 14.99 -56.71
CA ILE D 180 -51.22 14.20 -56.85
C ILE D 180 -52.19 14.46 -55.70
N LEU D 181 -51.68 14.45 -54.47
CA LEU D 181 -52.53 14.77 -53.32
C LEU D 181 -53.16 16.15 -53.40
N GLU D 182 -52.37 17.20 -53.62
CA GLU D 182 -52.98 18.52 -53.65
C GLU D 182 -53.86 18.73 -54.87
N ARG D 183 -53.67 17.95 -55.94
CA ARG D 183 -54.67 17.91 -57.00
C ARG D 183 -55.97 17.30 -56.48
N LEU D 184 -55.87 16.12 -55.86
CA LEU D 184 -57.05 15.50 -55.23
C LEU D 184 -57.63 16.39 -54.13
N GLY D 185 -56.76 17.01 -53.33
CA GLY D 185 -57.24 17.91 -52.29
C GLY D 185 -58.09 19.04 -52.81
N ARG D 186 -57.63 19.71 -53.86
CA ARG D 186 -58.40 20.82 -54.43
C ARG D 186 -59.69 20.36 -55.08
N SER D 187 -59.83 19.07 -55.41
CA SER D 187 -61.09 18.56 -55.94
C SER D 187 -62.16 18.43 -54.86
N ARG D 188 -61.78 18.48 -53.58
CA ARG D 188 -62.67 18.23 -52.43
C ARG D 188 -63.48 16.96 -52.69
N TRP D 189 -64.81 17.01 -52.55
CA TRP D 189 -65.68 15.85 -52.74
C TRP D 189 -65.73 15.37 -54.19
N GLN D 190 -65.37 16.21 -55.16
CA GLN D 190 -65.47 15.84 -56.57
C GLN D 190 -64.19 15.17 -57.04
N GLY D 191 -63.93 14.00 -56.45
CA GLY D 191 -62.65 13.34 -56.62
C GLY D 191 -62.28 13.11 -58.07
N GLU D 192 -60.98 13.09 -58.33
CA GLU D 192 -60.45 12.92 -59.67
C GLU D 192 -60.50 11.46 -60.10
N LEU D 193 -60.61 11.25 -61.41
CA LEU D 193 -60.57 9.92 -62.00
C LEU D 193 -59.17 9.62 -62.52
N GLN D 194 -58.67 8.42 -62.20
CA GLN D 194 -57.34 8.01 -62.65
C GLN D 194 -57.20 8.11 -64.16
N ARG D 195 -58.28 7.84 -64.89
CA ARG D 195 -58.35 8.14 -66.32
C ARG D 195 -57.89 9.56 -66.62
N ASP D 196 -58.59 10.55 -66.07
CA ASP D 196 -58.33 11.95 -66.40
C ASP D 196 -57.02 12.46 -65.79
N LEU D 197 -56.61 11.92 -64.63
CA LEU D 197 -55.34 12.31 -64.05
C LEU D 197 -54.17 12.02 -64.98
N HIS D 198 -54.05 10.79 -65.47
CA HIS D 198 -52.95 10.47 -66.37
C HIS D 198 -53.17 11.08 -67.75
N THR D 199 -54.41 11.03 -68.25
CA THR D 199 -54.68 11.51 -69.61
C THR D 199 -54.56 13.02 -69.72
N THR D 200 -55.02 13.75 -68.70
CA THR D 200 -55.35 15.17 -68.87
C THR D 200 -54.64 16.05 -67.85
N ALA D 201 -54.64 15.66 -66.58
CA ALA D 201 -54.04 16.50 -65.55
C ALA D 201 -52.52 16.46 -65.62
N PHE D 202 -51.93 15.27 -65.57
CA PHE D 202 -50.48 15.13 -65.60
C PHE D 202 -49.93 14.87 -66.99
N LYS D 203 -50.74 14.28 -67.88
CA LYS D 203 -50.32 13.92 -69.24
C LYS D 203 -49.13 12.96 -69.19
N VAL D 204 -49.36 11.79 -68.60
CA VAL D 204 -48.33 10.80 -68.32
C VAL D 204 -48.90 9.42 -68.60
N ASP D 205 -47.99 8.44 -68.67
CA ASP D 205 -48.41 7.04 -68.64
C ASP D 205 -49.15 6.74 -67.34
N ALA D 206 -50.30 6.07 -67.46
CA ALA D 206 -51.03 5.59 -66.29
C ALA D 206 -50.17 4.72 -65.39
N GLY D 207 -49.23 3.97 -65.97
CA GLY D 207 -48.30 3.19 -65.17
C GLY D 207 -47.37 4.03 -64.33
N LYS D 208 -46.92 5.17 -64.86
CA LYS D 208 -46.09 6.08 -64.08
C LYS D 208 -46.91 6.80 -63.02
N LEU D 209 -48.15 7.15 -63.34
CA LEU D 209 -49.09 7.62 -62.31
C LEU D 209 -49.30 6.54 -61.25
N HIS D 210 -49.64 5.32 -61.68
CA HIS D 210 -49.84 4.20 -60.77
C HIS D 210 -48.67 4.00 -59.82
N TYR D 211 -47.44 4.06 -60.35
CA TYR D 211 -46.26 3.97 -59.50
C TYR D 211 -46.24 5.06 -58.43
N HIS D 212 -46.44 6.31 -58.82
CA HIS D 212 -46.47 7.39 -57.84
C HIS D 212 -47.73 7.37 -56.98
N ARG D 213 -48.80 6.71 -57.43
CA ARG D 213 -50.00 6.56 -56.62
C ARG D 213 -49.88 5.46 -55.58
N LYS D 214 -49.14 4.38 -55.90
CA LYS D 214 -49.02 3.24 -55.00
C LYS D 214 -48.60 3.62 -53.58
N ILE D 215 -47.64 4.56 -53.45
CA ILE D 215 -47.25 5.02 -52.12
C ILE D 215 -48.42 5.64 -51.37
N LEU D 216 -49.32 6.33 -52.08
CA LEU D 216 -50.51 6.87 -51.43
C LEU D 216 -51.46 5.77 -50.99
N ASN D 217 -51.50 4.66 -51.74
CA ASN D 217 -52.18 3.46 -51.27
C ASN D 217 -51.46 2.81 -50.10
N LYS D 218 -50.13 2.73 -50.17
CA LYS D 218 -49.37 2.06 -49.12
C LYS D 218 -49.54 2.75 -47.77
N ASN D 219 -49.36 4.07 -47.73
CA ASN D 219 -49.67 4.82 -46.52
C ASN D 219 -51.16 5.04 -46.31
N GLY D 220 -51.98 4.79 -47.33
CA GLY D 220 -53.42 4.79 -47.15
C GLY D 220 -54.08 6.15 -47.10
N LEU D 221 -53.48 7.16 -47.75
CA LEU D 221 -54.03 8.50 -47.76
C LEU D 221 -55.23 8.67 -48.68
N ILE D 222 -55.42 7.78 -49.65
CA ILE D 222 -56.49 7.90 -50.62
C ILE D 222 -57.25 6.59 -50.74
N THR D 223 -58.45 6.69 -51.29
CA THR D 223 -59.34 5.56 -51.54
C THR D 223 -59.62 5.47 -53.04
N MET D 224 -59.88 4.25 -53.50
CA MET D 224 -60.15 4.00 -54.91
C MET D 224 -61.43 3.19 -55.05
N GLN D 225 -62.25 3.57 -56.02
CA GLN D 225 -63.51 2.92 -56.29
C GLN D 225 -63.75 2.86 -57.80
N SER D 226 -64.56 1.91 -58.21
CA SER D 226 -65.08 1.87 -59.57
C SER D 226 -66.03 3.03 -59.83
N HIS D 227 -66.00 3.54 -61.06
CA HIS D 227 -66.81 4.67 -61.48
C HIS D 227 -67.19 4.42 -62.93
N VAL D 228 -68.37 4.91 -63.33
CA VAL D 228 -68.79 4.83 -64.73
C VAL D 228 -69.08 6.24 -65.24
N ILE D 229 -68.29 6.66 -66.23
CA ILE D 229 -68.58 7.87 -66.98
C ILE D 229 -69.75 7.60 -67.91
N ARG D 230 -70.71 8.51 -67.96
CA ARG D 230 -71.72 8.51 -69.01
C ARG D 230 -71.38 9.59 -70.03
N LEU D 231 -71.23 9.19 -71.29
CA LEU D 231 -70.86 10.08 -72.37
C LEU D 231 -72.08 10.85 -72.87
N PRO D 232 -71.86 12.04 -73.45
CA PRO D 232 -73.00 12.79 -74.02
C PRO D 232 -73.65 12.10 -75.21
N THR D 233 -72.96 11.13 -75.82
CA THR D 233 -73.55 10.27 -76.84
C THR D 233 -74.49 9.22 -76.22
N GLY D 234 -74.46 9.05 -74.91
CA GLY D 234 -75.27 8.07 -74.23
C GLY D 234 -74.56 6.75 -73.95
N ALA D 235 -73.36 6.57 -74.49
CA ALA D 235 -72.52 5.44 -74.11
C ALA D 235 -72.02 5.65 -72.67
N GLN D 236 -71.40 4.60 -72.12
CA GLN D 236 -70.85 4.66 -70.78
C GLN D 236 -69.49 3.98 -70.75
N GLN D 237 -68.64 4.44 -69.83
CA GLN D 237 -67.26 3.97 -69.74
C GLN D 237 -66.87 3.79 -68.28
N HIS D 238 -66.28 2.64 -67.97
CA HIS D 238 -65.71 2.39 -66.66
C HIS D 238 -64.50 3.28 -66.39
N SER D 239 -64.29 3.61 -65.12
CA SER D 239 -63.12 4.37 -64.68
C SER D 239 -62.93 4.11 -63.19
N ILE D 240 -61.75 4.49 -62.70
CA ILE D 240 -61.42 4.40 -61.28
C ILE D 240 -61.50 5.80 -60.67
N LEU D 241 -62.34 5.94 -59.65
CA LEU D 241 -62.43 7.17 -58.86
C LEU D 241 -61.40 7.14 -57.73
N LEU D 242 -60.65 8.23 -57.60
CA LEU D 242 -59.73 8.44 -56.49
C LEU D 242 -60.31 9.52 -55.58
N LEU D 243 -60.42 9.22 -54.29
CA LEU D 243 -60.88 10.20 -53.31
C LEU D 243 -59.94 10.28 -52.12
N LEU D 244 -59.60 11.50 -51.74
CA LEU D 244 -58.86 11.76 -50.51
C LEU D 244 -59.70 11.37 -49.30
N ASN D 245 -59.02 10.83 -48.27
CA ASN D 245 -59.72 10.24 -47.13
C ASN D 245 -60.71 11.21 -46.50
N ARG D 246 -60.37 12.50 -46.48
CA ARG D 246 -61.29 13.52 -45.97
C ARG D 246 -62.62 13.52 -46.72
N PHE D 247 -62.61 13.07 -47.97
CA PHE D 247 -63.73 13.28 -48.88
C PHE D 247 -64.26 11.99 -49.49
N HIS D 248 -63.86 10.83 -48.95
CA HIS D 248 -64.35 9.55 -49.45
C HIS D 248 -65.85 9.43 -49.27
N VAL D 249 -66.52 8.98 -50.33
CA VAL D 249 -67.95 8.66 -50.33
C VAL D 249 -68.11 7.33 -51.06
N ASP D 250 -68.95 6.46 -50.51
CA ASP D 250 -69.17 5.13 -51.09
C ASP D 250 -70.10 5.23 -52.29
N ARG D 251 -69.51 5.15 -53.49
CA ARG D 251 -70.23 5.16 -54.74
C ARG D 251 -70.77 3.76 -55.06
N ARG D 252 -71.77 3.72 -55.93
CA ARG D 252 -72.44 2.47 -56.27
C ARG D 252 -72.70 2.42 -57.78
N SER D 253 -72.94 1.21 -58.26
CA SER D 253 -73.24 0.99 -59.67
C SER D 253 -74.54 1.69 -60.08
N THR D 356 -41.55 -21.61 -53.05
CA THR D 356 -41.73 -22.99 -52.64
C THR D 356 -40.39 -23.71 -52.53
N VAL D 357 -39.35 -23.09 -53.09
CA VAL D 357 -38.00 -23.61 -52.90
C VAL D 357 -37.63 -23.52 -51.42
N PRO D 358 -37.16 -24.59 -50.80
CA PRO D 358 -36.84 -24.55 -49.37
C PRO D 358 -35.68 -23.60 -49.11
N PRO D 359 -35.76 -22.81 -48.04
CA PRO D 359 -34.68 -21.88 -47.72
C PRO D 359 -33.42 -22.63 -47.31
N VAL D 360 -32.29 -21.95 -47.47
CA VAL D 360 -30.98 -22.49 -47.13
C VAL D 360 -30.54 -21.89 -45.80
N ASP D 361 -30.24 -22.75 -44.84
CA ASP D 361 -29.61 -22.33 -43.60
C ASP D 361 -28.13 -22.07 -43.86
N ILE D 362 -27.76 -20.78 -43.88
CA ILE D 362 -26.41 -20.38 -44.26
C ILE D 362 -25.40 -21.04 -43.33
N VAL D 363 -24.43 -21.73 -43.91
CA VAL D 363 -23.41 -22.42 -43.12
C VAL D 363 -22.27 -21.45 -42.82
N PHE D 364 -21.56 -21.74 -41.73
CA PHE D 364 -20.40 -20.95 -41.34
C PHE D 364 -19.23 -21.11 -42.31
N GLU D 365 -18.98 -22.33 -42.77
CA GLU D 365 -17.70 -22.65 -43.42
C GLU D 365 -17.61 -22.28 -44.90
N ARG D 366 -18.61 -21.64 -45.49
CA ARG D 366 -18.56 -21.31 -46.91
C ARG D 366 -19.00 -19.89 -47.19
N ASP D 367 -18.34 -19.26 -48.15
CA ASP D 367 -18.73 -17.94 -48.62
C ASP D 367 -20.08 -18.01 -49.32
N MET D 368 -20.73 -16.85 -49.42
CA MET D 368 -22.07 -16.79 -49.98
C MET D 368 -22.14 -17.24 -51.44
N LEU D 369 -21.07 -17.01 -52.22
CA LEU D 369 -21.07 -17.48 -53.60
C LEU D 369 -21.06 -19.00 -53.69
N THR D 370 -20.21 -19.67 -52.91
CA THR D 370 -20.26 -21.12 -52.87
C THR D 370 -21.63 -21.63 -52.44
N GLN D 371 -22.22 -21.00 -51.42
CA GLN D 371 -23.54 -21.41 -50.95
C GLN D 371 -24.65 -21.10 -51.95
N THR D 372 -24.53 -19.99 -52.69
CA THR D 372 -25.53 -19.70 -53.72
C THR D 372 -25.41 -20.64 -54.91
N TYR D 373 -24.17 -20.94 -55.35
CA TYR D 373 -23.99 -21.90 -56.44
C TYR D 373 -24.51 -23.28 -56.07
N ASP D 374 -24.24 -23.73 -54.84
CA ASP D 374 -24.75 -25.02 -54.39
C ASP D 374 -26.28 -25.10 -54.45
N LEU D 375 -26.96 -24.02 -54.08
CA LEU D 375 -28.41 -23.98 -54.25
C LEU D 375 -28.81 -24.16 -55.71
N ILE D 376 -28.18 -23.40 -56.60
CA ILE D 376 -28.49 -23.48 -58.03
C ILE D 376 -28.19 -24.87 -58.58
N GLU D 377 -27.07 -25.45 -58.17
CA GLU D 377 -26.70 -26.79 -58.64
C GLU D 377 -27.64 -27.87 -58.11
N ARG D 378 -28.11 -27.73 -56.87
CA ARG D 378 -29.12 -28.66 -56.37
C ARG D 378 -30.43 -28.54 -57.16
N ARG D 379 -30.80 -27.33 -57.57
CA ARG D 379 -31.95 -27.18 -58.46
C ARG D 379 -31.65 -27.76 -59.84
N GLY D 380 -30.40 -27.75 -60.25
CA GLY D 380 -29.94 -28.47 -61.44
C GLY D 380 -30.70 -28.14 -62.70
N THR D 381 -31.02 -29.19 -63.47
CA THR D 381 -31.60 -29.03 -64.80
C THR D 381 -32.88 -28.19 -64.81
N LYS D 382 -33.67 -28.23 -63.74
CA LYS D 382 -34.85 -27.39 -63.69
C LYS D 382 -34.54 -25.95 -63.28
N GLY D 383 -33.36 -25.71 -62.73
CA GLY D 383 -32.93 -24.36 -62.40
C GLY D 383 -33.74 -23.69 -61.30
N ILE D 384 -33.45 -22.40 -61.13
CA ILE D 384 -34.08 -21.58 -60.10
C ILE D 384 -34.12 -20.13 -60.59
N SER D 385 -35.17 -19.42 -60.21
CA SER D 385 -35.29 -18.01 -60.57
C SER D 385 -34.56 -17.11 -59.58
N GLN D 386 -34.33 -15.87 -60.01
CA GLN D 386 -33.76 -14.84 -59.13
C GLN D 386 -34.63 -14.57 -57.92
N ALA D 387 -35.96 -14.56 -58.10
CA ALA D 387 -36.85 -14.36 -56.96
C ALA D 387 -36.85 -15.53 -55.98
N GLU D 388 -36.71 -16.75 -56.49
CA GLU D 388 -36.55 -17.91 -55.61
C GLU D 388 -35.20 -17.90 -54.89
N ILE D 389 -34.13 -17.53 -55.59
CA ILE D 389 -32.83 -17.35 -54.93
C ILE D 389 -32.92 -16.31 -53.82
N ARG D 390 -33.48 -15.14 -54.13
CA ARG D 390 -33.62 -14.06 -53.15
C ARG D 390 -34.27 -14.54 -51.86
N VAL D 391 -35.42 -15.20 -51.97
CA VAL D 391 -36.13 -15.68 -50.78
C VAL D 391 -35.36 -16.82 -50.12
N ALA D 392 -34.89 -17.78 -50.92
CA ALA D 392 -34.21 -18.95 -50.34
C ALA D 392 -32.89 -18.58 -49.70
N MET D 393 -32.19 -17.56 -50.21
CA MET D 393 -31.01 -17.06 -49.52
C MET D 393 -31.34 -16.16 -48.34
N ASN D 394 -32.59 -15.70 -48.22
CA ASN D 394 -32.98 -14.75 -47.19
C ASN D 394 -32.12 -13.48 -47.30
N VAL D 395 -32.06 -12.94 -48.52
CA VAL D 395 -31.27 -11.75 -48.81
C VAL D 395 -32.15 -10.73 -49.52
N GLY D 396 -31.68 -9.49 -49.52
CA GLY D 396 -32.38 -8.42 -50.20
C GLY D 396 -32.28 -8.50 -51.72
N LYS D 397 -33.03 -7.60 -52.35
CA LYS D 397 -33.15 -7.59 -53.81
C LYS D 397 -31.80 -7.34 -54.47
N LEU D 398 -31.06 -6.33 -54.01
CA LEU D 398 -29.76 -6.01 -54.58
C LEU D 398 -28.74 -7.11 -54.32
N GLU D 399 -28.73 -7.66 -53.10
CA GLU D 399 -27.88 -8.81 -52.81
C GLU D 399 -28.10 -9.95 -53.78
N ALA D 400 -29.36 -10.33 -53.99
CA ALA D 400 -29.67 -11.38 -54.96
C ALA D 400 -29.24 -11.03 -56.37
N ARG D 401 -29.39 -9.77 -56.77
CA ARG D 401 -28.91 -9.33 -58.08
C ARG D 401 -27.40 -9.50 -58.21
N MET D 402 -26.63 -9.02 -57.23
CA MET D 402 -25.18 -9.11 -57.29
C MET D 402 -24.71 -10.56 -57.34
N LEU D 403 -25.31 -11.42 -56.53
CA LEU D 403 -24.98 -12.85 -56.54
C LEU D 403 -25.16 -13.45 -57.94
N CYS D 404 -26.29 -13.17 -58.59
CA CYS D 404 -26.53 -13.69 -59.93
C CYS D 404 -25.52 -13.16 -60.94
N ARG D 405 -25.28 -11.85 -60.94
CA ARG D 405 -24.30 -11.26 -61.86
C ARG D 405 -22.93 -11.90 -61.73
N LEU D 406 -22.45 -12.08 -60.50
CA LEU D 406 -21.13 -12.66 -60.30
C LEU D 406 -21.06 -14.10 -60.80
N LEU D 407 -22.07 -14.91 -60.49
CA LEU D 407 -22.05 -16.30 -60.96
C LEU D 407 -22.20 -16.39 -62.48
N GLN D 408 -22.94 -15.46 -63.10
CA GLN D 408 -22.88 -15.32 -64.55
C GLN D 408 -21.47 -14.94 -65.01
N ARG D 409 -20.86 -13.95 -64.35
CA ARG D 409 -19.59 -13.42 -64.81
C ARG D 409 -18.45 -14.40 -64.59
N PHE D 410 -18.52 -15.23 -63.54
CA PHE D 410 -17.64 -16.38 -63.41
C PHE D 410 -18.02 -17.54 -64.32
N LYS D 411 -19.04 -17.39 -65.17
CA LYS D 411 -19.44 -18.36 -66.17
C LYS D 411 -19.89 -19.69 -65.58
N VAL D 412 -19.99 -19.80 -64.26
CA VAL D 412 -20.43 -21.05 -63.64
C VAL D 412 -21.93 -21.24 -63.71
N VAL D 413 -22.70 -20.18 -63.97
CA VAL D 413 -24.16 -20.25 -64.04
C VAL D 413 -24.60 -19.59 -65.34
N LYS D 414 -25.54 -20.23 -66.03
CA LYS D 414 -26.11 -19.73 -67.27
C LYS D 414 -27.55 -19.29 -67.02
N GLY D 415 -27.89 -18.09 -67.50
CA GLY D 415 -29.22 -17.55 -67.35
C GLY D 415 -30.07 -17.71 -68.60
N PHE D 416 -31.21 -18.38 -68.43
CA PHE D 416 -32.15 -18.61 -69.53
C PHE D 416 -33.39 -17.76 -69.32
N MET D 417 -33.77 -17.00 -70.34
CA MET D 417 -35.03 -16.28 -70.33
C MET D 417 -36.20 -17.23 -70.50
N GLU D 418 -37.31 -16.91 -69.83
CA GLU D 418 -38.55 -17.66 -70.02
C GLU D 418 -39.72 -16.72 -69.80
N ASP D 419 -40.48 -16.46 -70.86
CA ASP D 419 -41.68 -15.63 -70.80
C ASP D 419 -42.80 -16.41 -70.14
N GLU D 420 -43.21 -16.00 -68.94
CA GLU D 420 -44.27 -16.67 -68.21
C GLU D 420 -45.24 -15.62 -67.66
N GLY D 421 -46.52 -15.90 -67.81
CA GLY D 421 -47.56 -14.93 -67.50
C GLY D 421 -47.45 -13.67 -68.34
N ARG D 422 -47.02 -12.59 -67.70
CA ARG D 422 -46.72 -11.34 -68.41
C ARG D 422 -45.24 -11.02 -68.41
N GLN D 423 -44.42 -11.81 -67.73
CA GLN D 423 -43.03 -11.44 -67.41
C GLN D 423 -42.09 -12.41 -68.13
N ARG D 424 -41.09 -11.86 -68.81
CA ARG D 424 -39.93 -12.62 -69.24
C ARG D 424 -39.04 -12.92 -68.04
N THR D 425 -39.40 -13.98 -67.33
CA THR D 425 -38.61 -14.43 -66.19
C THR D 425 -37.25 -14.95 -66.66
N THR D 426 -36.31 -15.00 -65.72
CA THR D 426 -35.04 -15.69 -65.92
C THR D 426 -34.94 -16.86 -64.97
N LYS D 427 -34.59 -18.02 -65.50
CA LYS D 427 -34.19 -19.18 -64.71
C LYS D 427 -32.68 -19.40 -64.86
N TYR D 428 -32.01 -19.59 -63.74
CA TYR D 428 -30.58 -19.86 -63.72
C TYR D 428 -30.32 -21.35 -63.51
N ILE D 429 -29.35 -21.87 -64.25
CA ILE D 429 -28.94 -23.27 -64.17
C ILE D 429 -27.42 -23.29 -64.13
N SER D 430 -26.85 -24.21 -63.35
CA SER D 430 -25.42 -24.38 -63.37
C SER D 430 -24.97 -25.06 -64.66
N CYS D 431 -23.86 -24.57 -65.21
CA CYS D 431 -23.39 -24.99 -66.53
C CYS D 431 -22.96 -26.45 -66.60
N VAL D 432 -23.04 -27.17 -65.48
CA VAL D 432 -22.97 -28.63 -65.53
C VAL D 432 -24.08 -29.20 -66.39
N PHE D 433 -25.25 -28.55 -66.39
CA PHE D 433 -26.41 -29.06 -67.10
C PHE D 433 -26.66 -28.31 -68.40
N MET E 50 -56.82 -11.27 -20.69
CA MET E 50 -56.82 -9.82 -20.55
C MET E 50 -56.24 -9.12 -21.78
N VAL E 51 -55.04 -9.53 -22.20
CA VAL E 51 -54.34 -8.82 -23.27
C VAL E 51 -55.02 -9.06 -24.61
N THR E 52 -55.35 -7.97 -25.30
CA THR E 52 -55.80 -7.95 -26.68
C THR E 52 -55.29 -6.68 -27.32
N ARG E 53 -55.00 -6.73 -28.62
CA ARG E 53 -54.56 -5.55 -29.32
C ARG E 53 -55.73 -4.62 -29.60
N ARG E 54 -55.50 -3.32 -29.44
CA ARG E 54 -56.34 -2.31 -30.05
C ARG E 54 -55.99 -2.09 -31.51
N GLU E 55 -56.97 -1.60 -32.27
CA GLU E 55 -56.97 -1.78 -33.72
C GLU E 55 -55.77 -1.16 -34.45
N PRO E 56 -55.38 0.10 -34.20
CA PRO E 56 -54.31 0.68 -35.03
C PRO E 56 -52.91 0.33 -34.56
N ALA E 57 -52.05 -0.05 -35.52
CA ALA E 57 -50.61 -0.09 -35.35
C ALA E 57 -50.01 1.17 -35.95
N VAL E 58 -49.47 2.05 -35.11
CA VAL E 58 -48.97 3.35 -35.56
C VAL E 58 -47.60 3.16 -36.19
N LYS E 59 -47.51 3.34 -37.51
CA LYS E 59 -46.27 3.15 -38.24
C LYS E 59 -45.33 4.35 -38.03
N LEU E 60 -44.06 4.06 -37.82
CA LEU E 60 -43.03 5.08 -37.68
C LEU E 60 -42.09 5.08 -38.88
N GLN E 61 -41.89 6.27 -39.47
CA GLN E 61 -41.11 6.41 -40.70
C GLN E 61 -39.61 6.42 -40.46
N TYR E 62 -39.15 6.41 -39.22
CA TYR E 62 -37.74 6.59 -38.90
C TYR E 62 -37.34 5.62 -37.81
N ALA E 63 -36.04 5.36 -37.72
CA ALA E 63 -35.53 4.44 -36.70
C ALA E 63 -35.71 5.04 -35.31
N VAL E 64 -36.08 4.18 -34.36
CA VAL E 64 -36.14 4.58 -32.96
C VAL E 64 -34.73 4.80 -32.44
N SER E 65 -34.57 5.82 -31.58
CA SER E 65 -33.27 6.16 -31.02
C SER E 65 -33.41 6.47 -29.53
N GLY E 66 -32.31 6.29 -28.82
CA GLY E 66 -32.16 6.85 -27.49
C GLY E 66 -32.55 5.92 -26.35
N LEU E 67 -32.42 6.46 -25.15
CA LEU E 67 -32.71 5.74 -23.92
C LEU E 67 -34.21 5.69 -23.65
N GLU E 68 -34.71 4.49 -23.33
CA GLU E 68 -36.07 4.24 -22.88
C GLU E 68 -37.12 4.99 -23.72
N PRO E 69 -37.24 4.67 -25.01
CA PRO E 69 -37.68 5.67 -26.00
C PRO E 69 -39.17 6.02 -25.95
N LEU E 70 -40.00 5.30 -25.18
CA LEU E 70 -41.43 5.55 -25.19
C LEU E 70 -41.89 6.06 -23.83
N ALA E 71 -42.82 7.02 -23.85
CA ALA E 71 -43.44 7.53 -22.64
C ALA E 71 -44.89 7.92 -22.89
N TRP E 72 -45.71 7.81 -21.85
CA TRP E 72 -47.00 8.50 -21.80
C TRP E 72 -46.86 9.75 -20.94
N SER E 73 -47.46 10.83 -21.41
CA SER E 73 -47.24 12.18 -20.88
C SER E 73 -47.95 12.49 -19.58
N GLU E 74 -48.74 11.58 -19.01
CA GLU E 74 -49.74 11.90 -17.99
C GLU E 74 -50.82 12.82 -18.55
N ASP E 75 -50.85 12.99 -19.86
CA ASP E 75 -51.71 13.93 -20.56
C ASP E 75 -52.20 13.27 -21.85
N HIS E 76 -52.09 11.95 -21.91
CA HIS E 76 -52.56 11.09 -23.00
C HIS E 76 -51.90 11.38 -24.34
N ARG E 77 -50.86 12.22 -24.37
CA ARG E 77 -49.94 12.27 -25.49
C ARG E 77 -48.80 11.28 -25.30
N VAL E 78 -48.45 10.57 -26.37
CA VAL E 78 -47.40 9.56 -26.34
C VAL E 78 -46.25 10.00 -27.23
N SER E 79 -45.04 9.98 -26.68
CA SER E 79 -43.85 10.38 -27.43
C SER E 79 -42.98 9.18 -27.70
N VAL E 80 -42.53 9.04 -28.95
CA VAL E 80 -41.47 8.11 -29.33
C VAL E 80 -40.24 8.92 -29.72
N SER E 81 -39.16 8.79 -28.97
CA SER E 81 -37.91 9.42 -29.34
C SER E 81 -37.31 8.69 -30.54
N THR E 82 -37.03 9.43 -31.61
CA THR E 82 -36.79 8.83 -32.91
C THR E 82 -35.60 9.51 -33.57
N ALA E 83 -34.99 8.80 -34.53
CA ALA E 83 -33.70 9.24 -35.08
C ALA E 83 -33.80 10.57 -35.83
N ARG E 84 -35.00 10.98 -36.23
CA ARG E 84 -35.18 12.19 -37.02
C ARG E 84 -36.18 13.16 -36.42
N SER E 85 -36.90 12.78 -35.38
CA SER E 85 -37.98 13.57 -34.81
C SER E 85 -38.32 12.95 -33.46
N ILE E 86 -39.26 13.55 -32.75
CA ILE E 86 -40.06 12.85 -31.77
C ILE E 86 -41.46 12.69 -32.32
N ALA E 87 -41.91 11.46 -32.48
CA ALA E 87 -43.30 11.23 -32.82
C ALA E 87 -44.16 11.48 -31.59
N VAL E 88 -45.20 12.29 -31.74
CA VAL E 88 -46.11 12.58 -30.64
C VAL E 88 -47.52 12.19 -31.03
N LEU E 89 -48.07 11.22 -30.31
CA LEU E 89 -49.33 10.58 -30.64
C LEU E 89 -50.34 10.92 -29.54
N GLU E 90 -51.47 11.51 -29.90
CA GLU E 90 -52.45 11.93 -28.91
C GLU E 90 -53.71 11.07 -29.03
N LEU E 91 -54.03 10.38 -27.95
CA LEU E 91 -55.30 9.65 -27.85
C LEU E 91 -56.44 10.64 -27.63
N ILE E 92 -57.40 10.66 -28.55
CA ILE E 92 -58.64 11.41 -28.39
C ILE E 92 -59.77 10.44 -28.09
N CYS E 93 -60.55 10.74 -27.05
CA CYS E 93 -61.85 10.10 -26.84
C CYS E 93 -62.89 10.72 -27.77
N ASP E 94 -62.73 10.44 -29.07
CA ASP E 94 -63.47 11.15 -30.10
C ASP E 94 -64.95 10.86 -29.98
N VAL E 95 -65.72 11.87 -29.56
CA VAL E 95 -67.18 11.76 -29.44
C VAL E 95 -67.91 12.01 -30.76
N HIS E 96 -67.18 12.34 -31.84
CA HIS E 96 -67.80 12.77 -33.08
C HIS E 96 -67.49 11.85 -34.27
N ASN E 97 -67.08 10.62 -34.02
CA ASN E 97 -66.98 9.65 -35.10
C ASN E 97 -67.37 8.26 -34.60
N PRO E 98 -67.88 7.41 -35.48
CA PRO E 98 -68.22 6.03 -35.10
C PRO E 98 -67.06 5.06 -35.14
N GLY E 99 -65.90 5.44 -35.68
CA GLY E 99 -64.83 4.48 -35.91
C GLY E 99 -64.29 3.92 -34.61
N GLN E 100 -64.29 2.59 -34.51
CA GLN E 100 -63.93 1.93 -33.27
C GLN E 100 -62.44 2.04 -32.94
N ASP E 101 -61.60 2.35 -33.93
CA ASP E 101 -60.17 2.43 -33.70
C ASP E 101 -59.86 3.52 -32.68
N LEU E 102 -58.62 3.49 -32.18
CA LEU E 102 -58.07 4.65 -31.50
C LEU E 102 -58.00 5.84 -32.46
N VAL E 103 -58.49 6.99 -32.01
CA VAL E 103 -58.29 8.23 -32.76
C VAL E 103 -56.98 8.82 -32.27
N ILE E 104 -55.93 8.67 -33.07
CA ILE E 104 -54.58 9.05 -32.70
C ILE E 104 -54.18 10.25 -33.55
N HIS E 105 -54.35 11.45 -33.01
CA HIS E 105 -53.83 12.63 -33.68
C HIS E 105 -52.32 12.65 -33.56
N ARG E 106 -51.63 12.86 -34.70
CA ARG E 106 -50.19 12.77 -34.74
C ARG E 106 -49.56 14.13 -35.03
N THR E 107 -48.47 14.42 -34.32
CA THR E 107 -47.60 15.55 -34.59
C THR E 107 -46.16 15.05 -34.49
N SER E 108 -45.20 15.94 -34.72
CA SER E 108 -43.83 15.61 -34.37
C SER E 108 -43.05 16.86 -34.01
N VAL E 109 -41.99 16.65 -33.23
CA VAL E 109 -40.97 17.66 -32.96
C VAL E 109 -39.82 17.46 -33.93
N PRO E 110 -39.54 18.40 -34.82
CA PRO E 110 -38.43 18.20 -35.77
C PRO E 110 -37.09 18.25 -35.07
N ALA E 111 -36.18 17.39 -35.50
CA ALA E 111 -34.82 17.43 -34.99
C ALA E 111 -34.13 18.73 -35.37
N PRO E 112 -33.28 19.28 -34.48
CA PRO E 112 -32.52 20.48 -34.83
C PRO E 112 -31.68 20.30 -36.09
N LEU E 113 -31.48 21.40 -36.81
CA LEU E 113 -30.60 21.42 -37.96
C LEU E 113 -29.16 21.83 -37.65
N ASN E 114 -28.92 22.46 -36.50
CA ASN E 114 -27.59 22.94 -36.14
C ASN E 114 -26.99 22.11 -35.00
N SER E 115 -25.86 21.48 -35.28
CA SER E 115 -25.20 20.61 -34.30
C SER E 115 -24.67 21.43 -33.14
N CYS E 116 -25.02 21.02 -31.92
CA CYS E 116 -24.72 21.79 -30.72
C CYS E 116 -23.29 21.51 -30.25
N LEU E 117 -22.35 22.32 -30.72
CA LEU E 117 -20.99 22.33 -30.16
C LEU E 117 -21.02 22.96 -28.78
N LEU E 118 -20.59 22.20 -27.77
CA LEU E 118 -20.52 22.72 -26.41
C LEU E 118 -19.41 23.77 -26.30
N LYS E 119 -19.72 24.87 -25.63
CA LYS E 119 -18.77 25.95 -25.40
C LYS E 119 -17.88 25.60 -24.21
N VAL E 120 -16.60 25.33 -24.48
CA VAL E 120 -15.63 25.00 -23.45
C VAL E 120 -14.56 26.08 -23.29
N GLY E 121 -14.61 27.13 -24.09
CA GLY E 121 -13.62 28.18 -24.04
C GLY E 121 -13.82 29.14 -25.18
N SER E 122 -12.83 30.01 -25.38
CA SER E 122 -12.88 30.91 -26.52
C SER E 122 -12.78 30.14 -27.82
N LYS E 123 -13.34 30.73 -28.88
CA LYS E 123 -13.36 30.09 -30.19
C LYS E 123 -11.95 29.84 -30.72
N THR E 124 -11.01 30.74 -30.42
CA THR E 124 -9.63 30.55 -30.82
C THR E 124 -8.95 29.43 -30.03
N GLU E 125 -9.07 29.45 -28.71
CA GLU E 125 -8.37 28.47 -27.89
C GLU E 125 -8.88 27.05 -28.12
N VAL E 126 -10.20 26.88 -28.22
CA VAL E 126 -10.76 25.55 -28.46
C VAL E 126 -10.30 25.00 -29.80
N ALA E 127 -10.16 25.85 -30.82
CA ALA E 127 -9.72 25.39 -32.13
C ALA E 127 -8.28 24.86 -32.09
N GLU E 128 -7.37 25.60 -31.45
CA GLU E 128 -5.99 25.13 -31.33
C GLU E 128 -5.84 24.00 -30.31
N CYS E 129 -6.68 23.94 -29.29
CA CYS E 129 -6.67 22.79 -28.39
C CYS E 129 -7.10 21.51 -29.09
N LYS E 130 -8.20 21.56 -29.85
CA LYS E 130 -8.58 20.42 -30.67
C LYS E 130 -7.46 19.99 -31.61
N GLU E 131 -6.84 20.95 -32.30
CA GLU E 131 -5.72 20.64 -33.17
C GLU E 131 -4.60 19.93 -32.42
N LYS E 132 -4.23 20.44 -31.24
CA LYS E 132 -3.20 19.80 -30.44
C LYS E 132 -3.52 18.33 -30.13
N PHE E 133 -4.72 18.07 -29.62
CA PHE E 133 -5.06 16.70 -29.20
C PHE E 133 -5.14 15.76 -30.39
N ALA E 134 -5.72 16.19 -31.51
CA ALA E 134 -5.76 15.34 -32.70
C ALA E 134 -4.35 15.03 -33.21
N ALA E 135 -3.45 16.01 -33.19
CA ALA E 135 -2.09 15.79 -33.67
C ALA E 135 -1.25 14.96 -32.71
N SER E 136 -1.71 14.72 -31.49
CA SER E 136 -0.90 14.02 -30.51
C SER E 136 -0.47 12.64 -30.99
N LYS E 137 0.80 12.33 -30.79
CA LYS E 137 1.35 11.02 -31.14
C LYS E 137 1.16 9.97 -30.04
N ASP E 138 0.61 10.36 -28.89
CA ASP E 138 0.12 9.40 -27.93
C ASP E 138 -1.14 8.73 -28.48
N PRO E 139 -1.15 7.41 -28.63
CA PRO E 139 -2.38 6.74 -29.11
C PRO E 139 -3.59 6.98 -28.23
N THR E 140 -3.39 7.06 -26.91
CA THR E 140 -4.52 7.25 -26.01
C THR E 140 -5.19 8.60 -26.21
N VAL E 141 -4.43 9.69 -26.04
CA VAL E 141 -4.99 11.03 -26.19
C VAL E 141 -5.53 11.27 -27.59
N SER E 142 -4.82 10.81 -28.62
CA SER E 142 -5.28 11.03 -29.99
C SER E 142 -6.57 10.28 -30.30
N GLN E 143 -6.62 8.98 -29.99
CA GLN E 143 -7.83 8.22 -30.29
C GLN E 143 -8.98 8.51 -29.33
N THR E 144 -8.70 8.86 -28.07
CA THR E 144 -9.78 9.33 -27.21
C THR E 144 -10.40 10.62 -27.74
N PHE E 145 -9.59 11.48 -28.34
CA PHE E 145 -10.13 12.67 -29.00
C PHE E 145 -10.90 12.29 -30.27
N MET E 146 -10.25 11.59 -31.19
CA MET E 146 -10.82 11.33 -32.51
C MET E 146 -12.05 10.43 -32.46
N LEU E 147 -12.23 9.64 -31.42
CA LEU E 147 -13.39 8.76 -31.33
C LEU E 147 -14.55 9.31 -30.51
N ASP E 148 -14.29 10.08 -29.47
CA ASP E 148 -15.36 10.50 -28.57
C ASP E 148 -16.19 11.59 -29.23
N ARG E 149 -17.43 11.25 -29.58
CA ARG E 149 -18.35 12.14 -30.28
C ARG E 149 -18.82 13.34 -29.45
N VAL E 150 -18.49 13.40 -28.16
CA VAL E 150 -18.68 14.63 -27.42
C VAL E 150 -17.77 15.74 -27.94
N PHE E 151 -16.52 15.39 -28.26
CA PHE E 151 -15.58 16.37 -28.80
C PHE E 151 -15.75 16.58 -30.28
N ASN E 152 -16.34 15.63 -31.00
CA ASN E 152 -16.55 15.71 -32.44
C ASN E 152 -18.03 15.54 -32.78
N PRO E 153 -18.87 16.53 -32.42
CA PRO E 153 -20.32 16.37 -32.65
C PRO E 153 -20.69 16.22 -34.12
N GLU E 154 -20.04 16.98 -34.99
CA GLU E 154 -20.20 16.83 -36.44
C GLU E 154 -18.85 17.04 -37.09
N GLY E 155 -18.61 16.31 -38.19
CA GLY E 155 -17.28 16.34 -38.77
C GLY E 155 -17.24 15.83 -40.19
N LYS E 156 -16.01 15.69 -40.69
CA LYS E 156 -15.77 15.52 -42.12
C LYS E 156 -16.35 14.22 -42.67
N ALA E 157 -16.40 13.17 -41.86
CA ALA E 157 -16.98 11.92 -42.35
C ALA E 157 -17.75 11.19 -41.26
N LEU E 158 -18.27 11.93 -40.29
CA LEU E 158 -19.01 11.39 -39.17
C LEU E 158 -20.50 11.65 -39.37
N PRO E 159 -21.35 10.67 -39.08
CA PRO E 159 -22.79 10.92 -39.11
C PRO E 159 -23.18 11.95 -38.07
N PRO E 160 -23.98 12.95 -38.45
CA PRO E 160 -24.43 13.95 -37.47
C PRO E 160 -25.52 13.38 -36.58
N MET E 161 -25.18 13.18 -35.30
CA MET E 161 -26.11 12.59 -34.34
C MET E 161 -26.96 13.71 -33.74
N ARG E 162 -27.95 14.14 -34.53
CA ARG E 162 -28.94 15.11 -34.06
C ARG E 162 -30.28 14.47 -33.74
N GLY E 163 -30.39 13.14 -33.80
CA GLY E 163 -31.58 12.47 -33.33
C GLY E 163 -31.70 12.50 -31.82
N PHE E 164 -32.93 12.35 -31.35
CA PHE E 164 -33.24 12.58 -29.94
C PHE E 164 -32.78 11.43 -29.08
N LYS E 165 -32.08 11.75 -28.00
CA LYS E 165 -31.63 10.80 -26.98
C LYS E 165 -32.73 10.46 -25.99
N TYR E 166 -33.50 11.44 -25.55
CA TYR E 166 -34.42 11.25 -24.44
C TYR E 166 -35.55 12.26 -24.52
N THR E 167 -36.66 11.91 -23.88
CA THR E 167 -37.83 12.77 -23.78
C THR E 167 -38.47 12.59 -22.41
N SER E 168 -38.74 13.71 -21.74
CA SER E 168 -39.40 13.69 -20.45
C SER E 168 -40.53 14.71 -20.45
N TRP E 169 -41.70 14.30 -19.97
CA TRP E 169 -42.90 15.13 -20.02
C TRP E 169 -43.10 15.78 -18.66
N SER E 170 -43.43 17.08 -18.68
CA SER E 170 -43.78 17.79 -17.46
C SER E 170 -45.10 17.27 -16.90
N PRO E 171 -45.41 17.60 -15.65
CA PRO E 171 -46.80 17.52 -15.18
C PRO E 171 -47.73 18.38 -16.02
N MET E 172 -49.03 18.12 -15.87
CA MET E 172 -50.03 18.96 -16.50
C MET E 172 -49.98 20.38 -15.96
N GLY E 173 -50.35 21.34 -16.81
CA GLY E 173 -50.46 22.73 -16.42
C GLY E 173 -49.17 23.52 -16.44
N CYS E 174 -48.09 22.97 -16.99
CA CYS E 174 -46.86 23.74 -17.12
C CYS E 174 -46.86 24.66 -18.32
N ASP E 175 -47.55 24.28 -19.40
CA ASP E 175 -47.65 25.11 -20.57
C ASP E 175 -48.42 26.40 -20.26
N ALA E 176 -48.45 27.31 -21.23
CA ALA E 176 -49.39 28.43 -21.15
C ALA E 176 -50.83 27.94 -21.23
N ASN E 177 -51.09 26.96 -22.08
CA ASN E 177 -52.31 26.18 -21.99
C ASN E 177 -52.27 25.31 -20.73
N GLY E 178 -53.42 24.72 -20.41
CA GLY E 178 -53.49 23.73 -19.36
C GLY E 178 -52.89 22.37 -19.69
N ARG E 179 -51.68 22.35 -20.25
CA ARG E 179 -51.15 21.13 -20.86
C ARG E 179 -49.69 20.95 -20.43
N CYS E 180 -49.14 19.80 -20.78
CA CYS E 180 -47.76 19.46 -20.46
C CYS E 180 -46.76 20.05 -21.44
N LEU E 181 -45.60 20.41 -20.92
CA LEU E 181 -44.42 20.72 -21.72
C LEU E 181 -43.63 19.44 -21.98
N LEU E 182 -42.79 19.48 -23.01
CA LEU E 182 -41.89 18.37 -23.34
C LEU E 182 -40.45 18.86 -23.25
N ALA E 183 -39.71 18.32 -22.29
CA ALA E 183 -38.26 18.50 -22.26
C ALA E 183 -37.64 17.42 -23.13
N ALA E 184 -36.96 17.82 -24.20
CA ALA E 184 -36.39 16.88 -25.17
C ALA E 184 -34.88 17.05 -25.23
N LEU E 185 -34.16 15.99 -24.93
CA LEU E 185 -32.70 16.00 -25.00
C LEU E 185 -32.28 15.22 -26.23
N THR E 186 -31.67 15.90 -27.18
CA THR E 186 -31.10 15.24 -28.34
C THR E 186 -29.66 14.86 -28.09
N MET E 187 -29.17 13.92 -28.90
CA MET E 187 -27.73 13.78 -29.07
C MET E 187 -27.15 15.08 -29.64
N ASP E 188 -25.84 15.22 -29.53
CA ASP E 188 -25.16 16.51 -29.44
C ASP E 188 -25.56 17.30 -28.19
N ASN E 189 -26.25 16.66 -27.25
CA ASN E 189 -26.43 17.16 -25.89
C ASN E 189 -27.18 18.48 -25.82
N ARG E 190 -27.90 18.85 -26.88
CA ARG E 190 -28.74 20.03 -26.85
C ARG E 190 -30.02 19.70 -26.09
N LEU E 191 -30.17 20.26 -24.90
CA LEU E 191 -31.39 20.08 -24.12
C LEU E 191 -32.36 21.23 -24.39
N THR E 192 -33.53 20.89 -24.91
CA THR E 192 -34.53 21.86 -25.35
C THR E 192 -35.83 21.59 -24.61
N ILE E 193 -36.59 22.65 -24.35
CA ILE E 193 -37.97 22.53 -23.89
C ILE E 193 -38.91 22.96 -25.00
N GLN E 194 -39.88 22.10 -25.30
CA GLN E 194 -40.76 22.23 -26.46
C GLN E 194 -42.19 22.38 -25.96
N ALA E 195 -43.01 23.11 -26.71
CA ALA E 195 -44.43 23.21 -26.39
C ALA E 195 -45.24 23.28 -27.68
N ASN E 196 -46.49 22.82 -27.58
CA ASN E 196 -47.43 22.85 -28.70
C ASN E 196 -48.46 23.94 -28.46
N LEU E 197 -48.05 25.19 -28.73
CA LEU E 197 -48.90 26.32 -28.35
C LEU E 197 -50.18 26.33 -29.18
N ASN E 198 -50.04 26.41 -30.51
CA ASN E 198 -51.13 25.99 -31.38
C ASN E 198 -51.12 24.48 -31.57
N ARG E 199 -52.16 23.98 -32.24
CA ARG E 199 -52.29 22.54 -32.45
C ARG E 199 -51.22 21.99 -33.40
N LEU E 200 -50.81 22.76 -34.40
CA LEU E 200 -49.99 22.20 -35.47
C LEU E 200 -48.50 22.16 -35.13
N GLN E 201 -47.97 23.23 -34.55
CA GLN E 201 -46.53 23.46 -34.50
C GLN E 201 -46.00 23.25 -33.09
N TRP E 202 -45.14 22.24 -32.95
CA TRP E 202 -44.23 22.18 -31.81
C TRP E 202 -43.12 23.22 -31.99
N VAL E 203 -43.00 24.14 -31.05
CA VAL E 203 -42.01 25.21 -31.11
C VAL E 203 -41.13 25.14 -29.86
N GLN E 204 -39.82 25.32 -30.06
CA GLN E 204 -38.91 25.43 -28.93
C GLN E 204 -39.14 26.73 -28.19
N LEU E 205 -39.22 26.64 -26.87
CA LEU E 205 -39.29 27.82 -26.00
C LEU E 205 -37.94 28.23 -25.44
N VAL E 206 -37.08 27.27 -25.11
CA VAL E 206 -35.82 27.54 -24.43
C VAL E 206 -34.81 26.50 -24.87
N ASP E 207 -33.53 26.89 -24.86
CA ASP E 207 -32.41 25.95 -24.87
C ASP E 207 -31.64 26.10 -23.56
N LEU E 208 -31.59 25.01 -22.79
CA LEU E 208 -30.93 25.01 -21.49
C LEU E 208 -29.44 24.70 -21.55
N THR E 209 -28.98 24.04 -22.61
CA THR E 209 -27.55 23.77 -22.78
C THR E 209 -26.76 25.05 -23.09
N GLU E 210 -27.32 25.93 -23.92
CA GLU E 210 -26.70 27.22 -24.18
C GLU E 210 -26.64 28.08 -22.91
N ILE E 211 -27.74 28.16 -22.18
CA ILE E 211 -27.75 28.96 -20.95
C ILE E 211 -26.73 28.44 -19.94
N TYR E 212 -26.70 27.12 -19.72
CA TYR E 212 -25.74 26.57 -18.77
C TYR E 212 -24.31 26.80 -19.26
N GLY E 213 -24.08 26.68 -20.56
CA GLY E 213 -22.76 26.93 -21.11
C GLY E 213 -22.27 28.36 -20.90
N GLU E 214 -23.14 29.34 -21.16
CA GLU E 214 -22.84 30.73 -20.87
C GLU E 214 -22.56 30.98 -19.40
N ARG E 215 -23.38 30.43 -18.51
CA ARG E 215 -23.16 30.60 -17.07
C ARG E 215 -21.82 30.02 -16.64
N LEU E 216 -21.50 28.81 -17.09
CA LEU E 216 -20.19 28.24 -16.78
C LEU E 216 -19.06 29.09 -17.35
N TYR E 217 -19.23 29.57 -18.59
CA TYR E 217 -18.21 30.43 -19.19
C TYR E 217 -17.99 31.71 -18.38
N GLU E 218 -19.07 32.34 -17.92
CA GLU E 218 -18.97 33.52 -17.06
C GLU E 218 -18.50 33.23 -15.65
N THR E 219 -18.22 31.97 -15.30
CA THR E 219 -17.54 31.63 -14.05
C THR E 219 -16.35 30.72 -14.30
N SER E 220 -15.78 30.80 -15.50
CA SER E 220 -14.56 30.10 -15.88
C SER E 220 -14.66 28.59 -15.61
N TYR E 221 -15.85 28.03 -15.75
CA TYR E 221 -16.10 26.61 -15.48
C TYR E 221 -15.74 26.19 -14.06
N ARG E 222 -15.80 27.11 -13.11
CA ARG E 222 -15.67 26.78 -11.69
C ARG E 222 -17.00 27.01 -11.00
N LEU E 223 -17.45 26.01 -10.24
CA LEU E 223 -18.67 26.15 -9.46
C LEU E 223 -18.47 26.98 -8.19
N SER E 224 -17.27 26.97 -7.61
CA SER E 224 -16.99 27.79 -6.44
C SER E 224 -15.61 28.42 -6.57
N LYS E 225 -15.53 29.71 -6.25
CA LYS E 225 -14.26 30.42 -6.34
C LYS E 225 -13.23 29.87 -5.36
N ASN E 226 -13.71 29.32 -4.24
CA ASN E 226 -12.84 28.75 -3.21
C ASN E 226 -12.28 27.39 -3.60
N GLU E 227 -12.90 26.71 -4.55
CA GLU E 227 -12.65 25.28 -4.73
C GLU E 227 -11.26 25.00 -5.31
N ALA E 228 -10.91 25.62 -6.43
CA ALA E 228 -9.72 25.21 -7.15
C ALA E 228 -9.30 26.33 -8.09
N PRO E 229 -8.07 26.28 -8.62
CA PRO E 229 -7.68 27.22 -9.67
C PRO E 229 -8.50 27.07 -10.95
N GLU E 230 -8.50 28.12 -11.75
CA GLU E 230 -8.96 28.03 -13.12
C GLU E 230 -8.02 27.14 -13.92
N GLY E 231 -8.60 26.18 -14.66
CA GLY E 231 -7.82 25.24 -15.44
C GLY E 231 -7.32 25.81 -16.76
N ASN E 232 -6.45 25.04 -17.41
CA ASN E 232 -5.94 25.34 -18.74
C ASN E 232 -6.59 24.41 -19.75
N LEU E 233 -7.23 25.00 -20.77
CA LEU E 233 -7.89 24.22 -21.81
C LEU E 233 -6.91 23.39 -22.63
N GLY E 234 -5.63 23.77 -22.66
CA GLY E 234 -4.62 23.01 -23.36
C GLY E 234 -4.20 21.71 -22.71
N ASP E 235 -4.71 21.41 -21.52
CA ASP E 235 -4.45 20.14 -20.85
C ASP E 235 -5.68 19.26 -20.91
N PHE E 236 -5.51 18.04 -21.41
CA PHE E 236 -6.63 17.23 -21.88
C PHE E 236 -7.58 16.86 -20.75
N ALA E 237 -7.07 16.70 -19.53
CA ALA E 237 -7.94 16.41 -18.40
C ALA E 237 -8.94 17.53 -18.14
N GLU E 238 -8.51 18.79 -18.26
CA GLU E 238 -9.44 19.90 -18.12
C GLU E 238 -10.34 20.05 -19.34
N PHE E 239 -9.79 19.84 -20.53
CA PHE E 239 -10.61 19.87 -21.75
C PHE E 239 -11.75 18.85 -21.66
N GLN E 240 -11.43 17.61 -21.33
CA GLN E 240 -12.46 16.58 -21.14
C GLN E 240 -13.42 16.93 -20.02
N ARG E 241 -12.92 17.48 -18.91
CA ARG E 241 -13.76 17.87 -17.79
C ARG E 241 -14.78 18.94 -18.18
N ARG E 242 -14.37 19.97 -18.91
CA ARG E 242 -15.31 21.02 -19.30
C ARG E 242 -16.42 20.49 -20.20
N HIS E 243 -16.13 19.49 -21.01
CA HIS E 243 -17.17 18.80 -21.76
C HIS E 243 -18.07 17.97 -20.85
N SER E 244 -17.47 17.12 -20.02
CA SER E 244 -18.23 16.22 -19.15
C SER E 244 -19.20 16.96 -18.24
N MET E 245 -18.72 18.00 -17.55
CA MET E 245 -19.58 18.73 -16.60
C MET E 245 -20.76 19.43 -17.24
N GLN E 246 -20.84 19.51 -18.57
CA GLN E 246 -22.02 20.08 -19.21
C GLN E 246 -22.62 19.16 -20.28
N THR E 247 -22.25 17.89 -20.29
CA THR E 247 -22.92 16.90 -21.13
C THR E 247 -24.04 16.24 -20.34
N PRO E 248 -25.30 16.48 -20.65
CA PRO E 248 -26.39 15.86 -19.89
C PRO E 248 -26.52 14.37 -20.18
N VAL E 249 -26.78 13.61 -19.12
CA VAL E 249 -27.15 12.21 -19.24
C VAL E 249 -28.66 12.05 -19.42
N ARG E 250 -29.41 12.41 -18.38
CA ARG E 250 -30.86 12.30 -18.39
C ARG E 250 -31.43 13.38 -17.47
N MET E 251 -32.70 13.74 -17.69
CA MET E 251 -33.36 14.76 -16.90
C MET E 251 -34.80 14.36 -16.59
N GLU E 252 -35.28 14.78 -15.41
CA GLU E 252 -36.64 14.46 -14.97
C GLU E 252 -37.26 15.64 -14.25
N TRP E 253 -38.55 15.85 -14.48
CA TRP E 253 -39.30 16.92 -13.83
C TRP E 253 -39.78 16.49 -12.45
N SER E 254 -39.79 17.45 -11.51
CA SER E 254 -40.45 17.26 -10.24
C SER E 254 -41.96 17.33 -10.42
N GLY E 255 -42.68 17.03 -9.34
CA GLY E 255 -44.06 17.49 -9.22
C GLY E 255 -44.15 19.00 -9.13
N ILE E 256 -45.39 19.48 -9.25
CA ILE E 256 -45.66 20.90 -9.14
C ILE E 256 -45.36 21.36 -7.71
N CYS E 257 -44.52 22.37 -7.58
CA CYS E 257 -44.36 23.08 -6.32
C CYS E 257 -45.37 24.21 -6.20
N THR E 258 -45.80 24.48 -4.97
CA THR E 258 -46.66 25.62 -4.68
C THR E 258 -46.27 26.27 -3.35
N VAL E 271 -48.27 30.64 -6.31
CA VAL E 271 -47.90 30.50 -7.71
C VAL E 271 -47.34 29.11 -7.97
N GLY E 272 -47.80 28.47 -9.04
CA GLY E 272 -47.28 27.17 -9.39
C GLY E 272 -45.88 27.24 -9.96
N SER E 273 -45.10 26.20 -9.64
CA SER E 273 -43.72 26.11 -10.11
C SER E 273 -43.37 24.64 -10.28
N VAL E 274 -42.34 24.38 -11.08
CA VAL E 274 -41.83 23.03 -11.26
C VAL E 274 -40.32 23.08 -11.41
N LEU E 275 -39.65 22.03 -10.94
CA LEU E 275 -38.21 21.88 -11.07
C LEU E 275 -37.89 20.92 -12.21
N LEU E 276 -36.82 21.18 -12.92
CA LEU E 276 -36.22 20.21 -13.83
C LEU E 276 -34.79 19.92 -13.37
N ALA E 277 -34.53 18.68 -12.98
CA ALA E 277 -33.19 18.25 -12.61
C ALA E 277 -32.53 17.60 -13.82
N VAL E 278 -31.33 18.08 -14.17
CA VAL E 278 -30.57 17.54 -15.29
C VAL E 278 -29.30 16.89 -14.75
N LEU E 279 -29.12 15.61 -15.03
CA LEU E 279 -27.95 14.87 -14.59
C LEU E 279 -26.83 15.04 -15.59
N PHE E 280 -25.60 15.19 -15.10
CA PHE E 280 -24.44 15.42 -15.96
C PHE E 280 -23.39 14.33 -15.79
N GLU E 281 -22.62 14.11 -16.87
CA GLU E 281 -21.64 13.03 -16.92
C GLU E 281 -20.66 13.02 -15.75
N ASN E 282 -20.31 14.18 -15.22
CA ASN E 282 -19.37 14.22 -14.11
C ASN E 282 -20.04 13.99 -12.75
N GLY E 283 -21.37 13.95 -12.71
CA GLY E 283 -22.10 13.83 -11.48
C GLY E 283 -22.67 15.12 -10.92
N ASN E 284 -22.40 16.25 -11.55
CA ASN E 284 -23.17 17.46 -11.26
C ASN E 284 -24.64 17.22 -11.61
N ILE E 285 -25.52 17.93 -10.92
CA ILE E 285 -26.91 18.09 -11.33
C ILE E 285 -27.24 19.57 -11.36
N ALA E 286 -27.75 20.05 -12.50
CA ALA E 286 -28.33 21.38 -12.57
C ALA E 286 -29.82 21.27 -12.30
N VAL E 287 -30.27 21.81 -11.16
CA VAL E 287 -31.69 21.83 -10.82
C VAL E 287 -32.25 23.18 -11.27
N TRP E 288 -32.91 23.19 -12.43
CA TRP E 288 -33.62 24.39 -12.86
C TRP E 288 -34.92 24.53 -12.07
N GLN E 289 -35.30 25.77 -11.81
CA GLN E 289 -36.62 26.11 -11.31
C GLN E 289 -37.34 26.99 -12.33
N PHE E 290 -38.53 26.57 -12.75
CA PHE E 290 -39.34 27.34 -13.67
C PHE E 290 -40.54 27.92 -12.92
N GLN E 291 -40.81 29.20 -13.15
CA GLN E 291 -42.09 29.77 -12.81
C GLN E 291 -43.14 29.32 -13.82
N LEU E 292 -44.37 29.13 -13.33
CA LEU E 292 -45.43 28.70 -14.23
C LEU E 292 -46.52 29.77 -14.31
N PRO E 293 -47.17 29.91 -15.48
CA PRO E 293 -46.96 29.15 -16.72
C PRO E 293 -45.61 29.46 -17.37
N PHE E 294 -45.01 28.45 -17.99
CA PHE E 294 -43.71 28.60 -18.65
C PHE E 294 -43.89 29.25 -20.01
N VAL E 295 -43.82 30.59 -20.04
CA VAL E 295 -44.07 31.32 -21.27
C VAL E 295 -42.81 31.48 -22.11
N GLY E 296 -41.64 31.22 -21.54
CA GLY E 296 -40.40 31.29 -22.29
C GLY E 296 -39.21 31.39 -21.34
N LYS E 297 -38.09 31.82 -21.91
CA LYS E 297 -36.86 32.01 -21.13
C LYS E 297 -37.07 32.94 -19.94
N GLU E 298 -37.98 33.91 -20.07
CA GLU E 298 -38.33 34.79 -18.95
C GLU E 298 -38.81 34.01 -17.72
N SER E 299 -39.46 32.86 -17.92
CA SER E 299 -39.98 32.08 -16.81
C SER E 299 -38.94 31.30 -16.03
N ILE E 300 -37.68 31.25 -16.47
CA ILE E 300 -36.66 30.55 -15.70
C ILE E 300 -36.38 31.37 -14.43
N SER E 301 -36.71 30.79 -13.27
CA SER E 301 -36.53 31.48 -12.01
C SER E 301 -35.10 31.38 -11.48
N SER E 302 -34.49 30.20 -11.56
CA SER E 302 -33.09 30.03 -11.18
C SER E 302 -32.56 28.73 -11.76
N CYS E 303 -31.23 28.60 -11.73
CA CYS E 303 -30.54 27.33 -11.90
C CYS E 303 -29.60 27.12 -10.74
N ASN E 304 -29.63 25.93 -10.15
CA ASN E 304 -28.90 25.63 -8.92
C ASN E 304 -28.18 24.30 -9.09
N THR E 305 -26.87 24.36 -9.31
CA THR E 305 -26.07 23.16 -9.45
C THR E 305 -25.82 22.53 -8.08
N ILE E 306 -25.82 21.20 -8.05
CA ILE E 306 -25.37 20.41 -6.90
C ILE E 306 -24.44 19.32 -7.41
N GLU E 307 -23.71 18.70 -6.48
CA GLU E 307 -22.84 17.58 -6.81
C GLU E 307 -23.37 16.31 -6.18
N SER E 308 -23.56 15.29 -7.02
CA SER E 308 -23.94 13.97 -6.52
C SER E 308 -22.76 13.23 -5.91
N GLY E 309 -21.57 13.40 -6.49
CA GLY E 309 -20.41 12.60 -6.14
C GLY E 309 -20.47 11.16 -6.56
N ILE E 310 -21.61 10.70 -7.11
CA ILE E 310 -21.71 9.36 -7.67
C ILE E 310 -20.81 9.27 -8.90
N THR E 311 -20.03 8.20 -8.98
CA THR E 311 -19.29 7.88 -10.20
C THR E 311 -20.22 7.33 -11.28
N SER E 312 -19.93 7.68 -12.53
CA SER E 312 -20.69 7.32 -13.71
C SER E 312 -22.21 7.42 -13.51
N PRO E 313 -22.72 8.61 -13.17
CA PRO E 313 -24.16 8.76 -12.97
C PRO E 313 -24.93 8.38 -14.23
N SER E 314 -25.96 7.57 -14.06
CA SER E 314 -26.65 6.92 -15.18
C SER E 314 -28.10 7.33 -15.30
N VAL E 315 -28.83 7.48 -14.20
CA VAL E 315 -30.27 7.69 -14.25
C VAL E 315 -30.70 8.48 -13.03
N LEU E 316 -31.84 9.16 -13.15
CA LEU E 316 -32.28 10.16 -12.20
C LEU E 316 -33.79 10.03 -12.03
N PHE E 317 -34.28 10.29 -10.81
CA PHE E 317 -35.71 10.48 -10.61
C PHE E 317 -35.93 11.37 -9.40
N TRP E 318 -37.11 11.98 -9.36
CA TRP E 318 -37.55 12.78 -8.20
C TRP E 318 -38.26 11.88 -7.20
N TRP E 319 -37.70 11.77 -6.00
CA TRP E 319 -38.39 11.18 -4.87
C TRP E 319 -39.20 12.26 -4.17
N GLU E 320 -40.51 12.05 -4.05
CA GLU E 320 -41.38 12.93 -3.29
C GLU E 320 -42.29 12.06 -2.45
N TYR E 321 -42.41 12.40 -1.17
CA TYR E 321 -43.07 11.54 -0.19
C TYR E 321 -43.64 12.42 0.91
N GLU E 322 -44.60 11.88 1.65
CA GLU E 322 -45.24 12.62 2.72
C GLU E 322 -45.51 11.68 3.90
N HIS E 323 -45.36 12.22 5.10
CA HIS E 323 -45.87 11.60 6.31
C HIS E 323 -46.24 12.71 7.29
N ASN E 324 -47.25 12.43 8.13
CA ASN E 324 -47.75 13.37 9.14
C ASN E 324 -47.98 14.76 8.56
N ASN E 325 -48.44 14.81 7.31
CA ASN E 325 -48.62 16.05 6.55
C ASN E 325 -47.31 16.82 6.36
N ARG E 326 -46.17 16.16 6.55
CA ARG E 326 -44.87 16.77 6.27
C ARG E 326 -44.34 16.22 4.96
N LYS E 327 -43.98 17.12 4.05
CA LYS E 327 -43.30 16.73 2.82
C LYS E 327 -41.87 16.27 3.09
N MET E 328 -41.45 15.24 2.35
CA MET E 328 -40.06 14.87 2.18
C MET E 328 -39.76 14.87 0.68
N SER E 329 -38.55 15.31 0.31
CA SER E 329 -38.18 15.22 -1.10
C SER E 329 -36.67 15.10 -1.25
N GLY E 330 -36.28 14.46 -2.34
CA GLY E 330 -34.89 14.33 -2.73
C GLY E 330 -34.83 13.82 -4.16
N LEU E 331 -33.62 13.79 -4.70
CA LEU E 331 -33.38 13.12 -5.98
C LEU E 331 -32.78 11.75 -5.73
N ILE E 332 -33.36 10.73 -6.36
CA ILE E 332 -32.83 9.37 -6.33
C ILE E 332 -32.02 9.15 -7.60
N VAL E 333 -30.79 8.68 -7.43
CA VAL E 333 -29.84 8.57 -8.53
C VAL E 333 -29.31 7.15 -8.57
N GLY E 334 -29.14 6.62 -9.78
CA GLY E 334 -28.56 5.30 -9.98
C GLY E 334 -27.28 5.41 -10.78
N SER E 335 -26.27 4.65 -10.36
CA SER E 335 -25.00 4.59 -11.06
C SER E 335 -25.03 3.54 -12.16
N ALA E 336 -24.28 3.80 -13.22
CA ALA E 336 -24.03 2.78 -14.24
C ALA E 336 -23.20 1.62 -13.71
N PHE E 337 -22.66 1.71 -12.50
CA PHE E 337 -21.92 0.62 -11.88
C PHE E 337 -22.72 -0.10 -10.80
N GLY E 338 -23.99 0.24 -10.61
CA GLY E 338 -24.84 -0.57 -9.75
C GLY E 338 -25.55 0.16 -8.62
N PRO E 339 -24.84 0.95 -7.82
CA PRO E 339 -25.46 1.51 -6.61
C PRO E 339 -26.55 2.53 -6.93
N ILE E 340 -27.41 2.74 -5.93
CA ILE E 340 -28.50 3.70 -5.99
C ILE E 340 -28.49 4.51 -4.70
N LYS E 341 -28.64 5.83 -4.83
CA LYS E 341 -28.57 6.73 -3.69
C LYS E 341 -29.64 7.79 -3.84
N ILE E 342 -30.15 8.28 -2.70
CA ILE E 342 -31.06 9.42 -2.65
C ILE E 342 -30.29 10.65 -2.17
N LEU E 343 -30.40 11.73 -2.94
CA LEU E 343 -29.72 12.99 -2.65
C LEU E 343 -30.70 13.98 -2.03
N PRO E 344 -30.37 14.60 -0.91
CA PRO E 344 -31.17 15.74 -0.42
C PRO E 344 -30.94 16.94 -1.32
N VAL E 345 -32.00 17.40 -1.99
CA VAL E 345 -31.95 18.65 -2.74
C VAL E 345 -32.35 19.78 -1.80
N ASN E 346 -31.34 20.43 -1.22
CA ASN E 346 -31.55 21.55 -0.32
C ASN E 346 -31.84 22.84 -1.07
N LEU E 347 -31.34 22.98 -2.28
CA LEU E 347 -31.42 24.22 -3.06
C LEU E 347 -32.79 24.34 -3.72
N LYS E 348 -33.65 25.16 -3.11
CA LYS E 348 -34.93 25.53 -3.70
C LYS E 348 -35.40 26.81 -3.00
N ALA E 349 -36.36 27.48 -3.63
CA ALA E 349 -36.93 28.70 -3.08
C ALA E 349 -38.44 28.62 -2.88
N VAL E 350 -39.08 27.51 -3.25
CA VAL E 350 -40.50 27.34 -3.00
C VAL E 350 -40.75 27.15 -1.50
N LYS E 351 -41.89 27.65 -1.04
CA LYS E 351 -42.21 27.68 0.38
C LYS E 351 -42.90 26.40 0.86
N GLY E 352 -43.54 25.66 -0.04
CA GLY E 352 -44.39 24.54 0.28
C GLY E 352 -43.68 23.21 0.51
N TYR E 353 -42.36 23.17 0.38
CA TYR E 353 -41.63 21.93 0.25
C TYR E 353 -40.41 21.91 1.17
N PHE E 354 -39.98 20.70 1.51
CA PHE E 354 -38.90 20.43 2.45
C PHE E 354 -38.06 19.28 1.92
N THR E 355 -36.86 19.13 2.47
CA THR E 355 -35.85 18.26 1.90
C THR E 355 -35.41 17.20 2.91
N LEU E 356 -35.04 16.02 2.38
CA LEU E 356 -34.55 14.92 3.19
C LEU E 356 -33.37 15.34 4.07
N ARG E 357 -33.24 14.65 5.21
CA ARG E 357 -32.23 15.03 6.20
C ARG E 357 -30.82 14.82 5.68
N GLN E 358 -30.56 13.68 5.04
CA GLN E 358 -29.20 13.24 4.73
C GLN E 358 -29.29 12.21 3.62
N PRO E 359 -28.23 12.04 2.82
CA PRO E 359 -28.25 10.96 1.82
C PRO E 359 -28.39 9.59 2.47
N VAL E 360 -29.20 8.73 1.86
CA VAL E 360 -29.37 7.35 2.26
C VAL E 360 -29.04 6.45 1.10
N ILE E 361 -28.42 5.32 1.38
CA ILE E 361 -27.96 4.39 0.35
C ILE E 361 -29.00 3.28 0.20
N LEU E 362 -29.55 3.15 -1.00
CA LEU E 362 -30.52 2.09 -1.29
C LEU E 362 -29.88 0.84 -1.84
N TRP E 363 -28.82 0.98 -2.63
CA TRP E 363 -28.01 -0.16 -3.02
C TRP E 363 -26.55 0.27 -3.14
N LYS E 364 -25.65 -0.64 -2.84
CA LYS E 364 -24.27 -0.32 -2.53
C LYS E 364 -23.25 -1.20 -3.23
N GLU E 365 -23.67 -2.23 -3.97
CA GLU E 365 -22.81 -3.38 -4.20
C GLU E 365 -21.71 -3.10 -5.22
N MET E 366 -21.86 -2.08 -6.06
CA MET E 366 -20.93 -1.85 -7.18
C MET E 366 -20.78 -3.09 -8.04
N ASP E 367 -21.87 -3.87 -8.18
CA ASP E 367 -21.85 -5.11 -8.94
C ASP E 367 -21.67 -4.89 -10.44
N GLN E 368 -21.73 -3.64 -10.90
CA GLN E 368 -21.63 -3.22 -12.30
C GLN E 368 -22.81 -3.65 -13.16
N LEU E 369 -23.91 -4.07 -12.58
CA LEU E 369 -25.15 -4.09 -13.33
C LEU E 369 -25.61 -2.64 -13.52
N PRO E 370 -25.65 -2.12 -14.74
CA PRO E 370 -26.08 -0.73 -14.92
C PRO E 370 -27.54 -0.54 -14.56
N VAL E 371 -27.81 0.47 -13.74
CA VAL E 371 -29.18 0.89 -13.49
C VAL E 371 -29.71 1.59 -14.73
N HIS E 372 -30.68 0.97 -15.40
CA HIS E 372 -31.15 1.45 -16.69
C HIS E 372 -32.38 2.34 -16.59
N SER E 373 -33.27 2.09 -15.64
CA SER E 373 -34.46 2.89 -15.46
C SER E 373 -34.85 2.88 -13.99
N ILE E 374 -35.44 3.99 -13.54
CA ILE E 374 -35.99 4.10 -12.19
C ILE E 374 -37.42 4.62 -12.27
N LYS E 375 -38.29 4.05 -11.44
CA LYS E 375 -39.62 4.56 -11.18
C LYS E 375 -39.86 4.57 -9.67
N CYS E 376 -40.65 5.54 -9.22
CA CYS E 376 -41.09 5.62 -7.84
C CYS E 376 -42.59 5.82 -7.81
N VAL E 377 -43.27 5.09 -6.93
CA VAL E 377 -44.72 5.17 -6.83
C VAL E 377 -45.16 5.31 -5.38
N PRO E 378 -46.09 6.22 -5.09
CA PRO E 378 -46.71 6.24 -3.76
C PRO E 378 -47.66 5.08 -3.58
N LEU E 379 -47.76 4.61 -2.33
CA LEU E 379 -48.68 3.54 -1.95
C LEU E 379 -49.25 3.84 -0.58
N TYR E 380 -50.32 3.13 -0.24
CA TYR E 380 -50.78 3.01 1.13
C TYR E 380 -50.59 1.56 1.59
N HIS E 381 -49.79 1.37 2.63
CA HIS E 381 -49.54 0.03 3.13
C HIS E 381 -50.67 -0.41 4.06
N PRO E 382 -51.37 -1.50 3.75
CA PRO E 382 -52.60 -1.83 4.50
C PRO E 382 -52.34 -2.30 5.91
N TYR E 383 -51.16 -2.82 6.21
CA TYR E 383 -50.84 -3.42 7.51
C TYR E 383 -49.97 -2.52 8.36
N GLN E 384 -49.01 -1.82 7.76
CA GLN E 384 -48.33 -0.73 8.44
C GLN E 384 -49.20 0.51 8.58
N LYS E 385 -50.37 0.52 7.92
CA LYS E 385 -51.42 1.51 8.18
C LYS E 385 -50.91 2.94 8.00
N CYS E 386 -50.11 3.15 6.96
CA CYS E 386 -49.53 4.46 6.69
C CYS E 386 -49.16 4.51 5.21
N SER E 387 -48.93 5.71 4.72
CA SER E 387 -48.46 5.89 3.35
C SER E 387 -46.97 5.58 3.25
N CYS E 388 -46.59 4.99 2.11
CA CYS E 388 -45.20 4.65 1.84
C CYS E 388 -44.90 4.99 0.38
N SER E 389 -43.62 5.02 0.06
CA SER E 389 -43.17 5.12 -1.33
C SER E 389 -42.45 3.83 -1.71
N LEU E 390 -42.78 3.28 -2.86
CA LEU E 390 -42.13 2.10 -3.41
C LEU E 390 -41.21 2.54 -4.55
N VAL E 391 -39.94 2.19 -4.45
CA VAL E 391 -38.96 2.45 -5.50
C VAL E 391 -38.67 1.14 -6.22
N VAL E 392 -38.69 1.18 -7.55
CA VAL E 392 -38.28 0.07 -8.37
C VAL E 392 -37.27 0.57 -9.39
N ALA E 393 -36.26 -0.24 -9.68
CA ALA E 393 -35.22 0.11 -10.63
C ALA E 393 -34.85 -1.12 -11.43
N ALA E 394 -34.72 -0.96 -12.74
CA ALA E 394 -34.21 -2.02 -13.60
C ALA E 394 -32.70 -2.04 -13.54
N ARG E 395 -32.13 -3.10 -12.97
CA ARG E 395 -30.69 -3.29 -12.87
C ARG E 395 -30.33 -4.55 -13.65
N GLY E 396 -29.65 -4.38 -14.78
CA GLY E 396 -29.42 -5.49 -15.68
C GLY E 396 -30.72 -6.16 -16.07
N SER E 397 -30.83 -7.46 -15.84
CA SER E 397 -32.08 -8.17 -16.08
C SER E 397 -32.91 -8.34 -14.81
N TYR E 398 -32.52 -7.67 -13.73
CA TYR E 398 -33.20 -7.78 -12.45
C TYR E 398 -33.90 -6.47 -12.14
N VAL E 399 -35.12 -6.55 -11.60
CA VAL E 399 -35.76 -5.39 -10.99
C VAL E 399 -35.33 -5.33 -9.53
N PHE E 400 -34.50 -4.36 -9.20
CA PHE E 400 -34.35 -3.95 -7.81
C PHE E 400 -35.64 -3.27 -7.37
N TRP E 401 -36.14 -3.63 -6.21
CA TRP E 401 -37.22 -2.88 -5.58
C TRP E 401 -36.83 -2.53 -4.16
N CYS E 402 -37.32 -1.39 -3.70
CA CYS E 402 -37.12 -0.94 -2.33
C CYS E 402 -38.39 -0.25 -1.86
N LEU E 403 -38.76 -0.48 -0.59
CA LEU E 403 -39.88 0.18 0.02
C LEU E 403 -39.39 1.08 1.15
N LEU E 404 -39.80 2.34 1.12
CA LEU E 404 -39.40 3.35 2.09
C LEU E 404 -40.63 3.81 2.85
N LEU E 405 -40.59 3.68 4.18
CA LEU E 405 -41.79 3.81 4.99
C LEU E 405 -41.38 4.46 6.30
N ILE E 406 -41.83 5.69 6.53
CA ILE E 406 -41.58 6.36 7.80
C ILE E 406 -42.41 5.71 8.91
N SER E 407 -41.76 5.42 10.02
CA SER E 407 -42.42 4.84 11.20
C SER E 407 -41.70 5.34 12.44
N LYS E 408 -42.00 4.73 13.58
CA LYS E 408 -41.37 5.15 14.83
C LYS E 408 -39.86 5.00 14.79
N ALA E 409 -39.36 4.03 14.03
CA ALA E 409 -37.93 3.89 13.77
C ALA E 409 -37.41 4.88 12.74
N GLY E 410 -38.22 5.86 12.34
CA GLY E 410 -37.87 6.73 11.23
C GLY E 410 -38.18 6.12 9.87
N LEU E 411 -37.38 6.51 8.88
CA LEU E 411 -37.46 5.96 7.53
C LEU E 411 -37.06 4.50 7.53
N ASN E 412 -38.04 3.60 7.60
CA ASN E 412 -37.79 2.18 7.45
C ASN E 412 -37.51 1.83 6.00
N VAL E 413 -36.67 0.80 5.79
CA VAL E 413 -36.18 0.46 4.47
C VAL E 413 -36.25 -1.05 4.29
N HIS E 414 -36.77 -1.50 3.16
CA HIS E 414 -36.73 -2.89 2.72
C HIS E 414 -36.29 -2.93 1.28
N ASN E 415 -35.49 -3.93 0.90
CA ASN E 415 -35.07 -4.04 -0.48
C ASN E 415 -34.82 -5.50 -0.86
N SER E 416 -34.94 -5.78 -2.17
CA SER E 416 -34.60 -7.08 -2.74
C SER E 416 -34.56 -6.94 -4.25
N HIS E 417 -33.98 -7.94 -4.91
CA HIS E 417 -34.08 -8.13 -6.35
C HIS E 417 -35.11 -9.20 -6.67
N VAL E 418 -36.21 -8.82 -7.30
CA VAL E 418 -37.11 -9.82 -7.88
C VAL E 418 -36.47 -10.33 -9.17
N THR E 419 -36.43 -11.65 -9.33
CA THR E 419 -35.40 -12.29 -10.13
C THR E 419 -36.05 -13.39 -10.97
N GLY E 420 -35.38 -13.76 -12.07
CA GLY E 420 -35.92 -14.70 -13.01
C GLY E 420 -36.87 -14.09 -14.02
N LEU E 421 -36.90 -12.77 -14.11
CA LEU E 421 -37.86 -12.08 -14.98
C LEU E 421 -37.54 -12.32 -16.45
N HIS E 422 -36.28 -12.13 -16.84
CA HIS E 422 -35.89 -12.08 -18.24
C HIS E 422 -34.54 -12.72 -18.42
N SER E 423 -34.32 -13.27 -19.61
CA SER E 423 -33.04 -13.87 -19.99
C SER E 423 -32.13 -12.87 -20.69
N LEU E 424 -32.52 -11.60 -20.72
CA LEU E 424 -31.73 -10.52 -21.30
C LEU E 424 -32.01 -9.27 -20.49
N PRO E 425 -31.18 -8.24 -20.62
CA PRO E 425 -31.39 -7.02 -19.83
C PRO E 425 -32.80 -6.46 -20.02
N ILE E 426 -33.29 -5.77 -18.99
CA ILE E 426 -34.55 -5.04 -19.08
C ILE E 426 -34.32 -3.78 -19.90
N VAL E 427 -34.93 -3.74 -21.09
CA VAL E 427 -34.75 -2.64 -22.01
C VAL E 427 -35.68 -1.46 -21.72
N SER E 428 -36.81 -1.69 -21.05
CA SER E 428 -37.61 -0.58 -20.56
C SER E 428 -38.56 -1.07 -19.48
N MET E 429 -39.11 -0.12 -18.74
CA MET E 429 -39.99 -0.37 -17.61
C MET E 429 -40.98 0.78 -17.51
N THR E 430 -42.17 0.48 -16.96
CA THR E 430 -43.04 1.53 -16.47
C THR E 430 -43.84 1.00 -15.28
N ALA E 431 -44.21 1.91 -14.37
CA ALA E 431 -45.01 1.59 -13.20
C ALA E 431 -46.38 2.23 -13.29
N ASP E 432 -47.41 1.47 -12.92
CA ASP E 432 -48.81 1.91 -12.92
C ASP E 432 -49.06 2.77 -11.69
N LYS E 433 -49.00 4.09 -11.86
CA LYS E 433 -48.74 5.00 -10.74
C LYS E 433 -49.74 4.84 -9.60
N GLN E 434 -51.03 4.68 -9.90
CA GLN E 434 -52.01 4.57 -8.84
C GLN E 434 -52.10 3.17 -8.23
N ASN E 435 -51.43 2.19 -8.81
CA ASN E 435 -51.73 0.80 -8.52
C ASN E 435 -50.45 0.09 -8.08
N GLY E 436 -49.31 0.55 -8.57
CA GLY E 436 -48.02 0.02 -8.18
C GLY E 436 -47.52 -1.12 -9.04
N THR E 437 -48.35 -1.68 -9.91
CA THR E 437 -47.90 -2.72 -10.83
C THR E 437 -46.75 -2.20 -11.68
N VAL E 438 -45.78 -3.07 -11.95
CA VAL E 438 -44.66 -2.74 -12.81
C VAL E 438 -44.73 -3.64 -14.04
N TYR E 439 -44.30 -3.10 -15.18
CA TYR E 439 -44.16 -3.86 -16.41
C TYR E 439 -42.71 -3.73 -16.87
N THR E 440 -42.17 -4.82 -17.43
CA THR E 440 -40.79 -4.85 -17.87
C THR E 440 -40.69 -5.56 -19.21
N CYS E 441 -39.61 -5.27 -19.93
CA CYS E 441 -39.48 -5.69 -21.32
C CYS E 441 -38.02 -5.94 -21.65
N SER E 442 -37.79 -6.86 -22.59
CA SER E 442 -36.47 -7.12 -23.13
C SER E 442 -36.58 -7.45 -24.61
N SER E 443 -35.49 -7.24 -25.33
CA SER E 443 -35.55 -7.20 -26.80
C SER E 443 -35.92 -8.53 -27.42
N ASP E 444 -35.96 -9.62 -26.65
CA ASP E 444 -36.52 -10.87 -27.13
C ASP E 444 -38.03 -10.85 -27.23
N GLY E 445 -38.67 -9.76 -26.83
CA GLY E 445 -40.10 -9.60 -27.02
C GLY E 445 -40.95 -10.11 -25.87
N LYS E 446 -40.31 -10.59 -24.81
CA LYS E 446 -41.03 -11.01 -23.61
C LYS E 446 -41.33 -9.81 -22.72
N VAL E 447 -42.59 -9.67 -22.33
CA VAL E 447 -43.02 -8.61 -21.43
C VAL E 447 -43.67 -9.29 -20.23
N ARG E 448 -43.45 -8.72 -19.04
CA ARG E 448 -43.87 -9.39 -17.82
C ARG E 448 -44.56 -8.40 -16.88
N GLN E 449 -45.73 -8.79 -16.40
CA GLN E 449 -46.47 -8.02 -15.41
C GLN E 449 -46.00 -8.45 -14.03
N LEU E 450 -45.83 -7.48 -13.13
CA LEU E 450 -45.09 -7.69 -11.90
C LEU E 450 -45.85 -6.99 -10.76
N ILE E 451 -46.61 -7.77 -10.01
CA ILE E 451 -47.60 -7.27 -9.08
C ILE E 451 -46.97 -7.20 -7.69
N PRO E 452 -47.00 -6.05 -7.01
CA PRO E 452 -46.67 -6.00 -5.60
C PRO E 452 -47.80 -6.59 -4.76
N ILE E 453 -47.45 -7.56 -3.90
CA ILE E 453 -48.38 -8.11 -2.93
C ILE E 453 -47.87 -7.75 -1.54
N PHE E 454 -48.72 -7.08 -0.77
CA PHE E 454 -48.35 -6.62 0.56
C PHE E 454 -48.12 -7.78 1.52
N THR E 455 -47.13 -7.61 2.39
CA THR E 455 -46.74 -8.61 3.37
C THR E 455 -46.69 -7.90 4.71
N ASP E 456 -46.84 -8.67 5.79
CA ASP E 456 -46.95 -8.09 7.14
C ASP E 456 -45.92 -7.01 7.38
N VAL E 457 -44.68 -7.21 6.94
CA VAL E 457 -43.75 -6.14 6.64
C VAL E 457 -43.49 -6.06 5.14
N ALA E 458 -43.59 -4.84 4.60
CA ALA E 458 -43.25 -4.47 3.22
C ALA E 458 -43.98 -5.36 2.22
N LEU E 459 -43.29 -6.01 1.29
CA LEU E 459 -43.88 -6.56 0.08
C LEU E 459 -43.28 -7.91 -0.29
N LYS E 460 -44.03 -8.63 -1.11
CA LYS E 460 -43.48 -9.61 -2.05
C LYS E 460 -43.98 -9.23 -3.44
N PHE E 461 -43.19 -9.55 -4.46
CA PHE E 461 -43.62 -9.37 -5.84
C PHE E 461 -43.97 -10.72 -6.46
N GLU E 462 -45.13 -10.78 -7.12
CA GLU E 462 -45.52 -11.90 -7.97
C GLU E 462 -45.58 -11.41 -9.41
N HIS E 463 -45.19 -12.28 -10.34
CA HIS E 463 -45.15 -11.87 -11.74
C HIS E 463 -45.63 -12.98 -12.65
N GLN E 464 -46.13 -12.58 -13.82
CA GLN E 464 -46.61 -13.50 -14.84
C GLN E 464 -46.30 -12.94 -16.22
N LEU E 465 -45.95 -13.82 -17.15
CA LEU E 465 -45.53 -13.44 -18.50
C LEU E 465 -46.72 -13.01 -19.35
N ILE E 466 -46.54 -11.91 -20.09
CA ILE E 466 -47.49 -11.49 -21.12
C ILE E 466 -47.07 -12.08 -22.45
N LYS E 467 -47.89 -12.97 -23.00
CA LYS E 467 -47.62 -13.63 -24.29
C LYS E 467 -47.93 -12.71 -25.47
N LEU E 468 -47.08 -11.69 -25.65
CA LEU E 468 -47.29 -10.76 -26.75
C LEU E 468 -47.23 -11.44 -28.11
N SER E 469 -46.43 -12.49 -28.24
CA SER E 469 -46.40 -13.26 -29.49
C SER E 469 -47.74 -13.90 -29.82
N ASP E 470 -48.58 -14.17 -28.82
CA ASP E 470 -49.89 -14.74 -29.08
C ASP E 470 -50.87 -13.72 -29.64
N VAL E 471 -50.51 -12.44 -29.69
CA VAL E 471 -51.34 -11.44 -30.35
C VAL E 471 -50.62 -10.70 -31.46
N PHE E 472 -49.29 -10.66 -31.47
CA PHE E 472 -48.52 -9.97 -32.50
C PHE E 472 -47.64 -10.89 -33.33
N GLY E 473 -47.47 -12.15 -32.95
CA GLY E 473 -46.49 -13.00 -33.61
C GLY E 473 -45.06 -12.68 -33.19
N SER E 474 -44.11 -13.17 -33.98
CA SER E 474 -42.71 -12.96 -33.68
C SER E 474 -42.38 -11.48 -33.68
N VAL E 475 -41.92 -10.98 -32.53
CA VAL E 475 -41.84 -9.55 -32.27
C VAL E 475 -40.64 -9.26 -31.38
N ARG E 476 -39.83 -8.28 -31.76
CA ARG E 476 -38.94 -7.60 -30.84
C ARG E 476 -39.70 -6.43 -30.21
N THR E 477 -39.39 -6.14 -28.95
CA THR E 477 -40.02 -5.01 -28.27
C THR E 477 -38.95 -4.06 -27.75
N HIS E 478 -38.96 -2.82 -28.24
CA HIS E 478 -37.93 -1.84 -27.94
C HIS E 478 -38.28 -0.92 -26.79
N GLY E 479 -39.51 -0.97 -26.30
CA GLY E 479 -39.96 -0.03 -25.29
C GLY E 479 -41.41 -0.24 -24.94
N ILE E 480 -41.78 0.01 -23.69
CA ILE E 480 -43.18 -0.02 -23.25
C ILE E 480 -43.48 1.22 -22.43
N ALA E 481 -44.75 1.61 -22.42
CA ALA E 481 -45.24 2.64 -21.52
C ALA E 481 -46.69 2.36 -21.20
N VAL E 482 -47.10 2.71 -19.98
CA VAL E 482 -48.43 2.42 -19.47
C VAL E 482 -49.21 3.73 -19.38
N SER E 483 -50.44 3.71 -19.88
CA SER E 483 -51.29 4.89 -19.83
C SER E 483 -51.57 5.26 -18.37
N PRO E 484 -51.92 6.53 -18.11
CA PRO E 484 -51.88 7.02 -16.72
C PRO E 484 -52.77 6.24 -15.76
N CYS E 485 -53.88 5.67 -16.23
CA CYS E 485 -54.71 4.81 -15.40
C CYS E 485 -54.43 3.33 -15.62
N GLY E 486 -53.47 2.98 -16.46
CA GLY E 486 -53.23 1.58 -16.77
C GLY E 486 -54.23 0.95 -17.71
N ALA E 487 -54.88 1.74 -18.55
CA ALA E 487 -55.82 1.16 -19.51
C ALA E 487 -55.09 0.45 -20.65
N TYR E 488 -54.04 1.06 -21.19
CA TYR E 488 -53.35 0.51 -22.35
C TYR E 488 -51.86 0.40 -22.06
N LEU E 489 -51.24 -0.64 -22.60
CA LEU E 489 -49.79 -0.74 -22.70
C LEU E 489 -49.39 -0.52 -24.16
N ALA E 490 -48.59 0.51 -24.40
CA ALA E 490 -48.06 0.77 -25.74
C ALA E 490 -46.68 0.14 -25.88
N ILE E 491 -46.46 -0.55 -26.99
CA ILE E 491 -45.24 -1.29 -27.24
C ILE E 491 -44.67 -0.87 -28.60
N ILE E 492 -43.39 -0.52 -28.63
CA ILE E 492 -42.66 -0.41 -29.89
C ILE E 492 -42.28 -1.80 -30.35
N THR E 493 -42.67 -2.15 -31.58
CA THR E 493 -42.49 -3.49 -32.10
C THR E 493 -41.71 -3.47 -33.41
N THR E 494 -41.05 -4.58 -33.71
CA THR E 494 -40.56 -4.84 -35.06
C THR E 494 -40.49 -6.35 -35.30
N GLU E 495 -40.43 -6.72 -36.57
CA GLU E 495 -40.32 -8.12 -36.99
C GLU E 495 -39.27 -8.87 -36.19
N GLY E 496 -39.67 -9.97 -35.57
CA GLY E 496 -38.77 -10.78 -34.76
C GLY E 496 -38.04 -11.83 -35.58
N MET E 497 -37.37 -12.71 -34.85
CA MET E 497 -36.75 -13.89 -35.46
C MET E 497 -37.83 -14.80 -36.04
N ILE E 498 -37.77 -15.03 -37.35
CA ILE E 498 -38.71 -15.97 -38.01
C ILE E 498 -38.12 -17.36 -37.85
N ASN E 499 -38.35 -17.95 -36.68
CA ASN E 499 -37.84 -19.27 -36.29
C ASN E 499 -36.35 -19.43 -36.64
N GLY E 500 -35.53 -18.55 -36.05
CA GLY E 500 -34.11 -18.56 -36.27
C GLY E 500 -33.61 -17.85 -37.51
N LEU E 501 -34.48 -17.48 -38.45
CA LEU E 501 -34.08 -16.56 -39.49
C LEU E 501 -34.24 -15.12 -39.02
N HIS E 502 -33.33 -14.27 -39.47
CA HIS E 502 -33.46 -12.84 -39.23
C HIS E 502 -34.46 -12.21 -40.22
N PRO E 503 -35.18 -11.18 -39.79
CA PRO E 503 -36.09 -10.49 -40.71
C PRO E 503 -35.34 -9.74 -41.80
N VAL E 504 -35.87 -9.84 -43.03
CA VAL E 504 -35.22 -9.22 -44.18
C VAL E 504 -35.25 -7.70 -44.07
N ASN E 505 -36.28 -7.14 -43.46
CA ASN E 505 -36.36 -5.70 -43.25
C ASN E 505 -37.07 -5.39 -41.95
N LYS E 506 -36.81 -4.19 -41.43
CA LYS E 506 -37.19 -3.78 -40.10
C LYS E 506 -38.17 -2.61 -40.17
N ASN E 507 -39.19 -2.63 -39.31
CA ASN E 507 -40.23 -1.61 -39.33
C ASN E 507 -40.73 -1.42 -37.91
N TYR E 508 -40.41 -0.26 -37.31
CA TYR E 508 -40.87 0.08 -35.98
C TYR E 508 -42.35 0.48 -36.00
N GLN E 509 -43.14 -0.15 -35.14
CA GLN E 509 -44.55 0.20 -34.97
C GLN E 509 -44.89 0.27 -33.48
N VAL E 510 -45.57 1.35 -33.08
CA VAL E 510 -46.21 1.38 -31.77
C VAL E 510 -47.50 0.58 -31.84
N GLN E 511 -47.69 -0.35 -30.91
CA GLN E 511 -48.91 -1.15 -30.86
C GLN E 511 -49.47 -1.19 -29.45
N PHE E 512 -50.79 -1.06 -29.34
CA PHE E 512 -51.47 -0.87 -28.06
C PHE E 512 -52.19 -2.16 -27.69
N VAL E 513 -52.02 -2.62 -26.45
CA VAL E 513 -52.78 -3.75 -25.93
C VAL E 513 -53.63 -3.32 -24.74
N THR E 514 -54.84 -3.88 -24.66
CA THR E 514 -55.73 -3.62 -23.53
C THR E 514 -55.18 -4.30 -22.28
N LEU E 515 -55.11 -3.56 -21.18
CA LEU E 515 -54.76 -4.17 -19.90
C LEU E 515 -55.95 -4.43 -18.99
N LYS E 516 -57.08 -3.79 -19.21
CA LYS E 516 -58.23 -3.89 -18.32
C LYS E 516 -59.47 -4.32 -19.07
N THR E 517 -60.31 -5.09 -18.40
CA THR E 517 -61.64 -5.38 -18.94
C THR E 517 -62.51 -4.12 -18.94
N PHE E 518 -63.52 -4.13 -19.79
CA PHE E 518 -64.51 -3.04 -19.78
C PHE E 518 -65.18 -2.89 -18.42
N GLU E 519 -65.52 -4.00 -17.77
CA GLU E 519 -66.19 -3.93 -16.48
C GLU E 519 -65.32 -3.28 -15.41
N GLU E 520 -64.02 -3.57 -15.41
CA GLU E 520 -63.11 -2.88 -14.49
C GLU E 520 -62.97 -1.40 -14.84
N ALA E 521 -62.92 -1.06 -16.13
CA ALA E 521 -62.86 0.34 -16.53
C ALA E 521 -64.14 1.09 -16.14
N ALA E 522 -65.30 0.50 -16.38
CA ALA E 522 -66.56 1.12 -15.97
C ALA E 522 -66.64 1.31 -14.45
N ALA E 523 -66.37 0.26 -13.69
CA ALA E 523 -66.40 0.34 -12.23
C ALA E 523 -65.42 1.37 -11.68
N GLN E 524 -64.19 1.40 -12.20
CA GLN E 524 -63.20 2.36 -11.73
C GLN E 524 -63.60 3.79 -12.03
N LEU E 525 -64.24 4.04 -13.18
CA LEU E 525 -64.75 5.37 -13.48
C LEU E 525 -65.90 5.77 -12.55
N LEU E 526 -66.85 4.87 -12.32
CA LEU E 526 -67.96 5.16 -11.44
C LEU E 526 -67.51 5.46 -10.01
N GLU E 527 -66.47 4.76 -9.53
CA GLU E 527 -65.92 5.00 -8.20
C GLU E 527 -64.69 5.90 -8.23
N SER E 528 -64.52 6.68 -9.30
CA SER E 528 -63.29 7.43 -9.52
C SER E 528 -62.99 8.37 -8.35
N SER E 529 -61.73 8.36 -7.91
CA SER E 529 -61.28 9.31 -6.90
C SER E 529 -61.07 10.70 -7.49
N VAL E 530 -60.49 10.79 -8.69
CA VAL E 530 -60.17 12.10 -9.26
C VAL E 530 -61.41 12.78 -9.82
N GLN E 531 -62.37 12.02 -10.36
CA GLN E 531 -63.60 12.57 -10.93
C GLN E 531 -63.34 13.65 -11.99
N ASN E 532 -62.20 13.60 -12.67
CA ASN E 532 -62.15 14.13 -14.01
C ASN E 532 -62.48 13.05 -15.03
N LEU E 533 -63.03 13.45 -16.18
CA LEU E 533 -62.96 12.62 -17.37
C LEU E 533 -61.61 12.68 -18.07
N PHE E 534 -61.01 13.89 -18.18
CA PHE E 534 -59.83 14.02 -19.02
C PHE E 534 -58.66 13.23 -18.47
N LYS E 535 -58.45 13.26 -17.16
CA LYS E 535 -57.44 12.40 -16.54
C LYS E 535 -57.69 10.92 -16.79
N GLN E 536 -58.87 10.56 -17.29
CA GLN E 536 -59.28 9.18 -17.46
C GLN E 536 -59.71 8.89 -18.89
N VAL E 537 -59.26 9.74 -19.83
CA VAL E 537 -59.54 9.52 -21.26
C VAL E 537 -59.16 8.11 -21.69
N ASP E 538 -58.09 7.56 -21.12
CA ASP E 538 -57.68 6.20 -21.45
C ASP E 538 -58.66 5.15 -20.93
N LEU E 539 -59.32 5.38 -19.80
CA LEU E 539 -60.39 4.48 -19.36
C LEU E 539 -61.68 4.64 -20.17
N ILE E 540 -62.14 5.88 -20.36
CA ILE E 540 -63.38 6.08 -21.13
C ILE E 540 -63.24 5.67 -22.59
N ASP E 541 -62.01 5.54 -23.10
CA ASP E 541 -61.85 4.96 -24.43
C ASP E 541 -62.19 3.47 -24.46
N LEU E 542 -61.95 2.74 -23.38
CA LEU E 542 -62.44 1.37 -23.29
C LEU E 542 -63.97 1.32 -23.22
N VAL E 543 -64.59 2.27 -22.53
CA VAL E 543 -66.05 2.39 -22.55
C VAL E 543 -66.54 2.72 -23.95
N ARG E 544 -65.89 3.69 -24.61
CA ARG E 544 -66.19 4.01 -25.99
C ARG E 544 -66.07 2.79 -26.90
N TRP E 545 -64.99 2.03 -26.75
CA TRP E 545 -64.79 0.84 -27.57
C TRP E 545 -65.86 -0.21 -27.34
N LYS E 546 -66.37 -0.33 -26.12
CA LYS E 546 -67.51 -1.21 -25.85
C LYS E 546 -68.79 -0.71 -26.52
N ILE E 547 -69.14 0.56 -26.32
CA ILE E 547 -70.42 1.07 -26.83
C ILE E 547 -70.45 1.10 -28.34
N LEU E 548 -69.35 1.50 -28.99
CA LEU E 548 -69.30 1.47 -30.44
C LEU E 548 -69.32 0.05 -30.99
N LYS E 549 -68.99 -0.94 -30.17
CA LYS E 549 -69.08 -2.34 -30.57
C LYS E 549 -70.47 -2.92 -30.37
N ASP E 550 -71.15 -2.57 -29.26
CA ASP E 550 -72.39 -3.23 -28.88
C ASP E 550 -73.63 -2.36 -29.11
N LYS E 551 -73.46 -1.09 -29.49
CA LYS E 551 -74.57 -0.20 -29.82
C LYS E 551 -75.60 -0.07 -28.71
N HIS E 552 -75.23 -0.38 -27.46
CA HIS E 552 -76.09 -0.09 -26.32
C HIS E 552 -75.23 0.09 -25.09
N ILE E 553 -75.78 0.80 -24.11
CA ILE E 553 -75.15 0.90 -22.79
C ILE E 553 -75.42 -0.37 -22.00
N PRO E 554 -74.39 -1.04 -21.49
CA PRO E 554 -74.62 -2.21 -20.63
C PRO E 554 -75.40 -1.82 -19.38
N GLN E 555 -76.34 -2.68 -18.99
CA GLN E 555 -77.37 -2.29 -18.04
C GLN E 555 -76.78 -1.84 -16.71
N PHE E 556 -75.83 -2.63 -16.17
CA PHE E 556 -75.25 -2.32 -14.87
C PHE E 556 -74.58 -0.94 -14.85
N LEU E 557 -73.96 -0.54 -15.97
CA LEU E 557 -73.37 0.78 -16.07
C LEU E 557 -74.43 1.88 -15.95
N GLN E 558 -75.52 1.73 -16.69
CA GLN E 558 -76.63 2.68 -16.61
C GLN E 558 -77.23 2.70 -15.21
N GLU E 559 -77.49 1.53 -14.64
CA GLU E 559 -78.06 1.45 -13.29
C GLU E 559 -77.15 2.11 -12.26
N ALA E 560 -75.86 1.80 -12.29
CA ALA E 560 -74.92 2.40 -11.34
C ALA E 560 -74.79 3.91 -11.52
N LEU E 561 -74.73 4.38 -12.77
CA LEU E 561 -74.62 5.81 -13.03
C LEU E 561 -75.86 6.56 -12.56
N GLU E 562 -77.05 6.00 -12.78
CA GLU E 562 -78.27 6.60 -12.22
C GLU E 562 -78.23 6.65 -10.70
N LYS E 563 -77.78 5.58 -10.06
CA LYS E 563 -77.64 5.59 -8.60
C LYS E 563 -76.67 6.68 -8.14
N LYS E 564 -75.53 6.82 -8.82
CA LYS E 564 -74.59 7.88 -8.49
C LYS E 564 -75.19 9.27 -8.74
N ILE E 565 -75.86 9.44 -9.88
CA ILE E 565 -76.49 10.73 -10.19
C ILE E 565 -77.60 11.04 -9.18
N GLU E 566 -78.37 10.03 -8.80
CA GLU E 566 -79.45 10.26 -7.84
C GLU E 566 -78.90 10.57 -6.45
N SER E 567 -77.88 9.82 -6.00
CA SER E 567 -77.39 9.97 -4.64
C SER E 567 -76.37 11.09 -4.48
N SER E 568 -75.46 11.24 -5.45
CA SER E 568 -74.41 12.26 -5.38
C SER E 568 -74.68 13.44 -6.29
N GLY E 569 -74.95 13.20 -7.56
CA GLY E 569 -75.33 14.26 -8.47
C GLY E 569 -74.25 15.28 -8.80
N VAL E 570 -73.02 15.06 -8.33
CA VAL E 570 -71.94 15.98 -8.68
C VAL E 570 -71.71 15.93 -10.20
N THR E 571 -71.29 17.08 -10.74
CA THR E 571 -71.25 17.29 -12.18
C THR E 571 -70.34 16.31 -12.92
N TYR E 572 -69.41 15.64 -12.22
CA TYR E 572 -68.66 14.55 -12.83
C TYR E 572 -69.57 13.48 -13.41
N PHE E 573 -70.56 13.04 -12.64
CA PHE E 573 -71.48 12.01 -13.14
C PHE E 573 -72.35 12.54 -14.28
N TRP E 574 -72.74 13.81 -14.22
CA TRP E 574 -73.47 14.41 -15.34
C TRP E 574 -72.61 14.46 -16.60
N ARG E 575 -71.34 14.85 -16.46
CA ARG E 575 -70.41 14.78 -17.58
C ARG E 575 -70.26 13.36 -18.12
N PHE E 576 -70.20 12.37 -17.23
CA PHE E 576 -70.07 10.99 -17.66
C PHE E 576 -71.29 10.50 -18.45
N LYS E 577 -72.49 10.86 -17.99
CA LYS E 577 -73.70 10.59 -18.76
C LYS E 577 -73.63 11.19 -20.16
N LEU E 578 -73.25 12.46 -20.26
CA LEU E 578 -73.13 13.11 -21.56
C LEU E 578 -72.18 12.36 -22.48
N PHE E 579 -71.05 11.86 -21.95
CA PHE E 579 -70.13 11.07 -22.76
C PHE E 579 -70.80 9.80 -23.29
N LEU E 580 -71.41 9.02 -22.41
CA LEU E 580 -72.08 7.79 -22.83
C LEU E 580 -73.15 8.05 -23.89
N LEU E 581 -73.96 9.08 -23.69
CA LEU E 581 -75.02 9.40 -24.66
C LEU E 581 -74.46 9.76 -26.03
N ARG E 582 -73.42 10.59 -26.07
CA ARG E 582 -72.85 10.97 -27.38
C ARG E 582 -72.24 9.79 -28.10
N ILE E 583 -71.52 8.92 -27.40
CA ILE E 583 -70.99 7.73 -28.07
C ILE E 583 -72.13 6.81 -28.51
N LEU E 584 -73.18 6.70 -27.70
CA LEU E 584 -74.35 5.92 -28.09
C LEU E 584 -75.00 6.49 -29.35
N TYR E 585 -75.12 7.82 -29.40
CA TYR E 585 -75.61 8.50 -30.61
C TYR E 585 -74.76 8.18 -31.82
N GLN E 586 -73.44 8.22 -31.68
CA GLN E 586 -72.54 7.79 -32.74
C GLN E 586 -72.75 6.31 -33.11
N SER E 587 -72.93 5.46 -32.10
CA SER E 587 -72.98 4.02 -32.33
C SER E 587 -74.17 3.60 -33.20
N MET E 588 -75.29 4.30 -33.11
CA MET E 588 -76.42 4.03 -34.01
C MET E 588 -76.26 4.68 -35.39
N GLN E 589 -75.05 4.63 -35.94
CA GLN E 589 -74.73 5.20 -37.25
C GLN E 589 -75.06 6.69 -37.33
N LYS E 590 -74.87 7.40 -36.22
CA LYS E 590 -74.98 8.85 -36.17
C LYS E 590 -76.27 9.38 -36.80
N GLU E 663 -88.23 6.07 -39.37
CA GLU E 663 -87.53 4.83 -39.10
C GLU E 663 -87.13 4.74 -37.63
N PRO E 664 -87.03 3.51 -37.11
CA PRO E 664 -86.66 3.37 -35.68
C PRO E 664 -85.30 3.96 -35.36
N MET E 665 -84.36 3.90 -36.29
CA MET E 665 -83.08 4.59 -36.10
C MET E 665 -83.28 6.09 -35.96
N GLU E 666 -84.13 6.67 -36.80
CA GLU E 666 -84.41 8.11 -36.69
C GLU E 666 -85.13 8.44 -35.40
N GLU E 667 -86.05 7.57 -34.96
CA GLU E 667 -86.69 7.75 -33.67
C GLU E 667 -85.68 7.66 -32.52
N LYS E 668 -84.80 6.67 -32.58
CA LYS E 668 -83.75 6.54 -31.57
C LYS E 668 -82.79 7.71 -31.63
N LEU E 669 -82.39 8.14 -32.83
CA LEU E 669 -81.56 9.33 -32.97
C LEU E 669 -82.25 10.56 -32.40
N LEU E 670 -83.53 10.75 -32.73
CA LEU E 670 -84.28 11.89 -32.19
C LEU E 670 -84.39 11.81 -30.67
N GLU E 671 -84.72 10.64 -30.15
CA GLU E 671 -84.83 10.46 -28.70
C GLU E 671 -83.51 10.75 -27.98
N ILE E 672 -82.43 10.08 -28.41
CA ILE E 672 -81.15 10.24 -27.73
C ILE E 672 -80.56 11.64 -27.91
N GLN E 673 -80.78 12.26 -29.07
CA GLN E 673 -80.36 13.66 -29.23
C GLN E 673 -81.11 14.60 -28.30
N GLY E 674 -82.40 14.34 -28.06
CA GLY E 674 -83.13 15.09 -27.04
C GLY E 674 -82.55 14.93 -25.65
N LYS E 675 -82.18 13.70 -25.27
CA LYS E 675 -81.56 13.47 -23.98
C LYS E 675 -80.18 14.13 -23.88
N ILE E 676 -79.41 14.10 -24.97
CA ILE E 676 -78.14 14.84 -25.02
C ILE E 676 -78.37 16.33 -24.78
N GLU E 677 -79.32 16.92 -25.48
CA GLU E 677 -79.64 18.33 -25.26
C GLU E 677 -80.02 18.61 -23.81
N ALA E 678 -80.82 17.73 -23.20
CA ALA E 678 -81.22 17.91 -21.81
C ALA E 678 -80.03 17.91 -20.86
N VAL E 679 -79.03 17.06 -21.10
CA VAL E 679 -77.87 17.05 -20.21
C VAL E 679 -76.88 18.17 -20.55
N GLU E 680 -76.75 18.54 -21.83
CA GLU E 680 -76.03 19.76 -22.17
C GLU E 680 -76.66 20.99 -21.50
N MET E 681 -77.99 21.07 -21.53
CA MET E 681 -78.68 22.16 -20.86
C MET E 681 -78.54 22.10 -19.34
N HIS E 682 -78.57 20.89 -18.77
CA HIS E 682 -78.35 20.74 -17.33
C HIS E 682 -76.97 21.25 -16.91
N LEU E 683 -75.91 20.80 -17.57
CA LEU E 683 -74.58 21.34 -17.30
C LEU E 683 -74.51 22.85 -17.53
N THR E 684 -75.28 23.36 -18.49
CA THR E 684 -75.38 24.81 -18.68
C THR E 684 -76.03 25.49 -17.48
N ARG E 685 -77.10 24.90 -16.94
CA ARG E 685 -77.69 25.40 -15.70
C ARG E 685 -76.65 25.47 -14.58
N GLU E 686 -75.92 24.36 -14.38
CA GLU E 686 -74.92 24.28 -13.32
C GLU E 686 -73.85 25.36 -13.48
N HIS E 687 -73.30 25.50 -14.69
CA HIS E 687 -72.22 26.47 -14.92
C HIS E 687 -72.69 27.92 -14.87
N MET E 688 -73.88 28.22 -15.41
CA MET E 688 -74.42 29.56 -15.25
C MET E 688 -74.64 29.92 -13.78
N LYS E 689 -75.06 28.96 -12.97
CA LYS E 689 -75.16 29.18 -11.53
C LYS E 689 -73.80 29.49 -10.91
N ARG E 690 -72.74 28.79 -11.33
CA ARG E 690 -71.38 29.16 -10.92
C ARG E 690 -71.01 30.58 -11.31
N VAL E 691 -71.20 30.93 -12.58
CA VAL E 691 -70.81 32.25 -13.08
C VAL E 691 -71.49 33.37 -12.28
N LEU E 692 -72.81 33.31 -12.15
CA LEU E 692 -73.51 34.33 -11.38
C LEU E 692 -73.19 34.27 -9.89
N GLY E 693 -72.83 33.10 -9.38
CA GLY E 693 -72.30 33.03 -8.02
C GLY E 693 -71.07 33.88 -7.82
N GLU E 694 -70.09 33.78 -8.74
CA GLU E 694 -68.93 34.64 -8.69
C GLU E 694 -69.30 36.11 -8.86
N VAL E 695 -70.16 36.43 -9.83
CA VAL E 695 -70.59 37.81 -10.04
C VAL E 695 -71.22 38.39 -8.78
N TYR E 696 -71.98 37.57 -8.04
CA TYR E 696 -72.57 38.05 -6.80
C TYR E 696 -71.54 38.17 -5.67
N LEU E 697 -70.64 37.18 -5.56
CA LEU E 697 -69.66 37.20 -4.47
C LEU E 697 -68.62 38.30 -4.67
N HIS E 698 -68.23 38.58 -5.90
CA HIS E 698 -67.29 39.64 -6.17
C HIS E 698 -68.01 40.97 -6.39
N THR E 699 -67.22 42.03 -6.57
CA THR E 699 -67.74 43.36 -6.82
C THR E 699 -68.50 43.43 -8.14
N TRP E 700 -69.68 44.03 -8.11
CA TRP E 700 -70.47 44.26 -9.31
C TRP E 700 -69.75 45.26 -10.22
N ILE E 701 -69.39 44.81 -11.43
CA ILE E 701 -68.81 45.66 -12.45
C ILE E 701 -69.96 46.21 -13.29
N THR E 702 -70.37 47.45 -13.00
CA THR E 702 -71.55 48.02 -13.63
C THR E 702 -71.39 48.24 -15.12
N GLU E 703 -70.16 48.22 -15.65
CA GLU E 703 -69.97 48.22 -17.09
C GLU E 703 -70.47 46.94 -17.75
N ASN E 704 -70.76 45.90 -16.98
CA ASN E 704 -71.29 44.63 -17.52
C ASN E 704 -70.33 44.04 -18.55
N THR E 705 -69.02 44.20 -18.31
CA THR E 705 -68.03 44.18 -19.38
C THR E 705 -67.91 42.80 -20.00
N SER E 706 -67.94 41.74 -19.20
CA SER E 706 -67.57 40.41 -19.66
C SER E 706 -68.64 39.35 -19.48
N ILE E 707 -69.57 39.54 -18.56
CA ILE E 707 -70.74 38.65 -18.43
C ILE E 707 -71.98 39.46 -18.80
N PRO E 708 -72.79 39.00 -19.76
CA PRO E 708 -74.07 39.66 -20.05
C PRO E 708 -75.12 39.33 -18.99
N THR E 709 -74.85 39.81 -17.77
CA THR E 709 -75.38 39.20 -16.55
C THR E 709 -76.90 39.12 -16.58
N ARG E 710 -77.56 40.23 -16.93
CA ARG E 710 -79.02 40.23 -17.00
C ARG E 710 -79.54 39.33 -18.11
N GLY E 711 -78.77 39.17 -19.20
CA GLY E 711 -79.11 38.16 -20.19
C GLY E 711 -79.13 36.76 -19.63
N LEU E 712 -78.14 36.41 -18.81
CA LEU E 712 -78.16 35.10 -18.14
C LEU E 712 -79.35 34.98 -17.18
N CYS E 713 -79.63 36.04 -16.42
CA CYS E 713 -80.81 36.04 -15.56
C CYS E 713 -82.08 35.81 -16.36
N ASN E 714 -82.24 36.56 -17.46
CA ASN E 714 -83.41 36.37 -18.33
C ASN E 714 -83.42 34.98 -18.95
N PHE E 715 -82.25 34.45 -19.29
CA PHE E 715 -82.16 33.07 -19.79
C PHE E 715 -82.61 32.07 -18.74
N LEU E 716 -82.02 32.15 -17.55
CA LEU E 716 -82.29 31.17 -16.50
C LEU E 716 -83.75 31.25 -16.03
N MET E 717 -84.31 32.45 -15.97
CA MET E 717 -85.70 32.64 -15.57
C MET E 717 -86.66 32.73 -16.75
N SER E 718 -86.18 32.59 -17.99
CA SER E 718 -87.07 32.16 -19.07
C SER E 718 -87.37 30.67 -18.94
N ASP E 719 -86.33 29.85 -18.84
CA ASP E 719 -86.44 28.40 -18.93
C ASP E 719 -86.62 27.80 -17.53
N GLU E 720 -87.71 28.22 -16.89
CA GLU E 720 -88.01 27.91 -15.50
C GLU E 720 -88.35 26.44 -15.27
N GLU E 721 -88.30 25.61 -16.32
CA GLU E 721 -88.68 24.21 -16.20
C GLU E 721 -87.77 23.46 -15.23
N TYR E 722 -86.56 23.96 -14.98
CA TYR E 722 -85.71 23.40 -13.94
C TYR E 722 -86.20 23.76 -12.53
N ASP E 723 -86.94 24.85 -12.39
CA ASP E 723 -87.54 25.25 -11.10
C ASP E 723 -86.52 25.28 -9.97
N ASP E 724 -85.26 25.55 -10.28
CA ASP E 724 -84.19 25.46 -9.28
C ASP E 724 -84.30 26.64 -8.32
N ARG E 725 -84.73 26.35 -7.08
CA ARG E 725 -84.82 27.37 -6.04
C ARG E 725 -83.49 28.09 -5.82
N THR E 726 -82.38 27.37 -5.88
CA THR E 726 -81.08 28.00 -5.66
C THR E 726 -80.75 29.00 -6.77
N ALA E 727 -81.09 28.65 -8.02
CA ALA E 727 -80.97 29.61 -9.11
C ALA E 727 -81.92 30.79 -8.94
N ARG E 728 -83.20 30.49 -8.64
CA ARG E 728 -84.21 31.54 -8.48
C ARG E 728 -83.83 32.57 -7.42
N VAL E 729 -83.38 32.11 -6.25
CA VAL E 729 -82.91 33.04 -5.24
C VAL E 729 -81.64 33.76 -5.69
N LEU E 730 -80.75 33.05 -6.39
CA LEU E 730 -79.56 33.68 -6.95
C LEU E 730 -79.91 34.77 -7.95
N ILE E 731 -80.93 34.56 -8.77
CA ILE E 731 -81.39 35.63 -9.66
C ILE E 731 -81.99 36.78 -8.86
N GLY E 732 -82.69 36.48 -7.77
CA GLY E 732 -83.09 37.53 -6.85
C GLY E 732 -81.94 38.34 -6.31
N HIS E 733 -80.90 37.65 -5.82
CA HIS E 733 -79.71 38.32 -5.33
C HIS E 733 -79.01 39.13 -6.41
N ILE E 734 -78.80 38.53 -7.59
CA ILE E 734 -78.16 39.23 -8.70
C ILE E 734 -79.01 40.41 -9.18
N SER E 735 -80.31 40.21 -9.38
CA SER E 735 -81.16 41.31 -9.82
C SER E 735 -81.30 42.41 -8.78
N LYS E 736 -81.10 42.10 -7.50
CA LYS E 736 -80.93 43.15 -6.51
C LYS E 736 -79.62 43.90 -6.72
N LYS E 737 -78.54 43.17 -6.99
CA LYS E 737 -77.21 43.77 -7.07
C LYS E 737 -76.91 44.41 -8.42
N MET E 738 -77.48 43.90 -9.51
CA MET E 738 -77.28 44.51 -10.82
C MET E 738 -77.78 45.95 -10.87
N ASN E 739 -77.17 46.74 -11.74
CA ASN E 739 -77.71 48.03 -12.15
C ASN E 739 -78.91 47.84 -13.07
N LYS E 740 -79.80 48.84 -13.04
CA LYS E 740 -80.89 48.91 -14.02
C LYS E 740 -80.41 49.35 -15.39
N GLN E 741 -79.26 50.02 -15.49
CA GLN E 741 -78.71 50.38 -16.79
C GLN E 741 -78.38 49.16 -17.65
N THR E 742 -78.73 49.27 -18.93
CA THR E 742 -78.77 48.09 -19.80
C THR E 742 -77.38 47.51 -20.05
N PHE E 743 -76.45 48.35 -20.51
CA PHE E 743 -75.12 47.95 -20.95
C PHE E 743 -75.17 46.69 -21.85
N PRO E 744 -75.85 46.76 -22.99
CA PRO E 744 -75.99 45.57 -23.83
C PRO E 744 -74.70 45.24 -24.58
N GLU E 745 -74.61 43.99 -25.00
CA GLU E 745 -73.53 43.53 -25.87
C GLU E 745 -73.82 43.90 -27.32
N HIS E 746 -72.80 44.38 -28.02
CA HIS E 746 -72.96 44.87 -29.39
C HIS E 746 -72.15 44.00 -30.36
N CYS E 747 -72.72 43.75 -31.53
CA CYS E 747 -72.00 43.22 -32.69
C CYS E 747 -71.09 44.29 -33.28
N SER E 748 -69.78 44.07 -33.17
CA SER E 748 -68.80 45.09 -33.54
C SER E 748 -68.90 45.49 -35.01
N LEU E 749 -69.28 44.55 -35.89
CA LEU E 749 -69.43 44.90 -37.30
C LEU E 749 -70.64 45.78 -37.57
N CYS E 750 -71.51 45.97 -36.58
CA CYS E 750 -72.82 46.59 -36.78
C CYS E 750 -73.17 47.62 -35.72
N LYS E 751 -72.41 47.69 -34.61
CA LYS E 751 -72.75 48.43 -33.39
C LYS E 751 -74.21 48.23 -32.98
N GLU E 752 -74.65 46.97 -33.01
CA GLU E 752 -76.04 46.61 -32.83
C GLU E 752 -76.13 45.58 -31.70
N ILE E 753 -77.18 45.68 -30.89
CA ILE E 753 -77.32 44.81 -29.74
C ILE E 753 -77.47 43.35 -30.17
N LEU E 754 -76.87 42.45 -29.41
CA LEU E 754 -76.95 41.02 -29.65
C LEU E 754 -77.85 40.36 -28.61
N PRO E 755 -78.82 39.57 -29.02
CA PRO E 755 -79.63 38.81 -28.06
C PRO E 755 -78.81 37.78 -27.30
N PHE E 756 -79.22 37.54 -26.06
CA PHE E 756 -78.65 36.55 -25.15
C PHE E 756 -79.22 35.15 -25.35
N THR E 757 -80.21 35.00 -26.25
CA THR E 757 -81.18 33.94 -26.12
C THR E 757 -80.58 32.55 -26.30
N ASP E 758 -79.55 32.39 -27.13
CA ASP E 758 -79.07 31.07 -27.49
C ASP E 758 -77.77 30.75 -26.77
N ARG E 759 -77.70 29.52 -26.24
CA ARG E 759 -76.51 29.03 -25.55
C ARG E 759 -75.27 29.13 -26.42
N LYS E 760 -75.35 28.60 -27.64
CA LYS E 760 -74.19 28.52 -28.52
C LYS E 760 -73.90 29.82 -29.26
N GLN E 761 -74.87 30.72 -29.37
CA GLN E 761 -74.86 31.61 -30.53
C GLN E 761 -75.45 32.96 -30.17
N ALA E 762 -75.12 33.94 -31.00
CA ALA E 762 -75.79 35.24 -31.04
C ALA E 762 -75.89 35.66 -32.49
N VAL E 763 -76.88 36.51 -32.78
CA VAL E 763 -77.15 36.95 -34.15
C VAL E 763 -77.62 38.40 -34.10
N CYS E 764 -77.50 39.09 -35.23
CA CYS E 764 -78.04 40.42 -35.38
C CYS E 764 -78.62 40.55 -36.78
N SER E 765 -78.99 41.79 -37.15
CA SER E 765 -79.37 42.14 -38.51
C SER E 765 -78.33 41.71 -39.55
N ASN E 766 -78.77 41.58 -40.80
CA ASN E 766 -77.96 41.10 -41.92
C ASN E 766 -77.47 39.67 -41.72
N GLY E 767 -78.08 38.92 -40.81
CA GLY E 767 -77.73 37.52 -40.67
C GLY E 767 -76.38 37.25 -40.07
N HIS E 768 -75.82 38.20 -39.32
CA HIS E 768 -74.56 37.95 -38.63
C HIS E 768 -74.72 36.82 -37.62
N ILE E 769 -73.63 36.09 -37.40
CA ILE E 769 -73.57 35.06 -36.38
C ILE E 769 -72.30 35.26 -35.56
N TRP E 770 -72.42 35.13 -34.25
CA TRP E 770 -71.26 34.94 -33.38
C TRP E 770 -71.43 33.66 -32.57
N LEU E 771 -70.35 32.90 -32.44
CA LEU E 771 -70.30 31.84 -31.45
C LEU E 771 -70.10 32.46 -30.06
N ARG E 772 -70.86 32.00 -29.09
CA ARG E 772 -70.55 32.30 -27.70
C ARG E 772 -69.49 31.34 -27.17
N CYS E 773 -68.60 31.86 -26.33
CA CYS E 773 -67.80 30.99 -25.48
C CYS E 773 -68.66 30.38 -24.39
N PHE E 774 -68.13 29.37 -23.72
CA PHE E 774 -68.85 28.65 -22.68
C PHE E 774 -68.37 28.96 -21.27
N LEU E 775 -67.10 29.34 -21.09
CA LEU E 775 -66.60 29.62 -19.75
C LEU E 775 -67.19 30.90 -19.19
N THR E 776 -67.11 31.99 -19.96
CA THR E 776 -68.09 33.04 -19.91
C THR E 776 -69.03 32.91 -21.09
N TYR E 777 -70.18 33.57 -21.02
CA TYR E 777 -71.14 33.53 -22.11
C TYR E 777 -71.00 34.71 -23.07
N GLN E 778 -69.86 35.38 -23.07
CA GLN E 778 -69.61 36.50 -23.97
C GLN E 778 -69.52 35.99 -25.41
N SER E 779 -69.75 36.88 -26.36
CA SER E 779 -69.48 36.56 -27.76
C SER E 779 -67.99 36.66 -28.04
N CYS E 780 -67.47 35.65 -28.75
CA CYS E 780 -66.07 35.66 -29.19
C CYS E 780 -65.98 36.35 -30.54
N GLN E 781 -65.79 37.67 -30.51
CA GLN E 781 -65.67 38.45 -31.73
C GLN E 781 -64.23 38.65 -32.17
N SER E 782 -63.26 38.22 -31.35
CA SER E 782 -61.86 38.24 -31.74
C SER E 782 -61.60 37.26 -32.88
N LEU E 783 -60.59 37.59 -33.69
CA LEU E 783 -60.15 36.71 -34.78
C LEU E 783 -59.49 35.43 -34.30
N ILE E 784 -59.19 35.32 -33.01
CA ILE E 784 -58.75 34.06 -32.42
C ILE E 784 -59.55 33.79 -31.15
N TYR E 785 -60.00 32.56 -30.98
CA TYR E 785 -60.66 32.09 -29.77
C TYR E 785 -60.28 30.64 -29.56
N ARG E 786 -60.46 30.17 -28.33
CA ARG E 786 -59.85 28.93 -27.87
C ARG E 786 -60.86 27.80 -28.02
N ARG E 787 -60.44 26.70 -28.65
CA ARG E 787 -61.30 25.58 -29.00
C ARG E 787 -60.94 24.39 -28.13
N CYS E 788 -61.94 23.79 -27.48
CA CYS E 788 -61.70 22.59 -26.71
C CYS E 788 -61.15 21.47 -27.60
N LEU E 789 -60.36 20.59 -27.00
CA LEU E 789 -59.62 19.57 -27.75
C LEU E 789 -60.54 18.74 -28.64
N LEU E 790 -61.76 18.47 -28.18
CA LEU E 790 -62.74 17.72 -28.95
C LEU E 790 -63.54 18.58 -29.92
N HIS E 791 -63.24 19.87 -30.00
CA HIS E 791 -64.07 20.84 -30.72
C HIS E 791 -65.51 20.87 -30.20
N ASP E 792 -65.71 20.38 -28.99
CA ASP E 792 -67.03 20.32 -28.37
C ASP E 792 -67.44 21.67 -27.79
N SER E 793 -66.49 22.56 -27.52
CA SER E 793 -66.78 23.77 -26.77
C SER E 793 -65.74 24.84 -27.06
N ILE E 794 -66.12 26.09 -26.79
CA ILE E 794 -65.33 27.28 -27.13
C ILE E 794 -65.05 28.08 -25.86
N ALA E 795 -63.89 28.74 -25.83
CA ALA E 795 -63.53 29.60 -24.71
C ALA E 795 -62.95 30.91 -25.23
N ARG E 796 -63.33 32.02 -24.58
CA ARG E 796 -62.75 33.32 -24.89
C ARG E 796 -61.34 33.42 -24.32
N HIS E 797 -60.49 34.18 -25.01
CA HIS E 797 -59.20 34.55 -24.43
C HIS E 797 -59.39 35.53 -23.26
N PRO E 798 -58.53 35.42 -22.24
CA PRO E 798 -58.53 36.41 -21.15
C PRO E 798 -58.00 37.76 -21.62
N ALA E 799 -58.82 38.79 -21.47
CA ALA E 799 -58.31 40.13 -21.73
C ALA E 799 -57.59 40.68 -20.49
N PRO E 800 -56.61 41.56 -20.68
CA PRO E 800 -56.05 42.29 -19.54
C PRO E 800 -57.08 43.13 -18.78
N GLU E 801 -58.20 43.46 -19.41
CA GLU E 801 -59.28 44.18 -18.73
C GLU E 801 -60.21 43.26 -17.95
N ASP E 802 -60.15 41.94 -18.16
CA ASP E 802 -60.89 41.03 -17.31
C ASP E 802 -60.30 41.04 -15.90
N PRO E 803 -61.13 41.03 -14.87
CA PRO E 803 -60.62 40.92 -13.50
C PRO E 803 -60.01 39.56 -13.21
N ASP E 804 -59.21 39.54 -12.14
CA ASP E 804 -58.50 38.34 -11.70
C ASP E 804 -59.42 37.11 -11.62
N TRP E 805 -60.57 37.27 -10.97
CA TRP E 805 -61.49 36.14 -10.84
C TRP E 805 -62.09 35.69 -12.16
N ILE E 806 -62.20 36.59 -13.15
CA ILE E 806 -62.57 36.14 -14.48
C ILE E 806 -61.37 35.55 -15.21
N LYS E 807 -60.20 36.16 -15.05
CA LYS E 807 -58.96 35.58 -15.57
C LYS E 807 -58.73 34.17 -15.01
N ARG E 808 -59.08 33.95 -13.75
CA ARG E 808 -59.08 32.60 -13.18
C ARG E 808 -60.17 31.73 -13.79
N LEU E 809 -61.39 32.25 -13.87
CA LEU E 809 -62.50 31.51 -14.48
C LEU E 809 -62.17 31.05 -15.91
N LEU E 810 -61.54 31.91 -16.69
CA LEU E 810 -61.16 31.53 -18.06
C LEU E 810 -60.08 30.47 -18.13
N GLN E 811 -59.47 30.08 -17.02
CA GLN E 811 -58.58 28.93 -17.00
C GLN E 811 -59.30 27.62 -16.69
N SER E 812 -60.60 27.67 -16.40
CA SER E 812 -61.36 26.45 -16.17
C SER E 812 -61.29 25.55 -17.41
N PRO E 813 -61.24 24.23 -17.22
CA PRO E 813 -61.55 23.32 -18.33
C PRO E 813 -62.95 23.55 -18.89
N CYS E 814 -63.18 23.01 -20.07
CA CYS E 814 -64.50 23.06 -20.69
C CYS E 814 -65.53 22.41 -19.77
N PRO E 815 -66.77 22.93 -19.74
CA PRO E 815 -67.78 22.37 -18.84
C PRO E 815 -68.42 21.08 -19.33
N PHE E 816 -68.34 20.77 -20.62
CA PHE E 816 -69.00 19.59 -21.18
C PHE E 816 -68.07 18.40 -21.24
N CYS E 817 -66.88 18.58 -21.78
CA CYS E 817 -65.75 17.68 -21.57
C CYS E 817 -64.67 18.41 -20.79
N ASP E 818 -64.20 17.83 -19.68
CA ASP E 818 -63.23 18.59 -18.90
C ASP E 818 -61.83 18.50 -19.47
N SER E 819 -61.73 18.51 -20.79
CA SER E 819 -60.48 18.74 -21.50
C SER E 819 -60.00 20.17 -21.26
N PRO E 820 -58.69 20.40 -21.36
CA PRO E 820 -58.21 21.76 -21.63
C PRO E 820 -58.86 22.34 -22.88
N VAL E 821 -58.91 23.66 -22.99
CA VAL E 821 -59.52 24.33 -24.13
C VAL E 821 -58.48 25.07 -24.96
N PHE E 822 -57.19 24.89 -24.66
CA PHE E 822 -56.11 25.69 -25.20
C PHE E 822 -56.33 27.18 -24.96
N HIS F 304 10.71 13.45 -43.14
CA HIS F 304 10.83 12.77 -44.43
C HIS F 304 12.07 11.89 -44.45
N CYS F 305 12.04 10.84 -45.26
CA CYS F 305 13.19 9.97 -45.44
C CYS F 305 13.19 9.44 -46.87
N ARG F 306 14.37 9.03 -47.33
CA ARG F 306 14.57 8.64 -48.72
C ARG F 306 15.59 7.50 -48.78
N GLY F 307 15.68 6.90 -49.96
CA GLY F 307 16.60 5.81 -50.21
C GLY F 307 16.12 4.48 -49.64
N MET F 308 17.06 3.54 -49.59
CA MET F 308 16.74 2.13 -49.36
C MET F 308 17.03 1.74 -47.93
N ALA F 309 16.07 1.05 -47.30
CA ALA F 309 16.29 0.41 -46.03
C ALA F 309 17.14 -0.85 -46.22
N PRO F 310 17.76 -1.37 -45.14
CA PRO F 310 18.65 -2.52 -45.31
C PRO F 310 17.95 -3.77 -45.83
N ASN F 311 16.63 -3.90 -45.65
CA ASN F 311 15.91 -5.04 -46.18
C ASN F 311 15.50 -4.87 -47.64
N GLY F 312 15.83 -3.74 -48.26
CA GLY F 312 15.48 -3.50 -49.65
C GLY F 312 14.11 -2.90 -49.90
N LEU F 313 13.39 -2.53 -48.87
CA LEU F 313 12.27 -1.62 -49.04
C LEU F 313 12.74 -0.17 -48.97
N PRO F 314 12.01 0.75 -49.59
CA PRO F 314 12.25 2.17 -49.34
C PRO F 314 12.06 2.52 -47.88
N ASN F 315 12.87 3.47 -47.40
CA ASN F 315 12.79 3.92 -46.02
C ASN F 315 11.41 4.47 -45.66
N HIS F 316 10.74 5.13 -46.60
CA HIS F 316 9.40 5.62 -46.30
C HIS F 316 8.35 4.53 -46.20
N ILE F 317 8.63 3.33 -46.73
CA ILE F 317 7.76 2.19 -46.45
C ILE F 317 8.10 1.56 -45.11
N MET F 318 9.37 1.50 -44.74
CA MET F 318 9.75 0.92 -43.46
C MET F 318 9.50 1.85 -42.27
N ALA F 319 9.59 3.17 -42.46
CA ALA F 319 9.53 4.09 -41.33
C ALA F 319 8.28 3.96 -40.47
N PRO F 320 7.08 3.71 -41.02
CA PRO F 320 5.94 3.40 -40.13
C PRO F 320 6.13 2.13 -39.31
N VAL F 321 6.77 1.10 -39.88
CA VAL F 321 7.01 -0.15 -39.15
C VAL F 321 7.88 0.10 -37.92
N TRP F 322 8.98 0.85 -38.08
CA TRP F 322 9.82 1.15 -36.94
C TRP F 322 9.09 1.97 -35.87
N LYS F 323 8.24 2.90 -36.30
CA LYS F 323 7.41 3.65 -35.35
C LYS F 323 6.49 2.72 -34.55
N CYS F 324 5.93 1.70 -35.21
CA CYS F 324 5.01 0.78 -34.52
C CYS F 324 5.66 0.04 -33.37
N LEU F 325 6.94 -0.33 -33.52
CA LEU F 325 7.67 -0.98 -32.44
C LEU F 325 7.66 -0.14 -31.16
N HIS F 326 8.05 1.13 -31.27
CA HIS F 326 8.12 1.99 -30.09
C HIS F 326 6.76 2.20 -29.44
N LEU F 327 5.73 2.49 -30.24
CA LEU F 327 4.39 2.66 -29.69
C LEU F 327 3.89 1.41 -28.96
N THR F 328 4.16 0.24 -29.52
CA THR F 328 3.72 -1.00 -28.87
C THR F 328 4.49 -1.27 -27.58
N LYS F 329 5.82 -1.13 -27.64
CA LYS F 329 6.65 -1.28 -26.45
C LYS F 329 6.22 -0.33 -25.33
N ASP F 330 6.04 0.95 -25.67
CA ASP F 330 5.55 1.94 -24.71
C ASP F 330 4.17 1.61 -24.18
N PHE F 331 3.25 1.19 -25.04
CA PHE F 331 1.90 0.81 -24.61
C PHE F 331 1.91 -0.38 -23.65
N ARG F 332 2.62 -1.46 -23.99
CA ARG F 332 2.60 -2.64 -23.14
C ARG F 332 3.20 -2.37 -21.77
N GLU F 333 4.25 -1.55 -21.70
CA GLU F 333 4.78 -1.12 -20.41
C GLU F 333 3.71 -0.42 -19.57
N GLN F 334 2.86 0.39 -20.21
CA GLN F 334 1.86 1.15 -19.48
C GLN F 334 0.63 0.32 -19.10
N LYS F 335 0.18 -0.56 -20.00
CA LYS F 335 -1.19 -1.05 -19.93
C LYS F 335 -1.35 -2.57 -20.00
N HIS F 336 -0.28 -3.33 -20.19
CA HIS F 336 -0.32 -4.73 -19.84
C HIS F 336 0.12 -4.92 -18.40
N SER F 337 0.07 -6.15 -17.91
CA SER F 337 0.62 -6.47 -16.60
C SER F 337 1.19 -7.88 -16.60
N TYR F 338 2.04 -8.14 -15.61
CA TYR F 338 2.73 -9.41 -15.47
C TYR F 338 1.92 -10.48 -14.73
N TRP F 339 0.87 -10.10 -14.01
CA TRP F 339 0.05 -11.11 -13.37
C TRP F 339 -1.36 -10.59 -13.10
N GLU F 340 -2.34 -11.41 -13.40
CA GLU F 340 -3.76 -11.16 -13.13
C GLU F 340 -4.45 -12.51 -12.90
N PHE F 341 -5.63 -12.45 -12.29
CA PHE F 341 -6.43 -13.65 -12.02
C PHE F 341 -5.65 -14.69 -11.22
N ALA F 342 -5.02 -14.24 -10.14
CA ALA F 342 -4.21 -15.12 -9.30
C ALA F 342 -5.04 -16.28 -8.73
N GLU F 343 -6.34 -16.07 -8.55
CA GLU F 343 -7.24 -17.08 -8.00
C GLU F 343 -7.43 -18.31 -8.89
N TRP F 344 -7.16 -18.21 -10.18
CA TRP F 344 -7.60 -19.20 -11.17
C TRP F 344 -6.47 -20.07 -11.69
N ILE F 345 -5.46 -20.35 -10.88
CA ILE F 345 -4.38 -21.26 -11.28
C ILE F 345 -4.88 -22.70 -11.37
N PRO F 346 -4.29 -23.50 -12.28
CA PRO F 346 -4.76 -24.87 -12.50
C PRO F 346 -4.71 -25.75 -11.26
N LEU F 347 -5.51 -26.81 -11.29
CA LEU F 347 -5.42 -27.91 -10.34
C LEU F 347 -5.32 -29.22 -11.12
N ALA F 348 -4.22 -29.96 -10.91
CA ALA F 348 -3.92 -31.14 -11.71
C ALA F 348 -4.94 -32.26 -11.54
N TRP F 349 -5.61 -32.32 -10.39
CA TRP F 349 -6.63 -33.35 -10.16
C TRP F 349 -7.91 -33.12 -10.97
N LYS F 350 -8.09 -31.94 -11.55
CA LYS F 350 -9.18 -31.66 -12.47
C LYS F 350 -8.85 -32.00 -13.93
N TRP F 351 -7.66 -32.54 -14.20
CA TRP F 351 -7.23 -32.88 -15.57
C TRP F 351 -7.15 -34.40 -15.74
N HIS F 352 -8.30 -35.00 -16.01
CA HIS F 352 -8.45 -36.45 -16.17
C HIS F 352 -7.95 -36.87 -17.56
N LEU F 353 -6.76 -37.46 -17.61
CA LEU F 353 -6.23 -38.01 -18.86
C LEU F 353 -7.10 -39.17 -19.34
N LEU F 354 -7.54 -39.09 -20.59
CA LEU F 354 -8.35 -40.15 -21.19
C LEU F 354 -7.46 -41.27 -21.74
N SER F 355 -7.98 -42.50 -21.65
CA SER F 355 -7.48 -43.61 -22.43
C SER F 355 -7.80 -43.43 -23.92
N GLU F 356 -7.17 -44.26 -24.75
CA GLU F 356 -7.53 -44.30 -26.17
C GLU F 356 -8.99 -44.67 -26.38
N LEU F 357 -9.53 -45.58 -25.57
CA LEU F 357 -10.94 -45.95 -25.67
C LEU F 357 -11.85 -44.74 -25.41
N GLU F 358 -11.51 -43.93 -24.42
CA GLU F 358 -12.26 -42.71 -24.15
C GLU F 358 -11.97 -41.58 -25.13
N ALA F 359 -10.73 -41.49 -25.63
CA ALA F 359 -10.35 -40.38 -26.50
C ALA F 359 -10.84 -40.56 -27.94
N ALA F 360 -10.99 -41.80 -28.41
CA ALA F 360 -11.29 -42.09 -29.81
C ALA F 360 -12.48 -41.34 -30.42
N PRO F 361 -13.51 -40.96 -29.66
CA PRO F 361 -14.56 -40.13 -30.26
C PRO F 361 -14.12 -38.70 -30.60
N TYR F 362 -13.16 -38.14 -29.85
CA TYR F 362 -12.81 -36.73 -29.99
C TYR F 362 -11.80 -36.46 -31.09
N LEU F 363 -10.99 -37.42 -31.48
CA LEU F 363 -9.91 -37.17 -32.43
C LEU F 363 -10.47 -36.77 -33.79
N PRO F 364 -9.98 -35.68 -34.39
CA PRO F 364 -10.36 -35.36 -35.77
C PRO F 364 -10.07 -36.51 -36.72
N GLN F 365 -11.03 -36.80 -37.59
CA GLN F 365 -11.20 -38.14 -38.15
C GLN F 365 -10.20 -38.49 -39.24
N GLU F 366 -9.53 -37.52 -39.86
CA GLU F 366 -8.53 -37.85 -40.87
C GLU F 366 -7.19 -38.14 -40.21
N GLU F 367 -6.71 -39.38 -40.37
CA GLU F 367 -5.47 -39.81 -39.74
C GLU F 367 -4.22 -39.32 -40.46
N LYS F 368 -4.32 -39.01 -41.75
CA LYS F 368 -3.16 -38.61 -42.54
C LYS F 368 -3.50 -37.41 -43.40
N SER F 369 -2.56 -36.48 -43.53
CA SER F 369 -2.77 -35.27 -44.30
C SER F 369 -3.08 -35.61 -45.76
N PRO F 370 -3.64 -34.65 -46.50
CA PRO F 370 -3.47 -34.69 -47.97
C PRO F 370 -2.00 -34.73 -48.34
N LEU F 371 -1.71 -35.28 -49.51
CA LEU F 371 -0.36 -35.21 -50.04
C LEU F 371 -0.02 -33.76 -50.37
N PHE F 372 1.17 -33.33 -49.98
CA PHE F 372 1.61 -31.96 -50.25
C PHE F 372 3.08 -31.95 -50.65
N SER F 373 3.50 -30.79 -51.16
CA SER F 373 4.86 -30.56 -51.61
C SER F 373 5.16 -29.09 -51.41
N VAL F 374 6.45 -28.75 -51.31
CA VAL F 374 6.88 -27.38 -51.10
C VAL F 374 7.95 -27.02 -52.13
N GLN F 375 7.76 -25.88 -52.79
CA GLN F 375 8.80 -25.23 -53.58
C GLN F 375 9.17 -23.91 -52.93
N ARG F 376 10.45 -23.70 -52.69
CA ARG F 376 10.96 -22.48 -52.08
C ARG F 376 11.69 -21.65 -53.13
N GLU F 377 11.34 -20.38 -53.21
CA GLU F 377 11.91 -19.47 -54.21
C GLU F 377 13.43 -19.46 -54.16
N GLY F 378 14.04 -19.72 -55.31
CA GLY F 378 15.48 -19.70 -55.45
C GLY F 378 16.20 -20.96 -55.03
N LEU F 379 15.50 -21.93 -54.46
CA LEU F 379 16.08 -23.23 -54.16
C LEU F 379 15.78 -24.24 -55.26
N PRO F 380 16.49 -25.37 -55.30
CA PRO F 380 16.10 -26.46 -56.19
C PRO F 380 14.69 -26.96 -55.89
N GLU F 381 14.06 -27.53 -56.90
CA GLU F 381 12.75 -28.14 -56.75
C GLU F 381 12.86 -29.43 -55.95
N ASP F 382 11.99 -29.58 -54.94
CA ASP F 382 12.01 -30.76 -54.08
C ASP F 382 11.60 -32.00 -54.85
N GLY F 383 10.45 -31.94 -55.53
CA GLY F 383 9.98 -33.03 -56.36
C GLY F 383 9.38 -34.23 -55.62
N THR F 384 9.59 -34.34 -54.32
CA THR F 384 8.92 -35.38 -53.55
C THR F 384 7.53 -34.91 -53.13
N LEU F 385 6.69 -35.86 -52.76
CA LEU F 385 5.45 -35.56 -52.05
C LEU F 385 5.60 -35.98 -50.59
N TYR F 386 5.32 -35.03 -49.69
CA TYR F 386 5.21 -35.31 -48.27
C TYR F 386 3.79 -35.69 -47.89
N ARG F 387 3.67 -36.50 -46.83
CA ARG F 387 2.39 -36.77 -46.20
C ARG F 387 2.64 -37.20 -44.78
N ILE F 388 2.03 -36.51 -43.82
CA ILE F 388 2.41 -36.63 -42.42
C ILE F 388 1.18 -36.99 -41.58
N ASN F 389 1.43 -37.76 -40.53
CA ASN F 389 0.35 -38.23 -39.66
C ASN F 389 -0.29 -37.08 -38.89
N ARG F 390 -1.55 -37.27 -38.53
CA ARG F 390 -2.21 -36.41 -37.56
C ARG F 390 -1.40 -36.31 -36.28
N PHE F 391 -1.36 -35.10 -35.71
CA PHE F 391 -0.54 -34.78 -34.54
C PHE F 391 0.95 -34.97 -34.80
N SER F 392 1.40 -34.83 -36.05
CA SER F 392 2.81 -34.95 -36.35
C SER F 392 3.23 -33.83 -37.31
N SER F 393 4.54 -33.59 -37.34
CA SER F 393 5.13 -32.41 -37.97
C SER F 393 6.32 -32.82 -38.81
N ILE F 394 6.46 -32.21 -39.99
CA ILE F 394 7.76 -32.22 -40.67
C ILE F 394 8.75 -31.43 -39.84
N THR F 395 10.04 -31.59 -40.13
CA THR F 395 11.06 -30.76 -39.52
C THR F 395 11.21 -29.44 -40.27
N ALA F 396 11.54 -28.38 -39.51
CA ALA F 396 11.75 -27.06 -40.08
C ALA F 396 12.81 -27.11 -41.18
N HIS F 397 12.58 -26.36 -42.25
CA HIS F 397 13.60 -26.20 -43.27
C HIS F 397 14.84 -25.53 -42.67
N PRO F 398 16.03 -26.03 -42.94
CA PRO F 398 17.22 -25.57 -42.19
C PRO F 398 17.52 -24.09 -42.36
N GLU F 399 17.20 -23.50 -43.51
CA GLU F 399 17.53 -22.09 -43.76
C GLU F 399 16.37 -21.15 -43.50
N ARG F 400 15.14 -21.58 -43.81
CA ARG F 400 13.98 -20.70 -43.76
C ARG F 400 13.03 -21.02 -42.61
N TRP F 401 13.26 -22.12 -41.89
CA TRP F 401 12.60 -22.45 -40.63
C TRP F 401 11.08 -22.58 -40.75
N ASP F 402 10.53 -22.60 -41.96
CA ASP F 402 9.11 -22.86 -42.08
C ASP F 402 8.80 -24.28 -41.63
N VAL F 403 7.66 -24.45 -40.97
CA VAL F 403 7.23 -25.75 -40.47
C VAL F 403 5.82 -26.02 -40.97
N SER F 404 5.50 -27.29 -41.20
CA SER F 404 4.14 -27.71 -41.50
C SER F 404 3.76 -28.86 -40.59
N PHE F 405 2.57 -28.77 -39.98
CA PHE F 405 2.08 -29.83 -39.11
C PHE F 405 0.59 -30.01 -39.34
N PHE F 406 0.11 -31.23 -39.12
CA PHE F 406 -1.23 -31.65 -39.53
C PHE F 406 -2.10 -31.90 -38.32
N THR F 407 -3.28 -31.27 -38.32
CA THR F 407 -4.16 -31.25 -37.16
C THR F 407 -5.36 -32.17 -37.31
N GLY F 408 -5.44 -32.94 -38.40
CA GLY F 408 -6.43 -33.98 -38.56
C GLY F 408 -7.80 -33.50 -39.01
N GLY F 409 -8.00 -32.21 -39.17
CA GLY F 409 -9.27 -31.67 -39.58
C GLY F 409 -9.08 -30.25 -40.07
N PRO F 410 -10.10 -29.66 -40.70
CA PRO F 410 -9.93 -28.31 -41.24
C PRO F 410 -9.91 -27.28 -40.12
N LEU F 411 -8.88 -26.43 -40.14
CA LEU F 411 -8.66 -25.51 -39.04
C LEU F 411 -9.72 -24.42 -39.03
N TRP F 412 -10.25 -24.11 -37.86
CA TRP F 412 -11.27 -23.07 -37.73
C TRP F 412 -11.05 -22.10 -36.58
N ALA F 413 -10.09 -22.34 -35.69
CA ALA F 413 -9.66 -21.31 -34.77
C ALA F 413 -8.19 -21.50 -34.44
N LEU F 414 -7.54 -20.39 -34.06
CA LEU F 414 -6.08 -20.34 -33.93
C LEU F 414 -5.68 -19.08 -33.17
N ASP F 415 -4.87 -19.22 -32.12
CA ASP F 415 -4.30 -18.06 -31.45
C ASP F 415 -2.98 -18.45 -30.80
N TRP F 416 -2.09 -17.46 -30.65
CA TRP F 416 -0.83 -17.65 -29.95
C TRP F 416 -1.00 -17.41 -28.45
N CYS F 417 -0.32 -18.21 -27.64
CA CYS F 417 -0.22 -17.92 -26.22
C CYS F 417 0.66 -16.70 -26.02
N PRO F 418 0.20 -15.68 -25.29
CA PRO F 418 0.99 -14.45 -25.13
C PRO F 418 2.05 -14.57 -24.04
N VAL F 419 3.26 -14.95 -24.43
CA VAL F 419 4.39 -14.95 -23.50
C VAL F 419 4.75 -13.52 -23.14
N PRO F 420 5.01 -13.21 -21.87
CA PRO F 420 5.33 -11.83 -21.49
C PRO F 420 6.67 -11.38 -22.06
N GLU F 421 6.91 -10.08 -21.93
CA GLU F 421 7.77 -9.33 -22.85
C GLU F 421 9.23 -9.76 -22.66
N GLY F 422 9.78 -10.38 -23.71
CA GLY F 422 11.15 -10.84 -23.72
C GLY F 422 11.44 -12.09 -22.91
N ALA F 423 10.42 -12.72 -22.33
CA ALA F 423 10.64 -13.83 -21.42
C ALA F 423 11.31 -15.04 -22.07
N GLY F 424 11.36 -15.09 -23.40
CA GLY F 424 12.15 -16.10 -24.07
C GLY F 424 11.61 -17.50 -23.94
N ALA F 425 10.34 -17.65 -23.56
CA ALA F 425 9.78 -18.95 -23.23
C ALA F 425 9.66 -19.83 -24.48
N SER F 426 9.13 -21.02 -24.26
CA SER F 426 8.57 -21.83 -25.34
C SER F 426 7.27 -21.22 -25.86
N GLN F 427 7.08 -21.29 -27.17
CA GLN F 427 5.97 -20.63 -27.84
C GLN F 427 4.93 -21.68 -28.23
N TYR F 428 3.67 -21.41 -27.93
CA TYR F 428 2.58 -22.35 -28.17
C TYR F 428 1.47 -21.68 -28.94
N VAL F 429 0.85 -22.43 -29.86
CA VAL F 429 -0.41 -22.06 -30.49
C VAL F 429 -1.50 -23.01 -30.01
N ALA F 430 -2.63 -22.46 -29.58
CA ALA F 430 -3.84 -23.24 -29.44
C ALA F 430 -4.63 -23.17 -30.75
N LEU F 431 -5.28 -24.27 -31.09
CA LEU F 431 -6.08 -24.31 -32.31
C LEU F 431 -7.20 -25.33 -32.16
N PHE F 432 -8.22 -25.17 -33.00
CA PHE F 432 -9.31 -26.13 -33.11
C PHE F 432 -9.46 -26.50 -34.58
N SER F 433 -9.49 -27.80 -34.87
CA SER F 433 -9.75 -28.31 -36.20
C SER F 433 -11.01 -29.16 -36.19
N SER F 434 -11.94 -28.85 -37.08
CA SER F 434 -13.26 -29.47 -37.06
C SER F 434 -13.16 -30.98 -37.21
N PRO F 435 -14.07 -31.73 -36.60
CA PRO F 435 -13.96 -33.20 -36.63
C PRO F 435 -13.93 -33.81 -38.02
N ASP F 436 -14.56 -33.17 -39.01
CA ASP F 436 -14.75 -33.78 -40.31
C ASP F 436 -14.43 -32.76 -41.40
N MET F 437 -13.73 -33.22 -42.43
CA MET F 437 -13.28 -32.33 -43.50
C MET F 437 -14.42 -31.75 -44.32
N ASN F 438 -15.57 -32.43 -44.38
CA ASN F 438 -16.66 -32.03 -45.26
C ASN F 438 -17.97 -31.73 -44.55
N GLU F 439 -18.12 -32.08 -43.28
CA GLU F 439 -19.25 -31.63 -42.50
C GLU F 439 -19.25 -30.10 -42.39
N THR F 440 -20.45 -29.52 -42.35
CA THR F 440 -20.60 -28.08 -42.29
C THR F 440 -21.85 -27.75 -41.49
N HIS F 441 -21.82 -26.60 -40.81
CA HIS F 441 -22.78 -26.32 -39.74
C HIS F 441 -23.63 -25.09 -40.03
N PRO F 442 -24.96 -25.23 -40.00
CA PRO F 442 -25.82 -24.06 -40.20
C PRO F 442 -25.77 -23.11 -39.00
N LEU F 443 -25.68 -21.81 -39.30
CA LEU F 443 -25.47 -20.82 -38.25
C LEU F 443 -26.62 -20.80 -37.24
N SER F 444 -27.86 -20.96 -37.70
CA SER F 444 -29.00 -20.78 -36.81
C SER F 444 -29.14 -21.88 -35.76
N GLN F 445 -28.43 -23.00 -35.88
CA GLN F 445 -28.64 -24.15 -35.01
C GLN F 445 -27.48 -24.29 -34.03
N LEU F 446 -27.79 -24.52 -32.76
CA LEU F 446 -26.78 -24.94 -31.79
C LEU F 446 -26.33 -26.36 -32.08
N HIS F 447 -25.02 -26.59 -32.09
CA HIS F 447 -24.48 -27.88 -32.51
C HIS F 447 -24.17 -28.79 -31.33
N SER F 448 -23.33 -28.34 -30.40
CA SER F 448 -23.08 -29.01 -29.13
C SER F 448 -22.47 -30.41 -29.28
N GLY F 449 -21.95 -30.77 -30.45
CA GLY F 449 -21.27 -32.03 -30.61
C GLY F 449 -19.95 -32.10 -29.85
N PRO F 450 -19.26 -33.23 -30.02
CA PRO F 450 -17.89 -33.38 -29.50
C PRO F 450 -16.83 -32.78 -30.41
N GLY F 451 -15.82 -32.17 -29.80
CA GLY F 451 -14.69 -31.64 -30.56
C GLY F 451 -13.48 -31.47 -29.66
N LEU F 452 -12.32 -31.38 -30.30
CA LEU F 452 -11.03 -31.36 -29.62
C LEU F 452 -10.34 -30.01 -29.79
N LEU F 453 -10.10 -29.32 -28.68
CA LEU F 453 -9.10 -28.27 -28.64
C LEU F 453 -7.69 -28.87 -28.66
N GLN F 454 -6.81 -28.34 -29.50
CA GLN F 454 -5.43 -28.78 -29.58
C GLN F 454 -4.51 -27.64 -29.16
N LEU F 455 -3.53 -27.95 -28.31
CA LEU F 455 -2.41 -27.06 -28.01
C LEU F 455 -1.15 -27.62 -28.66
N TRP F 456 -0.47 -26.80 -29.46
CA TRP F 456 0.76 -27.18 -30.13
C TRP F 456 1.91 -26.31 -29.68
N GLY F 457 3.00 -26.94 -29.22
CA GLY F 457 4.22 -26.22 -28.90
C GLY F 457 5.17 -26.13 -30.08
N LEU F 458 5.77 -24.96 -30.25
CA LEU F 458 6.58 -24.67 -31.42
C LEU F 458 8.07 -24.49 -31.08
N GLY F 459 8.48 -24.83 -29.87
CA GLY F 459 9.77 -24.45 -29.37
C GLY F 459 9.83 -22.99 -28.95
N THR F 460 11.06 -22.51 -28.73
CA THR F 460 11.25 -21.13 -28.33
C THR F 460 11.41 -20.18 -29.50
N LEU F 461 11.67 -20.70 -30.70
CA LEU F 461 11.82 -19.90 -31.92
C LEU F 461 12.96 -18.89 -31.86
N GLN F 462 13.94 -19.10 -30.98
CA GLN F 462 15.21 -18.40 -31.16
C GLN F 462 15.98 -18.98 -32.35
N GLN F 463 16.85 -18.15 -32.94
CA GLN F 463 17.70 -18.61 -34.04
C GLN F 463 18.50 -19.84 -33.64
N GLU F 464 18.95 -19.91 -32.39
CA GLU F 464 19.64 -21.08 -31.88
C GLU F 464 18.75 -22.31 -31.84
N SER F 465 17.44 -22.17 -31.98
CA SER F 465 16.48 -23.26 -31.87
C SER F 465 15.79 -23.63 -33.18
N CYS F 466 15.62 -22.69 -34.09
CA CYS F 466 14.75 -22.88 -35.25
C CYS F 466 15.24 -23.92 -36.25
N PRO F 467 16.52 -23.97 -36.61
CA PRO F 467 16.98 -25.07 -37.49
C PRO F 467 16.79 -26.41 -36.79
N GLY F 468 16.05 -27.29 -37.45
CA GLY F 468 15.70 -28.58 -36.87
C GLY F 468 14.55 -28.54 -35.88
N ASN F 469 13.82 -27.43 -35.81
CA ASN F 469 12.65 -27.34 -34.95
C ASN F 469 11.50 -28.19 -35.48
N ARG F 470 10.58 -28.52 -34.59
CA ARG F 470 9.36 -29.25 -34.92
C ARG F 470 8.23 -28.73 -34.04
N ALA F 471 7.00 -28.84 -34.54
CA ALA F 471 5.83 -28.63 -33.71
C ALA F 471 5.49 -29.89 -32.93
N HIS F 472 5.35 -29.77 -31.61
CA HIS F 472 4.98 -30.88 -30.75
C HIS F 472 3.55 -30.69 -30.27
N PHE F 473 2.70 -31.67 -30.52
CA PHE F 473 1.36 -31.70 -29.93
C PHE F 473 1.50 -32.02 -28.44
N VAL F 474 1.43 -31.00 -27.60
CA VAL F 474 1.76 -31.20 -26.20
C VAL F 474 0.60 -31.80 -25.42
N TYR F 475 -0.62 -31.32 -25.65
CA TYR F 475 -1.82 -32.00 -25.19
C TYR F 475 -3.04 -31.42 -25.90
N GLY F 476 -4.15 -32.13 -25.79
CA GLY F 476 -5.42 -31.61 -26.25
C GLY F 476 -6.48 -31.74 -25.17
N ILE F 477 -7.47 -30.85 -25.24
CA ILE F 477 -8.62 -30.86 -24.35
C ILE F 477 -9.84 -31.30 -25.13
N ALA F 478 -10.46 -32.39 -24.70
CA ALA F 478 -11.75 -32.80 -25.22
C ALA F 478 -12.83 -31.80 -24.80
N CYS F 479 -13.45 -31.15 -25.78
CA CYS F 479 -14.55 -30.23 -25.55
C CYS F 479 -15.87 -30.90 -25.95
N ASP F 480 -16.84 -30.89 -25.04
CA ASP F 480 -18.15 -31.47 -25.25
C ASP F 480 -19.17 -30.42 -25.71
N ASN F 481 -18.71 -29.41 -26.44
CA ASN F 481 -19.48 -28.19 -26.71
C ASN F 481 -19.50 -27.83 -28.20
N GLY F 482 -19.21 -28.79 -29.06
CA GLY F 482 -19.27 -28.58 -30.50
C GLY F 482 -18.09 -27.81 -31.06
N CYS F 483 -18.31 -27.25 -32.25
CA CYS F 483 -17.32 -26.39 -32.88
C CYS F 483 -16.92 -25.23 -32.00
N ILE F 484 -15.66 -24.84 -32.11
CA ILE F 484 -15.11 -23.65 -31.48
C ILE F 484 -14.84 -22.65 -32.59
N TRP F 485 -15.51 -21.51 -32.55
CA TRP F 485 -15.40 -20.56 -33.65
C TRP F 485 -14.33 -19.50 -33.43
N ASP F 486 -13.92 -19.26 -32.19
CA ASP F 486 -12.87 -18.29 -31.91
C ASP F 486 -12.11 -18.71 -30.66
N LEU F 487 -10.81 -18.41 -30.64
CA LEU F 487 -9.96 -18.59 -29.47
C LEU F 487 -9.28 -17.27 -29.18
N LYS F 488 -9.35 -16.82 -27.94
CA LYS F 488 -8.63 -15.62 -27.50
C LYS F 488 -7.98 -15.89 -26.16
N PHE F 489 -6.65 -15.86 -26.13
CA PHE F 489 -5.91 -15.86 -24.88
C PHE F 489 -6.01 -14.51 -24.18
N CYS F 490 -5.99 -14.54 -22.85
CA CYS F 490 -5.89 -13.32 -22.07
C CYS F 490 -4.62 -12.56 -22.45
N PRO F 491 -4.72 -11.32 -22.90
CA PRO F 491 -3.59 -10.70 -23.60
C PRO F 491 -2.30 -10.64 -22.79
N SER F 492 -2.39 -10.42 -21.48
CA SER F 492 -1.21 -10.45 -20.62
C SER F 492 -1.64 -10.76 -19.20
N GLY F 493 -0.66 -11.15 -18.38
CA GLY F 493 -0.91 -11.39 -16.97
C GLY F 493 -1.45 -12.75 -16.61
N ALA F 494 -1.60 -13.64 -17.57
CA ALA F 494 -2.03 -15.01 -17.29
C ALA F 494 -0.86 -15.98 -17.13
N TRP F 495 0.27 -15.72 -17.77
CA TRP F 495 1.40 -16.63 -17.79
C TRP F 495 2.31 -16.43 -16.59
N GLU F 496 2.95 -17.52 -16.16
CA GLU F 496 4.04 -17.47 -15.18
C GLU F 496 5.11 -18.48 -15.55
N LEU F 497 6.30 -18.27 -15.00
CA LEU F 497 7.47 -19.07 -15.36
C LEU F 497 7.20 -20.57 -15.16
N PRO F 498 7.70 -21.42 -16.06
CA PRO F 498 7.39 -22.85 -15.98
C PRO F 498 7.91 -23.54 -14.74
N GLY F 499 9.01 -23.05 -14.17
CA GLY F 499 9.55 -23.61 -12.94
C GLY F 499 9.14 -22.94 -11.66
N THR F 500 8.05 -22.17 -11.70
CA THR F 500 7.58 -21.48 -10.51
C THR F 500 7.28 -22.49 -9.40
N PRO F 501 7.79 -22.29 -8.19
CA PRO F 501 7.49 -23.21 -7.09
C PRO F 501 6.04 -23.09 -6.66
N ARG F 502 5.30 -24.20 -6.77
CA ARG F 502 3.92 -24.26 -6.35
C ARG F 502 3.62 -25.64 -5.78
N LYS F 503 2.66 -25.68 -4.86
CA LYS F 503 2.21 -26.94 -4.28
C LYS F 503 1.77 -27.91 -5.39
N ALA F 504 1.99 -29.20 -5.14
CA ALA F 504 1.94 -30.19 -6.21
C ALA F 504 0.70 -30.14 -7.08
N PRO F 505 -0.51 -29.90 -6.57
CA PRO F 505 -1.67 -29.81 -7.47
C PRO F 505 -1.68 -28.54 -8.32
N LEU F 506 -1.10 -27.45 -7.83
CA LEU F 506 -1.24 -26.14 -8.45
C LEU F 506 -0.21 -25.95 -9.57
N LEU F 507 -0.46 -26.64 -10.68
CA LEU F 507 0.46 -26.59 -11.81
C LEU F 507 0.64 -25.15 -12.27
N PRO F 508 1.86 -24.73 -12.61
CA PRO F 508 2.07 -23.36 -13.08
C PRO F 508 1.26 -23.04 -14.33
N ARG F 509 0.71 -21.82 -14.36
CA ARG F 509 -0.29 -21.44 -15.35
C ARG F 509 0.38 -21.00 -16.65
N LEU F 510 -0.06 -21.61 -17.76
CA LEU F 510 0.41 -21.22 -19.09
C LEU F 510 -0.38 -20.05 -19.66
N GLY F 511 -1.66 -19.92 -19.32
CA GLY F 511 -2.45 -18.83 -19.84
C GLY F 511 -3.91 -19.02 -19.48
N LEU F 512 -4.72 -18.08 -19.95
CA LEU F 512 -6.17 -18.17 -19.90
C LEU F 512 -6.74 -18.15 -21.31
N LEU F 513 -7.55 -19.16 -21.65
CA LEU F 513 -8.08 -19.36 -22.99
C LEU F 513 -9.60 -19.33 -22.94
N ALA F 514 -10.20 -18.44 -23.73
CA ALA F 514 -11.65 -18.39 -23.90
C ALA F 514 -12.06 -19.03 -25.22
N LEU F 515 -13.08 -19.88 -25.17
CA LEU F 515 -13.56 -20.62 -26.34
C LEU F 515 -14.97 -20.17 -26.70
N ALA F 516 -15.15 -19.69 -27.93
CA ALA F 516 -16.46 -19.33 -28.46
C ALA F 516 -17.09 -20.58 -29.05
N CYS F 517 -17.92 -21.26 -28.27
CA CYS F 517 -18.50 -22.53 -28.67
C CYS F 517 -19.75 -22.34 -29.52
N SER F 518 -19.89 -23.20 -30.53
CA SER F 518 -21.15 -23.39 -31.23
C SER F 518 -22.30 -23.83 -30.35
N ASP F 519 -22.03 -24.29 -29.13
CA ASP F 519 -23.09 -24.48 -28.13
C ASP F 519 -23.67 -23.17 -27.62
N GLY F 520 -23.14 -22.02 -28.04
CA GLY F 520 -23.70 -20.75 -27.62
C GLY F 520 -23.22 -20.26 -26.27
N LYS F 521 -22.11 -20.78 -25.76
CA LYS F 521 -21.57 -20.36 -24.48
C LYS F 521 -20.06 -20.27 -24.60
N VAL F 522 -19.46 -19.51 -23.69
CA VAL F 522 -18.01 -19.30 -23.67
C VAL F 522 -17.40 -20.07 -22.51
N LEU F 523 -16.40 -20.88 -22.81
CA LEU F 523 -15.67 -21.65 -21.81
C LEU F 523 -14.34 -20.95 -21.55
N LEU F 524 -13.97 -20.83 -20.28
CA LEU F 524 -12.69 -20.26 -19.89
C LEU F 524 -11.83 -21.31 -19.22
N PHE F 525 -10.69 -21.62 -19.84
CA PHE F 525 -9.70 -22.53 -19.28
C PHE F 525 -8.46 -21.75 -18.88
N SER F 526 -7.90 -22.06 -17.71
CA SER F 526 -6.52 -21.73 -17.39
C SER F 526 -5.64 -22.93 -17.66
N LEU F 527 -4.61 -22.74 -18.48
CA LEU F 527 -3.82 -23.87 -18.97
C LEU F 527 -2.59 -24.09 -18.09
N PRO F 528 -2.26 -25.34 -17.80
CA PRO F 528 -0.97 -25.65 -17.19
C PRO F 528 0.13 -25.75 -18.24
N HIS F 529 1.35 -25.55 -17.79
CA HIS F 529 2.50 -25.93 -18.59
C HIS F 529 2.50 -27.44 -18.81
N PRO F 530 2.92 -27.91 -20.00
CA PRO F 530 2.84 -29.34 -20.30
C PRO F 530 3.63 -30.23 -19.34
N GLU F 531 4.87 -29.85 -19.03
CA GLU F 531 5.72 -30.66 -18.16
C GLU F 531 5.17 -30.75 -16.74
N ALA F 532 4.42 -29.75 -16.30
CA ALA F 532 3.77 -29.82 -15.00
C ALA F 532 2.69 -30.90 -14.96
N LEU F 533 1.97 -31.10 -16.06
CA LEU F 533 1.05 -32.24 -16.14
C LEU F 533 1.79 -33.57 -16.07
N LEU F 534 2.81 -33.76 -16.92
CA LEU F 534 3.53 -35.03 -16.94
C LEU F 534 4.16 -35.35 -15.60
N ALA F 535 4.54 -34.34 -14.81
CA ALA F 535 5.06 -34.59 -13.47
C ALA F 535 3.98 -35.16 -12.55
N GLN F 536 2.72 -34.82 -12.78
CA GLN F 536 1.62 -35.40 -12.02
C GLN F 536 1.08 -36.66 -12.69
N GLN F 537 1.05 -36.67 -14.02
CA GLN F 537 0.49 -37.77 -14.78
C GLN F 537 1.28 -39.07 -14.56
N PRO F 538 0.60 -40.21 -14.49
CA PRO F 538 1.31 -41.50 -14.53
C PRO F 538 2.09 -41.68 -15.82
N PRO F 539 3.28 -42.29 -15.76
CA PRO F 539 4.13 -42.38 -16.95
C PRO F 539 3.65 -43.36 -18.01
N ASP F 540 2.66 -44.22 -17.72
CA ASP F 540 2.16 -45.18 -18.69
C ASP F 540 1.12 -44.59 -19.63
N ALA F 541 1.17 -43.28 -19.84
CA ALA F 541 0.14 -42.56 -20.58
C ALA F 541 0.12 -42.91 -22.07
N VAL F 542 -1.01 -42.59 -22.69
CA VAL F 542 -1.15 -42.67 -24.14
C VAL F 542 -0.23 -41.65 -24.81
N LYS F 543 0.17 -41.96 -26.05
CA LYS F 543 1.05 -41.04 -26.78
C LYS F 543 0.37 -39.72 -27.10
N PRO F 544 -0.78 -39.66 -27.80
CA PRO F 544 -1.60 -38.44 -27.72
C PRO F 544 -2.11 -38.20 -26.31
N ALA F 545 -1.69 -37.06 -25.73
CA ALA F 545 -2.08 -36.67 -24.38
C ALA F 545 -3.41 -35.91 -24.44
N ILE F 546 -4.50 -36.67 -24.50
CA ILE F 546 -5.85 -36.09 -24.60
C ILE F 546 -6.44 -36.04 -23.21
N TYR F 547 -6.99 -34.88 -22.83
CA TYR F 547 -7.56 -34.69 -21.52
C TYR F 547 -9.03 -34.32 -21.63
N LYS F 548 -9.80 -34.70 -20.62
CA LYS F 548 -11.08 -34.08 -20.30
C LYS F 548 -10.90 -33.17 -19.09
N VAL F 549 -11.37 -31.94 -19.19
CA VAL F 549 -10.93 -30.87 -18.30
C VAL F 549 -12.12 -30.08 -17.81
N GLN F 550 -12.12 -29.72 -16.53
CA GLN F 550 -13.13 -28.82 -15.99
C GLN F 550 -12.79 -27.38 -16.34
N CYS F 551 -13.83 -26.61 -16.64
CA CYS F 551 -13.66 -25.18 -16.88
C CYS F 551 -13.28 -24.45 -15.59
N VAL F 552 -12.55 -23.35 -15.75
CA VAL F 552 -12.49 -22.34 -14.70
C VAL F 552 -13.85 -21.68 -14.53
N ALA F 553 -14.44 -21.25 -15.65
CA ALA F 553 -15.81 -20.78 -15.68
C ALA F 553 -16.41 -21.18 -17.03
N THR F 554 -17.72 -21.40 -17.04
CA THR F 554 -18.50 -21.32 -18.27
C THR F 554 -19.27 -20.02 -18.26
N LEU F 555 -19.04 -19.21 -19.29
CA LEU F 555 -19.71 -17.93 -19.47
C LEU F 555 -20.91 -18.13 -20.40
N GLN F 556 -22.07 -17.64 -19.97
CA GLN F 556 -23.28 -17.81 -20.77
C GLN F 556 -24.22 -16.65 -20.49
N VAL F 557 -25.20 -16.49 -21.38
CA VAL F 557 -26.13 -15.38 -21.36
C VAL F 557 -27.46 -15.82 -20.78
N GLY F 558 -27.96 -15.07 -19.81
CA GLY F 558 -29.12 -15.50 -19.05
C GLY F 558 -29.23 -14.70 -17.76
N SER F 559 -30.03 -15.23 -16.84
CA SER F 559 -30.21 -14.65 -15.52
C SER F 559 -30.43 -15.77 -14.51
N MET F 560 -30.19 -15.45 -13.25
CA MET F 560 -30.58 -16.37 -12.18
C MET F 560 -32.06 -16.69 -12.28
N GLN F 561 -32.38 -17.98 -12.20
CA GLN F 561 -33.74 -18.49 -12.40
C GLN F 561 -34.36 -18.12 -13.74
N ALA F 562 -33.56 -17.75 -14.74
CA ALA F 562 -34.12 -17.49 -16.06
C ALA F 562 -34.78 -18.75 -16.60
N THR F 563 -36.07 -18.65 -16.91
CA THR F 563 -36.84 -19.83 -17.30
C THR F 563 -36.61 -20.25 -18.74
N ASP F 564 -36.39 -19.30 -19.65
CA ASP F 564 -36.33 -19.58 -21.08
C ASP F 564 -34.91 -19.41 -21.58
N PRO F 565 -34.29 -20.44 -22.16
CA PRO F 565 -32.95 -20.27 -22.73
C PRO F 565 -32.93 -19.19 -23.79
N SER F 566 -31.88 -18.37 -23.77
CA SER F 566 -31.85 -17.16 -24.57
C SER F 566 -31.87 -17.47 -26.06
N GLU F 567 -32.41 -16.53 -26.84
CA GLU F 567 -32.44 -16.59 -28.30
C GLU F 567 -31.08 -16.35 -28.93
N CYS F 568 -30.05 -16.07 -28.13
CA CYS F 568 -28.78 -15.57 -28.65
C CYS F 568 -28.15 -16.51 -29.67
N GLY F 569 -28.40 -17.81 -29.57
CA GLY F 569 -27.82 -18.73 -30.53
C GLY F 569 -26.33 -18.92 -30.34
N GLN F 570 -25.66 -19.27 -31.44
CA GLN F 570 -24.23 -19.54 -31.41
C GLN F 570 -23.42 -18.31 -30.98
N CYS F 571 -22.33 -18.56 -30.25
CA CYS F 571 -21.34 -17.54 -29.95
C CYS F 571 -20.30 -17.50 -31.07
N LEU F 572 -20.17 -16.35 -31.72
CA LEU F 572 -19.45 -16.27 -32.98
C LEU F 572 -18.11 -15.54 -32.90
N SER F 573 -17.86 -14.78 -31.84
CA SER F 573 -16.65 -13.96 -31.77
C SER F 573 -16.36 -13.59 -30.33
N LEU F 574 -15.10 -13.21 -30.08
CA LEU F 574 -14.65 -12.85 -28.74
C LEU F 574 -13.72 -11.65 -28.82
N ALA F 575 -13.63 -10.91 -27.72
CA ALA F 575 -12.51 -10.00 -27.49
C ALA F 575 -12.32 -9.82 -25.99
N TRP F 576 -11.09 -9.97 -25.52
CA TRP F 576 -10.73 -9.55 -24.18
C TRP F 576 -10.55 -8.04 -24.12
N MET F 577 -10.82 -7.46 -22.95
CA MET F 577 -10.51 -6.07 -22.70
C MET F 577 -9.01 -5.84 -22.86
N PRO F 578 -8.56 -4.96 -23.75
CA PRO F 578 -7.14 -4.94 -24.13
C PRO F 578 -6.22 -4.38 -23.07
N THR F 579 -6.74 -3.82 -21.99
CA THR F 579 -5.94 -3.11 -21.01
C THR F 579 -6.13 -3.72 -19.62
N ARG F 580 -5.07 -3.66 -18.83
CA ARG F 580 -5.02 -4.07 -17.42
C ARG F 580 -6.26 -3.57 -16.68
N PRO F 581 -6.91 -4.41 -15.86
CA PRO F 581 -6.60 -5.80 -15.52
C PRO F 581 -7.24 -6.86 -16.43
N HIS F 582 -7.65 -6.51 -17.65
CA HIS F 582 -8.30 -7.43 -18.59
C HIS F 582 -9.58 -8.04 -18.02
N GLN F 583 -10.31 -7.28 -17.20
CA GLN F 583 -11.36 -7.87 -16.38
C GLN F 583 -12.63 -8.24 -17.15
N HIS F 584 -12.82 -7.75 -18.37
CA HIS F 584 -14.04 -8.01 -19.12
C HIS F 584 -13.78 -8.82 -20.39
N LEU F 585 -14.76 -9.63 -20.75
CA LEU F 585 -14.79 -10.37 -22.01
C LEU F 585 -16.06 -10.04 -22.77
N ALA F 586 -15.94 -9.76 -24.07
CA ALA F 586 -17.06 -9.48 -24.95
C ALA F 586 -17.22 -10.59 -25.98
N ALA F 587 -18.46 -11.01 -26.23
CA ALA F 587 -18.72 -11.96 -27.31
C ALA F 587 -19.87 -11.54 -28.20
N GLY F 588 -19.72 -11.78 -29.49
CA GLY F 588 -20.75 -11.50 -30.48
C GLY F 588 -21.58 -12.73 -30.75
N TYR F 589 -22.90 -12.59 -30.62
CA TYR F 589 -23.80 -13.73 -30.77
C TYR F 589 -24.47 -13.69 -32.14
N TYR F 590 -25.11 -14.81 -32.49
CA TYR F 590 -25.88 -14.89 -33.74
C TYR F 590 -27.11 -14.00 -33.75
N ASN F 591 -27.76 -13.80 -32.60
CA ASN F 591 -28.94 -12.93 -32.58
C ASN F 591 -28.60 -11.46 -32.77
N GLY F 592 -27.33 -11.10 -32.92
CA GLY F 592 -26.94 -9.71 -33.08
C GLY F 592 -26.51 -9.00 -31.82
N MET F 593 -26.54 -9.66 -30.67
CA MET F 593 -26.09 -9.03 -29.43
C MET F 593 -24.58 -9.10 -29.28
N VAL F 594 -24.03 -8.11 -28.59
CA VAL F 594 -22.69 -8.17 -28.01
C VAL F 594 -22.84 -8.21 -26.49
N VAL F 595 -22.15 -9.15 -25.85
CA VAL F 595 -22.43 -9.52 -24.47
C VAL F 595 -21.12 -9.47 -23.67
N PHE F 596 -21.18 -8.87 -22.48
CA PHE F 596 -20.00 -8.62 -21.66
C PHE F 596 -20.14 -9.35 -20.33
N TRP F 597 -19.14 -10.15 -19.97
CA TRP F 597 -19.07 -10.80 -18.67
C TRP F 597 -17.96 -10.19 -17.84
N ASN F 598 -18.26 -9.85 -16.59
CA ASN F 598 -17.29 -9.26 -15.66
C ASN F 598 -16.61 -10.38 -14.89
N LEU F 599 -15.45 -10.81 -15.36
CA LEU F 599 -14.87 -12.07 -14.88
C LEU F 599 -14.56 -12.11 -13.39
N PRO F 600 -14.02 -11.07 -12.75
CA PRO F 600 -13.83 -11.09 -11.29
C PRO F 600 -15.10 -11.00 -10.45
N THR F 601 -16.29 -10.98 -11.05
CA THR F 601 -17.48 -10.56 -10.31
C THR F 601 -17.78 -11.46 -9.12
N ASN F 602 -17.87 -10.84 -7.94
CA ASN F 602 -18.27 -11.54 -6.73
C ASN F 602 -19.79 -11.67 -6.62
N SER F 603 -20.53 -10.79 -7.28
CA SER F 603 -21.94 -10.57 -6.97
C SER F 603 -22.75 -11.84 -7.14
N PRO F 604 -23.65 -12.14 -6.19
CA PRO F 604 -24.52 -13.32 -6.32
C PRO F 604 -25.44 -13.29 -7.53
N LEU F 605 -25.56 -12.16 -8.20
CA LEU F 605 -26.43 -12.02 -9.37
C LEU F 605 -25.74 -12.42 -10.66
N GLN F 606 -24.41 -12.38 -10.71
CA GLN F 606 -23.67 -12.81 -11.88
C GLN F 606 -22.94 -14.12 -11.68
N ARG F 607 -22.51 -14.44 -10.46
CA ARG F 607 -21.69 -15.60 -10.18
C ARG F 607 -22.50 -16.64 -9.42
N ILE F 608 -22.45 -17.88 -9.89
CA ILE F 608 -22.89 -19.04 -9.13
C ILE F 608 -21.93 -20.20 -9.44
N ARG F 609 -21.80 -21.11 -8.49
CA ARG F 609 -20.87 -22.24 -8.63
C ARG F 609 -21.62 -23.54 -8.89
N LEU F 610 -21.21 -24.24 -9.94
CA LEU F 610 -21.74 -25.56 -10.26
C LEU F 610 -21.19 -26.60 -9.29
N SER F 611 -21.89 -27.75 -9.23
CA SER F 611 -21.54 -28.78 -8.26
C SER F 611 -20.11 -29.29 -8.46
N ASP F 612 -19.57 -29.21 -9.68
CA ASP F 612 -18.18 -29.60 -9.89
C ASP F 612 -17.19 -28.56 -9.37
N GLY F 613 -17.63 -27.32 -9.16
CA GLY F 613 -16.76 -26.24 -8.70
C GLY F 613 -16.46 -25.19 -9.73
N SER F 614 -16.88 -25.36 -10.99
CA SER F 614 -16.70 -24.32 -11.97
C SER F 614 -17.73 -23.22 -11.78
N LEU F 615 -17.35 -22.00 -12.15
CA LEU F 615 -18.29 -20.89 -12.08
C LEU F 615 -19.16 -20.85 -13.32
N LYS F 616 -20.42 -20.48 -13.15
CA LYS F 616 -21.27 -20.02 -14.23
C LYS F 616 -21.43 -18.51 -14.07
N LEU F 617 -21.03 -17.77 -15.09
CA LEU F 617 -21.12 -16.31 -15.08
C LEU F 617 -22.16 -15.86 -16.09
N TYR F 618 -23.12 -15.10 -15.63
CA TYR F 618 -24.06 -14.37 -16.46
C TYR F 618 -23.54 -12.97 -16.71
N PRO F 619 -23.94 -12.33 -17.81
CA PRO F 619 -23.37 -11.03 -18.16
C PRO F 619 -23.94 -9.89 -17.34
N PHE F 620 -23.20 -8.79 -17.33
CA PHE F 620 -23.69 -7.56 -16.71
C PHE F 620 -24.29 -6.59 -17.72
N GLN F 621 -23.87 -6.66 -18.98
CA GLN F 621 -24.34 -5.73 -20.00
C GLN F 621 -24.48 -6.45 -21.32
N CYS F 622 -25.60 -6.22 -22.01
CA CYS F 622 -25.80 -6.63 -23.39
C CYS F 622 -26.40 -5.45 -24.15
N PHE F 623 -26.00 -5.27 -25.41
CA PHE F 623 -26.73 -4.38 -26.30
C PHE F 623 -26.89 -5.04 -27.66
N LEU F 624 -28.04 -4.79 -28.28
CA LEU F 624 -28.32 -5.29 -29.62
C LEU F 624 -27.51 -4.50 -30.65
N ALA F 625 -26.31 -4.95 -30.96
CA ALA F 625 -25.43 -4.19 -31.84
C ALA F 625 -25.81 -4.30 -33.30
N HIS F 626 -26.26 -5.47 -33.76
CA HIS F 626 -26.45 -5.70 -35.17
C HIS F 626 -27.82 -6.31 -35.45
N ASP F 627 -28.27 -6.10 -36.68
CA ASP F 627 -29.49 -6.70 -37.21
C ASP F 627 -29.32 -8.17 -37.57
N GLN F 628 -28.09 -8.68 -37.55
CA GLN F 628 -27.81 -10.06 -37.91
C GLN F 628 -26.54 -10.47 -37.15
N ALA F 629 -26.03 -11.67 -37.45
CA ALA F 629 -24.93 -12.24 -36.69
C ALA F 629 -23.75 -11.28 -36.56
N VAL F 630 -23.20 -11.21 -35.36
CA VAL F 630 -22.00 -10.40 -35.07
C VAL F 630 -20.80 -11.31 -35.32
N ARG F 631 -20.36 -11.37 -36.59
CA ARG F 631 -19.25 -12.24 -36.94
C ARG F 631 -17.91 -11.80 -36.36
N THR F 632 -17.77 -10.58 -35.87
CA THR F 632 -16.46 -10.09 -35.46
C THR F 632 -16.58 -9.09 -34.32
N LEU F 633 -15.50 -8.99 -33.55
CA LEU F 633 -15.26 -7.89 -32.62
C LEU F 633 -13.79 -7.52 -32.70
N GLN F 634 -13.51 -6.23 -32.52
CA GLN F 634 -12.20 -5.79 -32.05
C GLN F 634 -12.41 -4.74 -30.98
N TRP F 635 -11.66 -4.84 -29.90
CA TRP F 635 -11.73 -3.88 -28.81
C TRP F 635 -10.55 -2.92 -28.92
N CYS F 636 -10.82 -1.63 -28.74
CA CYS F 636 -9.78 -0.63 -28.94
C CYS F 636 -8.69 -0.76 -27.89
N LYS F 637 -7.45 -0.91 -28.34
CA LYS F 637 -6.32 -0.98 -27.41
C LYS F 637 -6.03 0.37 -26.77
N ALA F 638 -6.03 1.43 -27.56
CA ALA F 638 -5.64 2.76 -27.08
C ALA F 638 -6.60 3.33 -26.05
N ASN F 639 -7.90 3.02 -26.15
CA ASN F 639 -8.84 3.40 -25.10
C ASN F 639 -9.97 2.39 -25.10
N SER F 640 -10.05 1.60 -24.03
CA SER F 640 -10.98 0.48 -23.92
C SER F 640 -12.41 0.89 -23.62
N HIS F 641 -12.74 2.18 -23.62
CA HIS F 641 -14.15 2.56 -23.71
C HIS F 641 -14.73 2.41 -25.11
N PHE F 642 -13.90 2.18 -26.11
CA PHE F 642 -14.35 2.10 -27.49
C PHE F 642 -14.15 0.70 -28.05
N LEU F 643 -15.07 0.29 -28.91
CA LEU F 643 -15.10 -1.05 -29.48
C LEU F 643 -15.60 -0.93 -30.92
N VAL F 644 -15.23 -1.90 -31.74
CA VAL F 644 -15.78 -2.01 -33.08
C VAL F 644 -16.38 -3.41 -33.27
N SER F 645 -17.40 -3.48 -34.11
CA SER F 645 -18.06 -4.74 -34.44
C SER F 645 -18.48 -4.69 -35.90
N ALA F 646 -18.42 -5.85 -36.56
CA ALA F 646 -18.90 -5.96 -37.93
C ALA F 646 -19.71 -7.24 -38.06
N GLY F 647 -20.88 -7.11 -38.70
CA GLY F 647 -21.87 -8.17 -38.72
C GLY F 647 -22.27 -8.57 -40.13
N SER F 648 -23.04 -9.64 -40.21
CA SER F 648 -23.55 -10.11 -41.49
C SER F 648 -24.59 -9.18 -42.09
N ASP F 649 -25.03 -8.16 -41.37
CA ASP F 649 -25.79 -7.07 -41.99
C ASP F 649 -24.90 -6.14 -42.79
N ARG F 650 -23.61 -6.46 -42.91
CA ARG F 650 -22.62 -5.75 -43.72
C ARG F 650 -22.52 -4.26 -43.38
N LYS F 651 -22.82 -3.92 -42.14
CA LYS F 651 -22.41 -2.65 -41.54
C LYS F 651 -21.24 -2.92 -40.61
N ILE F 652 -20.22 -2.07 -40.66
CA ILE F 652 -19.32 -1.89 -39.52
C ILE F 652 -19.92 -0.85 -38.60
N LYS F 653 -19.85 -1.11 -37.28
CA LYS F 653 -20.26 -0.14 -36.28
C LYS F 653 -19.14 0.04 -35.28
N PHE F 654 -18.66 1.28 -35.12
CA PHE F 654 -17.83 1.64 -33.98
C PHE F 654 -18.73 1.97 -32.79
N TRP F 655 -18.32 1.54 -31.59
CA TRP F 655 -19.14 1.71 -30.41
C TRP F 655 -18.38 2.48 -29.34
N ASP F 656 -19.12 3.23 -28.53
CA ASP F 656 -18.65 3.77 -27.26
C ASP F 656 -19.38 3.02 -26.15
N LEU F 657 -18.64 2.23 -25.38
CA LEU F 657 -19.27 1.33 -24.42
C LEU F 657 -19.92 2.06 -23.25
N ARG F 658 -19.63 3.34 -23.05
CA ARG F 658 -20.37 4.12 -22.07
C ARG F 658 -21.75 4.52 -22.57
N ARG F 659 -21.93 4.56 -23.89
CA ARG F 659 -23.13 5.09 -24.53
C ARG F 659 -23.53 4.17 -25.67
N PRO F 660 -24.05 2.98 -25.35
CA PRO F 660 -24.25 1.94 -26.36
C PRO F 660 -25.51 2.12 -27.19
N TYR F 661 -26.32 3.14 -26.91
CA TYR F 661 -27.59 3.33 -27.59
C TYR F 661 -27.41 3.75 -29.05
N GLU F 662 -26.28 4.33 -29.42
CA GLU F 662 -25.98 4.55 -30.83
C GLU F 662 -24.49 4.40 -31.07
N PRO F 663 -24.10 3.92 -32.24
CA PRO F 663 -22.67 3.81 -32.57
C PRO F 663 -22.03 5.17 -32.77
N ILE F 664 -20.72 5.21 -32.57
CA ILE F 664 -19.95 6.39 -32.97
C ILE F 664 -20.11 6.64 -34.46
N ASN F 665 -20.08 5.58 -35.26
CA ASN F 665 -20.10 5.70 -36.72
C ASN F 665 -20.45 4.35 -37.31
N SER F 666 -21.58 4.27 -38.02
CA SER F 666 -21.91 3.13 -38.84
C SER F 666 -21.49 3.41 -40.28
N ILE F 667 -20.66 2.54 -40.84
CA ILE F 667 -20.28 2.63 -42.24
C ILE F 667 -20.73 1.35 -42.94
N LYS F 668 -21.66 1.49 -43.87
CA LYS F 668 -22.16 0.36 -44.64
C LYS F 668 -21.15 -0.05 -45.70
N ARG F 669 -20.98 -1.35 -45.87
CA ARG F 669 -19.86 -1.90 -46.60
C ARG F 669 -20.32 -3.19 -47.27
N PHE F 670 -19.37 -3.89 -47.88
CA PHE F 670 -19.60 -5.26 -48.32
C PHE F 670 -19.57 -6.20 -47.13
N LEU F 671 -20.09 -7.41 -47.34
CA LEU F 671 -20.13 -8.40 -46.27
C LEU F 671 -18.72 -8.66 -45.76
N SER F 672 -18.56 -8.65 -44.44
CA SER F 672 -17.24 -8.66 -43.83
C SER F 672 -17.06 -9.83 -42.88
N THR F 673 -15.81 -10.32 -42.82
CA THR F 673 -15.51 -11.60 -42.18
C THR F 673 -14.57 -11.47 -40.99
N GLU F 674 -13.62 -10.53 -41.00
CA GLU F 674 -12.76 -10.29 -39.85
C GLU F 674 -12.29 -8.84 -39.86
N LEU F 675 -12.00 -8.32 -38.67
CA LEU F 675 -11.48 -6.96 -38.50
C LEU F 675 -10.13 -7.00 -37.80
N ALA F 676 -9.29 -6.02 -38.13
CA ALA F 676 -8.08 -5.73 -37.38
C ALA F 676 -8.07 -4.25 -37.00
N TRP F 677 -7.78 -3.96 -35.73
CA TRP F 677 -7.65 -2.59 -35.24
C TRP F 677 -6.27 -2.45 -34.60
N LEU F 678 -5.27 -2.19 -35.44
CA LEU F 678 -3.91 -2.01 -34.96
C LEU F 678 -3.83 -0.80 -34.02
N LEU F 679 -3.06 -0.97 -32.94
CA LEU F 679 -2.87 0.07 -31.92
C LEU F 679 -2.63 1.48 -32.46
N PRO F 680 -1.68 1.73 -33.37
CA PRO F 680 -1.32 3.11 -33.69
C PRO F 680 -2.35 3.87 -34.50
N TYR F 681 -3.32 3.21 -35.11
CA TYR F 681 -4.14 3.82 -36.16
C TYR F 681 -5.59 3.95 -35.71
N ASN F 682 -6.21 5.06 -36.10
CA ASN F 682 -7.56 5.40 -35.68
C ASN F 682 -8.63 4.52 -36.30
N GLY F 683 -8.35 3.91 -37.45
CA GLY F 683 -9.33 3.14 -38.18
C GLY F 683 -9.17 1.65 -38.02
N VAL F 684 -9.95 0.92 -38.81
CA VAL F 684 -10.02 -0.54 -38.77
C VAL F 684 -9.82 -1.07 -40.17
N THR F 685 -9.14 -2.20 -40.29
CA THR F 685 -8.94 -2.88 -41.55
C THR F 685 -9.89 -4.06 -41.64
N VAL F 686 -10.54 -4.22 -42.79
CA VAL F 686 -11.62 -5.17 -42.96
C VAL F 686 -11.22 -6.24 -43.97
N ALA F 687 -11.37 -7.50 -43.57
CA ALA F 687 -11.39 -8.62 -44.51
C ALA F 687 -12.83 -8.84 -44.94
N GLN F 688 -12.99 -9.37 -46.16
CA GLN F 688 -14.19 -9.09 -46.93
C GLN F 688 -14.62 -10.31 -47.72
N ASP F 689 -15.93 -10.43 -47.91
CA ASP F 689 -16.51 -11.40 -48.82
C ASP F 689 -17.00 -10.68 -50.08
N ASN F 690 -16.60 -11.19 -51.25
CA ASN F 690 -16.81 -10.53 -52.53
C ASN F 690 -18.27 -10.55 -53.01
N CYS F 691 -19.13 -11.33 -52.37
CA CYS F 691 -20.47 -11.60 -52.90
C CYS F 691 -21.28 -10.35 -53.22
N TYR F 692 -20.99 -9.22 -52.58
CA TYR F 692 -21.71 -7.98 -52.89
C TYR F 692 -20.80 -6.88 -53.42
N ALA F 693 -19.54 -7.20 -53.70
CA ALA F 693 -18.60 -6.18 -54.15
C ALA F 693 -18.82 -5.83 -55.61
N SER F 694 -18.45 -4.60 -55.96
CA SER F 694 -18.22 -4.25 -57.36
C SER F 694 -17.07 -5.08 -57.91
N TYR F 695 -17.27 -5.67 -59.08
CA TYR F 695 -16.37 -6.70 -59.59
C TYR F 695 -14.98 -6.14 -59.85
N GLY F 696 -13.98 -6.77 -59.24
CA GLY F 696 -12.61 -6.30 -59.26
C GLY F 696 -12.26 -5.29 -58.18
N LEU F 697 -13.23 -4.83 -57.40
CA LEU F 697 -12.96 -3.92 -56.29
C LEU F 697 -13.16 -4.58 -54.93
N CYS F 698 -13.28 -5.91 -54.88
CA CYS F 698 -13.16 -6.62 -53.62
C CYS F 698 -11.71 -6.72 -53.18
N GLY F 699 -11.54 -6.92 -51.89
CA GLY F 699 -10.23 -7.14 -51.33
C GLY F 699 -10.20 -6.70 -49.87
N ILE F 700 -9.06 -6.16 -49.46
CA ILE F 700 -8.84 -5.68 -48.10
C ILE F 700 -8.88 -4.16 -48.12
N HIS F 701 -9.65 -3.58 -47.22
CA HIS F 701 -9.82 -2.14 -47.15
C HIS F 701 -9.52 -1.66 -45.74
N TYR F 702 -8.77 -0.57 -45.63
CA TYR F 702 -8.57 0.10 -44.37
C TYR F 702 -9.53 1.28 -44.28
N ILE F 703 -10.30 1.34 -43.21
CA ILE F 703 -11.40 2.28 -43.07
C ILE F 703 -11.13 3.17 -41.87
N ASP F 704 -11.00 4.48 -42.10
CA ASP F 704 -10.84 5.41 -41.00
C ASP F 704 -12.12 5.45 -40.16
N ALA F 705 -11.95 5.56 -38.84
CA ALA F 705 -13.11 5.67 -37.96
C ALA F 705 -13.88 6.97 -38.14
N GLY F 706 -13.32 7.95 -38.83
CA GLY F 706 -14.14 8.97 -39.47
C GLY F 706 -13.71 10.41 -39.24
N TYR F 707 -13.00 10.67 -38.13
CA TYR F 707 -12.60 12.04 -37.83
C TYR F 707 -11.67 12.59 -38.90
N LEU F 708 -10.71 11.78 -39.33
CA LEU F 708 -9.80 12.22 -40.39
C LEU F 708 -10.50 12.21 -41.75
N GLY F 709 -11.38 11.24 -41.97
CA GLY F 709 -12.28 11.25 -43.11
C GLY F 709 -11.62 10.91 -44.43
N PHE F 710 -10.42 10.37 -44.41
CA PHE F 710 -9.80 9.86 -45.63
C PHE F 710 -10.67 8.78 -46.24
N LYS F 711 -10.66 8.70 -47.57
CA LYS F 711 -11.28 7.58 -48.25
C LYS F 711 -10.57 6.27 -47.92
N ALA F 712 -11.34 5.18 -47.95
CA ALA F 712 -10.83 3.87 -47.58
C ALA F 712 -9.63 3.48 -48.44
N TYR F 713 -8.53 3.14 -47.77
CA TYR F 713 -7.29 2.78 -48.46
C TYR F 713 -7.39 1.33 -48.94
N PHE F 714 -7.32 1.13 -50.26
CA PHE F 714 -7.56 -0.17 -50.87
C PHE F 714 -6.25 -0.95 -50.90
N THR F 715 -5.89 -1.48 -49.72
CA THR F 715 -4.55 -2.03 -49.54
C THR F 715 -4.28 -3.29 -50.36
N ALA F 716 -5.29 -4.13 -50.59
CA ALA F 716 -5.05 -5.29 -51.45
C ALA F 716 -6.31 -5.78 -52.18
N PRO F 717 -6.39 -5.58 -53.49
CA PRO F 717 -7.47 -6.20 -54.27
C PRO F 717 -7.32 -7.71 -54.34
N ARG F 718 -8.41 -8.42 -54.07
CA ARG F 718 -8.45 -9.88 -54.10
C ARG F 718 -9.69 -10.32 -54.87
N LYS F 719 -9.55 -11.37 -55.66
CA LYS F 719 -10.70 -11.91 -56.38
C LYS F 719 -11.53 -12.86 -55.53
N GLY F 720 -10.89 -13.73 -54.77
CA GLY F 720 -11.58 -14.53 -53.78
C GLY F 720 -11.98 -13.73 -52.55
N THR F 721 -12.68 -14.41 -51.66
CA THR F 721 -12.90 -13.87 -50.32
C THR F 721 -11.65 -14.01 -49.47
N VAL F 722 -11.54 -13.16 -48.46
CA VAL F 722 -10.49 -13.22 -47.46
C VAL F 722 -11.11 -13.70 -46.16
N TRP F 723 -10.62 -14.83 -45.65
CA TRP F 723 -11.22 -15.39 -44.44
C TRP F 723 -10.71 -14.75 -43.16
N SER F 724 -9.49 -14.23 -43.15
CA SER F 724 -8.94 -13.74 -41.90
C SER F 724 -7.89 -12.67 -42.11
N LEU F 725 -7.73 -11.84 -41.08
CA LEU F 725 -6.63 -10.90 -40.94
C LEU F 725 -5.95 -11.17 -39.61
N SER F 726 -4.67 -10.83 -39.53
CA SER F 726 -4.07 -10.50 -38.25
C SER F 726 -3.17 -9.29 -38.40
N GLY F 727 -3.26 -8.37 -37.45
CA GLY F 727 -2.35 -7.25 -37.41
C GLY F 727 -1.33 -7.41 -36.31
N SER F 728 -0.05 -7.38 -36.65
CA SER F 728 1.00 -7.37 -35.65
C SER F 728 1.24 -5.94 -35.20
N ASP F 729 0.98 -5.65 -33.92
CA ASP F 729 1.29 -4.33 -33.40
C ASP F 729 2.78 -4.02 -33.48
N TRP F 730 3.62 -5.06 -33.35
CA TRP F 730 5.06 -4.88 -33.49
C TRP F 730 5.46 -4.46 -34.90
N LEU F 731 4.61 -4.64 -35.90
CA LEU F 731 4.99 -4.37 -37.27
C LEU F 731 4.10 -3.37 -37.99
N GLY F 732 2.85 -3.21 -37.58
CA GLY F 732 1.89 -2.49 -38.39
C GLY F 732 1.63 -3.13 -39.74
N THR F 733 2.06 -4.38 -39.91
CA THR F 733 1.69 -5.15 -41.09
C THR F 733 0.37 -5.88 -40.88
N ILE F 734 -0.26 -6.23 -41.99
CA ILE F 734 -1.45 -7.06 -41.99
C ILE F 734 -1.27 -8.21 -42.97
N ALA F 735 -1.61 -9.42 -42.54
CA ALA F 735 -1.56 -10.62 -43.37
C ALA F 735 -2.93 -11.26 -43.47
N ALA F 736 -3.20 -11.90 -44.60
CA ALA F 736 -4.56 -12.29 -44.94
C ALA F 736 -4.58 -13.61 -45.70
N GLY F 737 -5.53 -14.47 -45.34
CA GLY F 737 -5.69 -15.78 -45.95
C GLY F 737 -6.87 -15.79 -46.89
N ASP F 738 -6.64 -16.34 -48.09
CA ASP F 738 -7.61 -16.25 -49.17
C ASP F 738 -8.03 -17.66 -49.58
N ILE F 739 -9.29 -17.79 -50.01
CA ILE F 739 -9.79 -19.04 -50.55
C ILE F 739 -9.03 -19.48 -51.80
N SER F 740 -8.39 -18.56 -52.51
CA SER F 740 -7.44 -18.92 -53.55
C SER F 740 -6.23 -19.66 -52.99
N GLY F 741 -6.11 -19.77 -51.68
CA GLY F 741 -4.98 -20.44 -51.05
C GLY F 741 -3.73 -19.60 -51.02
N GLU F 742 -3.83 -18.30 -51.31
CA GLU F 742 -2.71 -17.39 -51.27
C GLU F 742 -2.69 -16.67 -49.94
N LEU F 743 -1.51 -16.55 -49.35
CA LEU F 743 -1.30 -15.75 -48.15
C LEU F 743 -0.47 -14.53 -48.52
N ILE F 744 -1.01 -13.34 -48.23
CA ILE F 744 -0.31 -12.09 -48.49
C ILE F 744 -0.02 -11.40 -47.18
N ALA F 745 0.99 -10.53 -47.20
CA ALA F 745 1.20 -9.54 -46.16
C ALA F 745 1.28 -8.17 -46.79
N ALA F 746 0.88 -7.15 -46.02
CA ALA F 746 0.96 -5.77 -46.48
C ALA F 746 1.45 -4.88 -45.35
N ILE F 747 2.20 -3.84 -45.71
CA ILE F 747 2.60 -2.81 -44.76
C ILE F 747 1.68 -1.60 -44.97
N LEU F 748 1.00 -1.18 -43.90
CA LEU F 748 0.16 -0.01 -43.98
C LEU F 748 0.99 1.26 -44.04
N PRO F 749 0.63 2.22 -44.90
CA PRO F 749 1.16 3.59 -44.74
C PRO F 749 0.74 4.19 -43.42
N ASP F 750 1.48 5.22 -43.00
CA ASP F 750 1.18 5.90 -41.74
C ASP F 750 -0.16 6.60 -41.86
N MET F 751 -1.20 6.02 -41.27
CA MET F 751 -2.57 6.49 -41.36
C MET F 751 -2.83 7.78 -40.58
N ALA F 752 -1.82 8.37 -39.96
CA ALA F 752 -1.91 9.78 -39.56
C ALA F 752 -1.90 10.72 -40.76
N LEU F 753 -1.44 10.25 -41.92
CA LEU F 753 -1.32 11.07 -43.11
C LEU F 753 -2.16 10.45 -44.21
N ASN F 754 -2.71 11.31 -45.07
CA ASN F 754 -3.75 10.92 -46.01
C ASN F 754 -3.25 9.83 -46.95
N PRO F 755 -3.84 8.64 -46.92
CA PRO F 755 -3.41 7.55 -47.80
C PRO F 755 -3.55 7.83 -49.29
N ILE F 756 -4.35 8.82 -49.68
CA ILE F 756 -4.45 9.17 -51.09
C ILE F 756 -3.12 9.66 -51.65
N ASN F 757 -2.20 10.10 -50.80
CA ASN F 757 -0.85 10.43 -51.25
C ASN F 757 -0.01 9.22 -51.59
N VAL F 758 -0.46 8.00 -51.24
CA VAL F 758 0.31 6.81 -51.59
C VAL F 758 0.30 6.62 -53.11
N LYS F 759 1.49 6.56 -53.70
CA LYS F 759 1.60 6.46 -55.15
C LYS F 759 1.01 5.15 -55.68
N ARG F 760 1.35 4.03 -55.04
CA ARG F 760 0.77 2.75 -55.42
C ARG F 760 0.87 1.72 -54.28
N PRO F 761 -0.25 1.17 -53.84
CA PRO F 761 -0.21 0.19 -52.74
C PRO F 761 0.56 -1.08 -53.06
N VAL F 762 0.72 -1.42 -54.35
CA VAL F 762 1.40 -2.66 -54.71
C VAL F 762 2.83 -2.73 -54.21
N GLU F 763 3.48 -1.58 -54.01
CA GLU F 763 4.82 -1.58 -53.44
C GLU F 763 4.86 -1.98 -51.98
N ARG F 764 3.72 -1.96 -51.28
CA ARG F 764 3.69 -2.22 -49.85
C ARG F 764 3.25 -3.63 -49.47
N ARG F 765 3.00 -4.51 -50.44
CA ARG F 765 2.53 -5.86 -50.14
C ARG F 765 3.41 -6.88 -50.82
N PHE F 766 3.45 -8.09 -50.25
CA PHE F 766 4.17 -9.21 -50.85
C PHE F 766 3.47 -10.50 -50.46
N PRO F 767 3.54 -11.53 -51.31
CA PRO F 767 2.99 -12.84 -50.95
C PRO F 767 3.92 -13.64 -50.05
N ILE F 768 3.33 -14.29 -49.05
CA ILE F 768 4.11 -15.23 -48.25
C ILE F 768 4.15 -16.59 -48.94
N TYR F 769 2.99 -17.14 -49.30
CA TYR F 769 2.96 -18.34 -50.13
C TYR F 769 1.62 -18.40 -50.84
N LYS F 770 1.55 -19.26 -51.86
CA LYS F 770 0.28 -19.69 -52.43
C LYS F 770 0.24 -21.21 -52.48
N ALA F 771 -0.86 -21.78 -52.00
CA ALA F 771 -1.20 -23.17 -52.28
C ALA F 771 -1.86 -23.35 -53.63
N ASP F 772 -1.43 -24.36 -54.36
CA ASP F 772 -2.10 -24.82 -55.57
C ASP F 772 -2.45 -26.29 -55.40
N LEU F 773 -3.54 -26.71 -56.05
CA LEU F 773 -3.78 -28.12 -56.31
C LEU F 773 -3.26 -28.53 -57.69
N ILE F 774 -2.50 -29.62 -57.71
CA ILE F 774 -2.02 -30.24 -58.95
C ILE F 774 -2.77 -31.54 -59.15
N PRO F 775 -3.40 -31.77 -60.30
CA PRO F 775 -4.10 -33.03 -60.53
C PRO F 775 -3.14 -34.21 -60.64
N TYR F 776 -3.54 -35.33 -60.02
CA TYR F 776 -2.64 -36.45 -59.81
C TYR F 776 -3.43 -37.74 -59.56
N ARG F 799 -16.47 -33.02 -55.32
CA ARG F 799 -16.93 -32.05 -54.34
C ARG F 799 -16.88 -32.59 -52.92
N THR F 800 -15.95 -33.50 -52.66
CA THR F 800 -15.70 -33.93 -51.28
C THR F 800 -14.24 -34.32 -51.15
N TYR F 801 -13.83 -34.51 -49.89
CA TYR F 801 -12.42 -34.62 -49.55
C TYR F 801 -11.77 -35.82 -50.24
N THR F 802 -12.40 -37.00 -50.17
CA THR F 802 -11.84 -38.17 -50.82
C THR F 802 -11.81 -38.02 -52.33
N GLU F 803 -12.86 -37.46 -52.93
CA GLU F 803 -12.84 -37.14 -54.35
C GLU F 803 -11.76 -36.12 -54.72
N THR F 804 -11.23 -35.39 -53.74
CA THR F 804 -10.12 -34.48 -53.98
C THR F 804 -8.76 -35.14 -53.75
N VAL F 805 -8.54 -35.66 -52.54
CA VAL F 805 -7.22 -36.10 -52.14
C VAL F 805 -6.78 -37.36 -52.89
N ASN F 806 -7.74 -38.15 -53.37
CA ASN F 806 -7.38 -39.28 -54.23
C ASN F 806 -6.89 -38.83 -55.61
N HIS F 807 -7.09 -37.56 -55.97
CA HIS F 807 -6.86 -37.09 -57.32
C HIS F 807 -5.95 -35.87 -57.40
N HIS F 808 -5.43 -35.38 -56.26
CA HIS F 808 -4.64 -34.16 -56.27
C HIS F 808 -3.62 -34.22 -55.15
N TYR F 809 -2.60 -33.36 -55.25
CA TYR F 809 -1.77 -33.01 -54.11
C TYR F 809 -1.63 -31.49 -54.01
N LEU F 810 -1.38 -31.02 -52.79
CA LEU F 810 -1.09 -29.61 -52.55
C LEU F 810 0.33 -29.28 -52.98
N LEU F 811 0.50 -28.17 -53.69
CA LEU F 811 1.81 -27.54 -53.86
C LEU F 811 1.81 -26.21 -53.12
N PHE F 812 2.73 -26.05 -52.17
CA PHE F 812 3.00 -24.76 -51.56
C PHE F 812 4.17 -24.10 -52.27
N GLN F 813 3.95 -22.89 -52.78
CA GLN F 813 5.01 -22.07 -53.37
C GLN F 813 5.35 -20.96 -52.39
N ASP F 814 6.55 -21.02 -51.81
CA ASP F 814 6.95 -20.12 -50.75
C ASP F 814 7.95 -19.10 -51.29
N THR F 815 7.76 -17.84 -50.91
CA THR F 815 8.69 -16.78 -51.33
C THR F 815 9.93 -16.76 -50.45
N ASP F 816 10.99 -16.18 -51.00
CA ASP F 816 12.20 -15.83 -50.26
C ASP F 816 11.93 -14.58 -49.42
N LEU F 817 11.47 -14.79 -48.18
CA LEU F 817 11.23 -13.69 -47.26
C LEU F 817 12.52 -13.04 -46.76
N GLY F 818 13.68 -13.53 -47.20
CA GLY F 818 14.94 -13.01 -46.67
C GLY F 818 15.13 -11.53 -46.91
N SER F 819 14.70 -11.04 -48.08
CA SER F 819 14.75 -9.62 -48.36
C SER F 819 13.79 -9.31 -49.50
N PHE F 820 13.53 -8.01 -49.68
CA PHE F 820 12.56 -7.52 -50.65
C PHE F 820 13.23 -6.81 -51.83
N HIS F 821 14.53 -7.04 -52.04
CA HIS F 821 15.22 -6.48 -53.21
C HIS F 821 14.56 -6.91 -54.51
N ASP F 822 14.36 -5.94 -55.41
CA ASP F 822 13.75 -6.19 -56.72
C ASP F 822 12.37 -6.83 -56.62
N LEU F 823 11.66 -6.57 -55.52
CA LEU F 823 10.42 -7.28 -55.20
C LEU F 823 9.46 -7.32 -56.38
N LEU F 824 9.17 -6.15 -56.96
CA LEU F 824 8.17 -6.06 -58.02
C LEU F 824 8.57 -6.78 -59.30
N ARG F 825 9.80 -7.29 -59.40
CA ARG F 825 10.22 -8.09 -60.54
C ARG F 825 10.46 -9.56 -60.19
N ARG F 826 10.42 -9.91 -58.91
CA ARG F 826 10.61 -11.31 -58.52
C ARG F 826 9.38 -12.13 -58.89
N GLU F 827 9.63 -13.34 -59.37
CA GLU F 827 8.56 -14.13 -60.00
C GLU F 827 7.35 -14.38 -59.10
N PRO F 828 7.49 -14.68 -57.81
CA PRO F 828 6.28 -14.86 -56.98
C PRO F 828 5.47 -13.59 -56.83
N MET F 829 6.10 -12.41 -56.84
CA MET F 829 5.34 -11.17 -56.78
C MET F 829 4.60 -10.90 -58.08
N LEU F 830 5.18 -11.29 -59.22
CA LEU F 830 4.43 -11.31 -60.48
C LEU F 830 3.26 -12.27 -60.42
N ARG F 831 3.52 -13.51 -59.97
CA ARG F 831 2.48 -14.52 -59.85
C ARG F 831 1.28 -14.06 -59.04
N MET F 832 1.53 -13.36 -57.93
CA MET F 832 0.43 -12.80 -57.15
C MET F 832 -0.32 -11.73 -57.93
N GLN F 833 0.40 -10.81 -58.58
CA GLN F 833 -0.26 -9.78 -59.38
C GLN F 833 -1.05 -10.36 -60.55
N GLU F 834 -0.64 -11.51 -61.09
CA GLU F 834 -1.46 -12.19 -62.07
C GLU F 834 -2.66 -12.90 -61.45
N GLY F 835 -2.66 -13.10 -60.14
CA GLY F 835 -3.85 -13.55 -59.43
C GLY F 835 -4.85 -12.43 -59.19
N GLU F 836 -4.35 -11.29 -58.72
CA GLU F 836 -5.20 -10.12 -58.55
C GLU F 836 -5.90 -9.76 -59.85
N GLY F 837 -7.18 -9.39 -59.73
CA GLY F 837 -7.98 -8.96 -60.87
C GLY F 837 -8.40 -10.06 -61.82
N HIS F 838 -7.61 -11.12 -61.94
CA HIS F 838 -7.82 -12.14 -62.96
C HIS F 838 -8.27 -13.49 -62.43
N SER F 839 -7.82 -13.88 -61.24
CA SER F 839 -8.08 -15.23 -60.74
C SER F 839 -9.57 -15.50 -60.64
N GLN F 840 -9.91 -16.78 -60.75
CA GLN F 840 -11.30 -17.23 -60.81
C GLN F 840 -11.66 -18.01 -59.55
N LEU F 841 -12.87 -17.79 -59.06
CA LEU F 841 -13.39 -18.62 -57.98
C LEU F 841 -13.52 -20.07 -58.45
N CYS F 842 -13.19 -20.98 -57.55
CA CYS F 842 -13.29 -22.41 -57.80
C CYS F 842 -14.54 -22.97 -57.11
N LEU F 843 -15.35 -23.71 -57.88
CA LEU F 843 -16.64 -24.18 -57.38
C LEU F 843 -16.94 -25.63 -57.75
N ASP F 844 -15.98 -26.35 -58.34
CA ASP F 844 -16.17 -27.74 -58.74
C ASP F 844 -15.40 -28.72 -57.87
N ARG F 845 -14.89 -28.28 -56.72
CA ARG F 845 -14.18 -29.15 -55.79
C ARG F 845 -14.29 -28.55 -54.39
N LEU F 846 -13.67 -29.22 -53.42
CA LEU F 846 -13.79 -28.86 -52.00
C LEU F 846 -13.14 -27.53 -51.65
N GLN F 847 -12.38 -26.89 -52.55
CA GLN F 847 -11.57 -25.72 -52.20
C GLN F 847 -10.54 -26.05 -51.13
N LEU F 848 -9.88 -27.20 -51.28
CA LEU F 848 -8.91 -27.66 -50.30
C LEU F 848 -7.79 -26.65 -50.06
N GLU F 849 -7.51 -25.79 -51.04
CA GLU F 849 -6.45 -24.80 -50.90
C GLU F 849 -6.75 -23.74 -49.84
N ALA F 850 -8.02 -23.52 -49.49
CA ALA F 850 -8.40 -22.31 -48.77
C ALA F 850 -7.71 -22.19 -47.43
N ILE F 851 -7.31 -20.96 -47.10
CA ILE F 851 -6.69 -20.63 -45.82
C ILE F 851 -7.72 -19.96 -44.94
N HIS F 852 -7.94 -20.49 -43.74
CA HIS F 852 -8.99 -19.98 -42.87
C HIS F 852 -8.48 -18.95 -41.87
N LYS F 853 -7.46 -19.25 -41.09
CA LYS F 853 -6.96 -18.35 -40.06
C LYS F 853 -5.50 -17.99 -40.29
N VAL F 854 -5.15 -16.75 -39.97
CA VAL F 854 -3.79 -16.22 -40.04
C VAL F 854 -3.55 -15.44 -38.76
N ARG F 855 -2.38 -15.64 -38.15
CA ARG F 855 -2.03 -14.92 -36.93
C ARG F 855 -0.54 -14.58 -36.91
N PHE F 856 -0.22 -13.29 -36.90
CA PHE F 856 1.12 -12.87 -36.49
C PHE F 856 1.30 -13.16 -35.01
N SER F 857 2.54 -13.46 -34.63
CA SER F 857 2.85 -13.61 -33.22
C SER F 857 2.59 -12.31 -32.46
N PRO F 858 1.89 -12.34 -31.32
CA PRO F 858 1.76 -11.15 -30.49
C PRO F 858 2.99 -10.88 -29.63
N ASN F 859 3.89 -11.84 -29.52
CA ASN F 859 4.99 -11.81 -28.57
C ASN F 859 6.15 -11.04 -29.17
N LEU F 860 6.87 -10.31 -28.32
CA LEU F 860 8.02 -9.56 -28.83
C LEU F 860 9.14 -10.49 -29.28
N ASP F 861 9.48 -11.48 -28.47
CA ASP F 861 10.13 -12.67 -28.96
C ASP F 861 9.26 -13.39 -29.98
N SER F 862 9.83 -13.66 -31.16
CA SER F 862 9.13 -14.23 -32.31
C SER F 862 8.17 -13.26 -32.99
N TYR F 863 8.29 -11.96 -32.73
CA TYR F 863 7.34 -10.98 -33.27
C TYR F 863 7.20 -11.09 -34.78
N GLY F 864 8.24 -11.54 -35.47
CA GLY F 864 8.21 -11.74 -36.90
C GLY F 864 7.75 -13.11 -37.37
N TRP F 865 7.21 -13.94 -36.49
CA TRP F 865 6.67 -15.23 -36.89
C TRP F 865 5.18 -15.16 -37.18
N LEU F 866 4.75 -15.95 -38.15
CA LEU F 866 3.36 -16.00 -38.59
C LEU F 866 2.94 -17.44 -38.76
N VAL F 867 1.70 -17.75 -38.36
CA VAL F 867 1.14 -19.09 -38.49
C VAL F 867 -0.20 -19.02 -39.23
N SER F 868 -0.47 -20.01 -40.07
CA SER F 868 -1.66 -20.00 -40.90
C SER F 868 -2.07 -21.43 -41.24
N GLY F 869 -3.35 -21.61 -41.54
CA GLY F 869 -3.86 -22.90 -41.96
C GLY F 869 -5.31 -22.78 -42.39
N GLY F 870 -5.82 -23.88 -42.94
CA GLY F 870 -7.19 -23.87 -43.44
C GLY F 870 -7.79 -25.21 -43.84
N GLN F 871 -8.47 -25.23 -44.99
CA GLN F 871 -9.33 -26.36 -45.36
C GLN F 871 -8.55 -27.64 -45.58
N SER F 872 -7.24 -27.55 -45.85
CA SER F 872 -6.41 -28.74 -45.91
C SER F 872 -6.19 -29.36 -44.54
N GLY F 873 -6.41 -28.60 -43.47
CA GLY F 873 -6.04 -29.01 -42.13
C GLY F 873 -4.57 -29.00 -41.83
N LEU F 874 -3.72 -28.73 -42.82
CA LEU F 874 -2.32 -28.45 -42.55
C LEU F 874 -2.20 -27.06 -41.95
N VAL F 875 -1.28 -26.91 -41.00
CA VAL F 875 -0.93 -25.62 -40.43
C VAL F 875 0.53 -25.37 -40.73
N ARG F 876 0.84 -24.15 -41.15
CA ARG F 876 2.21 -23.81 -41.52
C ARG F 876 2.66 -22.58 -40.74
N ILE F 877 3.92 -22.62 -40.31
CA ILE F 877 4.56 -21.53 -39.59
C ILE F 877 5.62 -20.93 -40.51
N HIS F 878 5.63 -19.61 -40.63
CA HIS F 878 6.62 -18.92 -41.44
C HIS F 878 7.26 -17.80 -40.64
N PHE F 879 8.51 -17.48 -40.97
CA PHE F 879 9.22 -16.33 -40.42
C PHE F 879 9.40 -15.28 -41.52
N VAL F 880 8.83 -14.09 -41.33
CA VAL F 880 8.93 -13.02 -42.30
C VAL F 880 10.26 -12.27 -42.10
N ARG F 881 11.36 -12.96 -42.41
CA ARG F 881 12.70 -12.51 -42.04
C ARG F 881 12.98 -11.05 -42.40
N GLY F 882 12.45 -10.59 -43.53
CA GLY F 882 12.64 -9.21 -43.96
C GLY F 882 12.10 -8.16 -43.02
N LEU F 883 11.24 -8.51 -42.08
CA LEU F 883 10.81 -7.57 -41.04
C LEU F 883 11.53 -7.75 -39.71
N ALA F 884 12.40 -8.73 -39.58
CA ALA F 884 13.42 -8.72 -38.53
C ALA F 884 14.39 -7.57 -38.77
N SER F 885 14.55 -6.70 -37.77
CA SER F 885 15.23 -5.43 -37.96
C SER F 885 16.07 -5.11 -36.74
N PRO F 886 17.07 -4.23 -36.89
CA PRO F 886 17.92 -3.85 -35.74
C PRO F 886 17.17 -3.31 -34.54
N LEU F 887 16.17 -2.45 -34.74
CA LEU F 887 15.40 -1.92 -33.62
C LEU F 887 14.65 -3.03 -32.89
N GLY F 888 14.08 -3.98 -33.63
CA GLY F 888 13.44 -5.11 -32.98
C GLY F 888 14.43 -5.97 -32.22
N HIS F 889 15.56 -6.30 -32.85
CA HIS F 889 16.56 -7.15 -32.22
C HIS F 889 17.14 -6.51 -30.97
N ARG F 890 17.48 -5.22 -31.04
CA ARG F 890 17.90 -4.48 -29.84
C ARG F 890 16.82 -4.50 -28.77
N MET F 891 15.57 -4.20 -29.15
CA MET F 891 14.48 -4.13 -28.18
C MET F 891 14.22 -5.49 -27.54
N GLN F 892 14.35 -6.57 -28.30
CA GLN F 892 14.30 -7.91 -27.71
C GLN F 892 15.37 -8.10 -26.64
N LEU F 893 16.62 -7.78 -26.97
CA LEU F 893 17.72 -7.99 -26.02
C LEU F 893 17.64 -7.04 -24.83
N GLU F 894 17.29 -5.77 -25.07
CA GLU F 894 17.09 -4.84 -23.96
C GLU F 894 15.96 -5.29 -23.04
N SER F 895 14.90 -5.86 -23.60
CA SER F 895 13.81 -6.41 -22.79
C SER F 895 14.22 -7.72 -22.13
N ARG F 896 15.01 -8.54 -22.83
CA ARG F 896 15.56 -9.76 -22.25
C ARG F 896 16.35 -9.49 -20.97
N ALA F 897 17.23 -8.49 -21.01
CA ALA F 897 18.05 -8.15 -19.85
C ALA F 897 17.22 -7.74 -18.64
N HIS F 898 16.23 -6.86 -18.83
CA HIS F 898 15.36 -6.48 -17.72
C HIS F 898 14.56 -7.66 -17.17
N PHE F 899 14.07 -8.55 -18.04
CA PHE F 899 13.36 -9.73 -17.53
C PHE F 899 14.26 -10.59 -16.67
N ASN F 900 15.43 -10.95 -17.19
CA ASN F 900 16.38 -11.75 -16.40
C ASN F 900 16.88 -10.98 -15.18
N ALA F 901 16.91 -9.66 -15.24
CA ALA F 901 17.23 -8.88 -14.05
C ALA F 901 16.11 -8.88 -13.02
N MET F 902 14.88 -9.14 -13.43
CA MET F 902 13.73 -9.11 -12.53
C MET F 902 13.27 -10.50 -12.12
N PHE F 903 13.06 -11.38 -13.08
CA PHE F 903 12.58 -12.74 -12.84
C PHE F 903 13.70 -13.72 -13.16
N GLN F 904 13.95 -14.65 -12.25
CA GLN F 904 15.10 -15.55 -12.36
C GLN F 904 14.72 -16.95 -11.91
#